data_7TKO
#
_entry.id   7TKO
#
loop_
_entity.id
_entity.type
_entity.pdbx_description
1 polymer 'ATP synthase subunit 9, mitochondrial'
2 polymer 'ATP synthase subunit alpha'
3 polymer 'ATP synthase subunit beta'
4 polymer 'ATP synthase subunit gamma'
5 polymer 'ATP synthase subunit delta'
6 polymer 'ATP synthase subunit epsilon'
7 polymer 'ATP synthase subunit 5'
8 polymer 'ATP synthase subunit a'
9 polymer 'ATP synthase subunit 4'
10 polymer 'ATP synthase subunit d'
11 polymer 'ATP synthase subunit f'
12 polymer 'ATP synthase subunit H'
13 polymer 'ATP synthase subunit J'
14 polymer 'ATP synthase protein 8'
#
loop_
_entity_poly.entity_id
_entity_poly.type
_entity_poly.pdbx_seq_one_letter_code
_entity_poly.pdbx_strand_id
1 'polypeptide(L)' MQLVLAAKYIGAGISTIGLLGAGIGIAIVFAALINGVSRNPSIKDTVFPMAILGFALSEATGLFCLMVSFLLLFGV 0,1,2,3,4,5,6,7,8,9
2 'polypeptide(L)'
;ASTKAQPTEVSSILEERIKGVSDEANLNETGRVLAVGDGIARVFGLNNIQAEELVEFSSGVKGMALNLEPGQVGIVLFGS
DRLVKEGELVKRTGNIVDVPVGPGLLGRVVDALGNPIDGKGPIDAAGRSRAQVKAPGILPRRSVHEPVQTGLKAVDALVP
IGRGQRELIIGDRQTGKTAVALDTILNQKRWNNGSDESKKLYCVYVAVGQKRSTVAQLVQTLEQHDAMKYSIIVAATASE
AAPLQYLAPFTAASIGEWFRDNGKHALIVYDDLSKQAVAYRQLSLLLRRPPGREAYPGDVFYLHSRLLERAAKLSEKEGS
GSLTALPVIETQGGDVSAYIPTNVISITDGQIFLEAELFYKGIRPAINVGLSVSRVGSAAQVKALKQVAGSLKLFLAQYR
EVAAFAQFGSDLDASTKQTLVRGERLTQLLKQNQYSPLATEEQVPLIYAGVNGHLDGIELSRIGEFESSFLSYLKSNHNE
LLTEIREKGELSKELLASLKSATESFVATF
;
A,B,C
3 'polypeptide(L)'
;ASAAQSTPITGKVTAVIGAIVDVHFEQSELPAILNALEIKTPQGKLVLEVAQHLGENTVRTIAMDGTEGLVRGEKVLDTG
GPISVPVGRETLGRIINVIGEPIDERGPIKSKLRKPIHADPPSFAEQSTSAEILETGIKVVDLLAPYARGGKIGLFGGAG
VGKTVFIQELINNIAKAHGGFSVFTGVGERTREGNDLYREMKETGVINLEGESKVALVFGQMNEPPGARARVALTGLTIA
EYFRDEEGQDVLLFIDNIFRFTQAGSEVSALLGRIPSAVGYQPTLATDMGLLQERITTTKKGSVTSVQAVYVPADDLTDP
APATTFAHLDATTVLSRGISELGIYPAVDPLDSKSRLLDAAVVGQEHYDVASKVQETLQTYKSLQDIIAILGMDELSEQD
KLTVERARKIQRFLSQPFAVAEVFTGIPGKLVRLKDTVASFKAVLEGKYDNIPEHAFYMVGGIEDVVAKAEKLAAEAN
;
D,E,F
4 'polypeptide(L)'
;ATLKEVEMRLKSIKNIEKITKTMKIVASTRLSKAEKAKISAKKMDEAEQLFYKNAETKNLDVEATETGAPKELIVAITSD
KGLCGSIHSQLAKAVRRHLNDQPNADIVTIGDKIKMQLLRTHPNNIKLSINGIGKDAPTFQESALIADKLLSVMKAGTYP
KISIFYNDPVSSLSFEPSEKPIFNAKTIEQSPSFGKFEIDTDANVPRDLFEYTLANQMLTAMAQGYAAEISARRNAMDNA
SKNAGDMINRYSILYNRTRQAVITNELVDIITGASSLG
;
G
5 'polypeptide(L)'
;AEAAAASSGLKLQFALPHETLYSGSEVTQVNLPAKSGRIGVLANHVPTVEQLLPGVVEVMEGSNSKKFFISGGFATVQPD
SQLCVTAIEAFPLESFSQENIKNLLAEAKKNVSSSDAREAAEAAIQVEVLENLQSVLK
;
H
6 'polypeptide(L)' SAWRKAGISYAAYLNVAAQAIRSSLKTELQTASVLNRSQTDAFYTQYKNGTAASEPTPITK I
7 'polypeptide(L)'
;ASKAAAPPPVRLFGVEGTYATALYQAAAKNSSIDAAFQSLQKVESTVKKNPKLGHLLLNPALSLKDRNSVIDAIVETHKN
LDGYVVNLLKVLSENNRLGCFEKIASDFGVLNDAHNGLLKGTVTSAEPLDPKSFKRIEKALSASKLVGQGKSLKLENVVK
PEIKGGLIVELGDKTVDLSISTKIQKLNKVLEDSI
;
O
8 'polypeptide(L)'
;SPLDQFEIRTLFGLQSSFIDLSCLNLTTFSLYTIIVLLVITSLYTLTNNNNKIIGSRWLISQEAIYDTIMNMTKGQIGGK
NWGLYFPMIFTLFMFIFIANLISMIPYSFALSAHLVFIISLSIVIWLGNTILGLYKHGWVFFSLFVPAGTPLPLVPLLVI
IETLSYFARAISLGLRLGSNILAGHLLMVILAGLTFNFMLINLFTLVFGFVPLAMILAIMMLEFAIGIIQGYVWAILTAS
YLKDAVYLH
;
T
9 'polypeptide(L)'
;NDESILLLTFLGFTGLVAKYLAPAYKDFADARMKKVSDVLNASRNKHVEAVKDRIDSVSQLQNVAETTKVLFDVSKETVE
LESEAFELKQKVELAHEAKAVLDSWVRYEASLRQLEQRQLAKSVISRVQSELGNPKFQEKVLQQSISEIEQLLSK
;
U
10 'polypeptide(L)'
;SLAKSAANKLDWAKVISSLRITGSTATQLSSFKKRNDEARRQLLELQSQPTEVDFSHYRSVLKNTSVIDKIESYVKQYKP
VKIDASKQLQVIESFEKHAMTNAKETESLVSKELKDLQSTLDNIQSARPFDELTVDDLTKIKPEIDAKVEEMVKKGKWDV
PGYKDRFGNLNVM
;
V
11 'polypeptide(L)'
;VSTLIPPKVVSSKNIGSAPNAKRIANVVHFYKSLPQGPAPAIKANTRLARYKAKYFDGDNASGKPLWHFALGIIAFGYSM
EYYFHLRHHKGAEEH
;
W
12 'polypeptide(L)'
;NVIQDLYLRELKDTKLAPSTLQDAEGNVKPWNPPQKPNLPELELQGPEALKAYTEQNVETAHVAKESEEGESEPIEEDWL
VLDDAEETKESH
;
X
13 'polypeptide(L)' MLKRFPTPILKVYWPFFVAGAAVYYGMSKAADLSSNTKEFINDPRNPRFAKGGKFVEVD Y
14 'polypeptide(L)' MPQLVPFYFMNQLTYGFLLMITLLILFSQFFLPMILRLYVSRLFISKL Z
#
# COMPACT_ATOMS: atom_id res chain seq x y z
N MET A 1 30.95 -32.10 113.41
CA MET A 1 30.04 -31.10 114.00
C MET A 1 28.87 -30.86 113.08
N GLN A 2 27.65 -30.81 113.66
CA GLN A 2 26.39 -30.72 112.94
C GLN A 2 26.33 -29.48 112.10
N LEU A 3 26.84 -28.34 112.65
CA LEU A 3 26.85 -27.05 112.01
C LEU A 3 27.65 -27.05 110.73
N VAL A 4 28.86 -27.65 110.76
CA VAL A 4 29.76 -27.75 109.62
C VAL A 4 29.20 -28.64 108.54
N LEU A 5 28.62 -29.81 108.96
CA LEU A 5 28.05 -30.81 108.08
C LEU A 5 26.86 -30.26 107.35
N ALA A 6 26.04 -29.47 108.09
CA ALA A 6 24.92 -28.72 107.61
C ALA A 6 25.35 -27.75 106.55
N ALA A 7 26.46 -27.02 106.78
CA ALA A 7 26.99 -26.00 105.91
C ALA A 7 27.34 -26.57 104.57
N LYS A 8 27.89 -27.80 104.53
CA LYS A 8 28.14 -28.50 103.29
C LYS A 8 26.87 -28.79 102.51
N TYR A 9 25.81 -29.30 103.18
CA TYR A 9 24.56 -29.66 102.52
C TYR A 9 23.76 -28.47 102.07
N ILE A 10 23.77 -27.37 102.86
CA ILE A 10 23.12 -26.12 102.58
C ILE A 10 23.82 -25.47 101.43
N GLY A 11 25.16 -25.39 101.53
CA GLY A 11 26.03 -24.75 100.58
C GLY A 11 25.97 -25.39 99.23
N ALA A 12 25.76 -26.74 99.20
CA ALA A 12 25.55 -27.51 98.00
C ALA A 12 24.33 -27.03 97.26
N GLY A 13 23.22 -26.79 97.99
CA GLY A 13 21.94 -26.32 97.48
C GLY A 13 22.09 -24.98 96.83
N ILE A 14 22.80 -24.06 97.53
CA ILE A 14 23.07 -22.71 97.10
C ILE A 14 23.81 -22.72 95.77
N SER A 15 24.81 -23.62 95.62
CA SER A 15 25.59 -23.75 94.41
C SER A 15 24.73 -24.07 93.21
N THR A 16 23.72 -24.97 93.41
CA THR A 16 22.78 -25.44 92.42
C THR A 16 22.01 -24.32 91.75
N ILE A 17 21.77 -23.19 92.46
CA ILE A 17 21.10 -22.02 91.91
C ILE A 17 21.82 -21.49 90.67
N GLY A 18 23.18 -21.45 90.69
CA GLY A 18 24.01 -21.00 89.59
C GLY A 18 23.76 -21.73 88.30
N LEU A 19 23.41 -23.03 88.42
CA LEU A 19 23.23 -23.99 87.36
C LEU A 19 22.13 -23.60 86.40
N LEU A 20 21.11 -22.85 86.90
CA LEU A 20 19.98 -22.32 86.15
C LEU A 20 20.44 -21.52 84.95
N GLY A 21 21.53 -20.74 85.10
CA GLY A 21 22.08 -19.88 84.08
C GLY A 21 22.55 -20.62 82.88
N ALA A 22 23.27 -21.74 83.11
CA ALA A 22 23.80 -22.59 82.07
C ALA A 22 22.67 -23.19 81.26
N GLY A 23 21.53 -23.51 81.94
CA GLY A 23 20.36 -24.09 81.33
C GLY A 23 19.77 -23.17 80.29
N ILE A 24 19.65 -21.87 80.61
CA ILE A 24 19.20 -20.85 79.68
C ILE A 24 20.18 -20.68 78.52
N GLY A 25 21.51 -20.70 78.81
CA GLY A 25 22.55 -20.42 77.85
C GLY A 25 22.57 -21.37 76.69
N ILE A 26 22.48 -22.70 76.95
CA ILE A 26 22.51 -23.71 75.92
C ILE A 26 21.42 -23.49 74.91
N ALA A 27 20.20 -23.20 75.41
CA ALA A 27 19.03 -22.95 74.63
C ALA A 27 19.16 -21.80 73.69
N ILE A 28 19.83 -20.71 74.13
CA ILE A 28 20.07 -19.55 73.32
C ILE A 28 20.93 -19.88 72.11
N VAL A 29 21.95 -20.76 72.27
CA VAL A 29 22.80 -21.13 71.15
C VAL A 29 21.99 -21.90 70.13
N PHE A 30 21.15 -22.85 70.59
CA PHE A 30 20.27 -23.62 69.76
C PHE A 30 19.22 -22.80 69.07
N ALA A 31 18.72 -21.73 69.73
CA ALA A 31 17.74 -20.86 69.15
C ALA A 31 18.27 -20.19 67.91
N ALA A 32 19.53 -19.72 67.99
CA ALA A 32 20.21 -19.08 66.89
C ALA A 32 20.45 -20.03 65.78
N LEU A 33 20.80 -21.30 66.09
CA LEU A 33 21.00 -22.35 65.11
C LEU A 33 19.79 -22.57 64.25
N ILE A 34 18.60 -22.74 64.88
CA ILE A 34 17.39 -23.02 64.14
C ILE A 34 16.98 -21.88 63.25
N ASN A 35 16.98 -20.64 63.80
CA ASN A 35 16.58 -19.47 63.05
C ASN A 35 17.51 -19.20 61.91
N GLY A 36 18.83 -19.37 62.16
CA GLY A 36 19.88 -19.14 61.20
C GLY A 36 19.81 -20.06 60.03
N VAL A 37 19.64 -21.38 60.30
CA VAL A 37 19.62 -22.42 59.31
C VAL A 37 18.36 -22.28 58.50
N SER A 38 17.26 -21.84 59.13
CA SER A 38 16.05 -21.51 58.43
C SER A 38 16.29 -20.42 57.43
N ARG A 39 17.02 -19.36 57.82
CA ARG A 39 17.27 -18.20 56.98
C ARG A 39 18.12 -18.50 55.78
N ASN A 40 18.98 -19.53 55.85
CA ASN A 40 19.74 -19.93 54.71
C ASN A 40 19.89 -21.41 54.88
N PRO A 41 19.11 -22.25 54.20
CA PRO A 41 19.13 -23.67 54.47
C PRO A 41 20.17 -24.29 53.58
N SER A 42 21.44 -24.13 53.98
CA SER A 42 22.60 -24.60 53.27
C SER A 42 23.80 -24.10 54.02
N ILE A 43 23.57 -23.33 55.10
CA ILE A 43 24.60 -22.77 55.94
C ILE A 43 25.03 -23.81 56.94
N LYS A 44 24.22 -24.90 57.07
CA LYS A 44 24.19 -25.85 58.16
C LYS A 44 25.51 -26.50 58.44
N ASP A 45 26.27 -26.86 57.39
CA ASP A 45 27.48 -27.63 57.55
C ASP A 45 28.57 -26.81 58.20
N THR A 46 28.61 -25.50 57.92
CA THR A 46 29.53 -24.58 58.54
C THR A 46 29.12 -24.31 59.97
N VAL A 47 27.82 -24.04 60.14
CA VAL A 47 27.24 -23.57 61.37
C VAL A 47 27.18 -24.61 62.44
N PHE A 48 26.98 -25.90 62.09
CA PHE A 48 26.81 -26.94 63.07
C PHE A 48 28.05 -27.14 63.93
N PRO A 49 29.29 -27.14 63.44
CA PRO A 49 30.49 -27.08 64.28
C PRO A 49 30.53 -25.91 65.22
N MET A 50 30.17 -24.70 64.74
CA MET A 50 30.18 -23.49 65.54
C MET A 50 29.22 -23.63 66.70
N ALA A 51 28.04 -24.22 66.42
CA ALA A 51 26.99 -24.49 67.36
C ALA A 51 27.42 -25.43 68.45
N ILE A 52 28.14 -26.51 68.10
CA ILE A 52 28.60 -27.49 69.05
C ILE A 52 29.66 -26.91 69.94
N LEU A 53 30.50 -26.00 69.39
CA LEU A 53 31.48 -25.28 70.17
C LEU A 53 30.80 -24.43 71.21
N GLY A 54 29.76 -23.67 70.79
CA GLY A 54 29.03 -22.78 71.66
C GLY A 54 28.30 -23.50 72.75
N PHE A 55 27.71 -24.68 72.42
CA PHE A 55 27.07 -25.57 73.35
C PHE A 55 28.03 -26.01 74.41
N ALA A 56 29.23 -26.46 73.98
CA ALA A 56 30.21 -27.08 74.84
C ALA A 56 30.68 -26.10 75.86
N LEU A 57 30.94 -24.85 75.43
CA LEU A 57 31.39 -23.78 76.28
C LEU A 57 30.34 -23.38 77.27
N SER A 58 29.05 -23.29 76.85
CA SER A 58 27.95 -22.94 77.72
C SER A 58 27.74 -23.99 78.80
N GLU A 59 27.81 -25.28 78.40
CA GLU A 59 27.72 -26.43 79.26
C GLU A 59 28.81 -26.42 80.31
N ALA A 60 30.04 -25.99 79.92
CA ALA A 60 31.21 -25.92 80.75
C ALA A 60 31.05 -25.02 81.94
N THR A 61 30.39 -23.86 81.76
CA THR A 61 30.11 -22.91 82.83
C THR A 61 29.24 -23.55 83.88
N GLY A 62 28.27 -24.38 83.40
CA GLY A 62 27.41 -25.19 84.21
C GLY A 62 28.18 -26.23 84.93
N LEU A 63 29.16 -26.87 84.25
CA LEU A 63 30.00 -27.90 84.82
C LEU A 63 30.77 -27.41 86.01
N PHE A 64 31.38 -26.20 85.92
CA PHE A 64 32.19 -25.65 86.99
C PHE A 64 31.37 -25.42 88.22
N CYS A 65 30.13 -24.91 88.01
CA CYS A 65 29.13 -24.71 89.02
C CYS A 65 28.73 -25.99 89.72
N LEU A 66 28.49 -27.05 88.91
CA LEU A 66 28.02 -28.33 89.36
C LEU A 66 29.11 -29.04 90.12
N MET A 67 30.38 -28.82 89.72
CA MET A 67 31.53 -29.31 90.41
C MET A 67 31.63 -28.79 91.81
N VAL A 68 31.38 -27.48 92.05
CA VAL A 68 31.41 -26.93 93.39
C VAL A 68 30.34 -27.56 94.27
N SER A 69 29.17 -27.89 93.69
CA SER A 69 28.12 -28.61 94.38
C SER A 69 28.63 -29.98 94.79
N PHE A 70 29.31 -30.70 93.86
CA PHE A 70 29.84 -32.02 94.08
C PHE A 70 30.96 -32.04 95.07
N LEU A 71 31.81 -30.98 95.12
CA LEU A 71 32.86 -30.82 96.10
C LEU A 71 32.31 -30.75 97.49
N LEU A 72 31.20 -30.03 97.71
CA LEU A 72 30.55 -30.00 99.00
C LEU A 72 29.86 -31.29 99.34
N LEU A 73 29.28 -31.97 98.32
CA LEU A 73 28.57 -33.22 98.47
C LEU A 73 29.45 -34.40 98.81
N PHE A 74 30.67 -34.48 98.24
CA PHE A 74 31.40 -35.72 98.20
C PHE A 74 32.83 -35.48 98.62
N GLY A 75 33.12 -34.30 99.23
CA GLY A 75 34.45 -34.04 99.72
C GLY A 75 34.53 -32.61 100.25
N MET B 1 35.03 -21.40 115.94
CA MET B 1 35.73 -21.78 114.68
C MET B 1 34.89 -22.62 113.79
N GLN B 2 33.98 -23.46 114.37
CA GLN B 2 33.03 -24.29 113.67
C GLN B 2 32.13 -23.43 112.82
N LEU B 3 31.81 -22.22 113.37
CA LEU B 3 31.02 -21.20 112.74
C LEU B 3 31.75 -20.62 111.54
N VAL B 4 33.05 -20.28 111.70
CA VAL B 4 33.86 -19.70 110.64
C VAL B 4 34.06 -20.68 109.50
N LEU B 5 34.20 -21.99 109.80
CA LEU B 5 34.39 -23.04 108.84
C LEU B 5 33.12 -23.28 108.05
N ALA B 6 31.97 -23.14 108.73
CA ALA B 6 30.67 -23.21 108.13
C ALA B 6 30.45 -22.03 107.21
N ALA B 7 31.00 -20.86 107.58
CA ALA B 7 30.93 -19.64 106.83
C ALA B 7 31.69 -19.76 105.54
N LYS B 8 32.88 -20.42 105.55
CA LYS B 8 33.64 -20.69 104.35
C LYS B 8 32.87 -21.49 103.34
N TYR B 9 32.25 -22.63 103.76
CA TYR B 9 31.53 -23.50 102.88
C TYR B 9 30.27 -22.90 102.30
N ILE B 10 29.57 -22.08 103.10
CA ILE B 10 28.39 -21.34 102.67
C ILE B 10 28.76 -20.29 101.69
N GLY B 11 29.79 -19.48 102.02
CA GLY B 11 30.26 -18.35 101.27
C GLY B 11 30.75 -18.73 99.91
N ALA B 12 31.35 -19.94 99.82
CA ALA B 12 31.77 -20.54 98.59
C ALA B 12 30.60 -20.75 97.67
N GLY B 13 29.49 -21.32 98.20
CA GLY B 13 28.29 -21.61 97.45
C GLY B 13 27.67 -20.38 96.87
N ILE B 14 27.63 -19.29 97.67
CA ILE B 14 27.10 -18.00 97.27
C ILE B 14 27.87 -17.45 96.09
N SER B 15 29.22 -17.56 96.11
CA SER B 15 30.09 -17.11 95.07
C SER B 15 29.85 -17.83 93.77
N THR B 16 29.51 -19.15 93.84
CA THR B 16 29.21 -20.03 92.73
C THR B 16 28.08 -19.50 91.87
N ILE B 17 27.13 -18.77 92.48
CA ILE B 17 26.02 -18.12 91.81
C ILE B 17 26.51 -17.19 90.74
N GLY B 18 27.64 -16.46 90.98
CA GLY B 18 28.19 -15.49 90.07
C GLY B 18 28.53 -16.00 88.68
N LEU B 19 28.88 -17.29 88.52
CA LEU B 19 29.18 -17.94 87.26
C LEU B 19 28.06 -17.90 86.24
N LEU B 20 26.78 -17.92 86.70
CA LEU B 20 25.59 -18.04 85.89
C LEU B 20 25.46 -17.00 84.80
N GLY B 21 25.86 -15.73 85.09
CA GLY B 21 25.74 -14.60 84.19
C GLY B 21 26.61 -14.76 82.99
N ALA B 22 27.84 -15.25 83.21
CA ALA B 22 28.78 -15.51 82.17
C ALA B 22 28.28 -16.59 81.25
N GLY B 23 27.63 -17.64 81.80
CA GLY B 23 27.14 -18.80 81.06
C GLY B 23 26.14 -18.44 80.00
N ILE B 24 25.21 -17.52 80.33
CA ILE B 24 24.22 -16.99 79.42
C ILE B 24 24.93 -16.13 78.40
N GLY B 25 25.96 -15.39 78.88
CA GLY B 25 26.79 -14.50 78.10
C GLY B 25 27.48 -15.20 76.96
N ILE B 26 28.04 -16.40 77.19
CA ILE B 26 28.76 -17.17 76.19
C ILE B 26 27.83 -17.41 75.02
N ALA B 27 26.59 -17.82 75.33
CA ALA B 27 25.56 -18.11 74.39
C ALA B 27 25.20 -16.94 73.55
N ILE B 28 25.15 -15.74 74.15
CA ILE B 28 24.81 -14.52 73.47
C ILE B 28 25.82 -14.21 72.38
N VAL B 29 27.12 -14.44 72.64
CA VAL B 29 28.15 -14.22 71.64
C VAL B 29 28.00 -15.18 70.48
N PHE B 30 27.78 -16.47 70.77
CA PHE B 30 27.64 -17.50 69.77
C PHE B 30 26.38 -17.38 68.97
N ALA B 31 25.29 -16.88 69.58
CA ALA B 31 24.06 -16.64 68.89
C ALA B 31 24.22 -15.61 67.83
N ALA B 32 24.99 -14.54 68.15
CA ALA B 32 25.29 -13.48 67.23
C ALA B 32 26.08 -13.98 66.07
N LEU B 33 27.07 -14.85 66.34
CA LEU B 33 27.89 -15.49 65.34
C LEU B 33 27.04 -16.22 64.36
N ILE B 34 26.13 -17.08 64.85
CA ILE B 34 25.30 -17.91 64.00
C ILE B 34 24.41 -17.07 63.13
N ASN B 35 23.80 -16.02 63.71
CA ASN B 35 22.95 -15.10 62.99
C ASN B 35 23.70 -14.39 61.91
N GLY B 36 24.92 -13.90 62.24
CA GLY B 36 25.74 -13.12 61.35
C GLY B 36 26.17 -13.87 60.14
N VAL B 37 26.55 -15.15 60.33
CA VAL B 37 26.97 -16.02 59.28
C VAL B 37 25.81 -16.28 58.36
N SER B 38 24.59 -16.34 58.93
CA SER B 38 23.38 -16.49 58.17
C SER B 38 23.09 -15.26 57.35
N ARG B 39 23.50 -14.06 57.82
CA ARG B 39 23.29 -12.85 57.05
C ARG B 39 24.12 -12.80 55.79
N ASN B 40 25.43 -13.08 55.89
CA ASN B 40 26.31 -12.87 54.75
C ASN B 40 26.52 -14.09 53.92
N PRO B 41 26.28 -15.29 54.44
CA PRO B 41 27.08 -16.44 54.07
C PRO B 41 28.59 -16.33 54.00
N SER B 42 29.26 -15.31 54.56
CA SER B 42 30.65 -15.17 54.19
C SER B 42 31.38 -14.31 55.17
N ILE B 43 30.69 -13.77 56.19
CA ILE B 43 31.31 -12.89 57.15
C ILE B 43 32.28 -13.63 58.04
N LYS B 44 32.13 -14.98 58.14
CA LYS B 44 32.68 -15.85 59.16
C LYS B 44 34.15 -15.77 59.39
N ASP B 45 34.94 -15.49 58.33
CA ASP B 45 36.37 -15.37 58.42
C ASP B 45 36.79 -14.24 59.34
N THR B 46 36.10 -13.08 59.24
CA THR B 46 36.32 -11.92 60.09
C THR B 46 35.82 -12.18 61.49
N VAL B 47 34.58 -12.70 61.57
CA VAL B 47 33.81 -12.83 62.77
C VAL B 47 34.32 -13.90 63.70
N PHE B 48 34.94 -15.00 63.20
CA PHE B 48 35.35 -16.07 64.09
C PHE B 48 36.40 -15.64 65.12
N PRO B 49 37.46 -14.88 64.82
CA PRO B 49 38.34 -14.31 65.84
C PRO B 49 37.65 -13.40 66.82
N MET B 50 36.66 -12.60 66.35
CA MET B 50 35.89 -11.71 67.20
C MET B 50 35.09 -12.47 68.21
N ALA B 51 34.52 -13.62 67.78
CA ALA B 51 33.72 -14.51 68.59
C ALA B 51 34.54 -15.10 69.70
N ILE B 52 35.81 -15.47 69.41
CA ILE B 52 36.67 -16.02 70.42
C ILE B 52 36.98 -14.97 71.47
N LEU B 53 37.25 -13.72 71.06
CA LEU B 53 37.53 -12.64 71.98
C LEU B 53 36.36 -12.34 72.89
N GLY B 54 35.14 -12.23 72.32
CA GLY B 54 33.95 -11.91 73.04
C GLY B 54 33.53 -12.90 74.08
N PHE B 55 33.58 -14.21 73.73
CA PHE B 55 33.22 -15.30 74.63
C PHE B 55 34.18 -15.28 75.79
N ALA B 56 35.50 -15.14 75.50
CA ALA B 56 36.52 -15.21 76.50
C ALA B 56 36.38 -14.14 77.55
N LEU B 57 36.02 -12.91 77.13
CA LEU B 57 35.84 -11.82 78.05
C LEU B 57 34.64 -11.99 78.95
N SER B 58 33.51 -12.48 78.40
CA SER B 58 32.32 -12.79 79.18
C SER B 58 32.61 -13.88 80.19
N GLU B 59 33.35 -14.91 79.75
CA GLU B 59 33.74 -16.06 80.52
C GLU B 59 34.60 -15.66 81.69
N ALA B 60 35.53 -14.70 81.47
CA ALA B 60 36.47 -14.22 82.45
C ALA B 60 35.80 -13.64 83.67
N THR B 61 34.71 -12.88 83.47
CA THR B 61 33.96 -12.29 84.56
C THR B 61 33.36 -13.38 85.44
N GLY B 62 32.85 -14.45 84.80
CA GLY B 62 32.38 -15.65 85.46
C GLY B 62 33.44 -16.35 86.27
N LEU B 63 34.65 -16.47 85.68
CA LEU B 63 35.78 -17.15 86.27
C LEU B 63 36.25 -16.47 87.52
N PHE B 64 36.11 -15.13 87.63
CA PHE B 64 36.46 -14.41 88.83
C PHE B 64 35.62 -14.86 90.00
N CYS B 65 34.32 -15.16 89.75
CA CYS B 65 33.39 -15.69 90.71
C CYS B 65 33.81 -17.08 91.17
N LEU B 66 34.28 -17.91 90.21
CA LEU B 66 34.77 -19.25 90.44
C LEU B 66 36.02 -19.24 91.29
N MET B 67 36.89 -18.24 91.07
CA MET B 67 38.14 -18.09 91.76
C MET B 67 37.93 -17.75 93.21
N VAL B 68 36.87 -16.96 93.54
CA VAL B 68 36.49 -16.67 94.90
C VAL B 68 36.01 -17.93 95.59
N SER B 69 35.24 -18.79 94.86
CA SER B 69 34.79 -20.07 95.38
C SER B 69 35.96 -20.93 95.79
N PHE B 70 37.00 -21.01 94.93
CA PHE B 70 38.17 -21.81 95.18
C PHE B 70 39.06 -21.22 96.25
N LEU B 71 39.10 -19.88 96.40
CA LEU B 71 39.78 -19.22 97.51
C LEU B 71 39.20 -19.58 98.85
N LEU B 72 37.86 -19.68 98.97
CA LEU B 72 37.21 -20.06 100.19
C LEU B 72 37.37 -21.53 100.50
N LEU B 73 37.20 -22.39 99.47
CA LEU B 73 37.26 -23.83 99.60
C LEU B 73 38.63 -24.34 99.98
N PHE B 74 39.67 -23.96 99.22
CA PHE B 74 41.02 -24.44 99.41
C PHE B 74 41.66 -23.63 100.49
N GLY B 75 41.57 -22.28 100.38
CA GLY B 75 42.24 -21.38 101.27
C GLY B 75 41.27 -21.05 102.42
N MET C 1 33.54 -13.34 118.85
CA MET C 1 34.51 -12.96 117.79
C MET C 1 34.18 -13.63 116.50
N GLN C 2 33.84 -14.94 116.55
CA GLN C 2 33.69 -15.81 115.40
C GLN C 2 32.64 -15.27 114.46
N LEU C 3 31.57 -14.66 115.03
CA LEU C 3 30.47 -14.03 114.32
C LEU C 3 30.90 -12.90 113.41
N VAL C 4 31.85 -12.06 113.85
CA VAL C 4 32.36 -10.94 113.08
C VAL C 4 33.06 -11.41 111.84
N LEU C 5 33.93 -12.44 112.01
CA LEU C 5 34.74 -13.00 110.94
C LEU C 5 33.88 -13.75 109.97
N ALA C 6 32.83 -14.42 110.50
CA ALA C 6 31.84 -15.13 109.76
C ALA C 6 31.10 -14.18 108.86
N ALA C 7 30.65 -13.03 109.42
CA ALA C 7 29.87 -12.04 108.73
C ALA C 7 30.64 -11.41 107.62
N LYS C 8 31.96 -11.20 107.84
CA LYS C 8 32.87 -10.74 106.83
C LYS C 8 32.94 -11.68 105.63
N TYR C 9 33.13 -13.00 105.88
CA TYR C 9 33.30 -13.97 104.81
C TYR C 9 32.03 -14.28 104.08
N ILE C 10 30.89 -14.26 104.80
CA ILE C 10 29.56 -14.41 104.25
C ILE C 10 29.27 -13.25 103.35
N GLY C 11 29.56 -12.02 103.84
CA GLY C 11 29.34 -10.77 103.14
C GLY C 11 30.12 -10.73 101.85
N ALA C 12 31.34 -11.33 101.87
CA ALA C 12 32.21 -11.48 100.71
C ALA C 12 31.55 -12.30 99.64
N GLY C 13 30.95 -13.46 100.01
CA GLY C 13 30.28 -14.35 99.09
C GLY C 13 29.14 -13.65 98.39
N ILE C 14 28.31 -12.93 99.19
CA ILE C 14 27.15 -12.20 98.75
C ILE C 14 27.50 -11.14 97.72
N SER C 15 28.57 -10.36 97.95
CA SER C 15 28.97 -9.31 97.06
C SER C 15 29.31 -9.78 95.67
N THR C 16 29.93 -10.98 95.54
CA THR C 16 30.39 -11.63 94.32
C THR C 16 29.30 -11.76 93.27
N ILE C 17 28.02 -11.86 93.69
CA ILE C 17 26.87 -11.92 92.84
C ILE C 17 26.77 -10.74 91.89
N GLY C 18 27.19 -9.52 92.29
CA GLY C 18 27.16 -8.34 91.45
C GLY C 18 27.92 -8.44 90.14
N LEU C 19 29.03 -9.22 90.11
CA LEU C 19 29.85 -9.43 88.93
C LEU C 19 29.12 -10.02 87.75
N LEU C 20 28.14 -10.91 88.00
CA LEU C 20 27.41 -11.65 86.99
C LEU C 20 26.77 -10.76 85.96
N GLY C 21 26.22 -9.60 86.40
CA GLY C 21 25.53 -8.63 85.58
C GLY C 21 26.42 -8.04 84.54
N ALA C 22 27.67 -7.70 84.92
CA ALA C 22 28.64 -7.13 84.03
C ALA C 22 29.05 -8.13 82.98
N GLY C 23 29.10 -9.44 83.36
CA GLY C 23 29.44 -10.54 82.48
C GLY C 23 28.47 -10.72 81.34
N ILE C 24 27.16 -10.52 81.62
CA ILE C 24 26.12 -10.58 80.61
C ILE C 24 26.26 -9.39 79.71
N GLY C 25 26.58 -8.21 80.31
CA GLY C 25 26.75 -6.97 79.59
C GLY C 25 27.83 -7.03 78.56
N ILE C 26 29.00 -7.61 78.92
CA ILE C 26 30.15 -7.78 78.06
C ILE C 26 29.77 -8.56 76.84
N ALA C 27 29.03 -9.68 77.04
CA ALA C 27 28.60 -10.54 75.97
C ALA C 27 27.72 -9.82 74.99
N ILE C 28 26.81 -8.95 75.50
CA ILE C 28 25.91 -8.17 74.70
C ILE C 28 26.67 -7.24 73.78
N VAL C 29 27.76 -6.59 74.26
CA VAL C 29 28.54 -5.67 73.46
C VAL C 29 29.21 -6.37 72.29
N PHE C 30 29.80 -7.57 72.53
CA PHE C 30 30.42 -8.35 71.49
C PHE C 30 29.45 -8.93 70.50
N ALA C 31 28.23 -9.28 70.95
CA ALA C 31 27.17 -9.72 70.08
C ALA C 31 26.77 -8.64 69.12
N ALA C 32 26.70 -7.37 69.62
CA ALA C 32 26.37 -6.20 68.85
C ALA C 32 27.38 -5.95 67.79
N LEU C 33 28.69 -6.11 68.14
CA LEU C 33 29.79 -5.98 67.21
C LEU C 33 29.65 -6.95 66.07
N ILE C 34 29.39 -8.23 66.40
CA ILE C 34 29.25 -9.30 65.45
C ILE C 34 28.11 -9.03 64.50
N ASN C 35 26.96 -8.54 65.04
CA ASN C 35 25.80 -8.23 64.27
C ASN C 35 26.01 -7.04 63.37
N GLY C 36 26.71 -5.99 63.86
CA GLY C 36 26.97 -4.79 63.12
C GLY C 36 27.82 -5.04 61.91
N VAL C 37 28.89 -5.84 62.11
CA VAL C 37 29.85 -6.24 61.12
C VAL C 37 29.18 -7.07 60.05
N SER C 38 28.34 -8.04 60.46
CA SER C 38 27.63 -8.89 59.54
C SER C 38 26.61 -8.13 58.74
N ARG C 39 26.06 -7.04 59.31
CA ARG C 39 25.08 -6.22 58.63
C ARG C 39 25.72 -5.19 57.76
N ASN C 40 27.05 -4.96 57.88
CA ASN C 40 27.72 -3.99 57.06
C ASN C 40 29.16 -4.17 57.38
N PRO C 41 29.99 -4.80 56.54
CA PRO C 41 31.33 -5.20 56.93
C PRO C 41 32.26 -4.03 56.84
N SER C 42 31.81 -2.88 56.28
CA SER C 42 32.65 -1.74 56.11
C SER C 42 32.49 -0.82 57.29
N ILE C 43 31.57 -1.13 58.23
CA ILE C 43 31.37 -0.33 59.41
C ILE C 43 32.53 -0.51 60.36
N LYS C 44 33.26 -1.65 60.24
CA LYS C 44 34.09 -2.28 61.23
C LYS C 44 35.13 -1.41 61.88
N ASP C 45 35.80 -0.54 61.10
CA ASP C 45 36.89 0.25 61.60
C ASP C 45 36.41 1.38 62.49
N THR C 46 35.22 1.93 62.18
CA THR C 46 34.58 2.98 62.96
C THR C 46 34.07 2.41 64.25
N VAL C 47 33.52 1.18 64.18
CA VAL C 47 32.94 0.48 65.29
C VAL C 47 33.98 -0.02 66.24
N PHE C 48 35.21 -0.35 65.78
CA PHE C 48 36.21 -0.97 66.61
C PHE C 48 36.59 -0.15 67.85
N PRO C 49 36.87 1.16 67.86
CA PRO C 49 37.07 1.91 69.09
C PRO C 49 35.86 1.87 70.00
N MET C 50 34.63 2.00 69.43
CA MET C 50 33.41 2.02 70.20
C MET C 50 33.12 0.69 70.87
N ALA C 51 33.46 -0.43 70.20
CA ALA C 51 33.26 -1.77 70.70
C ALA C 51 34.07 -2.04 71.92
N ILE C 52 35.36 -1.66 71.88
CA ILE C 52 36.27 -1.84 72.99
C ILE C 52 35.85 -0.95 74.12
N LEU C 53 35.39 0.28 73.80
CA LEU C 53 34.92 1.25 74.75
C LEU C 53 33.74 0.73 75.52
N GLY C 54 32.74 0.16 74.80
CA GLY C 54 31.54 -0.35 75.41
C GLY C 54 31.80 -1.51 76.30
N PHE C 55 32.76 -2.39 75.88
CA PHE C 55 33.23 -3.50 76.66
C PHE C 55 33.79 -3.05 77.99
N ALA C 56 34.64 -2.01 77.97
CA ALA C 56 35.35 -1.55 79.13
C ALA C 56 34.44 -1.00 80.20
N LEU C 57 33.51 -0.09 79.82
CA LEU C 57 32.60 0.53 80.75
C LEU C 57 31.66 -0.47 81.37
N SER C 58 31.19 -1.46 80.58
CA SER C 58 30.34 -2.52 81.07
C SER C 58 31.04 -3.36 82.11
N GLU C 59 32.31 -3.77 81.81
CA GLU C 59 33.14 -4.60 82.65
C GLU C 59 33.43 -3.94 83.97
N ALA C 60 33.61 -2.60 83.95
CA ALA C 60 34.02 -1.79 85.06
C ALA C 60 33.11 -1.89 86.27
N THR C 61 31.77 -1.94 86.06
CA THR C 61 30.79 -2.04 87.13
C THR C 61 30.98 -3.31 87.94
N GLY C 62 31.32 -4.42 87.25
CA GLY C 62 31.63 -5.71 87.83
C GLY C 62 32.91 -5.66 88.61
N LEU C 63 33.90 -4.90 88.12
CA LEU C 63 35.18 -4.78 88.80
C LEU C 63 35.09 -3.94 90.06
N PHE C 64 34.18 -2.93 90.13
CA PHE C 64 33.92 -2.14 91.33
C PHE C 64 33.44 -3.05 92.44
N CYS C 65 32.49 -3.93 92.07
CA CYS C 65 31.96 -5.00 92.87
C CYS C 65 33.03 -5.96 93.33
N LEU C 66 33.95 -6.37 92.42
CA LEU C 66 35.01 -7.31 92.69
C LEU C 66 35.97 -6.78 93.70
N MET C 67 36.20 -5.46 93.70
CA MET C 67 37.00 -4.79 94.70
C MET C 67 36.37 -4.84 96.05
N VAL C 68 35.02 -4.75 96.17
CA VAL C 68 34.32 -4.94 97.44
C VAL C 68 34.54 -6.34 97.98
N SER C 69 34.52 -7.37 97.09
CA SER C 69 34.78 -8.74 97.43
C SER C 69 36.16 -8.90 97.99
N PHE C 70 37.17 -8.28 97.33
CA PHE C 70 38.56 -8.35 97.71
C PHE C 70 38.87 -7.58 98.95
N LEU C 71 38.16 -6.45 99.20
CA LEU C 71 38.26 -5.70 100.43
C LEU C 71 37.84 -6.54 101.60
N LEU C 72 36.77 -7.33 101.46
CA LEU C 72 36.37 -8.25 102.50
C LEU C 72 37.33 -9.40 102.67
N LEU C 73 37.71 -10.07 101.56
CA LEU C 73 38.49 -11.29 101.57
C LEU C 73 39.90 -11.10 102.05
N PHE C 74 40.63 -10.20 101.38
CA PHE C 74 42.02 -9.94 101.66
C PHE C 74 42.13 -9.00 102.83
N GLY C 75 41.13 -8.10 102.97
CA GLY C 75 41.07 -7.18 104.07
C GLY C 75 40.06 -7.77 105.05
N GLN D 2 30.19 -8.01 117.91
CA GLN D 2 28.87 -7.36 118.15
C GLN D 2 27.96 -7.69 117.01
N LEU D 3 26.67 -7.91 117.32
CA LEU D 3 25.64 -8.14 116.34
C LEU D 3 25.50 -7.00 115.34
N VAL D 4 25.71 -5.75 115.81
CA VAL D 4 25.67 -4.57 114.98
C VAL D 4 26.78 -4.55 113.95
N LEU D 5 27.99 -5.00 114.36
CA LEU D 5 29.17 -5.07 113.54
C LEU D 5 29.01 -6.07 112.44
N ALA D 6 28.43 -7.24 112.79
CA ALA D 6 28.10 -8.30 111.86
C ALA D 6 27.12 -7.81 110.84
N ALA D 7 26.11 -7.03 111.31
CA ALA D 7 25.02 -6.54 110.52
C ALA D 7 25.45 -5.62 109.42
N LYS D 8 26.42 -4.71 109.70
CA LYS D 8 26.95 -3.86 108.66
C LYS D 8 27.78 -4.61 107.64
N TYR D 9 28.53 -5.67 108.03
CA TYR D 9 29.32 -6.47 107.11
C TYR D 9 28.47 -7.27 106.15
N ILE D 10 27.38 -7.87 106.67
CA ILE D 10 26.38 -8.58 105.90
C ILE D 10 25.71 -7.64 104.95
N GLY D 11 25.35 -6.43 105.45
CA GLY D 11 24.65 -5.43 104.69
C GLY D 11 25.45 -4.93 103.54
N ALA D 12 26.79 -4.85 103.70
CA ALA D 12 27.73 -4.45 102.68
C ALA D 12 27.71 -5.42 101.53
N GLY D 13 27.64 -6.75 101.84
CA GLY D 13 27.55 -7.78 100.83
C GLY D 13 26.31 -7.63 99.98
N ILE D 14 25.14 -7.46 100.65
CA ILE D 14 23.82 -7.42 100.06
C ILE D 14 23.67 -6.22 99.14
N SER D 15 24.17 -5.06 99.58
CA SER D 15 24.09 -3.81 98.83
C SER D 15 24.79 -3.86 97.50
N THR D 16 25.90 -4.64 97.41
CA THR D 16 26.72 -4.82 96.22
C THR D 16 25.94 -5.43 95.08
N ILE D 17 24.91 -6.26 95.38
CA ILE D 17 24.01 -6.86 94.41
C ILE D 17 23.33 -5.79 93.56
N GLY D 18 23.07 -4.59 94.11
CA GLY D 18 22.48 -3.47 93.41
C GLY D 18 23.23 -3.05 92.16
N LEU D 19 24.58 -3.18 92.17
CA LEU D 19 25.50 -2.94 91.07
C LEU D 19 25.22 -3.74 89.82
N LEU D 20 24.65 -4.97 89.98
CA LEU D 20 24.43 -5.95 88.94
C LEU D 20 23.67 -5.38 87.76
N GLY D 21 22.60 -4.59 88.03
CA GLY D 21 21.72 -4.04 87.02
C GLY D 21 22.38 -3.00 86.17
N ALA D 22 23.26 -2.17 86.79
CA ALA D 22 23.99 -1.12 86.10
C ALA D 22 24.99 -1.68 85.13
N GLY D 23 25.61 -2.84 85.47
CA GLY D 23 26.59 -3.51 84.64
C GLY D 23 25.99 -3.99 83.35
N ILE D 24 24.73 -4.48 83.41
CA ILE D 24 23.95 -4.83 82.24
C ILE D 24 23.58 -3.58 81.48
N GLY D 25 23.16 -2.52 82.21
CA GLY D 25 22.64 -1.27 81.69
C GLY D 25 23.57 -0.57 80.74
N ILE D 26 24.85 -0.40 81.13
CA ILE D 26 25.85 0.29 80.35
C ILE D 26 25.98 -0.34 78.98
N ALA D 27 25.98 -1.69 78.95
CA ALA D 27 26.08 -2.46 77.74
C ALA D 27 24.92 -2.29 76.82
N ILE D 28 23.71 -2.08 77.36
CA ILE D 28 22.51 -1.87 76.56
C ILE D 28 22.59 -0.54 75.83
N VAL D 29 23.19 0.50 76.45
CA VAL D 29 23.38 1.77 75.80
C VAL D 29 24.38 1.64 74.67
N PHE D 30 25.54 1.01 74.95
CA PHE D 30 26.60 0.83 73.99
C PHE D 30 26.23 -0.09 72.85
N ALA D 31 25.39 -1.11 73.12
CA ALA D 31 24.88 -2.00 72.12
C ALA D 31 24.02 -1.24 71.14
N ALA D 32 23.18 -0.32 71.65
CA ALA D 32 22.32 0.49 70.84
C ALA D 32 23.11 1.45 70.02
N LEU D 33 24.26 1.96 70.55
CA LEU D 33 25.19 2.77 69.80
C LEU D 33 25.77 2.03 68.62
N ILE D 34 26.24 0.79 68.82
CA ILE D 34 26.86 0.00 67.77
C ILE D 34 25.85 -0.34 66.70
N ASN D 35 24.60 -0.62 67.13
CA ASN D 35 23.51 -0.92 66.24
C ASN D 35 23.10 0.28 65.46
N GLY D 36 23.11 1.47 66.09
CA GLY D 36 22.69 2.70 65.47
C GLY D 36 23.64 3.09 64.38
N VAL D 37 24.96 2.99 64.66
CA VAL D 37 25.97 3.37 63.71
C VAL D 37 26.02 2.40 62.57
N SER D 38 25.75 1.09 62.81
CA SER D 38 25.69 0.11 61.75
C SER D 38 24.46 0.26 60.90
N ARG D 39 23.35 0.74 61.50
CA ARG D 39 22.13 1.03 60.79
C ARG D 39 22.25 2.23 59.89
N ASN D 40 22.76 3.36 60.42
CA ASN D 40 22.86 4.61 59.69
C ASN D 40 24.07 4.74 58.78
N PRO D 41 25.18 4.05 59.03
CA PRO D 41 26.51 4.57 58.73
C PRO D 41 26.95 5.96 59.12
N SER D 42 26.17 6.82 59.80
CA SER D 42 26.61 8.19 59.85
C SER D 42 25.92 8.96 60.94
N ILE D 43 25.18 8.27 61.83
CA ILE D 43 24.46 8.93 62.90
C ILE D 43 25.42 9.49 63.92
N LYS D 44 26.63 8.88 64.00
CA LYS D 44 27.60 8.93 65.08
C LYS D 44 28.03 10.29 65.52
N ASP D 45 28.12 11.30 64.62
CA ASP D 45 28.64 12.60 64.97
C ASP D 45 27.77 13.30 66.00
N THR D 46 26.44 13.21 65.82
CA THR D 46 25.45 13.73 66.73
C THR D 46 25.31 12.84 67.95
N VAL D 47 25.23 11.52 67.69
CA VAL D 47 24.88 10.51 68.65
C VAL D 47 25.95 10.26 69.66
N PHE D 48 27.26 10.34 69.31
CA PHE D 48 28.34 9.99 70.20
C PHE D 48 28.36 10.85 71.45
N PRO D 49 28.18 12.18 71.44
CA PRO D 49 27.98 12.96 72.65
C PRO D 49 26.83 12.49 73.50
N MET D 50 25.68 12.16 72.85
CA MET D 50 24.49 11.67 73.53
C MET D 50 24.74 10.35 74.20
N ALA D 51 25.59 9.49 73.57
CA ALA D 51 25.94 8.18 74.06
C ALA D 51 26.74 8.25 75.33
N ILE D 52 27.65 9.23 75.46
CA ILE D 52 28.42 9.40 76.66
C ILE D 52 27.52 9.91 77.78
N LEU D 53 26.53 10.79 77.46
CA LEU D 53 25.53 11.22 78.41
C LEU D 53 24.67 10.09 78.94
N GLY D 54 24.14 9.24 78.03
CA GLY D 54 23.29 8.12 78.35
C GLY D 54 23.98 7.10 79.21
N PHE D 55 25.29 6.88 78.92
CA PHE D 55 26.18 6.02 79.68
C PHE D 55 26.31 6.52 81.08
N ALA D 56 26.53 7.85 81.24
CA ALA D 56 26.71 8.48 82.52
C ALA D 56 25.53 8.30 83.43
N LEU D 57 24.30 8.47 82.89
CA LEU D 57 23.07 8.33 83.66
C LEU D 57 22.85 6.91 84.13
N SER D 58 23.12 5.93 83.24
CA SER D 58 23.00 4.51 83.54
C SER D 58 23.95 4.10 84.64
N GLU D 59 25.22 4.55 84.52
CA GLU D 59 26.28 4.33 85.48
C GLU D 59 25.98 4.94 86.83
N ALA D 60 25.37 6.15 86.84
CA ALA D 60 25.09 6.95 88.01
C ALA D 60 24.23 6.25 89.03
N THR D 61 23.21 5.49 88.59
CA THR D 61 22.38 4.69 89.47
C THR D 61 23.19 3.65 90.22
N GLY D 62 24.14 2.99 89.51
CA GLY D 62 25.07 2.02 90.04
C GLY D 62 26.01 2.62 91.05
N LEU D 63 26.40 3.89 90.85
CA LEU D 63 27.29 4.60 91.73
C LEU D 63 26.61 4.90 93.04
N PHE D 64 25.27 5.11 93.04
CA PHE D 64 24.47 5.28 94.25
C PHE D 64 24.54 4.03 95.08
N CYS D 65 24.47 2.83 94.43
CA CYS D 65 24.59 1.54 95.08
C CYS D 65 25.93 1.38 95.74
N LEU D 66 27.01 1.80 95.03
CA LEU D 66 28.38 1.67 95.45
C LEU D 66 28.65 2.55 96.63
N MET D 67 28.07 3.77 96.61
CA MET D 67 28.26 4.75 97.67
C MET D 67 27.55 4.31 98.92
N VAL D 68 26.36 3.68 98.80
CA VAL D 68 25.65 3.07 99.90
C VAL D 68 26.46 1.95 100.50
N SER D 69 27.14 1.16 99.63
CA SER D 69 27.99 0.05 100.02
C SER D 69 29.14 0.53 100.85
N PHE D 70 29.77 1.66 100.46
CA PHE D 70 30.86 2.25 101.19
C PHE D 70 30.37 2.88 102.48
N LEU D 71 29.15 3.46 102.48
CA LEU D 71 28.54 4.02 103.67
C LEU D 71 28.23 2.99 104.71
N LEU D 72 27.86 1.75 104.30
CA LEU D 72 27.74 0.63 105.21
C LEU D 72 29.08 0.13 105.67
N LEU D 73 30.00 -0.11 104.71
CA LEU D 73 31.20 -0.88 104.94
C LEU D 73 32.24 -0.11 105.71
N PHE D 74 32.58 1.10 105.21
CA PHE D 74 33.46 2.03 105.86
C PHE D 74 32.73 2.81 106.91
N GLY D 75 31.51 3.30 106.60
CA GLY D 75 30.78 4.17 107.49
C GLY D 75 30.12 3.35 108.60
N MET E 1 18.35 -4.35 121.11
CA MET E 1 19.24 -3.16 121.07
C MET E 1 20.19 -3.35 119.93
N GLN E 2 21.11 -4.33 120.08
CA GLN E 2 22.11 -4.68 119.10
C GLN E 2 21.39 -5.19 117.90
N LEU E 3 20.33 -6.00 118.13
CA LEU E 3 19.45 -6.55 117.13
C LEU E 3 18.65 -5.49 116.42
N VAL E 4 18.13 -4.49 117.16
CA VAL E 4 17.30 -3.45 116.56
C VAL E 4 18.13 -2.57 115.65
N LEU E 5 19.35 -2.23 116.12
CA LEU E 5 20.33 -1.44 115.39
C LEU E 5 20.83 -2.18 114.19
N ALA E 6 21.07 -3.49 114.35
CA ALA E 6 21.48 -4.41 113.32
C ALA E 6 20.48 -4.43 112.22
N ALA E 7 19.18 -4.49 112.57
CA ALA E 7 18.07 -4.59 111.66
C ALA E 7 17.95 -3.40 110.77
N LYS E 8 18.32 -2.20 111.28
CA LYS E 8 18.45 -1.01 110.47
C LYS E 8 19.48 -1.20 109.37
N TYR E 9 20.70 -1.68 109.73
CA TYR E 9 21.80 -1.82 108.78
C TYR E 9 21.55 -2.86 107.73
N ILE E 10 21.02 -4.04 108.15
CA ILE E 10 20.66 -5.13 107.27
C ILE E 10 19.53 -4.71 106.36
N GLY E 11 18.51 -4.01 106.92
CA GLY E 11 17.34 -3.58 106.19
C GLY E 11 17.72 -2.65 105.07
N ALA E 12 18.73 -1.79 105.32
CA ALA E 12 19.28 -0.87 104.35
C ALA E 12 19.91 -1.59 103.19
N GLY E 13 20.72 -2.64 103.46
CA GLY E 13 21.42 -3.44 102.46
C GLY E 13 20.46 -4.06 101.49
N ILE E 14 19.40 -4.69 102.06
CA ILE E 14 18.31 -5.31 101.34
C ILE E 14 17.62 -4.31 100.46
N SER E 15 17.45 -3.07 100.96
CA SER E 15 16.78 -1.99 100.26
C SER E 15 17.54 -1.59 99.01
N THR E 16 18.90 -1.61 99.07
CA THR E 16 19.82 -1.21 98.01
C THR E 16 19.66 -2.05 96.74
N ILE E 17 19.13 -3.29 96.86
CA ILE E 17 18.81 -4.15 95.74
C ILE E 17 17.89 -3.49 94.73
N GLY E 18 16.84 -2.76 95.17
CA GLY E 18 15.80 -2.18 94.33
C GLY E 18 16.31 -1.23 93.28
N LEU E 19 17.43 -0.53 93.56
CA LEU E 19 18.08 0.41 92.68
C LEU E 19 18.50 -0.18 91.36
N LEU E 20 18.88 -1.47 91.33
CA LEU E 20 19.35 -2.16 90.15
C LEU E 20 18.38 -2.07 89.01
N GLY E 21 17.05 -2.14 89.30
CA GLY E 21 16.02 -2.10 88.29
C GLY E 21 15.94 -0.80 87.57
N ALA E 22 16.16 0.32 88.30
CA ALA E 22 16.14 1.63 87.70
C ALA E 22 17.32 1.82 86.79
N GLY E 23 18.50 1.20 87.12
CA GLY E 23 19.70 1.26 86.31
C GLY E 23 19.51 0.68 84.95
N ILE E 24 18.86 -0.51 84.89
CA ILE E 24 18.52 -1.19 83.67
C ILE E 24 17.54 -0.37 82.90
N GLY E 25 16.59 0.29 83.62
CA GLY E 25 15.56 1.10 83.05
C GLY E 25 16.10 2.23 82.23
N ILE E 26 17.06 3.00 82.78
CA ILE E 26 17.65 4.16 82.15
C ILE E 26 18.29 3.78 80.84
N ALA E 27 18.99 2.64 80.83
CA ALA E 27 19.63 2.14 79.66
C ALA E 27 18.66 1.81 78.56
N ILE E 28 17.49 1.22 78.92
CA ILE E 28 16.44 0.87 77.99
C ILE E 28 15.82 2.07 77.29
N VAL E 29 15.58 3.18 78.01
CA VAL E 29 15.05 4.39 77.41
C VAL E 29 16.03 4.95 76.40
N PHE E 30 17.31 5.05 76.80
CA PHE E 30 18.37 5.60 76.00
C PHE E 30 18.70 4.75 74.80
N ALA E 31 18.59 3.41 74.93
CA ALA E 31 18.76 2.50 73.82
C ALA E 31 17.77 2.78 72.73
N ALA E 32 16.49 3.02 73.12
CA ALA E 32 15.41 3.32 72.22
C ALA E 32 15.61 4.65 71.57
N LEU E 33 16.14 5.64 72.34
CA LEU E 33 16.50 6.93 71.81
C LEU E 33 17.50 6.82 70.70
N ILE E 34 18.61 6.07 70.91
CA ILE E 34 19.65 5.89 69.93
C ILE E 34 19.12 5.22 68.69
N ASN E 35 18.33 4.14 68.86
CA ASN E 35 17.79 3.35 67.78
C ASN E 35 16.84 4.16 66.94
N GLY E 36 15.94 4.91 67.60
CA GLY E 36 14.92 5.74 66.99
C GLY E 36 15.49 6.82 66.16
N VAL E 37 16.52 7.52 66.71
CA VAL E 37 17.23 8.59 66.07
C VAL E 37 17.99 8.06 64.89
N SER E 38 18.47 6.81 64.97
CA SER E 38 19.14 6.13 63.89
C SER E 38 18.18 5.78 62.79
N ARG E 39 16.90 5.52 63.14
CA ARG E 39 15.88 5.24 62.17
C ARG E 39 15.50 6.46 61.38
N ASN E 40 15.19 7.60 62.04
CA ASN E 40 14.78 8.80 61.35
C ASN E 40 15.88 9.69 60.81
N PRO E 41 17.08 9.70 61.36
CA PRO E 41 17.89 10.92 61.37
C PRO E 41 17.30 12.26 61.78
N SER E 42 16.06 12.38 62.28
CA SER E 42 15.48 13.70 62.36
C SER E 42 14.30 13.76 63.29
N ILE E 43 13.93 12.63 63.93
CA ILE E 43 12.88 12.57 64.92
C ILE E 43 13.24 13.38 66.15
N LYS E 44 14.55 13.57 66.38
CA LYS E 44 15.20 13.95 67.62
C LYS E 44 14.65 15.17 68.27
N ASP E 45 14.19 16.18 67.50
CA ASP E 45 13.70 17.40 68.12
C ASP E 45 12.43 17.18 68.92
N THR E 46 11.51 16.32 68.43
CA THR E 46 10.34 15.90 69.17
C THR E 46 10.71 14.93 70.26
N VAL E 47 11.54 13.94 69.87
CA VAL E 47 11.82 12.78 70.66
C VAL E 47 12.72 13.03 71.85
N PHE E 48 13.64 14.01 71.79
CA PHE E 48 14.54 14.26 72.89
C PHE E 48 13.80 14.73 74.12
N PRO E 49 12.86 15.69 74.12
CA PRO E 49 12.11 16.02 75.31
C PRO E 49 11.18 14.91 75.75
N MET E 50 10.59 14.17 74.79
CA MET E 50 9.73 13.04 75.07
C MET E 50 10.44 11.97 75.85
N ALA E 51 11.70 11.69 75.44
CA ALA E 51 12.59 10.73 76.04
C ALA E 51 13.00 11.12 77.43
N ILE E 52 13.24 12.43 77.68
CA ILE E 52 13.65 12.93 78.97
C ILE E 52 12.54 12.74 79.97
N LEU E 53 11.27 12.90 79.54
CA LEU E 53 10.13 12.61 80.36
C LEU E 53 10.12 11.17 80.78
N GLY E 54 10.35 10.26 79.80
CA GLY E 54 10.40 8.85 80.07
C GLY E 54 11.48 8.44 81.03
N PHE E 55 12.67 9.05 80.87
CA PHE E 55 13.84 8.88 81.71
C PHE E 55 13.53 9.22 83.13
N ALA E 56 12.89 10.39 83.33
CA ALA E 56 12.63 10.95 84.64
C ALA E 56 11.71 10.05 85.41
N LEU E 57 10.70 9.50 84.73
CA LEU E 57 9.69 8.66 85.32
C LEU E 57 10.26 7.33 85.75
N SER E 58 11.09 6.69 84.90
CA SER E 58 11.76 5.45 85.25
C SER E 58 12.76 5.58 86.39
N GLU E 59 13.56 6.68 86.39
CA GLU E 59 14.56 7.04 87.36
C GLU E 59 14.02 7.23 88.76
N ALA E 60 12.81 7.82 88.85
CA ALA E 60 12.12 8.18 90.07
C ALA E 60 11.90 7.02 91.00
N THR E 61 11.59 5.83 90.44
CA THR E 61 11.36 4.60 91.16
C THR E 61 12.58 4.22 92.00
N GLY E 62 13.78 4.38 91.39
CA GLY E 62 15.07 4.21 92.03
C GLY E 62 15.27 5.19 93.16
N LEU E 63 14.85 6.45 92.95
CA LEU E 63 15.02 7.49 93.95
C LEU E 63 14.14 7.29 95.16
N PHE E 64 12.90 6.78 95.00
CA PHE E 64 12.01 6.44 96.10
C PHE E 64 12.60 5.37 96.96
N CYS E 65 13.24 4.39 96.30
CA CYS E 65 13.94 3.29 96.92
C CYS E 65 15.13 3.81 97.70
N LEU E 66 15.86 4.80 97.14
CA LEU E 66 17.03 5.41 97.74
C LEU E 66 16.68 6.20 98.99
N MET E 67 15.52 6.90 99.03
CA MET E 67 15.06 7.61 100.19
C MET E 67 14.87 6.73 101.40
N VAL E 68 14.18 5.58 101.20
CA VAL E 68 13.93 4.58 102.22
C VAL E 68 15.23 4.00 102.71
N SER E 69 16.18 3.77 101.77
CA SER E 69 17.50 3.28 102.03
C SER E 69 18.24 4.21 102.95
N PHE E 70 18.14 5.54 102.75
CA PHE E 70 18.78 6.53 103.58
C PHE E 70 18.19 6.59 104.96
N LEU E 71 16.86 6.43 105.10
CA LEU E 71 16.21 6.37 106.39
C LEU E 71 16.69 5.20 107.21
N LEU E 72 16.86 4.02 106.57
CA LEU E 72 17.45 2.85 107.17
C LEU E 72 18.94 2.96 107.43
N LEU E 73 19.70 3.57 106.49
CA LEU E 73 21.15 3.60 106.43
C LEU E 73 21.77 4.53 107.43
N PHE E 74 21.33 5.80 107.42
CA PHE E 74 21.84 6.81 108.32
C PHE E 74 21.15 6.59 109.63
N GLY E 75 19.86 6.18 109.55
CA GLY E 75 19.06 5.87 110.70
C GLY E 75 19.02 4.34 110.81
N MET F 1 8.31 -5.50 120.57
CA MET F 1 9.53 -6.23 121.02
C MET F 1 10.69 -5.83 120.17
N GLN F 2 11.91 -6.30 120.55
CA GLN F 2 13.13 -5.98 119.86
C GLN F 2 13.08 -6.68 118.52
N LEU F 3 12.68 -7.97 118.59
CA LEU F 3 12.51 -8.86 117.47
C LEU F 3 11.48 -8.34 116.51
N VAL F 4 10.35 -7.82 117.05
CA VAL F 4 9.25 -7.32 116.27
C VAL F 4 9.58 -6.02 115.56
N LEU F 5 10.29 -5.11 116.26
CA LEU F 5 10.65 -3.80 115.73
C LEU F 5 11.68 -3.97 114.66
N ALA F 6 12.59 -4.94 114.88
CA ALA F 6 13.56 -5.42 113.93
C ALA F 6 12.88 -5.95 112.71
N ALA F 7 11.83 -6.78 112.89
CA ALA F 7 11.08 -7.42 111.83
C ALA F 7 10.37 -6.41 110.97
N LYS F 8 9.92 -5.28 111.56
CA LYS F 8 9.44 -4.16 110.82
C LYS F 8 10.49 -3.53 109.94
N TYR F 9 11.72 -3.27 110.47
CA TYR F 9 12.80 -2.69 109.71
C TYR F 9 13.27 -3.57 108.57
N ILE F 10 13.46 -4.89 108.83
CA ILE F 10 13.87 -5.89 107.87
C ILE F 10 12.84 -6.01 106.78
N GLY F 11 11.55 -6.11 107.20
CA GLY F 11 10.41 -6.31 106.32
C GLY F 11 10.23 -5.18 105.35
N ALA F 12 10.53 -3.94 105.79
CA ALA F 12 10.50 -2.75 104.99
C ALA F 12 11.48 -2.85 103.86
N GLY F 13 12.74 -3.27 104.17
CA GLY F 13 13.81 -3.46 103.22
C GLY F 13 13.43 -4.42 102.12
N ILE F 14 12.85 -5.59 102.51
CA ILE F 14 12.39 -6.63 101.63
C ILE F 14 11.34 -6.08 100.69
N SER F 15 10.42 -5.26 101.22
CA SER F 15 9.35 -4.64 100.49
C SER F 15 9.84 -3.71 99.41
N THR F 16 11.01 -3.06 99.62
CA THR F 16 11.61 -2.12 98.71
C THR F 16 12.07 -2.78 97.42
N ILE F 17 12.41 -4.10 97.47
CA ILE F 17 12.79 -4.90 96.31
C ILE F 17 11.70 -4.89 95.24
N GLY F 18 10.41 -4.89 95.64
CA GLY F 18 9.27 -4.92 94.76
C GLY F 18 9.24 -3.80 93.73
N LEU F 19 9.76 -2.61 94.11
CA LEU F 19 9.86 -1.42 93.29
C LEU F 19 10.64 -1.62 92.00
N LEU F 20 11.66 -2.51 91.99
CA LEU F 20 12.54 -2.72 90.85
C LEU F 20 11.76 -3.06 89.60
N GLY F 21 10.67 -3.85 89.74
CA GLY F 21 9.86 -4.29 88.63
C GLY F 21 9.17 -3.16 87.94
N ALA F 22 8.75 -2.14 88.73
CA ALA F 22 8.16 -0.95 88.18
C ALA F 22 9.18 -0.11 87.46
N GLY F 23 10.45 -0.06 87.94
CA GLY F 23 11.49 0.77 87.37
C GLY F 23 11.81 0.39 85.96
N ILE F 24 12.01 -0.93 85.74
CA ILE F 24 12.27 -1.52 84.45
C ILE F 24 11.04 -1.36 83.59
N GLY F 25 9.84 -1.53 84.20
CA GLY F 25 8.57 -1.50 83.52
C GLY F 25 8.34 -0.19 82.84
N ILE F 26 8.54 0.92 83.56
CA ILE F 26 8.31 2.26 83.06
C ILE F 26 9.18 2.49 81.85
N ALA F 27 10.45 2.07 81.92
CA ALA F 27 11.39 2.20 80.84
C ALA F 27 10.99 1.47 79.59
N ILE F 28 10.39 0.26 79.73
CA ILE F 28 9.92 -0.55 78.64
C ILE F 28 8.82 0.14 77.88
N VAL F 29 7.88 0.82 78.57
CA VAL F 29 6.81 1.56 77.92
C VAL F 29 7.40 2.70 77.13
N PHE F 30 8.35 3.44 77.75
CA PHE F 30 9.00 4.58 77.13
C PHE F 30 9.91 4.26 76.00
N ALA F 31 10.57 3.09 76.04
CA ALA F 31 11.35 2.60 74.93
C ALA F 31 10.44 2.38 73.76
N ALA F 32 9.28 1.76 74.03
CA ALA F 32 8.26 1.47 73.04
C ALA F 32 7.67 2.72 72.48
N LEU F 33 7.47 3.76 73.32
CA LEU F 33 7.02 5.07 72.89
C LEU F 33 7.93 5.64 71.86
N ILE F 34 9.26 5.63 72.14
CA ILE F 34 10.25 6.19 71.26
C ILE F 34 10.31 5.38 69.99
N ASN F 35 10.18 4.05 70.09
CA ASN F 35 10.16 3.16 68.95
C ASN F 35 8.98 3.46 68.07
N GLY F 36 7.78 3.60 68.66
CA GLY F 36 6.55 3.82 67.96
C GLY F 36 6.54 5.10 67.21
N VAL F 37 6.98 6.17 67.88
CA VAL F 37 7.04 7.51 67.35
C VAL F 37 8.03 7.61 66.24
N SER F 38 9.19 6.92 66.36
CA SER F 38 10.20 6.91 65.33
C SER F 38 9.74 6.08 64.15
N ARG F 39 8.92 5.05 64.40
CA ARG F 39 8.38 4.22 63.37
C ARG F 39 7.35 4.94 62.55
N ASN F 40 6.35 5.59 63.20
CA ASN F 40 5.28 6.30 62.53
C ASN F 40 5.62 7.68 62.01
N PRO F 41 6.56 8.38 62.60
CA PRO F 41 6.47 9.83 62.76
C PRO F 41 5.26 10.52 63.34
N SER F 42 4.10 9.89 63.67
CA SER F 42 2.93 10.73 63.85
C SER F 42 1.83 10.03 64.59
N ILE F 43 2.10 8.80 65.10
CA ILE F 43 1.19 8.00 65.90
C ILE F 43 0.77 8.70 67.18
N LYS F 44 1.60 9.68 67.62
CA LYS F 44 1.68 10.31 68.91
C LYS F 44 0.38 10.81 69.44
N ASP F 45 -0.57 11.24 68.56
CA ASP F 45 -1.84 11.75 69.03
C ASP F 45 -2.64 10.71 69.79
N THR F 46 -2.71 9.45 69.31
CA THR F 46 -3.29 8.36 70.08
C THR F 46 -2.34 7.91 71.17
N VAL F 47 -1.07 7.72 70.78
CA VAL F 47 -0.06 7.02 71.54
C VAL F 47 0.46 7.75 72.76
N PHE F 48 0.55 9.10 72.76
CA PHE F 48 1.05 9.83 73.90
C PHE F 48 0.12 9.66 75.11
N PRO F 49 -1.21 9.75 75.00
CA PRO F 49 -2.12 9.37 76.07
C PRO F 49 -1.95 7.95 76.54
N MET F 50 -1.73 7.00 75.60
CA MET F 50 -1.49 5.61 75.93
C MET F 50 -0.24 5.43 76.78
N ALA F 51 0.85 6.14 76.43
CA ALA F 51 2.13 6.05 77.10
C ALA F 51 2.11 6.50 78.53
N ILE F 52 1.36 7.59 78.82
CA ILE F 52 1.18 8.07 80.17
C ILE F 52 0.41 7.05 80.99
N LEU F 53 -0.61 6.41 80.38
CA LEU F 53 -1.42 5.36 80.99
C LEU F 53 -0.58 4.17 81.39
N GLY F 54 0.31 3.70 80.49
CA GLY F 54 1.16 2.56 80.72
C GLY F 54 2.16 2.82 81.80
N PHE F 55 2.69 4.08 81.84
CA PHE F 55 3.52 4.58 82.92
C PHE F 55 2.81 4.46 84.24
N ALA F 56 1.54 4.90 84.29
CA ALA F 56 0.81 5.06 85.52
C ALA F 56 0.61 3.76 86.28
N LEU F 57 0.16 2.67 85.60
CA LEU F 57 -0.08 1.42 86.29
C LEU F 57 1.21 0.71 86.62
N SER F 58 2.23 0.82 85.74
CA SER F 58 3.53 0.22 85.98
C SER F 58 4.18 0.81 87.22
N GLU F 59 4.12 2.16 87.33
CA GLU F 59 4.55 2.94 88.47
C GLU F 59 3.81 2.57 89.71
N ALA F 60 2.48 2.39 89.59
CA ALA F 60 1.56 2.05 90.66
C ALA F 60 1.91 0.77 91.34
N THR F 61 2.37 -0.25 90.57
CA THR F 61 2.80 -1.52 91.12
C THR F 61 3.95 -1.31 92.07
N GLY F 62 4.89 -0.42 91.68
CA GLY F 62 5.99 0.04 92.47
C GLY F 62 5.51 0.74 93.71
N LEU F 63 4.49 1.62 93.56
CA LEU F 63 3.92 2.39 94.63
C LEU F 63 3.27 1.52 95.68
N PHE F 64 2.64 0.38 95.28
CA PHE F 64 2.05 -0.57 96.21
C PHE F 64 3.11 -1.15 97.11
N CYS F 65 4.25 -1.53 96.52
CA CYS F 65 5.40 -2.06 97.22
C CYS F 65 5.99 -1.05 98.18
N LEU F 66 6.09 0.21 97.72
CA LEU F 66 6.59 1.35 98.45
C LEU F 66 5.76 1.67 99.67
N MET F 67 4.42 1.63 99.54
CA MET F 67 3.52 1.95 100.64
C MET F 67 3.59 0.91 101.72
N VAL F 68 3.82 -0.38 101.36
CA VAL F 68 4.03 -1.42 102.35
C VAL F 68 5.32 -1.19 103.12
N SER F 69 6.39 -0.71 102.43
CA SER F 69 7.65 -0.35 103.05
C SER F 69 7.47 0.77 104.05
N PHE F 70 6.74 1.85 103.66
CA PHE F 70 6.40 2.98 104.48
C PHE F 70 5.56 2.61 105.67
N LEU F 71 4.54 1.74 105.47
CA LEU F 71 3.61 1.29 106.47
C LEU F 71 4.31 0.59 107.59
N LEU F 72 5.23 -0.35 107.26
CA LEU F 72 6.01 -1.10 108.20
C LEU F 72 6.95 -0.21 108.97
N LEU F 73 7.62 0.71 108.25
CA LEU F 73 8.65 1.55 108.81
C LEU F 73 8.09 2.57 109.77
N PHE F 74 7.05 3.33 109.33
CA PHE F 74 6.45 4.41 110.07
C PHE F 74 5.47 3.95 111.12
N GLY F 75 4.79 2.81 110.93
CA GLY F 75 3.75 2.41 111.85
C GLY F 75 3.35 0.97 111.56
N GLN G 2 6.98 -14.13 121.01
CA GLN G 2 7.01 -13.01 120.03
C GLN G 2 7.48 -13.43 118.67
N LEU G 3 8.03 -14.67 118.54
CA LEU G 3 8.54 -15.22 117.31
C LEU G 3 7.48 -15.32 116.23
N VAL G 4 6.23 -15.70 116.61
CA VAL G 4 5.11 -15.79 115.70
C VAL G 4 4.70 -14.44 115.15
N LEU G 5 4.71 -13.38 116.00
CA LEU G 5 4.36 -12.04 115.62
C LEU G 5 5.38 -11.44 114.69
N ALA G 6 6.68 -11.71 114.97
CA ALA G 6 7.82 -11.31 114.18
C ALA G 6 7.71 -11.88 112.78
N ALA G 7 7.36 -13.19 112.72
CA ALA G 7 7.22 -13.96 111.50
C ALA G 7 6.14 -13.41 110.62
N LYS G 8 5.02 -12.89 111.20
CA LYS G 8 3.98 -12.22 110.44
C LYS G 8 4.49 -11.04 109.65
N TYR G 9 5.30 -10.16 110.31
CA TYR G 9 5.87 -8.98 109.67
C TYR G 9 6.88 -9.32 108.61
N ILE G 10 7.72 -10.36 108.85
CA ILE G 10 8.66 -10.86 107.88
C ILE G 10 7.96 -11.40 106.65
N GLY G 11 6.93 -12.25 106.87
CA GLY G 11 6.14 -12.95 105.87
C GLY G 11 5.48 -12.03 104.90
N ALA G 12 4.98 -10.89 105.43
CA ALA G 12 4.39 -9.81 104.68
C ALA G 12 5.40 -9.26 103.71
N GLY G 13 6.64 -9.03 104.18
CA GLY G 13 7.74 -8.53 103.39
C GLY G 13 8.06 -9.41 102.21
N ILE G 14 8.19 -10.75 102.42
CA ILE G 14 8.48 -11.71 101.38
C ILE G 14 7.42 -11.70 100.29
N SER G 15 6.13 -11.54 100.70
CA SER G 15 5.01 -11.51 99.79
C SER G 15 5.04 -10.37 98.79
N THR G 16 5.61 -9.21 99.23
CA THR G 16 5.77 -7.98 98.47
C THR G 16 6.63 -8.16 97.22
N ILE G 17 7.60 -9.10 97.28
CA ILE G 17 8.52 -9.41 96.21
C ILE G 17 7.76 -9.84 94.98
N GLY G 18 6.68 -10.63 95.15
CA GLY G 18 5.87 -11.18 94.08
C GLY G 18 5.32 -10.15 93.12
N LEU G 19 4.98 -8.93 93.61
CA LEU G 19 4.41 -7.84 92.85
C LEU G 19 5.28 -7.34 91.71
N LEU G 20 6.63 -7.39 91.84
CA LEU G 20 7.57 -6.83 90.89
C LEU G 20 7.34 -7.36 89.49
N GLY G 21 7.03 -8.67 89.36
CA GLY G 21 6.86 -9.36 88.11
C GLY G 21 5.70 -8.82 87.31
N ALA G 22 4.58 -8.51 88.00
CA ALA G 22 3.42 -7.93 87.37
C ALA G 22 3.72 -6.56 86.81
N GLY G 23 4.59 -5.77 87.50
CA GLY G 23 4.99 -4.44 87.09
C GLY G 23 5.69 -4.38 85.76
N ILE G 24 6.63 -5.33 85.53
CA ILE G 24 7.31 -5.50 84.27
C ILE G 24 6.31 -5.93 83.21
N GLY G 25 5.45 -6.90 83.57
CA GLY G 25 4.47 -7.50 82.71
C GLY G 25 3.53 -6.50 82.10
N ILE G 26 3.01 -5.58 82.92
CA ILE G 26 2.08 -4.53 82.57
C ILE G 26 2.66 -3.71 81.46
N ALA G 27 3.95 -3.35 81.62
CA ALA G 27 4.70 -2.59 80.67
C ALA G 27 4.88 -3.30 79.36
N ILE G 28 5.08 -4.64 79.40
CA ILE G 28 5.27 -5.46 78.23
C ILE G 28 4.04 -5.44 77.34
N VAL G 29 2.83 -5.50 77.94
CA VAL G 29 1.61 -5.45 77.18
C VAL G 29 1.48 -4.12 76.49
N PHE G 30 1.74 -3.00 77.21
CA PHE G 30 1.64 -1.66 76.68
C PHE G 30 2.70 -1.33 75.68
N ALA G 31 3.91 -1.90 75.81
CA ALA G 31 4.94 -1.79 74.81
C ALA G 31 4.49 -2.35 73.49
N ALA G 32 3.84 -3.54 73.54
CA ALA G 32 3.30 -4.23 72.40
C ALA G 32 2.23 -3.43 71.75
N LEU G 33 1.36 -2.78 72.57
CA LEU G 33 0.32 -1.90 72.12
C LEU G 33 0.87 -0.77 71.29
N ILE G 34 1.90 -0.06 71.79
CA ILE G 34 2.46 1.08 71.11
C ILE G 34 3.13 0.68 69.82
N ASN G 35 3.84 -0.47 69.82
CA ASN G 35 4.49 -1.01 68.65
C ASN G 35 3.48 -1.38 67.58
N GLY G 36 2.41 -2.09 67.97
CA GLY G 36 1.39 -2.57 67.08
C GLY G 36 0.65 -1.45 66.42
N VAL G 37 0.20 -0.48 67.23
CA VAL G 37 -0.57 0.67 66.83
C VAL G 37 0.23 1.54 65.90
N SER G 38 1.56 1.71 66.15
CA SER G 38 2.44 2.49 65.32
C SER G 38 2.71 1.80 64.01
N ARG G 39 2.73 0.46 64.03
CA ARG G 39 2.92 -0.34 62.84
C ARG G 39 1.71 -0.28 61.94
N ASN G 40 0.51 -0.53 62.48
CA ASN G 40 -0.70 -0.59 61.69
C ASN G 40 -1.31 0.75 61.32
N PRO G 41 -1.09 1.78 62.13
CA PRO G 41 -2.15 2.71 62.45
C PRO G 41 -3.48 2.20 62.97
N SER G 42 -4.34 1.59 62.12
CA SER G 42 -5.77 1.52 62.37
C SER G 42 -6.27 0.29 63.10
N ILE G 43 -5.37 -0.62 63.55
CA ILE G 43 -5.72 -1.83 64.28
C ILE G 43 -6.46 -1.53 65.57
N LYS G 44 -6.24 -0.31 66.13
CA LYS G 44 -6.43 0.09 67.50
C LYS G 44 -7.78 -0.20 68.09
N ASP G 45 -8.88 -0.04 67.31
CA ASP G 45 -10.22 -0.17 67.87
C ASP G 45 -10.55 -1.60 68.23
N THR G 46 -10.07 -2.57 67.41
CA THR G 46 -10.21 -3.98 67.67
C THR G 46 -9.30 -4.42 68.78
N VAL G 47 -8.01 -3.98 68.71
CA VAL G 47 -6.94 -4.42 69.56
C VAL G 47 -7.04 -3.91 70.97
N PHE G 48 -7.62 -2.69 71.17
CA PHE G 48 -7.65 -2.03 72.45
C PHE G 48 -8.39 -2.82 73.51
N PRO G 49 -9.56 -3.44 73.30
CA PRO G 49 -10.16 -4.36 74.25
C PRO G 49 -9.27 -5.52 74.65
N MET G 50 -8.54 -6.12 73.68
CA MET G 50 -7.62 -7.20 73.94
C MET G 50 -6.49 -6.77 74.83
N ALA G 51 -5.95 -5.56 74.57
CA ALA G 51 -4.86 -4.98 75.31
C ALA G 51 -5.20 -4.76 76.76
N ILE G 52 -6.40 -4.21 77.04
CA ILE G 52 -6.89 -3.96 78.38
C ILE G 52 -7.06 -5.26 79.13
N LEU G 53 -7.53 -6.33 78.44
CA LEU G 53 -7.69 -7.65 79.02
C LEU G 53 -6.37 -8.21 79.51
N GLY G 54 -5.33 -8.14 78.66
CA GLY G 54 -4.00 -8.65 78.99
C GLY G 54 -3.34 -7.89 80.10
N PHE G 55 -3.51 -6.55 80.08
CA PHE G 55 -3.03 -5.58 81.05
C PHE G 55 -3.52 -5.90 82.44
N ALA G 56 -4.85 -6.15 82.54
CA ALA G 56 -5.53 -6.51 83.75
C ALA G 56 -5.04 -7.83 84.29
N LEU G 57 -4.84 -8.83 83.40
CA LEU G 57 -4.46 -10.17 83.77
C LEU G 57 -3.07 -10.22 84.33
N SER G 58 -2.12 -9.49 83.72
CA SER G 58 -0.75 -9.41 84.17
C SER G 58 -0.69 -8.78 85.55
N GLU G 59 -1.48 -7.70 85.77
CA GLU G 59 -1.65 -7.05 87.05
C GLU G 59 -2.16 -7.98 88.12
N ALA G 60 -3.15 -8.83 87.76
CA ALA G 60 -3.87 -9.74 88.64
C ALA G 60 -2.98 -10.72 89.35
N THR G 61 -1.90 -11.18 88.69
CA THR G 61 -0.94 -12.08 89.27
C THR G 61 -0.26 -11.41 90.45
N GLY G 62 0.10 -10.11 90.26
CA GLY G 62 0.65 -9.25 91.28
C GLY G 62 -0.32 -9.00 92.40
N LEU G 63 -1.64 -8.88 92.08
CA LEU G 63 -2.69 -8.71 93.06
C LEU G 63 -2.79 -9.87 94.01
N PHE G 64 -2.63 -11.13 93.51
CA PHE G 64 -2.61 -12.32 94.32
C PHE G 64 -1.49 -12.26 95.34
N CYS G 65 -0.29 -11.83 94.89
CA CYS G 65 0.87 -11.67 95.74
C CYS G 65 0.64 -10.66 96.83
N LEU G 66 -0.07 -9.55 96.50
CA LEU G 66 -0.44 -8.49 97.41
C LEU G 66 -1.44 -8.94 98.45
N MET G 67 -2.43 -9.77 98.04
CA MET G 67 -3.46 -10.28 98.92
C MET G 67 -2.88 -11.16 100.00
N VAL G 68 -1.89 -12.00 99.61
CA VAL G 68 -1.15 -12.88 100.49
C VAL G 68 -0.33 -12.09 101.47
N SER G 69 0.20 -10.92 101.05
CA SER G 69 0.94 -9.99 101.90
C SER G 69 0.07 -9.55 103.03
N PHE G 70 -1.20 -9.15 102.71
CA PHE G 70 -2.16 -8.71 103.70
C PHE G 70 -2.55 -9.83 104.62
N LEU G 71 -2.73 -11.07 104.08
CA LEU G 71 -3.12 -12.20 104.87
C LEU G 71 -2.11 -12.56 105.95
N LEU G 72 -0.80 -12.56 105.61
CA LEU G 72 0.32 -12.74 106.51
C LEU G 72 0.45 -11.65 107.51
N LEU G 73 0.38 -10.38 107.04
CA LEU G 73 0.58 -9.17 107.81
C LEU G 73 -0.42 -9.13 108.93
N PHE G 74 -1.71 -9.37 108.59
CA PHE G 74 -2.82 -9.41 109.50
C PHE G 74 -2.86 -10.66 110.33
N GLY G 75 -2.37 -11.81 109.82
CA GLY G 75 -2.49 -13.05 110.54
C GLY G 75 -1.85 -14.15 109.69
N MET H 1 6.01 -25.01 119.15
CA MET H 1 4.80 -24.32 118.64
C MET H 1 5.20 -23.14 117.83
N GLN H 2 5.88 -22.15 118.49
CA GLN H 2 6.15 -20.84 117.97
C GLN H 2 6.90 -20.92 116.67
N LEU H 3 7.97 -21.74 116.66
CA LEU H 3 8.84 -21.97 115.55
C LEU H 3 8.16 -22.63 114.37
N VAL H 4 7.28 -23.62 114.63
CA VAL H 4 6.60 -24.33 113.58
C VAL H 4 5.60 -23.45 112.89
N LEU H 5 4.85 -22.65 113.68
CA LEU H 5 3.88 -21.69 113.21
C LEU H 5 4.53 -20.58 112.45
N ALA H 6 5.72 -20.13 112.92
CA ALA H 6 6.53 -19.14 112.28
C ALA H 6 6.90 -19.60 110.90
N ALA H 7 7.37 -20.87 110.81
CA ALA H 7 7.77 -21.53 109.60
C ALA H 7 6.66 -21.64 108.61
N LYS H 8 5.42 -21.90 109.09
CA LYS H 8 4.24 -21.91 108.25
C LYS H 8 4.04 -20.60 107.53
N TYR H 9 4.14 -19.48 108.30
CA TYR H 9 4.02 -18.13 107.76
C TYR H 9 5.10 -17.80 106.78
N ILE H 10 6.36 -18.19 107.10
CA ILE H 10 7.51 -17.97 106.27
C ILE H 10 7.36 -18.64 104.94
N GLY H 11 6.96 -19.95 104.95
CA GLY H 11 6.82 -20.77 103.77
C GLY H 11 5.84 -20.22 102.79
N ALA H 12 4.73 -19.63 103.32
CA ALA H 12 3.71 -18.97 102.53
C ALA H 12 4.25 -17.77 101.79
N GLY H 13 5.06 -16.92 102.50
CA GLY H 13 5.67 -15.73 101.95
C GLY H 13 6.55 -16.03 100.78
N ILE H 14 7.43 -17.04 100.93
CA ILE H 14 8.36 -17.52 99.92
C ILE H 14 7.62 -17.95 98.67
N SER H 15 6.45 -18.61 98.85
CA SER H 15 5.64 -19.15 97.77
C SER H 15 5.15 -18.14 96.77
N THR H 16 4.93 -16.86 97.16
CA THR H 16 4.51 -15.78 96.28
C THR H 16 5.45 -15.54 95.11
N ILE H 17 6.75 -15.80 95.32
CA ILE H 17 7.81 -15.61 94.37
C ILE H 17 7.56 -16.45 93.12
N GLY H 18 7.09 -17.71 93.28
CA GLY H 18 6.79 -18.61 92.18
C GLY H 18 5.80 -18.05 91.20
N LEU H 19 4.78 -17.30 91.71
CA LEU H 19 3.71 -16.68 90.95
C LEU H 19 4.20 -15.68 89.95
N LEU H 20 5.28 -14.93 90.27
CA LEU H 20 5.78 -13.85 89.46
C LEU H 20 6.11 -14.27 88.05
N GLY H 21 6.67 -15.49 87.89
CA GLY H 21 7.07 -16.05 86.62
C GLY H 21 5.92 -16.21 85.68
N ALA H 22 4.77 -16.65 86.22
CA ALA H 22 3.54 -16.77 85.46
C ALA H 22 3.05 -15.41 85.03
N GLY H 23 3.19 -14.38 85.91
CA GLY H 23 2.74 -13.02 85.68
C GLY H 23 3.38 -12.39 84.49
N ILE H 24 4.71 -12.56 84.36
CA ILE H 24 5.51 -12.10 83.26
C ILE H 24 5.10 -12.87 82.03
N GLY H 25 4.87 -14.19 82.18
CA GLY H 25 4.45 -15.08 81.13
C GLY H 25 3.18 -14.63 80.46
N ILE H 26 2.15 -14.27 81.26
CA ILE H 26 0.84 -13.86 80.78
C ILE H 26 0.97 -12.65 79.90
N ALA H 27 1.81 -11.67 80.32
CA ALA H 27 2.08 -10.47 79.57
C ALA H 27 2.67 -10.77 78.21
N ILE H 28 3.60 -11.76 78.15
CA ILE H 28 4.25 -12.19 76.94
C ILE H 28 3.26 -12.76 75.95
N VAL H 29 2.27 -13.56 76.39
CA VAL H 29 1.27 -14.14 75.52
C VAL H 29 0.47 -13.05 74.85
N PHE H 30 -0.01 -12.07 75.64
CA PHE H 30 -0.76 -10.94 75.15
C PHE H 30 0.05 -10.02 74.29
N ALA H 31 1.36 -9.85 74.56
CA ALA H 31 2.22 -9.03 73.76
C ALA H 31 2.35 -9.57 72.36
N ALA H 32 2.54 -10.91 72.27
CA ALA H 32 2.64 -11.64 71.04
C ALA H 32 1.37 -11.52 70.25
N LEU H 33 0.22 -11.62 70.95
CA LEU H 33 -1.09 -11.46 70.38
C LEU H 33 -1.25 -10.12 69.72
N ILE H 34 -0.90 -9.02 70.41
CA ILE H 34 -1.08 -7.67 69.93
C ILE H 34 -0.23 -7.42 68.72
N ASN H 35 1.02 -7.92 68.75
CA ASN H 35 1.96 -7.82 67.65
C ASN H 35 1.48 -8.59 66.46
N GLY H 36 1.01 -9.83 66.67
CA GLY H 36 0.56 -10.72 65.62
C GLY H 36 -0.63 -10.18 64.90
N VAL H 37 -1.64 -9.72 65.67
CA VAL H 37 -2.88 -9.20 65.18
C VAL H 37 -2.64 -7.91 64.43
N SER H 38 -1.72 -7.07 64.91
CA SER H 38 -1.41 -5.83 64.23
C SER H 38 -0.63 -6.07 62.98
N ARG H 39 0.18 -7.15 62.95
CA ARG H 39 0.90 -7.52 61.76
C ARG H 39 0.02 -8.08 60.71
N ASN H 40 -0.84 -9.08 61.04
CA ASN H 40 -1.64 -9.73 60.04
C ASN H 40 -2.89 -8.97 59.66
N PRO H 41 -3.43 -8.16 60.56
CA PRO H 41 -4.88 -8.13 60.72
C PRO H 41 -5.62 -9.43 60.90
N SER H 42 -5.86 -10.17 59.80
CA SER H 42 -6.91 -11.16 59.67
C SER H 42 -6.70 -12.44 60.44
N ILE H 43 -5.48 -12.73 60.93
CA ILE H 43 -5.17 -13.93 61.67
C ILE H 43 -6.00 -14.12 62.93
N LYS H 44 -6.53 -13.00 63.49
CA LYS H 44 -7.07 -12.82 64.81
C LYS H 44 -8.10 -13.83 65.24
N ASP H 45 -8.99 -14.27 64.32
CA ASP H 45 -10.06 -15.17 64.69
C ASP H 45 -9.54 -16.55 65.00
N THR H 46 -8.49 -17.02 64.27
CA THR H 46 -7.79 -18.27 64.55
C THR H 46 -6.90 -18.15 65.75
N VAL H 47 -6.14 -17.04 65.81
CA VAL H 47 -5.10 -16.82 66.79
C VAL H 47 -5.63 -16.61 68.18
N PHE H 48 -6.80 -15.96 68.33
CA PHE H 48 -7.36 -15.65 69.63
C PHE H 48 -7.67 -16.88 70.47
N PRO H 49 -8.27 -17.97 69.98
CA PRO H 49 -8.38 -19.22 70.72
C PRO H 49 -7.06 -19.77 71.20
N MET H 50 -6.02 -19.74 70.34
CA MET H 50 -4.70 -20.23 70.70
C MET H 50 -4.12 -19.42 71.82
N ALA H 51 -4.32 -18.09 71.79
CA ALA H 51 -3.85 -17.16 72.80
C ALA H 51 -4.46 -17.42 74.15
N ILE H 52 -5.80 -17.68 74.17
CA ILE H 52 -6.54 -18.01 75.36
C ILE H 52 -6.01 -19.28 75.98
N LEU H 53 -5.67 -20.28 75.14
CA LEU H 53 -5.09 -21.53 75.57
C LEU H 53 -3.76 -21.32 76.25
N GLY H 54 -2.84 -20.51 75.67
CA GLY H 54 -1.54 -20.23 76.24
C GLY H 54 -1.63 -19.54 77.57
N PHE H 55 -2.61 -18.61 77.71
CA PHE H 55 -2.94 -17.90 78.93
C PHE H 55 -3.35 -18.86 80.03
N ALA H 56 -4.25 -19.80 79.70
CA ALA H 56 -4.82 -20.74 80.62
C ALA H 56 -3.77 -21.64 81.23
N LEU H 57 -2.84 -22.12 80.38
CA LEU H 57 -1.76 -23.00 80.75
C LEU H 57 -0.79 -22.34 81.69
N SER H 58 -0.47 -21.05 81.40
CA SER H 58 0.36 -20.23 82.24
C SER H 58 -0.28 -20.05 83.60
N GLU H 59 -1.60 -19.77 83.63
CA GLU H 59 -2.37 -19.57 84.84
C GLU H 59 -2.36 -20.78 85.73
N ALA H 60 -2.40 -22.01 85.13
CA ALA H 60 -2.39 -23.27 85.85
C ALA H 60 -1.15 -23.47 86.71
N THR H 61 0.03 -23.05 86.20
CA THR H 61 1.28 -23.15 86.93
C THR H 61 1.22 -22.36 88.22
N GLY H 62 0.66 -21.13 88.14
CA GLY H 62 0.48 -20.22 89.25
C GLY H 62 -0.46 -20.76 90.29
N LEU H 63 -1.54 -21.45 89.84
CA LEU H 63 -2.52 -22.06 90.69
C LEU H 63 -1.89 -23.10 91.60
N PHE H 64 -0.95 -23.90 91.06
CA PHE H 64 -0.22 -24.88 91.85
C PHE H 64 0.55 -24.22 92.97
N CYS H 65 1.23 -23.08 92.68
CA CYS H 65 1.96 -22.29 93.66
C CYS H 65 1.05 -21.76 94.75
N LEU H 66 -0.15 -21.29 94.35
CA LEU H 66 -1.13 -20.69 95.22
C LEU H 66 -1.66 -21.65 96.24
N MET H 67 -1.98 -22.90 95.82
CA MET H 67 -2.50 -23.89 96.74
C MET H 67 -1.45 -24.36 97.71
N VAL H 68 -0.15 -24.39 97.30
CA VAL H 68 0.95 -24.69 98.18
C VAL H 68 1.09 -23.63 99.25
N SER H 69 0.87 -22.33 98.91
CA SER H 69 0.87 -21.23 99.85
C SER H 69 -0.17 -21.42 100.93
N PHE H 70 -1.42 -21.78 100.52
CA PHE H 70 -2.51 -22.00 101.43
C PHE H 70 -2.27 -23.16 102.36
N LEU H 71 -1.69 -24.27 101.83
CA LEU H 71 -1.32 -25.45 102.57
C LEU H 71 -0.28 -25.16 103.63
N LEU H 72 0.73 -24.34 103.29
CA LEU H 72 1.80 -23.97 104.18
C LEU H 72 1.31 -23.06 105.27
N LEU H 73 0.29 -22.22 105.00
CA LEU H 73 -0.40 -21.46 106.02
C LEU H 73 -1.19 -22.42 106.92
N MET I 1 13.32 -30.97 117.19
CA MET I 1 11.98 -31.47 116.75
C MET I 1 11.30 -30.38 115.98
N GLN I 2 11.03 -29.24 116.65
CA GLN I 2 10.29 -28.09 116.15
C GLN I 2 10.99 -27.59 114.92
N LEU I 3 12.34 -27.58 115.00
CA LEU I 3 13.27 -27.17 113.98
C LEU I 3 13.18 -27.99 112.71
N VAL I 4 12.98 -29.32 112.81
CA VAL I 4 12.88 -30.19 111.65
C VAL I 4 11.59 -29.92 110.91
N LEU I 5 10.48 -29.72 111.66
CA LEU I 5 9.16 -29.46 111.12
C LEU I 5 9.14 -28.13 110.42
N ALA I 6 9.78 -27.13 111.06
CA ALA I 6 9.97 -25.82 110.51
C ALA I 6 10.70 -25.87 109.20
N ALA I 7 11.82 -26.64 109.16
CA ALA I 7 12.69 -26.79 108.03
C ALA I 7 12.00 -27.35 106.84
N LYS I 8 11.12 -28.35 107.05
CA LYS I 8 10.33 -28.94 105.99
C LYS I 8 9.43 -27.93 105.31
N TYR I 9 8.75 -27.08 106.12
CA TYR I 9 7.87 -26.06 105.62
C TYR I 9 8.60 -24.99 104.85
N ILE I 10 9.77 -24.56 105.38
CA ILE I 10 10.63 -23.60 104.74
C ILE I 10 11.10 -24.09 103.40
N GLY I 11 11.61 -25.34 103.34
CA GLY I 11 12.14 -25.94 102.14
C GLY I 11 11.13 -26.04 101.04
N ALA I 12 9.85 -26.30 101.41
CA ALA I 12 8.72 -26.34 100.50
C ALA I 12 8.50 -25.01 99.83
N GLY I 13 8.55 -23.91 100.63
CA GLY I 13 8.38 -22.55 100.17
C GLY I 13 9.40 -22.20 99.13
N ILE I 14 10.69 -22.52 99.43
CA ILE I 14 11.84 -22.30 98.57
C ILE I 14 11.64 -22.99 97.25
N SER I 15 11.09 -24.23 97.26
CA SER I 15 10.85 -25.04 96.08
C SER I 15 9.85 -24.42 95.14
N THR I 16 8.89 -23.65 95.68
CA THR I 16 7.85 -22.95 94.95
C THR I 16 8.44 -21.95 93.96
N ILE I 17 9.62 -21.37 94.27
CA ILE I 17 10.36 -20.46 93.42
C ILE I 17 10.66 -21.09 92.06
N GLY I 18 10.99 -22.40 92.03
CA GLY I 18 11.33 -23.15 90.83
C GLY I 18 10.30 -23.08 89.72
N LEU I 19 8.99 -23.09 90.09
CA LEU I 19 7.84 -23.07 89.20
C LEU I 19 7.80 -21.87 88.28
N LEU I 20 8.32 -20.70 88.74
CA LEU I 20 8.24 -19.44 88.05
C LEU I 20 8.79 -19.55 86.65
N GLY I 21 9.89 -20.31 86.47
CA GLY I 21 10.58 -20.48 85.21
C GLY I 21 9.75 -21.17 84.18
N ALA I 22 8.93 -22.16 84.60
CA ALA I 22 8.00 -22.82 83.74
C ALA I 22 6.92 -21.88 83.29
N GLY I 23 6.49 -20.95 84.20
CA GLY I 23 5.46 -19.97 83.94
C GLY I 23 5.79 -19.09 82.77
N ILE I 24 7.04 -18.55 82.74
CA ILE I 24 7.55 -17.75 81.65
C ILE I 24 7.70 -18.60 80.41
N GLY I 25 8.14 -19.88 80.59
CA GLY I 25 8.45 -20.80 79.53
C GLY I 25 7.31 -21.11 78.61
N ILE I 26 6.13 -21.42 79.18
CA ILE I 26 4.93 -21.78 78.43
C ILE I 26 4.56 -20.66 77.50
N ALA I 27 4.60 -19.42 78.04
CA ALA I 27 4.33 -18.21 77.31
C ALA I 27 5.22 -18.03 76.12
N ILE I 28 6.53 -18.30 76.28
CA ILE I 28 7.52 -18.17 75.22
C ILE I 28 7.22 -19.06 74.04
N VAL I 29 6.78 -20.33 74.28
CA VAL I 29 6.46 -21.24 73.20
C VAL I 29 5.23 -20.74 72.45
N PHE I 30 4.21 -20.28 73.20
CA PHE I 30 2.99 -19.74 72.66
C PHE I 30 3.20 -18.45 71.91
N ALA I 31 4.14 -17.60 72.36
CA ALA I 31 4.48 -16.37 71.70
C ALA I 31 5.00 -16.64 70.32
N ALA I 32 5.88 -17.67 70.19
CA ALA I 32 6.42 -18.08 68.93
C ALA I 32 5.35 -18.61 68.02
N LEU I 33 4.39 -19.37 68.59
CA LEU I 33 3.25 -19.90 67.88
C LEU I 33 2.46 -18.81 67.22
N ILE I 34 2.12 -17.75 67.98
CA ILE I 34 1.37 -16.63 67.50
C ILE I 34 2.10 -15.92 66.40
N ASN I 35 3.43 -15.70 66.58
CA ASN I 35 4.25 -14.94 65.67
C ASN I 35 4.42 -15.65 64.36
N GLY I 36 4.57 -16.98 64.39
CA GLY I 36 4.71 -17.79 63.21
C GLY I 36 3.45 -17.83 62.40
N VAL I 37 2.32 -18.07 63.10
CA VAL I 37 1.00 -18.22 62.52
C VAL I 37 0.51 -16.94 61.89
N SER I 38 0.88 -15.78 62.49
CA SER I 38 0.57 -14.48 61.96
C SER I 38 1.40 -14.20 60.74
N ARG I 39 2.63 -14.79 60.68
CA ARG I 39 3.53 -14.64 59.56
C ARG I 39 3.02 -15.38 58.35
N ASN I 40 2.63 -16.66 58.50
CA ASN I 40 2.12 -17.47 57.41
C ASN I 40 0.67 -17.33 57.05
N PRO I 41 -0.20 -16.96 57.98
CA PRO I 41 -1.56 -17.47 57.97
C PRO I 41 -1.86 -18.94 57.80
N SER I 42 -0.88 -19.88 57.76
CA SER I 42 -1.25 -21.19 57.26
C SER I 42 -0.31 -22.26 57.71
N ILE I 43 0.66 -21.92 58.58
CA ILE I 43 1.66 -22.85 59.06
C ILE I 43 1.06 -23.87 60.02
N LYS I 44 -0.12 -23.54 60.60
CA LYS I 44 -0.67 -24.11 61.80
C LYS I 44 -0.74 -25.61 61.84
N ASP I 45 -1.03 -26.30 60.71
CA ASP I 45 -1.22 -27.73 60.76
C ASP I 45 0.06 -28.47 61.09
N THR I 46 1.23 -28.01 60.59
CA THR I 46 2.52 -28.56 60.98
C THR I 46 2.89 -28.10 62.37
N VAL I 47 2.73 -26.79 62.63
CA VAL I 47 3.20 -26.13 63.82
C VAL I 47 2.48 -26.50 65.08
N PHE I 48 1.16 -26.80 65.02
CA PHE I 48 0.36 -27.03 66.19
C PHE I 48 0.86 -28.20 67.04
N PRO I 49 1.19 -29.39 66.55
CA PRO I 49 1.74 -30.41 67.40
C PRO I 49 3.10 -30.06 67.96
N MET I 50 3.93 -29.34 67.18
CA MET I 50 5.23 -28.88 67.65
C MET I 50 5.12 -27.97 68.84
N ALA I 51 4.15 -27.03 68.78
CA ALA I 51 3.89 -26.08 69.84
C ALA I 51 3.45 -26.75 71.10
N ILE I 52 2.57 -27.77 70.99
CA ILE I 52 2.11 -28.54 72.11
C ILE I 52 3.27 -29.26 72.75
N LEU I 53 4.19 -29.84 71.94
CA LEU I 53 5.36 -30.56 72.39
C LEU I 53 6.26 -29.69 73.23
N GLY I 54 6.54 -28.47 72.74
CA GLY I 54 7.37 -27.53 73.45
C GLY I 54 6.79 -27.11 74.76
N PHE I 55 5.45 -26.91 74.80
CA PHE I 55 4.70 -26.59 75.99
C PHE I 55 4.89 -27.66 77.04
N ALA I 56 4.69 -28.93 76.65
CA ALA I 56 4.72 -30.05 77.56
C ALA I 56 6.05 -30.23 78.22
N LEU I 57 7.14 -30.15 77.41
CA LEU I 57 8.48 -30.34 77.87
C LEU I 57 8.92 -29.26 78.82
N SER I 58 8.62 -27.99 78.50
CA SER I 58 8.90 -26.84 79.32
C SER I 58 8.18 -26.94 80.66
N GLU I 59 6.88 -27.33 80.60
CA GLU I 59 5.98 -27.50 81.73
C GLU I 59 6.48 -28.52 82.71
N ALA I 60 7.02 -29.64 82.18
CA ALA I 60 7.46 -30.78 82.97
C ALA I 60 8.53 -30.41 83.95
N THR I 61 9.43 -29.47 83.57
CA THR I 61 10.48 -28.98 84.43
C THR I 61 9.91 -28.29 85.67
N GLY I 62 8.86 -27.46 85.49
CA GLY I 62 8.19 -26.78 86.58
C GLY I 62 7.51 -27.74 87.49
N LEU I 63 6.90 -28.81 86.91
CA LEU I 63 6.28 -29.88 87.63
C LEU I 63 7.26 -30.58 88.53
N PHE I 64 8.51 -30.78 88.08
CA PHE I 64 9.56 -31.38 88.89
C PHE I 64 9.82 -30.54 90.11
N CYS I 65 9.84 -29.19 89.96
CA CYS I 65 9.99 -28.25 91.06
C CYS I 65 8.89 -28.43 92.06
N LEU I 66 7.64 -28.56 91.54
CA LEU I 66 6.44 -28.71 92.30
C LEU I 66 6.41 -29.96 93.12
N MET I 67 6.83 -31.12 92.54
CA MET I 67 6.80 -32.36 93.27
C MET I 67 7.80 -32.39 94.38
N VAL I 68 8.96 -31.70 94.21
CA VAL I 68 9.92 -31.51 95.26
C VAL I 68 9.32 -30.65 96.35
N SER I 69 8.48 -29.65 95.97
CA SER I 69 7.77 -28.82 96.91
C SER I 69 6.83 -29.67 97.73
N PHE I 70 6.11 -30.62 97.09
CA PHE I 70 5.23 -31.54 97.75
C PHE I 70 5.95 -32.49 98.66
N LEU I 71 7.14 -33.00 98.24
CA LEU I 71 7.96 -33.87 99.04
C LEU I 71 8.40 -33.22 100.31
N LEU I 72 8.79 -31.94 100.27
CA LEU I 72 9.16 -31.13 101.41
C LEU I 72 7.98 -30.72 102.25
N LEU I 73 6.81 -30.49 101.61
CA LEU I 73 5.61 -30.00 102.25
C LEU I 73 5.06 -31.07 103.13
N PHE I 74 4.90 -32.29 102.57
CA PHE I 74 4.40 -33.44 103.28
C PHE I 74 5.50 -34.00 104.14
N GLY I 75 6.77 -33.91 103.68
CA GLY I 75 7.93 -34.46 104.36
C GLY I 75 8.42 -35.69 103.61
N GLN J 2 16.61 -32.63 115.03
CA GLN J 2 18.08 -32.42 115.03
C GLN J 2 18.46 -31.59 113.84
N LEU J 3 19.59 -30.85 114.00
CA LEU J 3 20.05 -29.87 113.06
C LEU J 3 20.31 -30.44 111.69
N VAL J 4 20.94 -31.64 111.62
CA VAL J 4 21.32 -32.29 110.38
C VAL J 4 20.12 -32.66 109.54
N LEU J 5 19.03 -33.15 110.16
CA LEU J 5 17.85 -33.60 109.47
C LEU J 5 17.10 -32.43 108.89
N ALA J 6 17.06 -31.31 109.65
CA ALA J 6 16.52 -30.05 109.23
C ALA J 6 17.27 -29.52 108.03
N ALA J 7 18.62 -29.58 108.08
CA ALA J 7 19.54 -29.09 107.08
C ALA J 7 19.39 -29.77 105.76
N LYS J 8 19.10 -31.10 105.77
CA LYS J 8 18.78 -31.85 104.58
C LYS J 8 17.59 -31.28 103.86
N TYR J 9 16.49 -31.02 104.61
CA TYR J 9 15.27 -30.49 104.05
C TYR J 9 15.42 -29.09 103.52
N ILE J 10 16.16 -28.21 104.24
CA ILE J 10 16.46 -26.86 103.78
C ILE J 10 17.24 -26.90 102.49
N GLY J 11 18.32 -27.72 102.47
CA GLY J 11 19.26 -27.84 101.38
C GLY J 11 18.58 -28.26 100.12
N ALA J 12 17.65 -29.22 100.24
CA ALA J 12 16.81 -29.75 99.20
C ALA J 12 15.99 -28.66 98.56
N GLY J 13 15.37 -27.79 99.39
CA GLY J 13 14.54 -26.70 98.92
C GLY J 13 15.31 -25.77 98.03
N ILE J 14 16.53 -25.38 98.46
CA ILE J 14 17.42 -24.48 97.77
C ILE J 14 17.78 -24.99 96.38
N SER J 15 18.10 -26.30 96.26
CA SER J 15 18.49 -26.94 95.02
C SER J 15 17.46 -26.87 93.92
N THR J 16 16.16 -26.87 94.32
CA THR J 16 15.00 -26.83 93.46
C THR J 16 14.93 -25.58 92.63
N ILE J 17 15.47 -24.45 93.14
CA ILE J 17 15.55 -23.18 92.44
C ILE J 17 16.28 -23.30 91.12
N GLY J 18 17.33 -24.14 91.04
CA GLY J 18 18.15 -24.33 89.86
C GLY J 18 17.39 -24.72 88.61
N LEU J 19 16.31 -25.53 88.77
CA LEU J 19 15.46 -26.01 87.71
C LEU J 19 14.78 -24.95 86.87
N LEU J 20 14.46 -23.76 87.45
CA LEU J 20 13.72 -22.72 86.76
C LEU J 20 14.36 -22.28 85.45
N GLY J 21 15.70 -22.14 85.42
CA GLY J 21 16.46 -21.70 84.27
C GLY J 21 16.38 -22.65 83.12
N ALA J 22 16.46 -23.97 83.42
CA ALA J 22 16.36 -25.03 82.45
C ALA J 22 15.02 -25.03 81.77
N GLY J 23 13.93 -24.76 82.53
CA GLY J 23 12.57 -24.73 82.06
C GLY J 23 12.37 -23.69 81.01
N ILE J 24 12.97 -22.49 81.26
CA ILE J 24 12.98 -21.36 80.36
C ILE J 24 13.75 -21.75 79.13
N GLY J 25 14.88 -22.48 79.31
CA GLY J 25 15.74 -22.91 78.25
C GLY J 25 15.02 -23.76 77.24
N ILE J 26 14.24 -24.76 77.70
CA ILE J 26 13.48 -25.64 76.84
C ILE J 26 12.55 -24.85 75.95
N ALA J 27 11.84 -23.85 76.54
CA ALA J 27 10.94 -22.98 75.83
C ALA J 27 11.59 -22.18 74.72
N ILE J 28 12.82 -21.67 74.96
CA ILE J 28 13.57 -20.90 74.01
C ILE J 28 13.91 -21.70 72.76
N VAL J 29 14.28 -22.99 72.92
CA VAL J 29 14.57 -23.86 71.79
C VAL J 29 13.33 -24.06 70.94
N PHE J 30 12.19 -24.36 71.59
CA PHE J 30 10.93 -24.60 70.94
C PHE J 30 10.37 -23.38 70.26
N ALA J 31 10.62 -22.19 70.84
CA ALA J 31 10.23 -20.96 70.22
C ALA J 31 10.94 -20.78 68.91
N ALA J 32 12.25 -21.09 68.87
CA ALA J 32 13.07 -21.04 67.69
C ALA J 32 12.65 -22.01 66.64
N LEU J 33 12.20 -23.22 67.06
CA LEU J 33 11.67 -24.25 66.17
C LEU J 33 10.50 -23.71 65.40
N ILE J 34 9.54 -23.08 66.11
CA ILE J 34 8.34 -22.55 65.53
C ILE J 34 8.63 -21.40 64.60
N ASN J 35 9.58 -20.50 64.98
CA ASN J 35 9.99 -19.37 64.19
C ASN J 35 10.65 -19.81 62.90
N GLY J 36 11.50 -20.85 62.97
CA GLY J 36 12.19 -21.39 61.82
C GLY J 36 11.24 -22.00 60.84
N VAL J 37 10.28 -22.81 61.34
CA VAL J 37 9.28 -23.47 60.53
C VAL J 37 8.39 -22.48 59.84
N SER J 38 7.96 -21.43 60.57
CA SER J 38 7.10 -20.39 60.05
C SER J 38 7.83 -19.55 59.06
N ARG J 39 9.17 -19.45 59.18
CA ARG J 39 9.99 -18.70 58.27
C ARG J 39 10.15 -19.41 56.95
N ASN J 40 10.34 -20.74 56.94
CA ASN J 40 10.65 -21.49 55.74
C ASN J 40 9.40 -22.07 55.09
N PRO J 41 8.30 -22.23 55.82
CA PRO J 41 7.38 -23.34 55.60
C PRO J 41 7.87 -24.75 55.46
N SER J 42 9.15 -25.11 55.62
CA SER J 42 9.54 -26.42 55.17
C SER J 42 10.82 -26.86 55.79
N ILE J 43 11.36 -26.10 56.76
CA ILE J 43 12.63 -26.45 57.40
C ILE J 43 12.46 -27.61 58.36
N LYS J 44 11.20 -28.02 58.66
CA LYS J 44 10.85 -28.83 59.79
C LYS J 44 11.57 -30.14 59.90
N ASP J 45 11.76 -30.85 58.77
CA ASP J 45 12.39 -32.15 58.77
C ASP J 45 13.88 -32.10 59.06
N THR J 46 14.58 -31.05 58.60
CA THR J 46 16.00 -30.84 58.86
C THR J 46 16.24 -30.42 60.28
N VAL J 47 15.37 -29.52 60.77
CA VAL J 47 15.41 -28.91 62.07
C VAL J 47 15.03 -29.86 63.15
N PHE J 48 14.17 -30.87 62.88
CA PHE J 48 13.66 -31.76 63.89
C PHE J 48 14.73 -32.49 64.67
N PRO J 49 15.80 -33.10 64.14
CA PRO J 49 16.86 -33.66 64.95
C PRO J 49 17.60 -32.60 65.73
N MET J 50 17.76 -31.38 65.19
CA MET J 50 18.38 -30.27 65.91
C MET J 50 17.61 -29.95 67.15
N ALA J 51 16.26 -29.91 67.03
CA ALA J 51 15.34 -29.57 68.08
C ALA J 51 15.40 -30.57 69.19
N ILE J 52 15.46 -31.88 68.86
CA ILE J 52 15.58 -32.92 69.86
C ILE J 52 16.88 -32.80 70.60
N LEU J 53 17.99 -32.53 69.88
CA LEU J 53 19.30 -32.36 70.44
C LEU J 53 19.36 -31.22 71.41
N GLY J 54 18.79 -30.06 71.03
CA GLY J 54 18.74 -28.88 71.84
C GLY J 54 17.92 -29.05 73.08
N PHE J 55 16.77 -29.75 72.97
CA PHE J 55 15.91 -30.08 74.08
C PHE J 55 16.67 -30.86 75.10
N ALA J 56 17.37 -31.91 74.65
CA ALA J 56 18.06 -32.84 75.49
C ALA J 56 19.13 -32.17 76.30
N LEU J 57 19.93 -31.29 75.67
CA LEU J 57 21.02 -30.61 76.32
C LEU J 57 20.56 -29.60 77.35
N SER J 58 19.50 -28.83 77.04
CA SER J 58 18.88 -27.90 77.98
C SER J 58 18.33 -28.64 79.19
N GLU J 59 17.59 -29.73 78.91
CA GLU J 59 16.99 -30.61 79.88
C GLU J 59 17.99 -31.23 80.82
N ALA J 60 19.18 -31.63 80.29
CA ALA J 60 20.24 -32.28 81.04
C ALA J 60 20.74 -31.43 82.17
N THR J 61 20.84 -30.10 81.94
CA THR J 61 21.27 -29.17 82.97
C THR J 61 20.27 -29.12 84.10
N GLY J 62 18.95 -29.16 83.76
CA GLY J 62 17.86 -29.22 84.71
C GLY J 62 17.85 -30.48 85.53
N LEU J 63 18.14 -31.60 84.86
CA LEU J 63 18.20 -32.92 85.42
C LEU J 63 19.25 -32.99 86.48
N PHE J 64 20.42 -32.34 86.25
CA PHE J 64 21.48 -32.27 87.22
C PHE J 64 21.04 -31.56 88.48
N CYS J 65 20.25 -30.46 88.35
CA CYS J 65 19.69 -29.77 89.50
C CYS J 65 18.78 -30.68 90.29
N LEU J 66 17.94 -31.44 89.58
CA LEU J 66 16.97 -32.33 90.17
C LEU J 66 17.61 -33.46 90.92
N MET J 67 18.66 -34.11 90.35
CA MET J 67 19.29 -35.26 90.97
C MET J 67 20.05 -34.87 92.20
N VAL J 68 20.65 -33.65 92.20
CA VAL J 68 21.30 -33.10 93.36
C VAL J 68 20.29 -32.86 94.46
N SER J 69 19.06 -32.42 94.09
CA SER J 69 17.98 -32.19 95.02
C SER J 69 17.58 -33.50 95.68
N PHE J 70 17.40 -34.57 94.89
CA PHE J 70 17.02 -35.89 95.35
C PHE J 70 18.06 -36.48 96.26
N LEU J 71 19.35 -36.33 95.89
CA LEU J 71 20.46 -36.81 96.67
C LEU J 71 20.49 -36.20 98.04
N LEU J 72 20.24 -34.87 98.15
CA LEU J 72 20.19 -34.17 99.41
C LEU J 72 18.98 -34.50 100.25
N LEU J 73 17.82 -34.75 99.59
CA LEU J 73 16.57 -35.00 100.26
C LEU J 73 16.59 -36.35 100.90
N PHE J 74 16.93 -37.39 100.12
CA PHE J 74 16.93 -38.77 100.53
C PHE J 74 18.16 -39.05 101.34
N GLY J 75 19.32 -38.50 100.91
CA GLY J 75 20.59 -38.76 101.53
C GLY J 75 21.16 -40.04 100.92
N GLU K 9 -14.72 -40.74 -63.85
CA GLU K 9 -14.79 -40.25 -62.45
C GLU K 9 -14.28 -38.85 -62.45
N VAL K 10 -12.97 -38.64 -62.18
CA VAL K 10 -12.35 -37.36 -62.30
C VAL K 10 -12.41 -36.89 -63.72
N SER K 11 -12.24 -37.82 -64.68
CA SER K 11 -12.46 -37.57 -66.08
C SER K 11 -13.85 -37.17 -66.41
N SER K 12 -14.88 -37.84 -65.84
CA SER K 12 -16.25 -37.50 -66.11
C SER K 12 -16.62 -36.13 -65.59
N ILE K 13 -16.17 -35.77 -64.37
CA ILE K 13 -16.48 -34.49 -63.78
C ILE K 13 -15.86 -33.36 -64.55
N LEU K 14 -14.61 -33.58 -65.04
CA LEU K 14 -13.90 -32.60 -65.81
C LEU K 14 -14.56 -32.41 -67.14
N GLU K 15 -15.01 -33.54 -67.76
CA GLU K 15 -15.67 -33.54 -69.03
C GLU K 15 -17.00 -32.83 -68.99
N GLU K 16 -17.77 -33.02 -67.89
CA GLU K 16 -18.99 -32.30 -67.67
C GLU K 16 -18.75 -30.83 -67.59
N ARG K 17 -17.68 -30.44 -66.87
CA ARG K 17 -17.28 -29.07 -66.77
C ARG K 17 -16.86 -28.44 -68.08
N ILE K 18 -16.09 -29.17 -68.93
CA ILE K 18 -15.66 -28.67 -70.22
C ILE K 18 -16.82 -28.46 -71.12
N LYS K 19 -17.82 -29.36 -71.07
CA LYS K 19 -19.04 -29.27 -71.81
C LYS K 19 -19.82 -28.05 -71.40
N GLY K 20 -19.73 -27.67 -70.11
CA GLY K 20 -20.38 -26.50 -69.57
C GLY K 20 -19.74 -25.20 -69.96
N VAL K 21 -18.72 -25.21 -70.84
CA VAL K 21 -18.20 -24.00 -71.42
C VAL K 21 -18.89 -24.01 -72.74
N SER K 22 -19.64 -22.94 -73.07
CA SER K 22 -20.42 -22.89 -74.29
C SER K 22 -20.82 -21.47 -74.54
N ASP K 23 -20.02 -20.76 -75.37
CA ASP K 23 -20.36 -19.51 -76.03
C ASP K 23 -20.46 -18.31 -75.11
N GLU K 24 -20.12 -17.12 -75.65
CA GLU K 24 -20.11 -15.86 -74.94
C GLU K 24 -21.10 -15.01 -75.67
N ALA K 25 -21.83 -14.15 -74.92
CA ALA K 25 -22.88 -13.33 -75.46
C ALA K 25 -22.39 -11.92 -75.47
N ASN K 26 -23.00 -11.13 -76.38
CA ASN K 26 -22.71 -9.74 -76.60
C ASN K 26 -23.55 -9.04 -75.57
N LEU K 27 -23.11 -7.84 -75.15
CA LEU K 27 -23.77 -7.07 -74.14
C LEU K 27 -22.78 -6.05 -73.75
N ASN K 28 -23.29 -5.02 -73.01
CA ASN K 28 -22.58 -3.87 -72.57
C ASN K 28 -21.56 -4.34 -71.58
N GLU K 29 -20.30 -4.26 -72.01
CA GLU K 29 -19.17 -4.65 -71.25
C GLU K 29 -18.15 -3.69 -71.74
N THR K 30 -16.95 -3.79 -71.18
CA THR K 30 -15.77 -3.12 -71.64
C THR K 30 -15.78 -1.71 -71.15
N GLY K 31 -14.80 -1.47 -70.28
CA GLY K 31 -14.33 -0.17 -69.92
C GLY K 31 -12.88 -0.42 -70.13
N ARG K 32 -12.05 0.63 -70.14
CA ARG K 32 -10.63 0.42 -70.24
C ARG K 32 -9.93 1.11 -69.13
N VAL K 33 -8.99 0.37 -68.52
CA VAL K 33 -8.42 0.71 -67.25
C VAL K 33 -7.43 1.80 -67.63
N LEU K 34 -7.16 2.75 -66.73
CA LEU K 34 -6.26 3.84 -67.03
C LEU K 34 -5.34 3.88 -65.86
N ALA K 35 -5.70 4.69 -64.85
CA ALA K 35 -4.88 4.93 -63.71
C ALA K 35 -5.28 3.90 -62.72
N VAL K 36 -4.30 3.09 -62.30
CA VAL K 36 -4.61 1.89 -61.60
C VAL K 36 -3.43 1.67 -60.74
N GLY K 37 -3.71 1.09 -59.55
CA GLY K 37 -2.78 0.91 -58.49
C GLY K 37 -3.31 1.81 -57.44
N ASP K 38 -3.01 1.46 -56.17
CA ASP K 38 -3.58 2.03 -54.98
C ASP K 38 -4.93 1.37 -54.75
N GLY K 39 -5.11 0.17 -55.35
CA GLY K 39 -6.27 -0.68 -55.25
C GLY K 39 -7.54 -0.11 -55.79
N ILE K 40 -7.46 0.92 -56.64
CA ILE K 40 -8.61 1.42 -57.32
C ILE K 40 -8.11 1.68 -58.67
N ALA K 41 -9.04 1.59 -59.64
CA ALA K 41 -8.73 1.67 -61.02
C ALA K 41 -9.71 2.66 -61.49
N ARG K 42 -9.40 3.35 -62.59
CA ARG K 42 -10.23 4.40 -63.08
C ARG K 42 -10.39 3.87 -64.45
N VAL K 43 -11.64 3.71 -64.85
CA VAL K 43 -12.00 2.96 -66.01
C VAL K 43 -12.70 3.98 -66.82
N PHE K 44 -12.59 3.82 -68.16
CA PHE K 44 -13.15 4.73 -69.11
C PHE K 44 -14.25 3.97 -69.77
N GLY K 45 -15.45 4.56 -69.80
CA GLY K 45 -16.64 3.96 -70.35
C GLY K 45 -17.51 3.50 -69.23
N LEU K 46 -18.10 2.28 -69.38
CA LEU K 46 -19.04 1.68 -68.43
C LEU K 46 -20.20 2.63 -68.23
N ASN K 47 -20.71 3.17 -69.36
CA ASN K 47 -21.60 4.32 -69.40
C ASN K 47 -22.84 4.12 -68.60
N ASN K 48 -23.46 2.94 -68.70
CA ASN K 48 -24.64 2.63 -67.95
C ASN K 48 -24.18 1.53 -67.08
N ILE K 49 -24.17 1.79 -65.76
CA ILE K 49 -23.67 0.85 -64.80
C ILE K 49 -24.51 1.11 -63.60
N GLN K 50 -25.10 0.05 -63.00
CA GLN K 50 -25.83 0.10 -61.76
C GLN K 50 -24.87 0.42 -60.64
N ALA K 51 -25.33 1.12 -59.58
CA ALA K 51 -24.40 1.59 -58.57
C ALA K 51 -24.14 0.51 -57.57
N GLU K 52 -22.84 0.29 -57.25
CA GLU K 52 -22.34 -0.79 -56.44
C GLU K 52 -22.45 -2.10 -57.15
N GLU K 53 -22.16 -2.09 -58.47
CA GLU K 53 -22.24 -3.27 -59.29
C GLU K 53 -21.07 -4.11 -58.92
N LEU K 54 -21.05 -5.37 -59.41
CA LEU K 54 -19.88 -6.18 -59.38
C LEU K 54 -19.48 -6.08 -60.82
N VAL K 55 -18.20 -5.80 -61.09
CA VAL K 55 -17.64 -5.84 -62.41
C VAL K 55 -16.62 -6.90 -62.30
N GLU K 56 -16.38 -7.63 -63.40
CA GLU K 56 -15.32 -8.58 -63.48
C GLU K 56 -14.41 -8.06 -64.53
N PHE K 57 -13.12 -7.90 -64.21
CA PHE K 57 -12.11 -7.40 -65.11
C PHE K 57 -11.69 -8.60 -65.88
N SER K 58 -11.08 -8.36 -67.04
CA SER K 58 -10.50 -9.40 -67.87
C SER K 58 -9.11 -9.67 -67.39
N SER K 59 -8.80 -9.17 -66.18
CA SER K 59 -7.65 -9.51 -65.42
C SER K 59 -8.07 -10.66 -64.55
N GLY K 60 -9.33 -11.12 -64.68
CA GLY K 60 -9.84 -12.28 -64.01
C GLY K 60 -10.00 -12.04 -62.55
N VAL K 61 -10.59 -10.89 -62.19
CA VAL K 61 -10.70 -10.50 -60.81
C VAL K 61 -11.86 -9.58 -60.89
N LYS K 62 -12.51 -9.31 -59.74
CA LYS K 62 -13.77 -8.60 -59.75
C LYS K 62 -13.58 -7.48 -58.79
N GLY K 63 -14.39 -6.43 -58.97
CA GLY K 63 -14.31 -5.24 -58.17
C GLY K 63 -15.68 -4.71 -58.09
N MET K 64 -15.91 -3.80 -57.12
CA MET K 64 -17.19 -3.22 -56.88
C MET K 64 -17.04 -1.79 -57.25
N ALA K 65 -17.91 -1.30 -58.18
CA ALA K 65 -17.89 0.07 -58.63
C ALA K 65 -18.30 0.90 -57.46
N LEU K 66 -17.52 1.93 -57.11
CA LEU K 66 -17.84 2.76 -55.97
C LEU K 66 -18.24 4.12 -56.39
N ASN K 67 -17.45 4.76 -57.28
CA ASN K 67 -17.64 6.14 -57.59
C ASN K 67 -18.05 6.23 -59.01
N LEU K 68 -19.28 6.70 -59.25
CA LEU K 68 -19.80 6.81 -60.59
C LEU K 68 -19.68 8.28 -60.77
N GLU K 69 -18.85 8.71 -61.72
CA GLU K 69 -18.44 10.08 -61.83
C GLU K 69 -18.71 10.45 -63.25
N PRO K 70 -18.82 11.71 -63.61
CA PRO K 70 -19.10 12.10 -64.98
C PRO K 70 -17.91 11.73 -65.83
N GLY K 71 -18.07 10.74 -66.73
CA GLY K 71 -17.06 10.36 -67.68
C GLY K 71 -16.11 9.31 -67.20
N GLN K 72 -16.17 8.89 -65.92
CA GLN K 72 -15.24 7.90 -65.46
C GLN K 72 -15.94 7.16 -64.37
N VAL K 73 -15.49 5.92 -64.11
CA VAL K 73 -16.04 5.15 -63.05
C VAL K 73 -14.80 4.67 -62.37
N GLY K 74 -14.84 4.62 -61.03
CA GLY K 74 -13.70 4.21 -60.25
C GLY K 74 -14.07 2.95 -59.57
N ILE K 75 -13.57 1.81 -60.10
CA ILE K 75 -13.82 0.52 -59.52
C ILE K 75 -12.92 0.42 -58.32
N VAL K 76 -13.26 -0.46 -57.36
CA VAL K 76 -12.43 -0.75 -56.24
C VAL K 76 -12.20 -2.19 -56.43
N LEU K 77 -10.92 -2.62 -56.39
CA LEU K 77 -10.58 -3.96 -56.79
C LEU K 77 -10.78 -4.82 -55.59
N PHE K 78 -11.72 -5.79 -55.71
CA PHE K 78 -11.99 -6.76 -54.68
C PHE K 78 -11.12 -7.92 -54.96
N GLY K 79 -9.82 -7.81 -54.60
CA GLY K 79 -8.84 -8.78 -55.02
C GLY K 79 -7.59 -8.04 -55.38
N SER K 80 -6.53 -8.85 -55.64
CA SER K 80 -5.16 -8.44 -55.88
C SER K 80 -4.99 -7.54 -57.07
N ASP K 81 -4.11 -6.54 -56.89
CA ASP K 81 -3.82 -5.51 -57.85
C ASP K 81 -2.80 -6.02 -58.82
N ARG K 82 -2.14 -7.15 -58.47
CA ARG K 82 -1.00 -7.70 -59.16
C ARG K 82 -1.35 -8.03 -60.57
N LEU K 83 -2.56 -8.60 -60.78
CA LEU K 83 -3.00 -9.05 -62.06
C LEU K 83 -3.69 -7.98 -62.84
N VAL K 84 -4.12 -6.88 -62.18
CA VAL K 84 -4.82 -5.80 -62.85
C VAL K 84 -3.75 -4.91 -63.42
N LYS K 85 -3.99 -4.31 -64.59
CA LYS K 85 -3.00 -3.47 -65.21
C LYS K 85 -3.74 -2.55 -66.15
N GLU K 86 -3.03 -1.50 -66.59
CA GLU K 86 -3.52 -0.43 -67.42
C GLU K 86 -4.00 -0.94 -68.74
N GLY K 87 -5.08 -0.32 -69.26
CA GLY K 87 -5.68 -0.63 -70.53
C GLY K 87 -6.22 -2.01 -70.63
N GLU K 88 -6.82 -2.52 -69.54
CA GLU K 88 -7.39 -3.83 -69.52
C GLU K 88 -8.84 -3.58 -69.67
N LEU K 89 -9.59 -4.63 -70.05
CA LEU K 89 -10.94 -4.48 -70.47
C LEU K 89 -11.72 -4.92 -69.28
N VAL K 90 -12.68 -4.09 -68.84
CA VAL K 90 -13.38 -4.35 -67.62
C VAL K 90 -14.71 -4.71 -68.13
N LYS K 91 -15.31 -5.81 -67.67
CA LYS K 91 -16.55 -6.24 -68.25
C LYS K 91 -17.49 -6.14 -67.13
N ARG K 92 -18.72 -5.68 -67.42
CA ARG K 92 -19.74 -5.49 -66.44
C ARG K 92 -20.35 -6.82 -66.11
N THR K 93 -20.43 -7.20 -64.80
CA THR K 93 -21.18 -8.39 -64.43
C THR K 93 -22.60 -8.02 -64.68
N GLY K 94 -22.97 -6.77 -64.32
CA GLY K 94 -24.25 -6.22 -64.63
C GLY K 94 -25.14 -6.33 -63.45
N ASN K 95 -24.61 -6.80 -62.30
CA ASN K 95 -25.44 -7.14 -61.18
C ASN K 95 -24.78 -6.55 -60.00
N ILE K 96 -25.60 -6.17 -58.99
CA ILE K 96 -25.16 -5.60 -57.75
C ILE K 96 -24.58 -6.75 -57.00
N VAL K 97 -23.69 -6.49 -56.03
CA VAL K 97 -22.94 -7.52 -55.37
C VAL K 97 -23.90 -8.35 -54.57
N ASP K 98 -23.95 -9.66 -54.89
CA ASP K 98 -24.80 -10.63 -54.27
C ASP K 98 -23.88 -11.77 -54.03
N VAL K 99 -24.25 -12.65 -53.09
CA VAL K 99 -23.45 -13.77 -52.70
C VAL K 99 -24.42 -14.91 -52.59
N PRO K 100 -24.11 -16.16 -52.94
CA PRO K 100 -25.05 -17.25 -52.82
C PRO K 100 -25.46 -17.44 -51.39
N VAL K 101 -26.76 -17.67 -51.12
CA VAL K 101 -27.30 -17.89 -49.80
C VAL K 101 -28.17 -19.10 -49.96
N GLY K 102 -28.33 -19.94 -48.92
CA GLY K 102 -29.16 -21.11 -49.08
C GLY K 102 -28.99 -21.98 -47.88
N PRO K 103 -29.27 -23.27 -47.99
CA PRO K 103 -29.24 -24.14 -46.84
C PRO K 103 -27.98 -24.94 -46.91
N GLY K 104 -27.37 -25.08 -48.09
CA GLY K 104 -26.31 -26.05 -48.30
C GLY K 104 -24.98 -25.48 -47.97
N LEU K 105 -24.94 -24.22 -47.48
CA LEU K 105 -23.72 -23.61 -47.00
C LEU K 105 -23.36 -24.20 -45.66
N LEU K 106 -24.34 -24.86 -44.98
CA LEU K 106 -24.14 -25.50 -43.70
C LEU K 106 -23.08 -26.56 -43.82
N GLY K 107 -22.11 -26.50 -42.90
CA GLY K 107 -20.95 -27.34 -42.83
C GLY K 107 -20.05 -27.21 -44.01
N ARG K 108 -19.86 -25.99 -44.56
CA ARG K 108 -18.93 -25.82 -45.64
C ARG K 108 -18.14 -24.61 -45.29
N VAL K 109 -16.79 -24.73 -45.25
CA VAL K 109 -15.96 -23.55 -45.13
C VAL K 109 -16.02 -22.93 -46.50
N VAL K 110 -16.11 -21.60 -46.59
CA VAL K 110 -16.12 -20.88 -47.84
C VAL K 110 -15.30 -19.67 -47.55
N ASP K 111 -14.74 -19.04 -48.60
CA ASP K 111 -14.10 -17.75 -48.47
C ASP K 111 -15.13 -16.72 -48.84
N ALA K 112 -14.69 -15.46 -49.03
CA ALA K 112 -15.55 -14.31 -49.15
C ALA K 112 -16.15 -14.21 -50.51
N LEU K 113 -15.62 -14.94 -51.49
CA LEU K 113 -16.18 -14.98 -52.82
C LEU K 113 -17.11 -16.16 -52.89
N GLY K 114 -17.25 -16.88 -51.76
CA GLY K 114 -18.10 -18.02 -51.63
C GLY K 114 -17.47 -19.22 -52.24
N ASN K 115 -16.18 -19.13 -52.61
CA ASN K 115 -15.47 -20.24 -53.18
C ASN K 115 -15.29 -21.25 -52.07
N PRO K 116 -15.56 -22.53 -52.29
CA PRO K 116 -15.45 -23.54 -51.27
C PRO K 116 -14.01 -23.71 -50.88
N ILE K 117 -13.56 -23.21 -49.71
CA ILE K 117 -12.16 -23.37 -49.37
C ILE K 117 -12.06 -24.60 -48.51
N ASP K 118 -13.23 -25.25 -48.23
CA ASP K 118 -13.27 -26.61 -47.76
C ASP K 118 -13.00 -27.51 -48.94
N GLY K 119 -13.20 -27.00 -50.17
CA GLY K 119 -12.85 -27.66 -51.40
C GLY K 119 -13.67 -28.89 -51.60
N LYS K 120 -14.93 -28.85 -51.10
CA LYS K 120 -15.85 -29.93 -51.26
C LYS K 120 -16.68 -29.64 -52.47
N GLY K 121 -16.12 -28.87 -53.42
CA GLY K 121 -16.73 -28.54 -54.67
C GLY K 121 -17.85 -27.57 -54.48
N PRO K 122 -18.50 -27.18 -55.57
CA PRO K 122 -19.65 -26.29 -55.60
C PRO K 122 -20.63 -26.41 -54.48
N ILE K 123 -21.04 -25.25 -53.94
CA ILE K 123 -21.86 -25.17 -52.76
C ILE K 123 -23.28 -25.19 -53.27
N ASP K 124 -24.19 -25.85 -52.53
CA ASP K 124 -25.61 -25.85 -52.85
C ASP K 124 -26.17 -24.65 -52.15
N ALA K 125 -26.83 -23.76 -52.91
CA ALA K 125 -27.27 -22.49 -52.38
C ALA K 125 -28.53 -22.20 -53.11
N ALA K 126 -29.60 -21.87 -52.36
CA ALA K 126 -30.91 -21.60 -52.87
C ALA K 126 -30.99 -20.41 -53.79
N GLY K 127 -30.32 -19.30 -53.41
CA GLY K 127 -30.43 -18.02 -54.05
C GLY K 127 -29.11 -17.37 -53.98
N ARG K 128 -29.07 -16.08 -54.36
CA ARG K 128 -27.97 -15.21 -54.06
C ARG K 128 -28.73 -14.02 -53.54
N SER K 129 -28.11 -13.21 -52.66
CA SER K 129 -28.77 -12.07 -52.08
C SER K 129 -27.78 -10.97 -51.90
N ARG K 130 -28.23 -9.71 -52.13
CA ARG K 130 -27.40 -8.54 -52.14
C ARG K 130 -26.69 -8.39 -50.83
N ALA K 131 -25.40 -8.00 -50.90
CA ALA K 131 -24.50 -7.88 -49.78
C ALA K 131 -24.97 -6.92 -48.74
N GLN K 132 -25.52 -5.76 -49.16
CA GLN K 132 -26.09 -4.81 -48.25
C GLN K 132 -27.56 -5.01 -48.32
N VAL K 133 -28.20 -5.15 -47.16
CA VAL K 133 -29.63 -5.26 -47.06
C VAL K 133 -29.91 -4.56 -45.78
N LYS K 134 -30.96 -3.70 -45.81
CA LYS K 134 -31.44 -2.93 -44.69
C LYS K 134 -32.01 -3.80 -43.60
N ALA K 135 -31.91 -3.34 -42.34
CA ALA K 135 -32.38 -4.06 -41.19
C ALA K 135 -33.89 -4.00 -41.12
N PRO K 136 -34.62 -5.02 -40.66
CA PRO K 136 -36.06 -4.97 -40.49
C PRO K 136 -36.54 -3.91 -39.55
N GLY K 137 -37.68 -3.28 -39.88
CA GLY K 137 -38.34 -2.24 -39.15
C GLY K 137 -38.77 -2.61 -37.76
N ILE K 138 -39.38 -1.63 -37.07
CA ILE K 138 -39.87 -1.74 -35.73
C ILE K 138 -40.92 -2.81 -35.68
N LEU K 139 -41.85 -2.77 -36.67
CA LEU K 139 -42.95 -3.68 -36.74
C LEU K 139 -42.50 -5.11 -36.89
N PRO K 140 -41.54 -5.48 -37.72
CA PRO K 140 -40.98 -6.81 -37.63
C PRO K 140 -39.85 -6.83 -36.64
N ARG K 141 -40.16 -7.25 -35.40
CA ARG K 141 -39.23 -7.27 -34.32
C ARG K 141 -40.14 -7.67 -33.21
N ARG K 142 -39.87 -8.84 -32.58
CA ARG K 142 -40.59 -9.31 -31.41
C ARG K 142 -39.53 -9.43 -30.37
N SER K 143 -39.84 -8.96 -29.15
CA SER K 143 -38.97 -9.00 -28.00
C SER K 143 -38.58 -10.41 -27.66
N VAL K 144 -37.31 -10.57 -27.23
CA VAL K 144 -36.62 -11.82 -27.07
C VAL K 144 -37.30 -12.67 -26.03
N HIS K 145 -37.25 -13.99 -26.18
CA HIS K 145 -37.89 -14.84 -25.21
C HIS K 145 -37.10 -16.09 -25.10
N GLU K 146 -36.42 -16.53 -26.17
CA GLU K 146 -35.66 -17.75 -26.13
C GLU K 146 -34.26 -17.43 -25.75
N PRO K 147 -33.59 -18.22 -24.93
CA PRO K 147 -32.23 -17.92 -24.50
C PRO K 147 -31.30 -18.54 -25.49
N VAL K 148 -30.01 -18.20 -25.35
CA VAL K 148 -28.92 -18.88 -25.98
C VAL K 148 -28.17 -19.33 -24.78
N GLN K 149 -27.74 -20.60 -24.74
CA GLN K 149 -27.06 -21.16 -23.59
C GLN K 149 -25.69 -21.49 -24.04
N THR K 150 -24.68 -21.03 -23.28
CA THR K 150 -23.30 -21.10 -23.68
C THR K 150 -22.65 -22.24 -22.96
N GLY K 151 -23.32 -22.78 -21.92
CA GLY K 151 -22.85 -23.90 -21.14
C GLY K 151 -21.80 -23.52 -20.16
N LEU K 152 -21.53 -22.21 -20.00
CA LEU K 152 -20.51 -21.75 -19.11
C LEU K 152 -21.26 -20.96 -18.10
N LYS K 153 -21.03 -21.29 -16.81
CA LYS K 153 -21.68 -20.62 -15.72
C LYS K 153 -21.20 -19.23 -15.66
N ALA K 154 -22.13 -18.30 -15.37
CA ALA K 154 -21.91 -16.88 -15.25
C ALA K 154 -22.02 -16.26 -16.59
N VAL K 155 -21.81 -17.03 -17.67
CA VAL K 155 -21.91 -16.52 -19.00
C VAL K 155 -23.33 -16.76 -19.42
N ASP K 156 -24.14 -17.35 -18.53
CA ASP K 156 -25.53 -17.59 -18.77
C ASP K 156 -26.21 -17.02 -17.59
N ALA K 157 -25.63 -17.22 -16.39
CA ALA K 157 -26.17 -16.66 -15.20
C ALA K 157 -25.96 -15.19 -15.16
N LEU K 158 -24.79 -14.75 -14.67
CA LEU K 158 -24.43 -13.36 -14.50
C LEU K 158 -24.61 -12.57 -15.76
N VAL K 159 -24.34 -13.19 -16.91
CA VAL K 159 -24.53 -12.58 -18.18
C VAL K 159 -25.66 -13.36 -18.78
N PRO K 160 -26.84 -12.81 -18.95
CA PRO K 160 -27.93 -13.60 -19.50
C PRO K 160 -27.95 -13.27 -20.97
N ILE K 161 -27.95 -14.28 -21.86
CA ILE K 161 -27.84 -14.07 -23.29
C ILE K 161 -29.03 -14.69 -23.96
N GLY K 162 -29.66 -13.96 -24.91
CA GLY K 162 -30.89 -14.37 -25.53
C GLY K 162 -30.86 -14.06 -26.98
N ARG K 163 -31.72 -14.77 -27.74
CA ARG K 163 -31.71 -14.79 -29.18
C ARG K 163 -32.07 -13.48 -29.82
N GLY K 164 -31.43 -13.17 -30.97
CA GLY K 164 -31.62 -11.97 -31.75
C GLY K 164 -30.70 -10.87 -31.36
N GLN K 165 -30.38 -10.74 -30.05
CA GLN K 165 -29.68 -9.62 -29.46
C GLN K 165 -28.29 -9.46 -30.02
N ARG K 166 -27.82 -8.20 -30.14
CA ARG K 166 -26.46 -7.93 -30.48
C ARG K 166 -25.72 -7.82 -29.19
N GLU K 167 -25.16 -8.95 -28.71
CA GLU K 167 -24.60 -9.02 -27.40
C GLU K 167 -23.12 -9.02 -27.56
N LEU K 168 -22.48 -7.89 -27.19
CA LEU K 168 -21.09 -7.61 -27.44
C LEU K 168 -20.22 -8.50 -26.63
N ILE K 169 -19.07 -8.91 -27.20
CA ILE K 169 -18.06 -9.61 -26.48
C ILE K 169 -16.87 -8.77 -26.77
N ILE K 170 -16.29 -8.18 -25.72
CA ILE K 170 -15.23 -7.22 -25.84
C ILE K 170 -14.18 -7.77 -24.92
N GLY K 171 -12.90 -7.51 -25.19
CA GLY K 171 -11.84 -8.00 -24.36
C GLY K 171 -10.56 -7.81 -25.11
N ASP K 172 -9.45 -8.44 -24.64
CA ASP K 172 -8.14 -8.20 -25.18
C ASP K 172 -7.70 -9.39 -25.97
N ARG K 173 -6.91 -9.11 -27.02
CA ARG K 173 -6.39 -10.05 -27.99
C ARG K 173 -5.78 -11.29 -27.45
N GLN K 174 -6.14 -12.44 -28.08
CA GLN K 174 -5.54 -13.73 -27.92
C GLN K 174 -5.52 -14.15 -26.48
N THR K 175 -6.57 -13.77 -25.71
CA THR K 175 -6.78 -14.27 -24.38
C THR K 175 -7.62 -15.50 -24.56
N GLY K 176 -7.31 -16.28 -25.63
CA GLY K 176 -8.07 -17.40 -26.08
C GLY K 176 -9.36 -16.81 -26.49
N LYS K 177 -9.29 -15.71 -27.28
CA LYS K 177 -10.41 -14.84 -27.51
C LYS K 177 -11.52 -15.60 -28.12
N THR K 178 -11.13 -16.45 -29.07
CA THR K 178 -12.00 -17.27 -29.86
C THR K 178 -12.76 -18.23 -28.97
N ALA K 179 -12.11 -18.72 -27.90
CA ALA K 179 -12.59 -19.83 -27.11
C ALA K 179 -13.93 -19.61 -26.49
N VAL K 180 -14.24 -18.37 -26.04
CA VAL K 180 -15.51 -18.07 -25.41
C VAL K 180 -16.63 -18.39 -26.36
N ALA K 181 -16.46 -17.98 -27.63
CA ALA K 181 -17.45 -18.20 -28.65
C ALA K 181 -17.53 -19.64 -29.03
N LEU K 182 -16.38 -20.35 -29.11
CA LEU K 182 -16.33 -21.72 -29.53
C LEU K 182 -17.14 -22.55 -28.59
N ASP K 183 -17.02 -22.25 -27.29
CA ASP K 183 -17.72 -22.94 -26.26
C ASP K 183 -19.20 -22.77 -26.44
N THR K 184 -19.67 -21.59 -26.88
CA THR K 184 -21.09 -21.38 -27.11
C THR K 184 -21.59 -22.31 -28.18
N ILE K 185 -20.82 -22.44 -29.29
CA ILE K 185 -21.19 -23.25 -30.42
C ILE K 185 -21.28 -24.68 -29.98
N LEU K 186 -20.33 -25.10 -29.13
CA LEU K 186 -20.25 -26.44 -28.62
C LEU K 186 -21.39 -26.77 -27.72
N ASN K 187 -21.82 -25.86 -26.81
CA ASN K 187 -22.90 -26.17 -25.89
C ASN K 187 -24.17 -26.37 -26.67
N GLN K 188 -24.31 -25.60 -27.77
CA GLN K 188 -25.52 -25.59 -28.52
C GLN K 188 -25.45 -26.70 -29.52
N LYS K 189 -24.40 -27.56 -29.49
CA LYS K 189 -24.39 -28.80 -30.21
C LYS K 189 -25.52 -29.67 -29.77
N ARG K 190 -25.79 -29.69 -28.44
CA ARG K 190 -26.82 -30.48 -27.83
C ARG K 190 -28.18 -30.16 -28.36
N TRP K 191 -28.52 -28.86 -28.36
CA TRP K 191 -29.78 -28.40 -28.85
C TRP K 191 -29.86 -28.40 -30.34
N ASN K 192 -28.73 -28.19 -31.05
CA ASN K 192 -28.75 -27.98 -32.49
C ASN K 192 -28.74 -29.31 -33.15
N ASN K 193 -28.32 -30.36 -32.40
CA ASN K 193 -28.35 -31.72 -32.87
C ASN K 193 -29.64 -32.28 -32.38
N GLY K 194 -30.51 -31.41 -31.79
CA GLY K 194 -31.85 -31.72 -31.38
C GLY K 194 -32.71 -31.89 -32.61
N SER K 195 -34.00 -32.28 -32.40
CA SER K 195 -34.94 -32.45 -33.47
C SER K 195 -35.90 -31.28 -33.57
N ASP K 196 -35.89 -30.37 -32.56
CA ASP K 196 -36.78 -29.25 -32.55
C ASP K 196 -36.03 -28.14 -33.20
N GLU K 197 -36.63 -27.55 -34.27
CA GLU K 197 -35.97 -26.57 -35.10
C GLU K 197 -36.11 -25.23 -34.46
N SER K 198 -37.04 -25.11 -33.48
CA SER K 198 -37.13 -23.97 -32.62
C SER K 198 -35.98 -23.98 -31.67
N LYS K 199 -35.38 -25.17 -31.45
CA LYS K 199 -34.19 -25.32 -30.65
C LYS K 199 -32.99 -25.52 -31.55
N LYS K 200 -33.07 -25.11 -32.84
CA LYS K 200 -31.93 -25.18 -33.72
C LYS K 200 -31.52 -23.78 -34.06
N LEU K 201 -30.32 -23.40 -33.56
CA LEU K 201 -29.55 -22.29 -34.04
C LEU K 201 -28.73 -22.89 -35.14
N TYR K 202 -28.46 -22.08 -36.17
CA TYR K 202 -27.57 -22.44 -37.22
C TYR K 202 -26.55 -21.38 -37.05
N CYS K 203 -25.30 -21.74 -36.68
CA CYS K 203 -24.43 -20.75 -36.12
C CYS K 203 -23.39 -20.51 -37.16
N VAL K 204 -22.99 -19.24 -37.38
CA VAL K 204 -22.06 -18.88 -38.42
C VAL K 204 -20.88 -18.31 -37.70
N TYR K 205 -19.66 -18.74 -38.05
CA TYR K 205 -18.47 -18.25 -37.42
C TYR K 205 -17.79 -17.50 -38.51
N VAL K 206 -17.62 -16.19 -38.32
CA VAL K 206 -16.99 -15.35 -39.31
C VAL K 206 -15.61 -15.20 -38.76
N ALA K 207 -14.61 -15.60 -39.55
CA ALA K 207 -13.22 -15.52 -39.19
C ALA K 207 -12.66 -14.47 -40.11
N VAL K 208 -12.31 -13.30 -39.57
CA VAL K 208 -11.77 -12.23 -40.35
C VAL K 208 -10.44 -12.02 -39.73
N GLY K 209 -9.42 -11.75 -40.57
CA GLY K 209 -8.13 -11.30 -40.16
C GLY K 209 -7.41 -12.23 -39.25
N GLN K 210 -7.45 -13.55 -39.50
CA GLN K 210 -6.84 -14.48 -38.59
C GLN K 210 -5.99 -15.26 -39.50
N LYS K 211 -4.89 -15.86 -38.97
CA LYS K 211 -3.97 -16.60 -39.78
C LYS K 211 -4.66 -17.81 -40.27
N ARG K 212 -4.39 -18.20 -41.52
CA ARG K 212 -5.08 -19.25 -42.21
C ARG K 212 -4.79 -20.54 -41.51
N SER K 213 -3.60 -20.62 -40.87
CA SER K 213 -3.17 -21.72 -40.05
C SER K 213 -4.06 -21.80 -38.86
N THR K 214 -4.34 -20.65 -38.21
CA THR K 214 -5.13 -20.61 -37.00
C THR K 214 -6.52 -21.06 -37.30
N VAL K 215 -7.08 -20.60 -38.45
CA VAL K 215 -8.39 -20.99 -38.91
C VAL K 215 -8.44 -22.47 -39.14
N ALA K 216 -7.37 -23.05 -39.69
CA ALA K 216 -7.25 -24.46 -39.90
C ALA K 216 -7.24 -25.23 -38.62
N GLN K 217 -6.64 -24.70 -37.54
CA GLN K 217 -6.77 -25.29 -36.24
C GLN K 217 -8.20 -25.24 -35.77
N LEU K 218 -8.89 -24.10 -35.99
CA LEU K 218 -10.27 -23.93 -35.58
C LEU K 218 -11.16 -24.90 -36.29
N VAL K 219 -10.94 -25.08 -37.60
CA VAL K 219 -11.70 -25.96 -38.43
C VAL K 219 -11.53 -27.36 -37.94
N GLN K 220 -10.28 -27.74 -37.63
CA GLN K 220 -9.98 -29.05 -37.17
C GLN K 220 -10.60 -29.31 -35.83
N THR K 221 -10.62 -28.33 -34.90
CA THR K 221 -11.29 -28.48 -33.64
C THR K 221 -12.76 -28.69 -33.83
N LEU K 222 -13.38 -27.90 -34.73
CA LEU K 222 -14.81 -27.96 -34.96
C LEU K 222 -15.19 -29.30 -35.53
N GLU K 223 -14.37 -29.84 -36.44
CA GLU K 223 -14.61 -31.15 -36.98
C GLU K 223 -14.31 -32.23 -36.00
N GLN K 224 -13.43 -31.99 -35.01
CA GLN K 224 -13.21 -32.90 -33.92
C GLN K 224 -14.39 -33.00 -33.02
N HIS K 225 -15.09 -31.87 -32.79
CA HIS K 225 -16.27 -31.92 -31.97
C HIS K 225 -17.46 -32.16 -32.85
N ASP K 226 -17.24 -32.49 -34.15
CA ASP K 226 -18.23 -32.88 -35.12
C ASP K 226 -19.31 -31.84 -35.22
N ALA K 227 -18.89 -30.57 -35.14
CA ALA K 227 -19.77 -29.46 -34.97
C ALA K 227 -19.90 -28.77 -36.28
N MET K 228 -19.13 -29.23 -37.29
CA MET K 228 -19.08 -28.63 -38.58
C MET K 228 -20.43 -28.70 -39.23
N LYS K 229 -21.15 -29.81 -39.04
CA LYS K 229 -22.39 -30.02 -39.74
C LYS K 229 -23.50 -29.06 -39.42
N TYR K 230 -23.49 -28.35 -38.27
CA TYR K 230 -24.50 -27.34 -38.02
C TYR K 230 -24.00 -25.94 -38.18
N SER K 231 -22.76 -25.74 -38.66
CA SER K 231 -22.17 -24.42 -38.66
C SER K 231 -21.55 -24.16 -39.99
N ILE K 232 -21.38 -22.86 -40.35
CA ILE K 232 -20.74 -22.44 -41.58
C ILE K 232 -19.55 -21.71 -41.04
N ILE K 233 -18.43 -21.69 -41.80
CA ILE K 233 -17.31 -20.85 -41.48
C ILE K 233 -17.10 -20.07 -42.72
N VAL K 234 -16.98 -18.73 -42.59
CA VAL K 234 -16.65 -17.86 -43.69
C VAL K 234 -15.27 -17.44 -43.28
N ALA K 235 -14.36 -17.23 -44.25
CA ALA K 235 -12.99 -16.93 -43.94
C ALA K 235 -12.51 -15.83 -44.80
N ALA K 236 -11.81 -14.86 -44.17
CA ALA K 236 -11.22 -13.74 -44.83
C ALA K 236 -9.98 -13.52 -44.04
N THR K 237 -8.90 -14.27 -44.32
CA THR K 237 -7.77 -14.31 -43.42
C THR K 237 -7.01 -13.02 -43.50
N ALA K 238 -5.97 -12.88 -42.65
CA ALA K 238 -5.18 -11.67 -42.59
C ALA K 238 -4.49 -11.37 -43.87
N SER K 239 -3.94 -12.40 -44.54
CA SER K 239 -3.34 -12.27 -45.85
C SER K 239 -4.34 -11.81 -46.88
N GLU K 240 -5.60 -12.31 -46.83
CA GLU K 240 -6.62 -12.01 -47.80
C GLU K 240 -6.91 -10.53 -47.83
N ALA K 241 -7.15 -9.99 -49.05
CA ALA K 241 -7.14 -8.58 -49.36
C ALA K 241 -8.16 -7.79 -48.59
N ALA K 242 -7.79 -6.54 -48.26
CA ALA K 242 -8.55 -5.65 -47.42
C ALA K 242 -9.90 -5.35 -47.97
N PRO K 243 -10.15 -5.10 -49.26
CA PRO K 243 -11.50 -4.88 -49.73
C PRO K 243 -12.34 -6.11 -49.55
N LEU K 244 -11.76 -7.32 -49.70
CA LEU K 244 -12.49 -8.55 -49.45
C LEU K 244 -12.86 -8.63 -48.00
N GLN K 245 -11.94 -8.22 -47.09
CA GLN K 245 -12.16 -8.16 -45.68
C GLN K 245 -13.25 -7.20 -45.32
N TYR K 246 -13.35 -6.06 -46.04
CA TYR K 246 -14.38 -5.09 -45.83
C TYR K 246 -15.74 -5.68 -46.11
N LEU K 247 -15.86 -6.48 -47.17
CA LEU K 247 -17.15 -7.01 -47.54
C LEU K 247 -17.42 -8.29 -46.79
N ALA K 248 -16.45 -8.80 -46.01
CA ALA K 248 -16.60 -10.09 -45.39
C ALA K 248 -17.67 -10.16 -44.35
N PRO K 249 -17.90 -9.24 -43.41
CA PRO K 249 -18.97 -9.41 -42.47
C PRO K 249 -20.29 -9.28 -43.15
N PHE K 250 -20.40 -8.34 -44.10
CA PHE K 250 -21.66 -8.05 -44.73
C PHE K 250 -22.17 -9.26 -45.44
N THR K 251 -21.29 -9.97 -46.17
CA THR K 251 -21.67 -11.16 -46.90
C THR K 251 -22.13 -12.24 -45.99
N ALA K 252 -21.44 -12.42 -44.84
CA ALA K 252 -21.78 -13.45 -43.90
C ALA K 252 -23.15 -13.24 -43.35
N ALA K 253 -23.49 -11.98 -43.05
CA ALA K 253 -24.77 -11.65 -42.54
C ALA K 253 -25.88 -11.91 -43.51
N SER K 254 -25.62 -11.82 -44.83
CA SER K 254 -26.62 -12.15 -45.82
C SER K 254 -27.00 -13.60 -45.75
N ILE K 255 -26.00 -14.48 -45.54
CA ILE K 255 -26.20 -15.89 -45.44
C ILE K 255 -27.03 -16.18 -44.22
N GLY K 256 -26.73 -15.45 -43.12
CA GLY K 256 -27.43 -15.59 -41.87
C GLY K 256 -28.85 -15.21 -41.97
N GLU K 257 -29.11 -14.17 -42.77
CA GLU K 257 -30.44 -13.69 -42.99
C GLU K 257 -31.27 -14.67 -43.72
N TRP K 258 -30.70 -15.56 -44.56
CA TRP K 258 -31.52 -16.53 -45.25
C TRP K 258 -32.14 -17.51 -44.29
N PHE K 259 -31.38 -17.92 -43.25
CA PHE K 259 -31.87 -18.74 -42.16
C PHE K 259 -32.92 -18.04 -41.34
N ARG K 260 -32.68 -16.74 -41.08
CA ARG K 260 -33.50 -15.88 -40.29
C ARG K 260 -34.80 -15.68 -40.99
N ASP K 261 -34.73 -15.57 -42.32
CA ASP K 261 -35.85 -15.30 -43.18
C ASP K 261 -36.44 -16.61 -43.60
N ASN K 262 -35.95 -17.74 -43.03
CA ASN K 262 -36.68 -18.98 -43.07
C ASN K 262 -37.44 -19.04 -41.79
N GLY K 263 -37.34 -17.98 -40.94
CA GLY K 263 -37.95 -17.89 -39.64
C GLY K 263 -37.23 -18.72 -38.63
N LYS K 264 -36.12 -19.35 -39.03
CA LYS K 264 -35.42 -20.31 -38.20
C LYS K 264 -34.42 -19.54 -37.43
N HIS K 265 -34.21 -19.99 -36.18
CA HIS K 265 -33.31 -19.39 -35.24
C HIS K 265 -31.90 -19.60 -35.72
N ALA K 266 -31.04 -18.60 -35.55
CA ALA K 266 -29.67 -18.66 -36.00
C ALA K 266 -28.88 -17.76 -35.12
N LEU K 267 -27.54 -17.79 -35.28
CA LEU K 267 -26.64 -16.98 -34.52
C LEU K 267 -25.46 -16.78 -35.42
N ILE K 268 -24.77 -15.64 -35.27
CA ILE K 268 -23.62 -15.27 -36.05
C ILE K 268 -22.67 -14.61 -35.11
N VAL K 269 -21.40 -15.03 -35.15
CA VAL K 269 -20.36 -14.53 -34.29
C VAL K 269 -19.43 -13.86 -35.24
N TYR K 270 -19.14 -12.56 -35.05
CA TYR K 270 -18.35 -11.84 -35.99
C TYR K 270 -17.01 -11.66 -35.35
N ASP K 271 -16.00 -12.47 -35.76
CA ASP K 271 -14.70 -12.44 -35.15
C ASP K 271 -13.82 -11.88 -36.23
N ASP K 272 -13.20 -10.69 -36.10
CA ASP K 272 -13.25 -9.73 -35.02
C ASP K 272 -13.58 -8.48 -35.76
N LEU K 273 -14.60 -7.71 -35.31
CA LEU K 273 -15.02 -6.54 -36.06
C LEU K 273 -14.04 -5.44 -35.96
N SER K 274 -13.14 -5.47 -34.96
CA SER K 274 -12.09 -4.50 -34.81
C SER K 274 -11.15 -4.54 -35.99
N LYS K 275 -10.88 -5.76 -36.51
CA LYS K 275 -10.09 -5.91 -37.69
C LYS K 275 -10.78 -5.46 -38.94
N GLN K 276 -12.13 -5.39 -38.94
CA GLN K 276 -12.86 -4.81 -40.05
C GLN K 276 -12.63 -3.34 -40.05
N ALA K 277 -12.50 -2.71 -38.86
CA ALA K 277 -12.25 -1.30 -38.76
C ALA K 277 -10.96 -0.92 -39.38
N VAL K 278 -9.90 -1.70 -39.13
CA VAL K 278 -8.60 -1.45 -39.71
C VAL K 278 -8.65 -1.58 -41.19
N ALA K 279 -9.43 -2.56 -41.70
CA ALA K 279 -9.63 -2.76 -43.10
C ALA K 279 -10.34 -1.61 -43.74
N TYR K 280 -11.44 -1.13 -43.12
CA TYR K 280 -12.20 -0.04 -43.65
C TYR K 280 -11.37 1.21 -43.62
N ARG K 281 -10.46 1.33 -42.63
CA ARG K 281 -9.56 2.44 -42.51
C ARG K 281 -8.64 2.44 -43.67
N GLN K 282 -8.13 1.25 -44.04
CA GLN K 282 -7.18 1.10 -45.11
C GLN K 282 -7.84 1.48 -46.39
N LEU K 283 -9.07 1.00 -46.60
CA LEU K 283 -9.82 1.22 -47.79
C LEU K 283 -10.11 2.67 -47.99
N SER K 284 -10.52 3.35 -46.90
CA SER K 284 -10.92 4.73 -46.90
C SER K 284 -9.76 5.60 -47.26
N LEU K 285 -8.59 5.31 -46.66
CA LEU K 285 -7.37 6.04 -46.87
C LEU K 285 -6.92 5.89 -48.28
N LEU K 286 -7.12 4.70 -48.87
CA LEU K 286 -6.71 4.44 -50.23
C LEU K 286 -7.70 5.05 -51.17
N LEU K 287 -8.88 5.48 -50.67
CA LEU K 287 -9.83 6.22 -51.45
C LEU K 287 -9.64 7.68 -51.15
N ARG K 288 -8.63 7.98 -50.30
CA ARG K 288 -8.24 9.29 -49.85
C ARG K 288 -9.39 10.12 -49.38
N ARG K 289 -10.33 9.49 -48.65
CA ARG K 289 -11.41 10.16 -47.98
C ARG K 289 -10.86 10.54 -46.64
N PRO K 290 -11.19 11.70 -46.05
CA PRO K 290 -10.52 12.23 -44.88
C PRO K 290 -10.63 11.31 -43.67
N PRO K 291 -9.64 11.18 -42.80
CA PRO K 291 -9.69 10.24 -41.69
C PRO K 291 -10.36 10.88 -40.51
N GLY K 292 -10.91 10.04 -39.60
CA GLY K 292 -11.61 10.50 -38.44
C GLY K 292 -10.71 10.33 -37.25
N ARG K 293 -11.32 10.18 -36.06
CA ARG K 293 -10.63 10.05 -34.80
C ARG K 293 -9.96 8.71 -34.80
N GLU K 294 -8.68 8.71 -34.35
CA GLU K 294 -7.79 7.57 -34.32
C GLU K 294 -7.50 7.06 -35.70
N ALA K 295 -7.72 7.94 -36.70
CA ALA K 295 -7.50 7.75 -38.10
C ALA K 295 -8.51 6.82 -38.68
N TYR K 296 -9.58 6.50 -37.95
CA TYR K 296 -10.58 5.61 -38.45
C TYR K 296 -11.57 6.53 -39.06
N PRO K 297 -12.04 6.31 -40.28
CA PRO K 297 -12.87 7.23 -41.05
C PRO K 297 -14.16 7.53 -40.35
N GLY K 298 -14.85 8.60 -40.76
CA GLY K 298 -16.04 9.07 -40.11
C GLY K 298 -17.23 8.23 -40.40
N ASP K 299 -17.15 7.33 -41.41
CA ASP K 299 -18.28 6.51 -41.76
C ASP K 299 -18.07 5.18 -41.13
N VAL K 300 -17.10 5.07 -40.19
CA VAL K 300 -16.88 3.85 -39.47
C VAL K 300 -18.07 3.54 -38.60
N PHE K 301 -18.76 4.58 -38.07
CA PHE K 301 -19.92 4.35 -37.24
C PHE K 301 -20.98 3.73 -38.09
N TYR K 302 -21.16 4.26 -39.33
CA TYR K 302 -22.18 3.83 -40.25
C TYR K 302 -21.92 2.41 -40.64
N LEU K 303 -20.63 2.05 -40.82
CA LEU K 303 -20.21 0.73 -41.23
C LEU K 303 -20.62 -0.28 -40.22
N HIS K 304 -20.29 -0.05 -38.93
CA HIS K 304 -20.62 -0.98 -37.90
C HIS K 304 -22.08 -1.03 -37.64
N SER K 305 -22.75 0.12 -37.61
CA SER K 305 -24.15 0.19 -37.27
C SER K 305 -25.04 -0.46 -38.27
N ARG K 306 -24.75 -0.27 -39.58
CA ARG K 306 -25.50 -0.93 -40.61
C ARG K 306 -25.32 -2.42 -40.52
N LEU K 307 -24.09 -2.89 -40.20
CA LEU K 307 -23.86 -4.30 -40.06
C LEU K 307 -24.62 -4.88 -38.91
N LEU K 308 -24.52 -4.24 -37.73
CA LEU K 308 -24.99 -4.82 -36.51
C LEU K 308 -26.48 -4.93 -36.43
N GLU K 309 -27.24 -3.96 -36.99
CA GLU K 309 -28.66 -3.94 -36.75
C GLU K 309 -29.40 -4.87 -37.66
N ARG K 310 -28.67 -5.63 -38.50
CA ARG K 310 -29.29 -6.65 -39.33
C ARG K 310 -29.51 -7.90 -38.53
N ALA K 311 -29.02 -7.93 -37.28
CA ALA K 311 -29.15 -9.06 -36.41
C ALA K 311 -30.28 -8.77 -35.47
N ALA K 312 -31.30 -9.65 -35.44
CA ALA K 312 -32.52 -9.30 -34.78
C ALA K 312 -33.35 -10.52 -34.54
N LYS K 313 -34.33 -10.36 -33.62
CA LYS K 313 -35.35 -11.33 -33.29
C LYS K 313 -36.57 -10.71 -33.90
N LEU K 314 -37.04 -11.29 -35.01
CA LEU K 314 -38.15 -10.77 -35.75
C LEU K 314 -39.43 -11.23 -35.16
N SER K 315 -40.55 -10.68 -35.66
CA SER K 315 -41.86 -10.93 -35.13
C SER K 315 -42.42 -12.15 -35.81
N GLU K 316 -43.63 -12.54 -35.35
CA GLU K 316 -44.37 -13.71 -35.72
C GLU K 316 -44.69 -13.69 -37.19
N LYS K 317 -44.86 -12.48 -37.74
CA LYS K 317 -45.13 -12.21 -39.13
C LYS K 317 -44.00 -12.73 -39.95
N GLU K 318 -42.76 -12.49 -39.50
CA GLU K 318 -41.57 -12.88 -40.20
C GLU K 318 -41.19 -14.29 -39.80
N GLY K 319 -42.01 -14.95 -38.95
CA GLY K 319 -41.84 -16.33 -38.60
C GLY K 319 -40.97 -16.47 -37.41
N SER K 320 -40.79 -15.36 -36.66
CA SER K 320 -40.01 -15.27 -35.46
C SER K 320 -38.59 -15.79 -35.61
N GLY K 321 -37.85 -15.27 -36.61
CA GLY K 321 -36.53 -15.75 -36.93
C GLY K 321 -35.61 -15.05 -35.98
N SER K 322 -34.44 -15.65 -35.68
CA SER K 322 -33.47 -14.94 -34.90
C SER K 322 -32.19 -15.00 -35.68
N LEU K 323 -31.31 -14.05 -35.36
CA LEU K 323 -29.98 -13.97 -35.89
C LEU K 323 -29.30 -13.24 -34.79
N THR K 324 -28.78 -13.99 -33.81
CA THR K 324 -28.16 -13.48 -32.62
C THR K 324 -26.75 -13.12 -32.95
N ALA K 325 -26.34 -11.86 -32.73
CA ALA K 325 -25.02 -11.42 -33.10
C ALA K 325 -24.15 -11.44 -31.88
N LEU K 326 -22.90 -11.92 -32.03
CA LEU K 326 -21.93 -11.87 -30.97
C LEU K 326 -20.71 -11.27 -31.58
N PRO K 327 -20.45 -9.97 -31.46
CA PRO K 327 -19.35 -9.40 -32.21
C PRO K 327 -18.18 -9.26 -31.27
N VAL K 328 -16.97 -9.55 -31.77
CA VAL K 328 -15.85 -9.83 -30.92
C VAL K 328 -14.93 -8.67 -31.10
N ILE K 329 -14.66 -7.88 -30.02
CA ILE K 329 -13.95 -6.64 -30.16
C ILE K 329 -12.68 -6.83 -29.39
N GLU K 330 -11.59 -6.45 -30.06
CA GLU K 330 -10.21 -6.62 -29.70
C GLU K 330 -9.68 -5.32 -29.21
N THR K 331 -9.54 -5.09 -27.89
CA THR K 331 -9.18 -3.78 -27.42
C THR K 331 -7.68 -3.83 -27.29
N GLN K 332 -7.06 -2.69 -27.69
CA GLN K 332 -5.65 -2.49 -27.83
C GLN K 332 -4.88 -2.64 -26.58
N GLY K 333 -5.40 -2.09 -25.47
CA GLY K 333 -4.75 -2.24 -24.21
C GLY K 333 -5.81 -2.32 -23.18
N GLY K 334 -7.05 -2.65 -23.58
CA GLY K 334 -8.18 -2.54 -22.69
C GLY K 334 -8.58 -1.10 -22.67
N ASP K 335 -8.45 -0.45 -23.85
CA ASP K 335 -8.74 0.94 -24.02
C ASP K 335 -10.23 1.02 -24.23
N VAL K 336 -10.96 1.24 -23.13
CA VAL K 336 -12.39 1.11 -23.12
C VAL K 336 -13.01 2.43 -23.45
N SER K 337 -12.19 3.48 -23.63
CA SER K 337 -12.65 4.73 -24.15
C SER K 337 -12.25 4.89 -25.59
N ALA K 338 -11.54 3.90 -26.19
CA ALA K 338 -11.08 3.98 -27.56
C ALA K 338 -12.24 4.04 -28.50
N TYR K 339 -12.06 4.79 -29.62
CA TYR K 339 -13.10 5.26 -30.47
C TYR K 339 -13.86 4.11 -31.04
N ILE K 340 -13.15 3.11 -31.56
CA ILE K 340 -13.79 1.96 -32.14
C ILE K 340 -14.52 1.19 -31.07
N PRO K 341 -13.97 0.93 -29.88
CA PRO K 341 -14.72 0.18 -28.90
C PRO K 341 -15.94 0.90 -28.45
N THR K 342 -15.86 2.21 -28.16
CA THR K 342 -16.99 2.94 -27.66
C THR K 342 -18.09 2.98 -28.68
N ASN K 343 -17.73 3.13 -29.98
CA ASN K 343 -18.72 3.18 -31.03
C ASN K 343 -19.48 1.90 -31.10
N VAL K 344 -18.78 0.76 -30.94
CA VAL K 344 -19.41 -0.53 -30.94
C VAL K 344 -20.29 -0.70 -29.75
N ILE K 345 -19.85 -0.22 -28.57
CA ILE K 345 -20.56 -0.43 -27.33
C ILE K 345 -21.91 0.21 -27.42
N SER K 346 -21.97 1.42 -28.02
CA SER K 346 -23.18 2.17 -28.14
C SER K 346 -24.21 1.49 -29.00
N ILE K 347 -23.77 0.82 -30.07
CA ILE K 347 -24.66 0.04 -30.89
C ILE K 347 -25.15 -1.19 -30.18
N THR K 348 -24.24 -1.92 -29.53
CA THR K 348 -24.55 -3.22 -29.00
C THR K 348 -25.38 -3.16 -27.75
N ASP K 349 -26.19 -4.21 -27.57
CA ASP K 349 -26.87 -4.53 -26.34
C ASP K 349 -25.83 -5.16 -25.47
N GLY K 350 -25.72 -4.70 -24.21
CA GLY K 350 -24.75 -5.19 -23.26
C GLY K 350 -23.30 -5.13 -23.68
N GLN K 351 -22.43 -5.65 -22.78
CA GLN K 351 -21.03 -5.82 -23.01
C GLN K 351 -20.76 -7.13 -22.35
N ILE K 352 -19.72 -7.86 -22.82
CA ILE K 352 -19.24 -9.03 -22.13
C ILE K 352 -17.78 -8.77 -22.04
N PHE K 353 -17.38 -7.77 -21.23
CA PHE K 353 -15.98 -7.46 -21.08
C PHE K 353 -15.37 -8.56 -20.27
N LEU K 354 -14.19 -9.01 -20.69
CA LEU K 354 -13.56 -10.20 -20.17
C LEU K 354 -12.40 -9.62 -19.44
N GLU K 355 -12.16 -10.02 -18.17
CA GLU K 355 -11.13 -9.37 -17.39
C GLU K 355 -9.83 -10.04 -17.66
N ALA K 356 -8.95 -9.35 -18.40
CA ALA K 356 -7.66 -9.84 -18.82
C ALA K 356 -6.75 -10.12 -17.66
N GLU K 357 -6.75 -9.23 -16.64
CA GLU K 357 -5.86 -9.35 -15.51
C GLU K 357 -6.14 -10.62 -14.77
N LEU K 358 -7.44 -10.90 -14.55
CA LEU K 358 -7.91 -12.10 -13.91
C LEU K 358 -7.64 -13.28 -14.78
N PHE K 359 -7.67 -13.13 -16.12
CA PHE K 359 -7.45 -14.23 -17.03
C PHE K 359 -6.06 -14.75 -16.87
N TYR K 360 -5.09 -13.81 -16.80
CA TYR K 360 -3.70 -14.08 -16.59
C TYR K 360 -3.53 -14.66 -15.22
N LYS K 361 -4.24 -14.06 -14.24
CA LYS K 361 -4.27 -14.48 -12.87
C LYS K 361 -5.28 -15.57 -12.70
N GLY K 362 -5.19 -16.61 -13.54
CA GLY K 362 -5.82 -17.90 -13.39
C GLY K 362 -7.30 -17.93 -13.16
N ILE K 363 -8.07 -17.08 -13.85
CA ILE K 363 -9.50 -17.22 -13.84
C ILE K 363 -9.73 -17.47 -15.27
N ARG K 364 -10.11 -18.71 -15.62
CA ARG K 364 -10.45 -19.00 -16.98
C ARG K 364 -11.81 -19.62 -16.87
N PRO K 365 -12.88 -19.04 -17.41
CA PRO K 365 -12.87 -17.88 -18.27
C PRO K 365 -13.02 -16.72 -17.32
N ALA K 366 -12.55 -15.52 -17.68
CA ALA K 366 -12.53 -14.41 -16.78
C ALA K 366 -13.45 -13.39 -17.36
N ILE K 367 -14.43 -12.96 -16.54
CA ILE K 367 -15.53 -12.16 -16.97
C ILE K 367 -15.46 -11.03 -16.00
N ASN K 368 -15.38 -9.76 -16.48
CA ASN K 368 -15.36 -8.65 -15.57
C ASN K 368 -16.79 -8.35 -15.37
N VAL K 369 -17.33 -8.76 -14.20
CA VAL K 369 -18.72 -8.73 -13.90
C VAL K 369 -19.25 -7.34 -13.94
N GLY K 370 -18.45 -6.38 -13.45
CA GLY K 370 -18.76 -4.98 -13.51
C GLY K 370 -18.92 -4.49 -14.90
N LEU K 371 -18.01 -4.86 -15.81
CA LEU K 371 -18.05 -4.40 -17.17
C LEU K 371 -18.79 -5.37 -18.06
N SER K 372 -19.58 -6.29 -17.48
CA SER K 372 -20.47 -7.09 -18.27
C SER K 372 -21.85 -6.64 -17.92
N VAL K 373 -22.65 -6.31 -18.94
CA VAL K 373 -24.04 -5.91 -18.82
C VAL K 373 -24.74 -6.65 -19.92
N SER K 374 -26.09 -6.75 -19.88
CA SER K 374 -26.85 -7.23 -21.01
C SER K 374 -28.12 -6.47 -20.98
N ARG K 375 -28.40 -5.64 -22.01
CA ARG K 375 -29.45 -4.64 -21.93
C ARG K 375 -30.81 -5.24 -21.70
N VAL K 376 -31.15 -6.30 -22.47
CA VAL K 376 -32.45 -6.92 -22.36
C VAL K 376 -32.25 -8.38 -22.14
N GLY K 377 -31.05 -8.78 -21.66
CA GLY K 377 -30.69 -10.17 -21.55
C GLY K 377 -31.50 -10.99 -20.58
N SER K 378 -32.01 -10.38 -19.49
CA SER K 378 -32.47 -11.15 -18.36
C SER K 378 -33.84 -11.72 -18.54
N ALA K 379 -34.63 -11.21 -19.49
CA ALA K 379 -35.92 -11.77 -19.78
C ALA K 379 -35.83 -12.84 -20.83
N ALA K 380 -34.61 -13.21 -21.25
CA ALA K 380 -34.44 -14.35 -22.10
C ALA K 380 -34.25 -15.57 -21.25
N GLN K 381 -33.79 -15.38 -19.99
CA GLN K 381 -33.51 -16.43 -19.05
C GLN K 381 -34.73 -17.22 -18.75
N VAL K 382 -34.57 -18.56 -18.61
CA VAL K 382 -35.64 -19.45 -18.23
C VAL K 382 -35.73 -19.40 -16.75
N LYS K 383 -36.94 -19.70 -16.21
CA LYS K 383 -37.32 -19.38 -14.85
C LYS K 383 -36.45 -20.08 -13.86
N ALA K 384 -35.94 -21.29 -14.21
CA ALA K 384 -35.05 -22.03 -13.38
C ALA K 384 -33.79 -21.25 -13.16
N LEU K 385 -33.27 -20.63 -14.23
CA LEU K 385 -32.06 -19.86 -14.22
C LEU K 385 -32.36 -18.44 -13.83
N LYS K 386 -33.61 -18.10 -13.46
CA LYS K 386 -33.85 -16.82 -12.85
C LYS K 386 -33.94 -17.03 -11.38
N GLN K 387 -34.67 -18.08 -10.96
CA GLN K 387 -34.85 -18.38 -9.58
C GLN K 387 -33.58 -18.76 -8.90
N VAL K 388 -32.84 -19.75 -9.48
CA VAL K 388 -31.63 -20.27 -8.86
C VAL K 388 -30.57 -19.23 -8.84
N ALA K 389 -30.54 -18.37 -9.87
CA ALA K 389 -29.49 -17.40 -10.03
C ALA K 389 -29.90 -16.10 -9.43
N GLY K 390 -31.05 -16.07 -8.73
CA GLY K 390 -31.61 -14.89 -8.15
C GLY K 390 -30.64 -14.26 -7.19
N SER K 391 -30.24 -13.01 -7.52
CA SER K 391 -29.42 -12.15 -6.70
C SER K 391 -27.99 -12.57 -6.59
N LEU K 392 -27.52 -13.55 -7.41
CA LEU K 392 -26.15 -14.01 -7.27
C LEU K 392 -25.20 -12.95 -7.78
N LYS K 393 -25.68 -12.12 -8.73
CA LYS K 393 -24.94 -11.01 -9.28
C LYS K 393 -24.70 -9.95 -8.26
N LEU K 394 -25.73 -9.70 -7.42
CA LEU K 394 -25.69 -8.78 -6.32
C LEU K 394 -24.77 -9.27 -5.27
N PHE K 395 -24.82 -10.59 -4.97
CA PHE K 395 -24.02 -11.22 -3.96
C PHE K 395 -22.58 -11.08 -4.35
N LEU K 396 -22.26 -11.27 -5.64
CA LEU K 396 -20.89 -11.25 -6.09
C LEU K 396 -20.50 -9.85 -6.46
N ALA K 397 -21.44 -8.89 -6.33
CA ALA K 397 -21.10 -7.49 -6.38
C ALA K 397 -21.13 -7.00 -4.98
N GLN K 398 -21.28 -7.92 -4.00
CA GLN K 398 -21.10 -7.64 -2.62
C GLN K 398 -19.75 -8.22 -2.39
N TYR K 399 -19.38 -9.32 -3.08
CA TYR K 399 -18.06 -9.87 -3.00
C TYR K 399 -17.12 -8.86 -3.60
N ARG K 400 -17.57 -8.16 -4.67
CA ARG K 400 -16.77 -7.17 -5.32
C ARG K 400 -16.49 -6.04 -4.37
N GLU K 401 -17.53 -5.59 -3.63
CA GLU K 401 -17.39 -4.59 -2.60
C GLU K 401 -16.53 -5.02 -1.45
N VAL K 402 -16.73 -6.27 -0.99
CA VAL K 402 -16.08 -6.84 0.15
C VAL K 402 -14.60 -6.93 -0.05
N ALA K 403 -14.17 -7.34 -1.26
CA ALA K 403 -12.77 -7.52 -1.49
C ALA K 403 -12.16 -6.20 -1.85
N ALA K 404 -12.99 -5.19 -2.18
CA ALA K 404 -12.55 -3.82 -2.39
C ALA K 404 -11.96 -3.21 -1.15
N PHE K 405 -12.58 -3.49 0.01
CA PHE K 405 -12.25 -2.81 1.25
C PHE K 405 -11.61 -3.79 2.18
N ALA K 406 -11.48 -5.07 1.75
CA ALA K 406 -10.76 -6.10 2.48
C ALA K 406 -9.32 -5.68 2.62
N GLN K 407 -8.77 -5.13 1.52
CA GLN K 407 -7.48 -4.53 1.48
C GLN K 407 -7.48 -3.34 2.45
N SER K 410 -8.36 -4.21 6.46
CA SER K 410 -7.60 -5.06 7.43
C SER K 410 -8.53 -6.03 8.09
N ASP K 411 -8.99 -5.73 9.32
CA ASP K 411 -9.84 -6.59 10.14
C ASP K 411 -11.16 -6.80 9.45
N LEU K 412 -11.71 -8.04 9.55
CA LEU K 412 -12.94 -8.38 8.89
C LEU K 412 -13.97 -8.80 9.90
N ASP K 413 -15.12 -8.10 9.88
CA ASP K 413 -16.29 -8.36 10.68
C ASP K 413 -16.86 -9.66 10.20
N ALA K 414 -17.54 -10.41 11.07
CA ALA K 414 -18.00 -11.74 10.75
C ALA K 414 -18.95 -11.77 9.58
N SER K 415 -19.79 -10.70 9.43
CA SER K 415 -20.66 -10.51 8.30
C SER K 415 -19.87 -10.40 7.04
N THR K 416 -18.78 -9.60 7.07
CA THR K 416 -17.91 -9.37 5.95
C THR K 416 -17.18 -10.63 5.60
N LYS K 417 -16.70 -11.36 6.63
CA LYS K 417 -15.90 -12.54 6.49
C LYS K 417 -16.70 -13.62 5.85
N GLN K 418 -17.98 -13.75 6.23
CA GLN K 418 -18.89 -14.72 5.69
C GLN K 418 -19.09 -14.52 4.22
N THR K 419 -19.23 -13.25 3.81
CA THR K 419 -19.37 -12.87 2.44
C THR K 419 -18.12 -13.17 1.68
N LEU K 420 -16.94 -12.89 2.28
CA LEU K 420 -15.68 -13.15 1.64
C LEU K 420 -15.45 -14.61 1.42
N VAL K 421 -15.77 -15.45 2.42
CA VAL K 421 -15.61 -16.88 2.35
C VAL K 421 -16.49 -17.46 1.28
N ARG K 422 -17.76 -17.01 1.22
CA ARG K 422 -18.63 -17.41 0.16
C ARG K 422 -18.18 -16.93 -1.17
N GLY K 423 -17.76 -15.65 -1.24
CA GLY K 423 -17.44 -14.97 -2.46
C GLY K 423 -16.28 -15.56 -3.16
N GLU K 424 -15.20 -15.83 -2.42
CA GLU K 424 -13.98 -16.39 -2.94
C GLU K 424 -14.26 -17.74 -3.50
N ARG K 425 -15.04 -18.54 -2.75
CA ARG K 425 -15.39 -19.87 -3.14
C ARG K 425 -16.30 -19.89 -4.33
N LEU K 426 -17.25 -18.94 -4.42
CA LEU K 426 -18.15 -18.79 -5.52
C LEU K 426 -17.42 -18.46 -6.77
N THR K 427 -16.39 -17.58 -6.68
CA THR K 427 -15.59 -17.23 -7.82
C THR K 427 -14.90 -18.44 -8.38
N GLN K 428 -14.42 -19.35 -7.48
CA GLN K 428 -13.76 -20.57 -7.90
C GLN K 428 -14.74 -21.39 -8.71
N LEU K 429 -16.02 -21.42 -8.26
CA LEU K 429 -17.07 -22.17 -8.88
C LEU K 429 -17.33 -21.70 -10.28
N LEU K 430 -17.22 -20.38 -10.56
CA LEU K 430 -17.51 -19.85 -11.88
C LEU K 430 -16.62 -20.45 -12.94
N LYS K 431 -15.32 -20.69 -12.64
CA LYS K 431 -14.29 -21.07 -13.57
C LYS K 431 -14.62 -22.37 -14.28
N GLN K 432 -14.15 -22.52 -15.53
CA GLN K 432 -14.48 -23.62 -16.40
C GLN K 432 -13.21 -23.99 -17.10
N ASN K 433 -13.13 -25.22 -17.64
CA ASN K 433 -11.94 -25.70 -18.32
C ASN K 433 -12.10 -25.35 -19.76
N GLN K 434 -11.10 -24.62 -20.32
CA GLN K 434 -11.19 -24.04 -21.64
C GLN K 434 -11.35 -25.11 -22.67
N TYR K 435 -12.37 -24.92 -23.54
CA TYR K 435 -12.73 -25.82 -24.60
C TYR K 435 -13.36 -27.06 -24.04
N SER K 436 -14.29 -26.91 -23.07
CA SER K 436 -15.04 -28.04 -22.58
C SER K 436 -16.20 -27.49 -21.79
N PRO K 437 -17.35 -27.20 -22.39
CA PRO K 437 -18.41 -26.48 -21.70
C PRO K 437 -19.33 -27.49 -21.08
N LEU K 438 -20.09 -27.07 -20.04
CA LEU K 438 -20.97 -27.91 -19.28
C LEU K 438 -22.33 -27.83 -19.92
N ALA K 439 -23.23 -28.76 -19.56
CA ALA K 439 -24.59 -28.80 -20.03
C ALA K 439 -25.39 -27.80 -19.24
N THR K 440 -26.49 -27.31 -19.84
CA THR K 440 -27.42 -26.35 -19.28
C THR K 440 -28.06 -26.88 -18.05
N GLU K 441 -28.45 -28.17 -18.11
CA GLU K 441 -29.12 -28.89 -17.06
C GLU K 441 -28.24 -28.87 -15.83
N GLU K 442 -26.94 -29.14 -16.02
CA GLU K 442 -25.92 -29.21 -15.01
C GLU K 442 -25.66 -27.89 -14.35
N GLN K 443 -25.77 -26.78 -15.09
CA GLN K 443 -25.56 -25.50 -14.48
C GLN K 443 -26.58 -25.16 -13.46
N VAL K 444 -27.84 -25.65 -13.60
CA VAL K 444 -28.85 -25.33 -12.62
C VAL K 444 -28.48 -25.80 -11.22
N PRO K 445 -28.07 -27.04 -10.93
CA PRO K 445 -27.79 -27.42 -9.56
C PRO K 445 -26.60 -26.74 -9.00
N LEU K 446 -25.57 -26.49 -9.81
CA LEU K 446 -24.35 -25.91 -9.30
C LEU K 446 -24.61 -24.55 -8.74
N ILE K 447 -25.42 -23.76 -9.45
CA ILE K 447 -25.80 -22.44 -9.02
C ILE K 447 -26.70 -22.56 -7.82
N TYR K 448 -27.52 -23.64 -7.76
CA TYR K 448 -28.43 -23.85 -6.67
C TYR K 448 -27.63 -23.99 -5.40
N ALA K 449 -26.53 -24.78 -5.49
CA ALA K 449 -25.76 -25.17 -4.34
C ALA K 449 -25.22 -23.96 -3.65
N GLY K 450 -24.54 -23.09 -4.41
CA GLY K 450 -23.85 -21.96 -3.84
C GLY K 450 -24.80 -20.95 -3.30
N VAL K 451 -25.89 -20.68 -4.07
CA VAL K 451 -26.89 -19.69 -3.74
C VAL K 451 -27.59 -20.07 -2.47
N ASN K 452 -27.91 -21.37 -2.33
CA ASN K 452 -28.64 -21.88 -1.20
C ASN K 452 -27.66 -22.21 -0.10
N GLY K 453 -26.39 -21.83 -0.30
CA GLY K 453 -25.43 -21.69 0.76
C GLY K 453 -24.83 -22.99 1.15
N HIS K 454 -24.90 -23.97 0.25
CA HIS K 454 -24.45 -25.31 0.50
C HIS K 454 -22.95 -25.35 0.32
N LEU K 455 -22.41 -24.42 -0.49
CA LEU K 455 -21.02 -24.36 -0.84
C LEU K 455 -20.35 -23.38 0.10
N ASP K 456 -21.10 -22.80 1.06
CA ASP K 456 -20.54 -21.93 2.06
C ASP K 456 -19.51 -22.63 2.88
N GLY K 457 -19.80 -23.89 3.28
CA GLY K 457 -18.96 -24.60 4.20
C GLY K 457 -17.83 -25.29 3.51
N ILE K 458 -18.06 -25.76 2.26
CA ILE K 458 -17.11 -26.50 1.44
C ILE K 458 -15.78 -25.81 1.41
N GLU K 459 -14.71 -26.48 1.88
CA GLU K 459 -13.38 -25.93 1.91
C GLU K 459 -12.88 -25.71 0.50
N LEU K 460 -12.11 -24.62 0.33
CA LEU K 460 -11.74 -24.03 -0.94
C LEU K 460 -11.05 -25.02 -1.83
N SER K 461 -10.18 -25.86 -1.23
CA SER K 461 -9.39 -26.83 -1.93
C SER K 461 -10.24 -27.83 -2.67
N ARG K 462 -11.39 -28.24 -2.10
CA ARG K 462 -12.18 -29.30 -2.66
C ARG K 462 -13.27 -28.81 -3.58
N ILE K 463 -13.29 -27.52 -4.01
CA ILE K 463 -14.40 -27.01 -4.79
C ILE K 463 -14.56 -27.74 -6.11
N GLY K 464 -13.42 -28.04 -6.77
CA GLY K 464 -13.44 -28.72 -8.04
C GLY K 464 -14.01 -30.10 -7.91
N GLU K 465 -13.63 -30.78 -6.80
CA GLU K 465 -14.11 -32.10 -6.47
C GLU K 465 -15.58 -32.05 -6.26
N PHE K 466 -16.06 -30.99 -5.55
CA PHE K 466 -17.43 -30.83 -5.14
C PHE K 466 -18.28 -30.81 -6.36
N GLU K 467 -17.82 -30.09 -7.41
CA GLU K 467 -18.62 -29.93 -8.60
C GLU K 467 -18.87 -31.23 -9.28
N SER K 468 -17.79 -32.00 -9.53
CA SER K 468 -17.90 -33.22 -10.30
C SER K 468 -18.67 -34.25 -9.55
N SER K 469 -18.35 -34.37 -8.25
CA SER K 469 -18.93 -35.32 -7.35
C SER K 469 -20.38 -35.03 -7.14
N PHE K 470 -20.74 -33.74 -7.04
CA PHE K 470 -22.09 -33.29 -6.84
C PHE K 470 -22.93 -33.70 -8.02
N LEU K 471 -22.41 -33.49 -9.25
CA LEU K 471 -23.14 -33.81 -10.44
C LEU K 471 -23.31 -35.29 -10.58
N SER K 472 -22.25 -36.07 -10.27
CA SER K 472 -22.29 -37.51 -10.35
C SER K 472 -23.27 -38.05 -9.37
N TYR K 473 -23.31 -37.43 -8.17
CA TYR K 473 -24.17 -37.77 -7.07
C TYR K 473 -25.58 -37.58 -7.51
N LEU K 474 -25.88 -36.43 -8.16
CA LEU K 474 -27.22 -36.07 -8.51
C LEU K 474 -27.76 -37.04 -9.48
N LYS K 475 -26.95 -37.41 -10.49
CA LYS K 475 -27.37 -38.36 -11.48
C LYS K 475 -27.59 -39.72 -10.90
N SER K 476 -26.66 -40.20 -10.05
CA SER K 476 -26.74 -41.51 -9.46
C SER K 476 -27.86 -41.66 -8.47
N ASN K 477 -28.04 -40.65 -7.59
CA ASN K 477 -29.09 -40.63 -6.60
C ASN K 477 -30.42 -40.47 -7.26
N HIS K 478 -30.54 -39.53 -8.21
CA HIS K 478 -31.80 -39.25 -8.81
C HIS K 478 -31.56 -38.28 -9.91
N ASN K 479 -31.51 -38.83 -11.14
CA ASN K 479 -31.31 -38.05 -12.33
C ASN K 479 -32.70 -37.64 -12.74
N GLU K 480 -33.72 -38.17 -12.02
CA GLU K 480 -35.12 -37.91 -12.13
C GLU K 480 -35.37 -36.47 -11.88
N LEU K 481 -34.69 -35.89 -10.85
CA LEU K 481 -34.82 -34.51 -10.51
C LEU K 481 -34.37 -33.67 -11.66
N LEU K 482 -33.21 -34.03 -12.24
CA LEU K 482 -32.60 -33.29 -13.31
C LEU K 482 -33.42 -33.37 -14.55
N THR K 483 -34.05 -34.53 -14.83
CA THR K 483 -34.97 -34.73 -15.93
C THR K 483 -36.16 -33.84 -15.79
N GLU K 484 -36.70 -33.71 -14.55
CA GLU K 484 -37.80 -32.85 -14.26
C GLU K 484 -37.44 -31.42 -14.50
N ILE K 485 -36.27 -30.96 -14.04
CA ILE K 485 -35.86 -29.59 -14.19
C ILE K 485 -35.54 -29.33 -15.64
N ARG K 486 -35.14 -30.38 -16.38
CA ARG K 486 -34.90 -30.35 -17.80
C ARG K 486 -36.12 -30.08 -18.59
N GLU K 487 -37.27 -30.62 -18.18
CA GLU K 487 -38.44 -30.44 -18.96
C GLU K 487 -39.21 -29.29 -18.44
N LYS K 488 -39.43 -29.20 -17.12
CA LYS K 488 -40.19 -28.15 -16.52
C LYS K 488 -39.57 -26.81 -16.73
N GLY K 489 -38.24 -26.70 -16.50
CA GLY K 489 -37.50 -25.49 -16.81
C GLY K 489 -37.86 -24.38 -15.85
N GLU K 490 -38.49 -24.78 -14.72
CA GLU K 490 -39.01 -23.93 -13.71
C GLU K 490 -38.76 -24.80 -12.54
N LEU K 491 -38.31 -24.22 -11.41
CA LEU K 491 -37.99 -24.98 -10.24
C LEU K 491 -39.20 -24.83 -9.37
N SER K 492 -39.99 -25.92 -9.21
CA SER K 492 -41.17 -25.92 -8.39
C SER K 492 -40.76 -25.93 -6.95
N LYS K 493 -41.69 -25.63 -6.03
CA LYS K 493 -41.44 -25.58 -4.61
C LYS K 493 -41.02 -26.92 -4.11
N GLU K 494 -41.68 -27.98 -4.62
CA GLU K 494 -41.33 -29.34 -4.34
C GLU K 494 -39.96 -29.67 -4.82
N LEU K 495 -39.60 -29.27 -6.06
CA LEU K 495 -38.28 -29.47 -6.61
C LEU K 495 -37.24 -28.72 -5.86
N LEU K 496 -37.57 -27.50 -5.40
CA LEU K 496 -36.68 -26.65 -4.67
C LEU K 496 -36.36 -27.29 -3.36
N ALA K 497 -37.39 -27.81 -2.66
CA ALA K 497 -37.16 -28.46 -1.39
C ALA K 497 -36.39 -29.74 -1.55
N SER K 498 -36.74 -30.53 -2.58
CA SER K 498 -36.15 -31.80 -2.90
C SER K 498 -34.70 -31.65 -3.23
N LEU K 499 -34.40 -30.57 -3.97
CA LEU K 499 -33.07 -30.20 -4.33
C LEU K 499 -32.32 -29.73 -3.14
N LYS K 500 -32.95 -28.98 -2.20
CA LYS K 500 -32.28 -28.52 -1.01
C LYS K 500 -31.83 -29.71 -0.23
N SER K 501 -32.74 -30.70 -0.08
CA SER K 501 -32.52 -31.93 0.63
C SER K 501 -31.42 -32.72 -0.04
N ALA K 502 -31.48 -32.84 -1.39
CA ALA K 502 -30.55 -33.64 -2.14
C ALA K 502 -29.18 -33.05 -2.10
N THR K 503 -29.09 -31.72 -2.20
CA THR K 503 -27.83 -30.99 -2.21
C THR K 503 -27.18 -31.12 -0.88
N GLU K 504 -27.98 -31.02 0.21
CA GLU K 504 -27.51 -31.19 1.56
C GLU K 504 -26.95 -32.56 1.74
N SER K 505 -27.61 -33.56 1.11
CA SER K 505 -27.19 -34.94 1.13
C SER K 505 -25.83 -35.06 0.49
N PHE K 506 -25.60 -34.38 -0.67
CA PHE K 506 -24.31 -34.41 -1.32
C PHE K 506 -23.28 -33.74 -0.45
N VAL K 507 -23.64 -32.63 0.26
CA VAL K 507 -22.72 -31.86 1.06
C VAL K 507 -22.14 -32.75 2.11
N ALA K 508 -22.99 -33.64 2.69
CA ALA K 508 -22.63 -34.54 3.75
C ALA K 508 -21.53 -35.46 3.29
N THR K 509 -21.63 -35.94 2.03
CA THR K 509 -20.60 -36.73 1.41
C THR K 509 -19.80 -35.72 0.59
N THR L 3 -4.74 20.82 -68.29
CA THR L 3 -3.61 21.73 -67.95
C THR L 3 -3.77 22.09 -66.50
N LYS L 4 -4.68 23.02 -66.19
CA LYS L 4 -4.94 23.50 -64.87
C LYS L 4 -6.34 24.01 -64.93
N ALA L 5 -7.03 24.05 -63.77
CA ALA L 5 -8.41 24.48 -63.70
C ALA L 5 -8.41 25.98 -63.64
N GLN L 6 -9.40 26.62 -64.28
CA GLN L 6 -9.44 28.06 -64.40
C GLN L 6 -10.90 28.37 -64.44
N PRO L 7 -11.37 29.52 -63.98
CA PRO L 7 -12.80 29.81 -63.91
C PRO L 7 -13.29 30.23 -65.27
N THR L 8 -12.38 30.35 -66.25
CA THR L 8 -12.71 30.70 -67.60
C THR L 8 -13.10 29.47 -68.37
N GLU L 9 -12.82 28.28 -67.79
CA GLU L 9 -13.20 27.01 -68.34
C GLU L 9 -14.67 26.78 -68.31
N VAL L 10 -15.41 27.55 -67.46
CA VAL L 10 -16.83 27.43 -67.25
C VAL L 10 -17.48 27.63 -68.58
N SER L 11 -18.30 26.63 -69.01
CA SER L 11 -18.69 26.46 -70.37
C SER L 11 -19.51 27.60 -70.90
N SER L 12 -20.36 28.21 -70.06
CA SER L 12 -21.12 29.37 -70.46
C SER L 12 -20.25 30.58 -70.66
N ILE L 13 -19.26 30.78 -69.76
CA ILE L 13 -18.28 31.85 -69.90
C ILE L 13 -17.47 31.60 -71.13
N LEU L 14 -17.07 30.35 -71.34
CA LEU L 14 -16.15 29.96 -72.36
C LEU L 14 -16.80 30.13 -73.69
N GLU L 15 -18.13 29.85 -73.77
CA GLU L 15 -18.90 29.88 -74.98
C GLU L 15 -19.07 31.29 -75.41
N GLU L 16 -19.21 32.22 -74.44
CA GLU L 16 -19.35 33.61 -74.70
C GLU L 16 -18.07 34.14 -75.29
N ARG L 17 -16.90 33.68 -74.80
CA ARG L 17 -15.64 34.15 -75.30
C ARG L 17 -15.42 33.71 -76.71
N ILE L 18 -15.76 32.44 -77.06
CA ILE L 18 -15.62 31.91 -78.40
C ILE L 18 -16.49 32.67 -79.36
N LYS L 19 -17.69 33.09 -78.89
CA LYS L 19 -18.63 33.85 -79.68
C LYS L 19 -18.21 35.27 -79.92
N GLY L 20 -16.97 35.64 -79.52
CA GLY L 20 -16.40 36.94 -79.75
C GLY L 20 -17.14 38.00 -79.03
N VAL L 21 -17.63 37.68 -77.82
CA VAL L 21 -18.30 38.63 -76.96
C VAL L 21 -17.74 38.30 -75.62
N SER L 22 -17.84 39.24 -74.64
CA SER L 22 -17.17 39.12 -73.36
C SER L 22 -18.17 39.44 -72.30
N ASP L 23 -17.67 39.83 -71.10
CA ASP L 23 -18.45 40.21 -69.93
C ASP L 23 -19.15 41.53 -70.17
N GLU L 24 -18.56 42.34 -71.08
CA GLU L 24 -19.16 43.53 -71.65
C GLU L 24 -19.13 44.65 -70.66
N ALA L 25 -18.33 44.50 -69.57
CA ALA L 25 -18.02 45.52 -68.61
C ALA L 25 -19.19 45.88 -67.73
N ASN L 26 -20.37 45.25 -67.96
CA ASN L 26 -21.53 45.37 -67.10
C ASN L 26 -21.15 44.74 -65.80
N LEU L 27 -20.34 43.67 -65.94
CA LEU L 27 -19.83 42.89 -64.87
C LEU L 27 -18.55 43.52 -64.36
N ASN L 28 -18.53 44.86 -64.24
CA ASN L 28 -17.50 45.61 -63.57
C ASN L 28 -18.14 45.99 -62.27
N GLU L 29 -19.45 45.73 -62.13
CA GLU L 29 -20.24 46.21 -61.05
C GLU L 29 -21.49 45.39 -60.97
N THR L 30 -21.57 44.35 -61.81
CA THR L 30 -22.68 43.43 -61.86
C THR L 30 -21.95 42.13 -61.82
N GLY L 31 -22.64 41.01 -61.56
CA GLY L 31 -22.03 39.74 -61.83
C GLY L 31 -23.05 38.69 -61.69
N ARG L 32 -22.79 37.54 -62.35
CA ARG L 32 -23.79 36.52 -62.51
C ARG L 32 -23.29 35.46 -61.58
N VAL L 33 -24.19 34.96 -60.71
CA VAL L 33 -23.88 34.02 -59.66
C VAL L 33 -23.52 32.74 -60.36
N LEU L 34 -22.70 31.87 -59.76
CA LEU L 34 -22.31 30.67 -60.44
C LEU L 34 -22.31 29.64 -59.37
N ALA L 35 -21.12 29.21 -58.91
CA ALA L 35 -20.98 28.32 -57.79
C ALA L 35 -21.48 28.97 -56.55
N VAL L 36 -22.43 28.30 -55.88
CA VAL L 36 -23.21 28.92 -54.85
C VAL L 36 -23.66 27.76 -54.04
N GLY L 37 -23.94 28.02 -52.75
CA GLY L 37 -24.29 27.01 -51.80
C GLY L 37 -23.16 27.02 -50.85
N ASP L 38 -23.44 26.53 -49.63
CA ASP L 38 -22.59 26.55 -48.46
C ASP L 38 -22.65 27.93 -47.86
N GLY L 39 -23.61 28.77 -48.32
CA GLY L 39 -23.79 30.13 -47.89
C GLY L 39 -22.73 31.04 -48.41
N ILE L 40 -21.92 30.57 -49.37
CA ILE L 40 -20.77 31.26 -49.85
C ILE L 40 -20.95 31.16 -51.31
N ALA L 41 -21.06 32.33 -51.96
CA ALA L 41 -21.32 32.42 -53.35
C ALA L 41 -20.01 32.78 -53.97
N ARG L 42 -19.93 32.60 -55.29
CA ARG L 42 -18.83 32.99 -56.08
C ARG L 42 -19.60 33.36 -57.30
N VAL L 43 -19.29 34.58 -57.73
CA VAL L 43 -20.02 35.26 -58.75
C VAL L 43 -18.94 35.56 -59.72
N PHE L 44 -19.28 35.68 -61.01
CA PHE L 44 -18.32 35.95 -62.03
C PHE L 44 -18.65 37.35 -62.44
N GLY L 45 -17.66 38.25 -62.37
CA GLY L 45 -17.83 39.65 -62.66
C GLY L 45 -17.23 40.53 -61.61
N LEU L 46 -17.87 41.70 -61.38
CA LEU L 46 -17.57 42.71 -60.38
C LEU L 46 -16.14 43.12 -60.48
N ASN L 47 -15.67 43.48 -61.70
CA ASN L 47 -14.26 43.63 -61.97
C ASN L 47 -13.69 44.83 -61.30
N ASN L 48 -14.55 45.79 -60.92
CA ASN L 48 -14.18 46.86 -60.04
C ASN L 48 -15.00 46.56 -58.83
N ILE L 49 -14.40 46.68 -57.64
CA ILE L 49 -15.03 46.35 -56.39
C ILE L 49 -13.99 46.58 -55.36
N GLN L 50 -14.29 47.51 -54.43
CA GLN L 50 -13.53 47.78 -53.23
C GLN L 50 -13.52 46.53 -52.39
N ALA L 51 -12.41 46.21 -51.70
CA ALA L 51 -12.39 45.08 -50.80
C ALA L 51 -13.24 45.39 -49.60
N GLU L 52 -13.97 44.38 -49.08
CA GLU L 52 -14.86 44.51 -47.94
C GLU L 52 -16.10 45.30 -48.27
N GLU L 53 -16.50 45.33 -49.56
CA GLU L 53 -17.63 46.11 -49.97
C GLU L 53 -18.83 45.25 -49.68
N LEU L 54 -20.03 45.84 -49.70
CA LEU L 54 -21.25 45.14 -49.39
C LEU L 54 -21.86 45.04 -50.74
N VAL L 55 -22.39 43.85 -51.09
CA VAL L 55 -22.95 43.65 -52.40
C VAL L 55 -24.34 43.15 -52.17
N GLU L 56 -25.32 43.82 -52.79
CA GLU L 56 -26.71 43.48 -52.69
C GLU L 56 -27.05 42.52 -53.80
N PHE L 57 -27.27 41.24 -53.43
CA PHE L 57 -27.68 40.20 -54.34
C PHE L 57 -29.10 40.52 -54.70
N SER L 58 -29.52 40.20 -55.94
CA SER L 58 -30.82 40.59 -56.44
C SER L 58 -31.91 39.80 -55.77
N SER L 59 -31.55 38.65 -55.15
CA SER L 59 -32.42 37.87 -54.30
C SER L 59 -32.93 38.70 -53.16
N GLY L 60 -32.03 39.49 -52.57
CA GLY L 60 -32.37 40.44 -51.55
C GLY L 60 -31.47 40.23 -50.40
N VAL L 61 -30.53 39.25 -50.50
CA VAL L 61 -29.58 39.02 -49.44
C VAL L 61 -28.48 39.97 -49.76
N LYS L 62 -27.71 40.38 -48.74
CA LYS L 62 -26.59 41.25 -48.94
C LYS L 62 -25.49 40.41 -48.39
N GLY L 63 -24.31 40.50 -49.02
CA GLY L 63 -23.17 39.75 -48.60
C GLY L 63 -22.01 40.61 -48.91
N MET L 64 -21.03 40.68 -47.97
CA MET L 64 -19.82 41.43 -48.18
C MET L 64 -18.90 40.49 -48.90
N ALA L 65 -17.77 41.00 -49.42
CA ALA L 65 -16.91 40.24 -50.28
C ALA L 65 -15.57 40.29 -49.63
N LEU L 66 -14.97 39.11 -49.42
CA LEU L 66 -13.77 38.98 -48.63
C LEU L 66 -12.67 38.39 -49.46
N ASN L 67 -13.00 37.76 -50.60
CA ASN L 67 -11.99 37.25 -51.48
C ASN L 67 -12.40 37.84 -52.77
N LEU L 68 -11.43 38.39 -53.50
CA LEU L 68 -11.62 38.88 -54.83
C LEU L 68 -10.67 37.94 -55.48
N GLU L 69 -11.21 36.97 -56.25
CA GLU L 69 -10.38 35.93 -56.83
C GLU L 69 -10.30 36.35 -58.27
N PRO L 70 -9.37 35.84 -59.07
CA PRO L 70 -9.05 36.40 -60.36
C PRO L 70 -9.95 35.76 -61.35
N GLY L 71 -11.26 36.05 -61.23
CA GLY L 71 -12.24 35.75 -62.21
C GLY L 71 -13.51 35.80 -61.48
N GLN L 72 -13.49 35.36 -60.21
CA GLN L 72 -14.68 35.17 -59.46
C GLN L 72 -14.54 35.82 -58.15
N VAL L 73 -15.40 36.80 -57.88
CA VAL L 73 -15.33 37.53 -56.65
C VAL L 73 -16.14 36.69 -55.71
N GLY L 74 -15.58 36.42 -54.52
CA GLY L 74 -16.12 35.49 -53.55
C GLY L 74 -16.80 36.32 -52.51
N ILE L 75 -18.15 36.30 -52.55
CA ILE L 75 -18.98 37.17 -51.76
C ILE L 75 -19.63 36.30 -50.75
N VAL L 76 -19.41 36.58 -49.45
CA VAL L 76 -19.97 35.81 -48.37
C VAL L 76 -21.35 36.33 -48.10
N LEU L 77 -22.39 35.46 -48.19
CA LEU L 77 -23.77 35.84 -48.06
C LEU L 77 -24.01 36.13 -46.61
N PHE L 78 -24.91 37.08 -46.26
CA PHE L 78 -25.20 37.36 -44.87
C PHE L 78 -26.48 36.67 -44.48
N GLY L 79 -27.09 35.86 -45.37
CA GLY L 79 -28.32 35.21 -45.00
C GLY L 79 -28.59 33.98 -45.81
N SER L 80 -29.88 33.55 -45.75
CA SER L 80 -30.55 32.44 -46.40
C SER L 80 -29.99 32.02 -47.73
N ASP L 81 -29.85 30.69 -47.90
CA ASP L 81 -29.38 30.12 -49.14
C ASP L 81 -30.58 29.78 -49.96
N ARG L 82 -31.78 29.80 -49.34
CA ARG L 82 -32.98 29.29 -49.90
C ARG L 82 -33.70 30.42 -50.58
N LEU L 83 -33.02 31.57 -50.75
CA LEU L 83 -33.53 32.66 -51.52
C LEU L 83 -32.55 32.97 -52.62
N VAL L 84 -31.29 32.50 -52.50
CA VAL L 84 -30.30 32.69 -53.53
C VAL L 84 -30.39 31.55 -54.51
N LYS L 85 -30.14 31.85 -55.81
CA LYS L 85 -30.20 30.91 -56.88
C LYS L 85 -29.11 31.31 -57.83
N GLU L 86 -28.67 30.34 -58.65
CA GLU L 86 -27.59 30.46 -59.59
C GLU L 86 -27.93 31.40 -60.71
N GLY L 87 -26.91 32.11 -61.23
CA GLY L 87 -27.04 33.05 -62.32
C GLY L 87 -27.75 34.33 -62.02
N GLU L 88 -27.97 34.66 -60.74
CA GLU L 88 -28.64 35.90 -60.38
C GLU L 88 -27.67 37.01 -60.58
N LEU L 89 -28.16 38.26 -60.62
CA LEU L 89 -27.27 39.37 -60.79
C LEU L 89 -27.06 39.87 -59.41
N VAL L 90 -25.89 40.46 -59.16
CA VAL L 90 -25.60 41.05 -57.89
C VAL L 90 -25.16 42.40 -58.29
N LYS L 91 -25.60 43.39 -57.51
CA LYS L 91 -25.34 44.77 -57.78
C LYS L 91 -24.59 45.24 -56.60
N ARG L 92 -23.42 45.87 -56.84
CA ARG L 92 -22.52 46.36 -55.83
C ARG L 92 -23.20 47.44 -55.08
N THR L 93 -23.21 47.39 -53.72
CA THR L 93 -23.83 48.44 -52.92
C THR L 93 -22.98 49.65 -53.18
N GLY L 94 -21.65 49.43 -53.20
CA GLY L 94 -20.71 50.47 -53.48
C GLY L 94 -20.31 51.07 -52.19
N ASN L 95 -20.64 50.40 -51.07
CA ASN L 95 -20.33 50.90 -49.77
C ASN L 95 -19.72 49.76 -49.06
N ILE L 96 -18.55 50.06 -48.43
CA ILE L 96 -17.86 49.18 -47.51
C ILE L 96 -18.79 49.07 -46.35
N VAL L 97 -18.76 47.93 -45.63
CA VAL L 97 -19.75 47.61 -44.63
C VAL L 97 -19.76 48.66 -43.56
N ASP L 98 -20.97 49.07 -43.14
CA ASP L 98 -21.11 50.22 -42.30
C ASP L 98 -22.33 49.99 -41.48
N VAL L 99 -22.37 50.63 -40.30
CA VAL L 99 -23.44 50.46 -39.37
C VAL L 99 -23.83 51.83 -38.96
N PRO L 100 -25.07 52.12 -38.62
CA PRO L 100 -25.44 53.38 -38.02
C PRO L 100 -24.88 53.44 -36.61
N VAL L 101 -24.26 54.56 -36.17
CA VAL L 101 -23.74 54.69 -34.83
C VAL L 101 -24.32 55.97 -34.29
N GLY L 102 -24.82 55.98 -33.03
CA GLY L 102 -25.47 57.16 -32.49
C GLY L 102 -25.76 56.93 -31.04
N PRO L 103 -26.44 57.86 -30.38
CA PRO L 103 -26.88 57.69 -29.00
C PRO L 103 -28.13 56.86 -28.93
N GLY L 104 -28.77 56.58 -30.08
CA GLY L 104 -30.05 55.91 -30.12
C GLY L 104 -29.97 54.49 -29.72
N LEU L 105 -28.76 53.92 -29.81
CA LEU L 105 -28.50 52.55 -29.44
C LEU L 105 -28.57 52.34 -27.95
N LEU L 106 -28.53 53.44 -27.15
CA LEU L 106 -28.67 53.36 -25.73
C LEU L 106 -30.05 52.86 -25.45
N GLY L 107 -30.13 51.76 -24.67
CA GLY L 107 -31.34 51.05 -24.41
C GLY L 107 -31.92 50.31 -25.59
N ARG L 108 -31.09 49.66 -26.43
CA ARG L 108 -31.60 48.96 -27.60
C ARG L 108 -30.86 47.67 -27.66
N VAL L 109 -31.53 46.59 -28.13
CA VAL L 109 -30.85 45.39 -28.52
C VAL L 109 -30.81 45.58 -29.99
N VAL L 110 -29.67 45.25 -30.64
CA VAL L 110 -29.51 45.44 -32.04
C VAL L 110 -28.82 44.24 -32.57
N ASP L 111 -29.14 43.88 -33.82
CA ASP L 111 -28.44 42.82 -34.52
C ASP L 111 -27.28 43.52 -35.19
N ALA L 112 -26.44 42.74 -35.89
CA ALA L 112 -25.20 43.16 -36.51
C ALA L 112 -25.38 44.28 -37.50
N LEU L 113 -26.49 44.28 -38.26
CA LEU L 113 -26.71 45.26 -39.30
C LEU L 113 -27.48 46.41 -38.74
N GLY L 114 -27.74 46.40 -37.42
CA GLY L 114 -28.16 47.57 -36.69
C GLY L 114 -29.64 47.62 -36.62
N ASN L 115 -30.34 46.52 -36.99
CA ASN L 115 -31.76 46.45 -36.87
C ASN L 115 -32.04 46.29 -35.40
N PRO L 116 -33.08 46.86 -34.82
CA PRO L 116 -33.39 46.65 -33.43
C PRO L 116 -34.13 45.35 -33.36
N ILE L 117 -33.52 44.31 -32.76
CA ILE L 117 -34.18 43.02 -32.68
C ILE L 117 -35.11 42.98 -31.50
N ASP L 118 -35.06 44.00 -30.62
CA ASP L 118 -36.01 44.13 -29.54
C ASP L 118 -37.15 44.99 -30.03
N GLY L 119 -37.04 45.54 -31.26
CA GLY L 119 -38.07 46.32 -31.91
C GLY L 119 -38.49 47.52 -31.11
N LYS L 120 -37.51 48.25 -30.54
CA LYS L 120 -37.73 49.53 -29.92
C LYS L 120 -37.61 50.63 -30.95
N GLY L 121 -38.03 50.34 -32.20
CA GLY L 121 -38.10 51.23 -33.32
C GLY L 121 -36.74 51.65 -33.82
N PRO L 122 -36.68 52.25 -35.02
CA PRO L 122 -35.44 52.54 -35.73
C PRO L 122 -34.44 53.27 -34.90
N ILE L 123 -33.15 52.88 -34.97
CA ILE L 123 -32.09 53.44 -34.14
C ILE L 123 -31.92 54.89 -34.49
N ASP L 124 -31.72 55.74 -33.45
CA ASP L 124 -31.50 57.14 -33.62
C ASP L 124 -30.03 57.29 -33.80
N ALA L 125 -29.62 57.34 -35.07
CA ALA L 125 -28.25 57.28 -35.48
C ALA L 125 -27.73 58.67 -35.38
N ALA L 126 -26.44 58.83 -35.71
CA ALA L 126 -25.75 60.08 -35.64
C ALA L 126 -24.58 59.95 -36.57
N GLY L 127 -24.41 58.75 -37.17
CA GLY L 127 -23.35 58.53 -38.11
C GLY L 127 -23.59 57.19 -38.68
N ARG L 128 -22.69 56.81 -39.60
CA ARG L 128 -22.50 55.49 -40.08
C ARG L 128 -21.02 55.35 -39.89
N SER L 129 -20.47 54.13 -39.84
CA SER L 129 -19.07 53.98 -39.54
C SER L 129 -18.67 52.83 -40.41
N ARG L 130 -17.40 52.36 -40.33
CA ARG L 130 -16.93 51.31 -41.19
C ARG L 130 -16.53 50.24 -40.23
N ALA L 131 -16.55 48.98 -40.71
CA ALA L 131 -16.27 47.83 -39.89
C ALA L 131 -14.89 47.84 -39.31
N GLN L 132 -13.87 48.18 -40.13
CA GLN L 132 -12.53 48.28 -39.66
C GLN L 132 -12.25 49.74 -39.56
N VAL L 133 -11.68 50.14 -38.43
CA VAL L 133 -11.28 51.50 -38.15
C VAL L 133 -10.00 51.26 -37.42
N LYS L 134 -8.91 51.95 -37.82
CA LYS L 134 -7.59 51.79 -37.25
C LYS L 134 -7.53 52.17 -35.80
N ALA L 135 -6.70 51.42 -35.04
CA ALA L 135 -6.53 51.52 -33.61
C ALA L 135 -5.95 52.85 -33.22
N PRO L 136 -6.32 53.46 -32.09
CA PRO L 136 -5.70 54.68 -31.60
C PRO L 136 -4.23 54.47 -31.34
N GLY L 137 -3.38 55.28 -31.98
CA GLY L 137 -1.94 55.19 -31.97
C GLY L 137 -1.33 55.45 -30.62
N ILE L 138 0.02 55.38 -30.60
CA ILE L 138 0.86 55.72 -29.48
C ILE L 138 0.64 57.13 -29.02
N LEU L 139 0.69 58.09 -29.96
CA LEU L 139 0.41 59.47 -29.69
C LEU L 139 -0.99 59.77 -29.21
N PRO L 140 -2.11 59.36 -29.79
CA PRO L 140 -3.42 59.76 -29.28
C PRO L 140 -3.89 59.03 -28.05
N ARG L 141 -3.01 58.35 -27.28
CA ARG L 141 -3.41 57.70 -26.06
C ARG L 141 -2.74 58.44 -24.95
N ARG L 142 -3.32 58.36 -23.75
CA ARG L 142 -2.71 58.85 -22.54
C ARG L 142 -3.04 57.76 -21.58
N SER L 143 -2.16 57.57 -20.58
CA SER L 143 -2.19 56.48 -19.64
C SER L 143 -3.42 56.42 -18.80
N VAL L 144 -3.85 55.19 -18.49
CA VAL L 144 -5.09 54.87 -17.80
C VAL L 144 -4.95 55.37 -16.39
N HIS L 145 -6.03 55.92 -15.81
CA HIS L 145 -5.91 56.61 -14.57
C HIS L 145 -7.28 56.72 -13.99
N GLU L 146 -8.29 56.08 -14.63
CA GLU L 146 -9.65 56.22 -14.23
C GLU L 146 -10.06 54.85 -13.78
N PRO L 147 -10.34 54.58 -12.51
CA PRO L 147 -10.86 53.31 -12.05
C PRO L 147 -12.14 52.90 -12.73
N VAL L 148 -12.47 51.60 -12.72
CA VAL L 148 -13.78 51.12 -13.07
C VAL L 148 -13.87 49.97 -12.12
N GLN L 149 -14.96 49.86 -11.36
CA GLN L 149 -15.00 48.99 -10.21
C GLN L 149 -16.17 48.10 -10.44
N THR L 150 -15.97 46.76 -10.37
CA THR L 150 -16.99 45.80 -10.68
C THR L 150 -17.88 45.56 -9.49
N GLY L 151 -17.38 45.90 -8.28
CA GLY L 151 -18.10 45.72 -7.04
C GLY L 151 -17.93 44.35 -6.50
N LEU L 152 -16.97 43.58 -7.05
CA LEU L 152 -16.64 42.28 -6.56
C LEU L 152 -15.36 42.52 -5.84
N LYS L 153 -15.26 41.97 -4.62
CA LYS L 153 -14.17 42.31 -3.73
C LYS L 153 -12.86 41.87 -4.28
N ALA L 154 -12.83 40.64 -4.84
CA ALA L 154 -11.63 40.13 -5.44
C ALA L 154 -11.18 40.88 -6.64
N VAL L 155 -12.12 41.27 -7.51
CA VAL L 155 -11.77 41.94 -8.74
C VAL L 155 -11.15 43.27 -8.47
N ASP L 156 -11.80 44.05 -7.59
CA ASP L 156 -11.33 45.37 -7.35
C ASP L 156 -10.02 45.36 -6.63
N ALA L 157 -9.93 44.55 -5.56
CA ALA L 157 -8.74 44.47 -4.77
C ALA L 157 -7.57 43.85 -5.46
N LEU L 158 -7.78 42.73 -6.15
CA LEU L 158 -6.66 41.95 -6.62
C LEU L 158 -6.29 42.32 -8.00
N VAL L 159 -7.27 42.61 -8.88
CA VAL L 159 -6.97 42.86 -10.26
C VAL L 159 -7.63 44.14 -10.66
N PRO L 160 -7.22 45.30 -10.15
CA PRO L 160 -7.96 46.55 -10.30
C PRO L 160 -8.00 46.93 -11.76
N ILE L 161 -9.18 47.34 -12.25
CA ILE L 161 -9.44 47.58 -13.65
C ILE L 161 -9.71 49.06 -13.73
N GLY L 162 -9.36 49.68 -14.88
CA GLY L 162 -9.47 51.09 -15.12
C GLY L 162 -10.25 51.21 -16.37
N ARG L 163 -10.09 52.33 -17.11
CA ARG L 163 -10.89 52.56 -18.30
C ARG L 163 -9.93 52.80 -19.42
N GLY L 164 -10.00 51.95 -20.46
CA GLY L 164 -9.06 51.99 -21.55
C GLY L 164 -8.66 50.59 -21.86
N GLN L 165 -7.91 49.98 -20.90
CA GLN L 165 -7.31 48.66 -20.93
C GLN L 165 -8.17 47.52 -21.39
N ARG L 166 -7.51 46.40 -21.76
CA ARG L 166 -8.15 45.22 -22.26
C ARG L 166 -7.76 44.18 -21.24
N GLU L 167 -8.73 43.42 -20.71
CA GLU L 167 -8.42 42.35 -19.78
C GLU L 167 -9.28 41.18 -20.12
N LEU L 168 -8.64 40.00 -20.16
CA LEU L 168 -9.18 38.80 -20.69
C LEU L 168 -9.77 37.97 -19.62
N ILE L 169 -11.03 37.55 -19.79
CA ILE L 169 -11.72 36.78 -18.82
C ILE L 169 -11.60 35.43 -19.47
N ILE L 170 -11.01 34.44 -18.77
CA ILE L 170 -10.67 33.18 -19.39
C ILE L 170 -11.05 32.12 -18.42
N GLY L 171 -11.44 30.93 -18.92
CA GLY L 171 -11.93 29.86 -18.08
C GLY L 171 -13.03 29.11 -18.76
N ASP L 172 -13.43 27.97 -18.13
CA ASP L 172 -14.28 26.93 -18.64
C ASP L 172 -15.68 27.43 -18.91
N ARG L 173 -16.32 26.85 -19.96
CA ARG L 173 -17.56 27.31 -20.50
C ARG L 173 -18.74 27.30 -19.56
N GLN L 174 -19.51 28.40 -19.64
CA GLN L 174 -20.78 28.64 -19.00
C GLN L 174 -20.68 28.41 -17.54
N THR L 175 -19.56 28.82 -16.91
CA THR L 175 -19.37 28.69 -15.48
C THR L 175 -19.85 30.00 -14.93
N GLY L 176 -21.07 30.41 -15.36
CA GLY L 176 -21.69 31.66 -15.03
C GLY L 176 -20.79 32.69 -15.59
N LYS L 177 -20.27 32.44 -16.81
CA LYS L 177 -19.23 33.25 -17.38
C LYS L 177 -19.75 34.62 -17.56
N THR L 178 -21.02 34.68 -18.00
CA THR L 178 -21.75 35.89 -18.26
C THR L 178 -21.89 36.71 -16.99
N ALA L 179 -22.10 36.03 -15.84
CA ALA L 179 -22.42 36.68 -14.61
C ALA L 179 -21.33 37.57 -14.13
N VAL L 180 -20.05 37.23 -14.39
CA VAL L 180 -18.93 38.05 -13.99
C VAL L 180 -19.04 39.41 -14.63
N ALA L 181 -19.38 39.46 -15.93
CA ALA L 181 -19.54 40.70 -16.64
C ALA L 181 -20.71 41.49 -16.17
N LEU L 182 -21.84 40.80 -15.90
CA LEU L 182 -23.05 41.46 -15.50
C LEU L 182 -22.89 42.20 -14.21
N ASP L 183 -22.06 41.67 -13.31
CA ASP L 183 -21.76 42.30 -12.04
C ASP L 183 -21.14 43.65 -12.26
N THR L 184 -20.26 43.78 -13.27
CA THR L 184 -19.62 45.04 -13.58
C THR L 184 -20.68 46.03 -13.95
N ILE L 185 -21.67 45.58 -14.78
CA ILE L 185 -22.72 46.43 -15.31
C ILE L 185 -23.54 46.95 -14.16
N LEU L 186 -23.79 46.08 -13.16
CA LEU L 186 -24.59 46.44 -12.02
C LEU L 186 -23.92 47.47 -11.16
N ASN L 187 -22.58 47.43 -10.95
CA ASN L 187 -21.96 48.45 -10.15
C ASN L 187 -21.84 49.74 -10.92
N GLN L 188 -21.93 49.67 -12.27
CA GLN L 188 -21.86 50.87 -13.07
C GLN L 188 -23.21 51.52 -13.10
N LYS L 189 -24.22 50.92 -12.43
CA LYS L 189 -25.49 51.56 -12.21
C LYS L 189 -25.33 52.71 -11.26
N ARG L 190 -24.50 52.54 -10.22
CA ARG L 190 -24.37 53.53 -9.19
C ARG L 190 -23.82 54.85 -9.67
N TRP L 191 -22.72 54.84 -10.45
CA TRP L 191 -22.23 56.06 -11.03
C TRP L 191 -23.03 56.56 -12.19
N ASN L 192 -23.53 55.65 -13.06
CA ASN L 192 -24.21 56.01 -14.29
C ASN L 192 -25.49 56.74 -14.03
N ASN L 193 -26.28 56.23 -13.04
CA ASN L 193 -27.56 56.76 -12.64
C ASN L 193 -27.30 58.11 -12.08
N GLY L 194 -26.15 58.23 -11.36
CA GLY L 194 -25.67 59.46 -10.82
C GLY L 194 -25.26 60.35 -11.98
N SER L 195 -25.07 61.65 -11.73
CA SER L 195 -24.88 62.63 -12.79
C SER L 195 -23.41 62.89 -13.01
N ASP L 196 -22.51 62.09 -12.40
CA ASP L 196 -21.07 62.29 -12.48
C ASP L 196 -20.63 61.94 -13.88
N GLU L 197 -20.32 62.99 -14.67
CA GLU L 197 -20.15 62.95 -16.10
C GLU L 197 -19.00 62.09 -16.49
N SER L 198 -17.89 62.21 -15.72
CA SER L 198 -16.68 61.51 -16.01
C SER L 198 -16.77 60.09 -15.55
N LYS L 199 -17.70 59.79 -14.63
CA LYS L 199 -17.94 58.44 -14.20
C LYS L 199 -19.23 57.91 -14.77
N LYS L 200 -19.67 58.44 -15.94
CA LYS L 200 -20.83 57.91 -16.60
C LYS L 200 -20.29 56.87 -17.54
N LEU L 201 -20.80 55.63 -17.42
CA LEU L 201 -20.41 54.56 -18.28
C LEU L 201 -21.67 54.03 -18.86
N TYR L 202 -21.71 54.12 -20.20
CA TYR L 202 -22.65 53.46 -21.04
C TYR L 202 -21.92 52.20 -21.40
N CYS L 203 -22.60 51.04 -21.33
CA CYS L 203 -21.91 49.77 -21.35
C CYS L 203 -22.44 49.06 -22.55
N VAL L 204 -21.57 48.35 -23.28
CA VAL L 204 -21.96 47.73 -24.52
C VAL L 204 -21.61 46.30 -24.30
N TYR L 205 -22.63 45.42 -24.36
CA TYR L 205 -22.46 44.04 -24.05
C TYR L 205 -22.65 43.39 -25.37
N VAL L 206 -21.70 42.54 -25.75
CA VAL L 206 -21.70 41.97 -27.06
C VAL L 206 -21.82 40.53 -26.73
N ALA L 207 -22.72 39.82 -27.44
CA ALA L 207 -23.03 38.46 -27.17
C ALA L 207 -22.94 37.80 -28.50
N VAL L 208 -21.95 36.89 -28.68
CA VAL L 208 -21.69 36.34 -29.97
C VAL L 208 -21.82 34.89 -29.73
N GLY L 209 -22.64 34.22 -30.56
CA GLY L 209 -22.72 32.79 -30.51
C GLY L 209 -23.61 32.35 -29.40
N GLN L 210 -24.47 33.24 -28.84
CA GLN L 210 -25.19 32.88 -27.66
C GLN L 210 -26.59 32.81 -28.16
N LYS L 211 -27.44 32.04 -27.46
CA LYS L 211 -28.77 31.81 -27.96
C LYS L 211 -29.66 32.94 -27.61
N ARG L 212 -30.70 33.13 -28.45
CA ARG L 212 -31.65 34.21 -28.37
C ARG L 212 -32.34 34.16 -27.05
N SER L 213 -32.62 32.94 -26.56
CA SER L 213 -33.24 32.73 -25.29
C SER L 213 -32.35 33.20 -24.17
N THR L 214 -31.02 32.91 -24.24
CA THR L 214 -30.09 33.33 -23.22
C THR L 214 -30.02 34.81 -23.15
N VAL L 215 -29.94 35.45 -24.33
CA VAL L 215 -29.83 36.88 -24.45
C VAL L 215 -31.08 37.49 -23.90
N ALA L 216 -32.23 36.88 -24.21
CA ALA L 216 -33.52 37.36 -23.82
C ALA L 216 -33.68 37.33 -22.34
N GLN L 217 -33.14 36.29 -21.67
CA GLN L 217 -33.09 36.23 -20.24
C GLN L 217 -32.21 37.32 -19.71
N LEU L 218 -31.07 37.56 -20.38
CA LEU L 218 -30.11 38.52 -19.94
C LEU L 218 -30.69 39.90 -19.95
N VAL L 219 -31.41 40.29 -21.02
CA VAL L 219 -31.99 41.60 -21.13
C VAL L 219 -33.08 41.79 -20.12
N GLN L 220 -33.79 40.70 -19.78
CA GLN L 220 -34.81 40.71 -18.78
C GLN L 220 -34.19 40.92 -17.45
N THR L 221 -33.04 40.27 -17.17
CA THR L 221 -32.31 40.38 -15.95
C THR L 221 -31.85 41.80 -15.78
N LEU L 222 -31.33 42.42 -16.86
CA LEU L 222 -30.84 43.78 -16.84
C LEU L 222 -31.95 44.75 -16.63
N GLU L 223 -33.14 44.49 -17.21
CA GLU L 223 -34.30 45.33 -16.99
C GLU L 223 -34.82 45.18 -15.60
N GLN L 224 -34.76 43.97 -15.01
CA GLN L 224 -35.12 43.69 -13.64
C GLN L 224 -34.23 44.44 -12.69
N HIS L 225 -32.93 44.46 -13.01
CA HIS L 225 -31.96 45.14 -12.20
C HIS L 225 -31.91 46.59 -12.61
N ASP L 226 -32.83 47.01 -13.51
CA ASP L 226 -33.05 48.35 -14.01
C ASP L 226 -31.76 49.01 -14.45
N ALA L 227 -31.14 48.47 -15.49
CA ALA L 227 -29.84 48.91 -15.93
C ALA L 227 -29.83 49.00 -17.42
N MET L 228 -30.82 48.34 -18.08
CA MET L 228 -31.00 48.38 -19.50
C MET L 228 -31.64 49.69 -19.88
N LYS L 229 -30.85 50.78 -19.85
CA LYS L 229 -31.20 52.02 -20.48
C LYS L 229 -29.90 52.64 -20.88
N TYR L 230 -28.83 52.37 -20.12
CA TYR L 230 -27.52 52.89 -20.45
C TYR L 230 -26.75 51.79 -21.09
N SER L 231 -27.36 50.58 -21.18
CA SER L 231 -26.71 49.47 -21.81
C SER L 231 -27.11 49.48 -23.25
N ILE L 232 -26.22 48.96 -24.10
CA ILE L 232 -26.48 48.70 -25.50
C ILE L 232 -26.19 47.25 -25.53
N ILE L 233 -27.01 46.46 -26.23
CA ILE L 233 -26.79 45.07 -26.35
C ILE L 233 -26.65 44.91 -27.82
N VAL L 234 -25.49 44.41 -28.25
CA VAL L 234 -25.21 44.15 -29.61
C VAL L 234 -25.23 42.67 -29.54
N ALA L 235 -25.94 42.00 -30.47
CA ALA L 235 -26.06 40.58 -30.39
C ALA L 235 -25.91 40.03 -31.77
N ALA L 236 -25.41 38.79 -31.83
CA ALA L 236 -25.32 38.01 -33.04
C ALA L 236 -25.43 36.64 -32.48
N THR L 237 -26.67 36.15 -32.45
CA THR L 237 -27.03 34.88 -31.90
C THR L 237 -26.61 33.76 -32.79
N ALA L 238 -26.68 32.53 -32.27
CA ALA L 238 -26.18 31.33 -32.91
C ALA L 238 -26.91 31.10 -34.20
N SER L 239 -28.25 31.35 -34.22
CA SER L 239 -29.07 31.25 -35.38
C SER L 239 -28.60 32.18 -36.47
N GLU L 240 -28.21 33.42 -36.09
CA GLU L 240 -27.78 34.44 -37.01
C GLU L 240 -26.50 34.01 -37.67
N ALA L 241 -26.26 34.49 -38.92
CA ALA L 241 -25.26 34.01 -39.83
C ALA L 241 -23.89 34.08 -39.25
N ALA L 242 -23.05 33.09 -39.60
CA ALA L 242 -21.65 33.04 -39.26
C ALA L 242 -20.88 34.19 -39.83
N PRO L 243 -21.05 34.70 -41.06
CA PRO L 243 -20.37 35.89 -41.50
C PRO L 243 -20.76 37.05 -40.64
N LEU L 244 -22.07 37.18 -40.31
CA LEU L 244 -22.52 38.25 -39.47
C LEU L 244 -21.93 38.15 -38.09
N GLN L 245 -21.70 36.92 -37.58
CA GLN L 245 -20.99 36.69 -36.35
C GLN L 245 -19.56 37.13 -36.38
N TYR L 246 -18.87 36.90 -37.52
CA TYR L 246 -17.53 37.38 -37.72
C TYR L 246 -17.49 38.88 -37.73
N LEU L 247 -18.50 39.50 -38.36
CA LEU L 247 -18.58 40.91 -38.48
C LEU L 247 -19.03 41.54 -37.18
N ALA L 248 -19.62 40.74 -36.27
CA ALA L 248 -20.24 41.28 -35.09
C ALA L 248 -19.34 41.95 -34.10
N PRO L 249 -18.17 41.50 -33.68
CA PRO L 249 -17.37 42.26 -32.76
C PRO L 249 -16.88 43.54 -33.37
N PHE L 250 -16.53 43.55 -34.67
CA PHE L 250 -15.91 44.71 -35.25
C PHE L 250 -16.90 45.82 -35.43
N THR L 251 -18.20 45.51 -35.54
CA THR L 251 -19.20 46.54 -35.71
C THR L 251 -19.68 46.94 -34.37
N ALA L 252 -19.47 46.08 -33.36
CA ALA L 252 -19.73 46.46 -32.00
C ALA L 252 -18.71 47.46 -31.58
N ALA L 253 -17.47 47.26 -32.07
CA ALA L 253 -16.34 48.09 -31.78
C ALA L 253 -16.61 49.47 -32.26
N SER L 254 -17.22 49.59 -33.45
CA SER L 254 -17.54 50.89 -34.02
C SER L 254 -18.51 51.66 -33.17
N ILE L 255 -19.50 50.97 -32.56
CA ILE L 255 -20.48 51.58 -31.71
C ILE L 255 -19.81 52.16 -30.50
N GLY L 256 -18.80 51.42 -29.98
CA GLY L 256 -17.96 51.84 -28.89
C GLY L 256 -17.11 53.03 -29.22
N GLU L 257 -16.58 53.07 -30.44
CA GLU L 257 -15.73 54.13 -30.89
C GLU L 257 -16.47 55.41 -30.93
N TRP L 258 -17.81 55.40 -31.18
CA TRP L 258 -18.61 56.59 -31.15
C TRP L 258 -18.62 57.23 -29.77
N PHE L 259 -18.72 56.43 -28.69
CA PHE L 259 -18.55 56.89 -27.33
C PHE L 259 -17.17 57.42 -27.09
N ARG L 260 -16.16 56.69 -27.59
CA ARG L 260 -14.76 56.97 -27.35
C ARG L 260 -14.41 58.28 -27.99
N ASP L 261 -14.93 58.49 -29.22
CA ASP L 261 -14.73 59.64 -30.05
C ASP L 261 -15.36 60.80 -29.36
N ASN L 262 -16.55 60.59 -28.74
CA ASN L 262 -17.29 61.63 -28.09
C ASN L 262 -16.60 62.05 -26.82
N GLY L 263 -15.60 61.28 -26.36
CA GLY L 263 -14.88 61.58 -25.15
C GLY L 263 -15.52 60.89 -24.00
N LYS L 264 -16.68 60.24 -24.26
CA LYS L 264 -17.41 59.49 -23.29
C LYS L 264 -16.60 58.27 -22.96
N HIS L 265 -16.75 57.80 -21.71
CA HIS L 265 -15.96 56.74 -21.17
C HIS L 265 -16.97 55.64 -21.06
N ALA L 266 -16.59 54.44 -21.52
CA ALA L 266 -17.51 53.35 -21.72
C ALA L 266 -16.73 52.07 -21.66
N LEU L 267 -17.44 50.92 -21.66
CA LEU L 267 -16.82 49.62 -21.55
C LEU L 267 -17.58 48.71 -22.45
N ILE L 268 -16.84 47.88 -23.21
CA ILE L 268 -17.37 46.96 -24.17
C ILE L 268 -16.93 45.61 -23.74
N VAL L 269 -17.90 44.70 -23.54
CA VAL L 269 -17.65 43.35 -23.12
C VAL L 269 -17.82 42.58 -24.40
N TYR L 270 -16.82 41.76 -24.77
CA TYR L 270 -16.87 40.97 -25.96
C TYR L 270 -16.93 39.56 -25.47
N ASP L 271 -18.17 39.02 -25.34
CA ASP L 271 -18.39 37.69 -24.83
C ASP L 271 -19.08 36.93 -25.93
N ASP L 272 -18.59 35.75 -26.39
CA ASP L 272 -17.26 35.22 -26.25
C ASP L 272 -16.68 35.26 -27.63
N LEU L 273 -15.41 35.73 -27.70
CA LEU L 273 -14.65 35.85 -28.91
C LEU L 273 -14.27 34.51 -29.44
N SER L 274 -14.25 33.47 -28.58
CA SER L 274 -13.90 32.14 -28.97
C SER L 274 -14.86 31.63 -30.01
N LYS L 275 -16.17 31.92 -29.87
CA LYS L 275 -17.12 31.54 -30.88
C LYS L 275 -17.01 32.36 -32.13
N GLN L 276 -16.45 33.58 -32.07
CA GLN L 276 -16.13 34.35 -33.25
C GLN L 276 -15.08 33.64 -34.05
N ALA L 277 -14.10 33.02 -33.36
CA ALA L 277 -13.02 32.36 -34.02
C ALA L 277 -13.52 31.18 -34.77
N VAL L 278 -14.49 30.42 -34.21
CA VAL L 278 -15.10 29.31 -34.89
C VAL L 278 -15.80 29.78 -36.12
N ALA L 279 -16.47 30.96 -36.04
CA ALA L 279 -17.21 31.50 -37.15
C ALA L 279 -16.32 31.89 -38.27
N TYR L 280 -15.18 32.56 -37.95
CA TYR L 280 -14.20 32.93 -38.94
C TYR L 280 -13.53 31.72 -39.48
N ARG L 281 -13.41 30.63 -38.68
CA ARG L 281 -12.82 29.40 -39.11
C ARG L 281 -13.66 28.81 -40.19
N GLN L 282 -14.99 28.81 -39.97
CA GLN L 282 -15.94 28.26 -40.89
C GLN L 282 -15.89 29.05 -42.14
N LEU L 283 -15.82 30.38 -41.98
CA LEU L 283 -15.88 31.33 -43.05
C LEU L 283 -14.69 31.16 -43.95
N SER L 284 -13.49 31.05 -43.35
CA SER L 284 -12.24 31.00 -44.07
C SER L 284 -12.13 29.73 -44.83
N LEU L 285 -12.60 28.62 -44.22
CA LEU L 285 -12.49 27.32 -44.82
C LEU L 285 -13.51 27.13 -45.88
N LEU L 286 -14.54 28.01 -45.94
CA LEU L 286 -15.52 27.93 -46.98
C LEU L 286 -15.30 29.10 -47.88
N LEU L 287 -14.21 29.83 -47.64
CA LEU L 287 -13.60 30.68 -48.61
C LEU L 287 -12.38 29.94 -49.07
N ARG L 288 -12.20 28.71 -48.58
CA ARG L 288 -11.20 27.75 -48.95
C ARG L 288 -9.82 28.33 -48.95
N ARG L 289 -9.50 29.14 -47.92
CA ARG L 289 -8.17 29.68 -47.73
C ARG L 289 -7.49 28.65 -46.87
N PRO L 290 -6.22 28.27 -47.08
CA PRO L 290 -5.52 27.19 -46.39
C PRO L 290 -5.80 27.08 -44.90
N PRO L 291 -6.09 25.93 -44.29
CA PRO L 291 -6.43 25.80 -42.88
C PRO L 291 -5.29 26.24 -42.02
N GLY L 292 -5.54 26.92 -40.88
CA GLY L 292 -4.46 27.36 -40.01
C GLY L 292 -4.35 26.37 -38.90
N ARG L 293 -3.62 26.75 -37.83
CA ARG L 293 -3.42 25.94 -36.65
C ARG L 293 -4.74 25.67 -36.02
N GLU L 294 -5.03 24.37 -35.83
CA GLU L 294 -6.24 23.85 -35.22
C GLU L 294 -7.41 24.29 -36.04
N ALA L 295 -7.16 24.38 -37.37
CA ALA L 295 -8.09 24.68 -38.42
C ALA L 295 -8.50 26.12 -38.42
N TYR L 296 -8.30 26.87 -37.32
CA TYR L 296 -8.56 28.29 -37.27
C TYR L 296 -7.51 28.90 -38.15
N PRO L 297 -7.83 29.73 -39.13
CA PRO L 297 -6.90 30.25 -40.11
C PRO L 297 -5.84 31.08 -39.45
N GLY L 298 -4.66 31.20 -40.10
CA GLY L 298 -3.51 31.83 -39.51
C GLY L 298 -3.50 33.28 -39.84
N ASP L 299 -4.31 34.06 -39.09
CA ASP L 299 -4.52 35.48 -39.24
C ASP L 299 -5.70 35.79 -38.37
N VAL L 300 -6.11 34.79 -37.55
CA VAL L 300 -7.12 34.92 -36.54
C VAL L 300 -6.57 35.84 -35.49
N PHE L 301 -5.23 35.76 -35.25
CA PHE L 301 -4.54 36.59 -34.29
C PHE L 301 -4.66 38.02 -34.74
N TYR L 302 -4.52 38.27 -36.06
CA TYR L 302 -4.59 39.61 -36.61
C TYR L 302 -5.97 40.18 -36.41
N LEU L 303 -7.01 39.34 -36.57
CA LEU L 303 -8.37 39.72 -36.37
C LEU L 303 -8.64 40.11 -34.96
N HIS L 304 -8.19 39.28 -34.00
CA HIS L 304 -8.47 39.54 -32.62
C HIS L 304 -7.69 40.71 -32.15
N SER L 305 -6.43 40.85 -32.60
CA SER L 305 -5.60 41.93 -32.16
C SER L 305 -6.10 43.27 -32.60
N ARG L 306 -6.51 43.40 -33.88
CA ARG L 306 -6.99 44.64 -34.43
C ARG L 306 -8.23 45.07 -33.71
N LEU L 307 -9.08 44.10 -33.35
CA LEU L 307 -10.28 44.39 -32.62
C LEU L 307 -9.96 44.96 -31.28
N LEU L 308 -9.05 44.28 -30.55
CA LEU L 308 -8.75 44.65 -29.19
C LEU L 308 -8.01 45.93 -29.06
N GLU L 309 -7.20 46.31 -30.07
CA GLU L 309 -6.41 47.50 -29.94
C GLU L 309 -7.20 48.74 -30.27
N ARG L 310 -8.50 48.61 -30.62
CA ARG L 310 -9.31 49.75 -30.93
C ARG L 310 -9.87 50.38 -29.68
N ALA L 311 -9.94 49.61 -28.58
CA ALA L 311 -10.33 50.13 -27.28
C ALA L 311 -9.12 50.77 -26.69
N ALA L 312 -9.28 52.00 -26.18
CA ALA L 312 -8.13 52.74 -25.71
C ALA L 312 -8.60 53.85 -24.84
N LYS L 313 -7.65 54.37 -24.03
CA LYS L 313 -7.79 55.54 -23.21
C LYS L 313 -7.06 56.58 -23.98
N LEU L 314 -7.83 57.55 -24.52
CA LEU L 314 -7.30 58.57 -25.36
C LEU L 314 -6.62 59.60 -24.53
N SER L 315 -5.88 60.48 -25.25
CA SER L 315 -5.15 61.56 -24.70
C SER L 315 -6.11 62.67 -24.56
N GLU L 316 -5.76 63.67 -23.72
CA GLU L 316 -6.64 64.73 -23.33
C GLU L 316 -6.89 65.64 -24.48
N LYS L 317 -5.92 65.75 -25.41
CA LYS L 317 -6.08 66.44 -26.68
C LYS L 317 -7.15 65.79 -27.50
N GLU L 318 -7.23 64.44 -27.42
CA GLU L 318 -8.22 63.67 -28.12
C GLU L 318 -9.42 63.45 -27.22
N GLY L 319 -9.54 64.23 -26.12
CA GLY L 319 -10.75 64.33 -25.37
C GLY L 319 -10.83 63.37 -24.22
N SER L 320 -9.75 62.63 -23.94
CA SER L 320 -9.66 61.64 -22.90
C SER L 320 -10.57 60.45 -23.03
N GLY L 321 -11.40 60.33 -24.11
CA GLY L 321 -12.41 59.30 -24.25
C GLY L 321 -11.81 57.94 -24.08
N SER L 322 -12.47 57.07 -23.28
CA SER L 322 -11.96 55.75 -23.15
C SER L 322 -12.96 54.68 -23.29
N LEU L 323 -12.76 53.86 -24.34
CA LEU L 323 -13.45 52.62 -24.50
C LEU L 323 -12.59 51.68 -23.71
N THR L 324 -13.19 50.82 -22.88
CA THR L 324 -12.50 49.83 -22.09
C THR L 324 -12.97 48.56 -22.70
N ALA L 325 -12.14 47.50 -22.73
CA ALA L 325 -12.56 46.27 -23.35
C ALA L 325 -12.44 45.19 -22.33
N LEU L 326 -13.35 44.20 -22.40
CA LEU L 326 -13.20 42.98 -21.66
C LEU L 326 -13.49 41.87 -22.62
N PRO L 327 -12.49 41.21 -23.19
CA PRO L 327 -12.71 40.04 -24.00
C PRO L 327 -13.00 38.89 -23.07
N VAL L 328 -13.73 37.87 -23.56
CA VAL L 328 -14.10 36.73 -22.75
C VAL L 328 -13.90 35.55 -23.66
N ILE L 329 -13.14 34.54 -23.19
CA ILE L 329 -12.74 33.39 -23.95
C ILE L 329 -13.13 32.21 -23.10
N GLU L 330 -13.71 31.18 -23.76
CA GLU L 330 -14.10 29.95 -23.15
C GLU L 330 -12.98 29.03 -23.47
N THR L 331 -12.27 28.51 -22.44
CA THR L 331 -11.13 27.66 -22.70
C THR L 331 -11.56 26.34 -22.17
N GLN L 332 -11.65 25.37 -23.10
CA GLN L 332 -12.21 24.07 -22.92
C GLN L 332 -11.62 23.34 -21.75
N GLY L 333 -10.35 22.88 -21.90
CA GLY L 333 -9.66 22.20 -20.84
C GLY L 333 -9.12 23.17 -19.85
N GLY L 334 -8.92 24.42 -20.29
CA GLY L 334 -8.23 25.42 -19.53
C GLY L 334 -6.81 25.43 -19.99
N ASP L 335 -6.46 24.56 -20.97
CA ASP L 335 -5.13 24.41 -21.46
C ASP L 335 -4.96 25.52 -22.44
N VAL L 336 -4.01 26.43 -22.15
CA VAL L 336 -3.97 27.69 -22.85
C VAL L 336 -3.10 27.54 -24.07
N SER L 337 -2.58 26.32 -24.28
CA SER L 337 -1.77 25.97 -25.41
C SER L 337 -2.62 25.87 -26.64
N ALA L 338 -3.96 25.77 -26.49
CA ALA L 338 -4.88 25.86 -27.60
C ALA L 338 -4.69 27.19 -28.26
N TYR L 339 -4.74 27.19 -29.61
CA TYR L 339 -4.23 28.24 -30.45
C TYR L 339 -4.92 29.53 -30.17
N ILE L 340 -6.26 29.50 -30.08
CA ILE L 340 -7.04 30.67 -29.79
C ILE L 340 -6.73 31.16 -28.39
N PRO L 341 -6.60 30.35 -27.35
CA PRO L 341 -6.19 30.88 -26.08
C PRO L 341 -4.80 31.44 -26.08
N THR L 342 -3.83 30.82 -26.80
CA THR L 342 -2.48 31.32 -26.79
C THR L 342 -2.46 32.70 -27.36
N ASN L 343 -3.19 32.90 -28.48
CA ASN L 343 -3.17 34.14 -29.20
C ASN L 343 -3.72 35.26 -28.37
N VAL L 344 -4.85 35.01 -27.70
CA VAL L 344 -5.56 36.04 -26.98
C VAL L 344 -4.79 36.48 -25.78
N ILE L 345 -4.11 35.53 -25.11
CA ILE L 345 -3.38 35.79 -23.89
C ILE L 345 -2.30 36.79 -24.17
N SER L 346 -1.62 36.66 -25.33
CA SER L 346 -0.57 37.56 -25.69
C SER L 346 -1.07 38.97 -25.85
N ILE L 347 -2.23 39.12 -26.53
CA ILE L 347 -2.80 40.40 -26.85
C ILE L 347 -3.20 41.21 -25.63
N THR L 348 -3.78 40.57 -24.59
CA THR L 348 -4.46 41.29 -23.55
C THR L 348 -3.56 41.81 -22.47
N ASP L 349 -4.05 42.83 -21.72
CA ASP L 349 -3.25 43.58 -20.78
C ASP L 349 -3.42 42.97 -19.42
N GLY L 350 -4.34 41.99 -19.28
CA GLY L 350 -4.49 41.27 -18.03
C GLY L 350 -5.12 39.99 -18.41
N GLN L 351 -5.08 39.00 -17.51
CA GLN L 351 -5.79 37.75 -17.67
C GLN L 351 -6.49 37.55 -16.38
N ILE L 352 -7.74 37.10 -16.43
CA ILE L 352 -8.60 36.96 -15.29
C ILE L 352 -9.08 35.54 -15.36
N PHE L 353 -8.19 34.60 -14.99
CA PHE L 353 -8.47 33.18 -14.96
C PHE L 353 -9.53 32.89 -13.94
N LEU L 354 -10.50 32.05 -14.32
CA LEU L 354 -11.56 31.61 -13.45
C LEU L 354 -11.34 30.14 -13.40
N GLU L 355 -11.32 29.53 -12.19
CA GLU L 355 -11.11 28.11 -12.04
C GLU L 355 -12.36 27.53 -11.49
N ALA L 356 -12.82 26.47 -12.18
CA ALA L 356 -14.05 25.75 -11.97
C ALA L 356 -14.09 25.10 -10.63
N GLU L 357 -12.95 24.52 -10.20
CA GLU L 357 -12.84 23.84 -8.95
C GLU L 357 -13.17 24.77 -7.82
N LEU L 358 -12.71 26.03 -7.91
CA LEU L 358 -12.97 26.98 -6.86
C LEU L 358 -14.43 27.35 -6.78
N PHE L 359 -15.21 27.19 -7.87
CA PHE L 359 -16.64 27.42 -7.87
C PHE L 359 -17.29 26.41 -6.99
N TYR L 360 -16.87 25.14 -7.15
CA TYR L 360 -17.35 24.00 -6.42
C TYR L 360 -16.90 24.08 -4.99
N LYS L 361 -15.68 24.62 -4.75
CA LYS L 361 -15.10 24.82 -3.44
C LYS L 361 -15.90 25.84 -2.70
N GLY L 362 -16.71 26.62 -3.44
CA GLY L 362 -17.72 27.46 -2.88
C GLY L 362 -17.27 28.86 -2.97
N ILE L 363 -16.05 29.09 -3.52
CA ILE L 363 -15.56 30.40 -3.76
C ILE L 363 -16.27 30.82 -5.01
N ARG L 364 -17.31 31.65 -4.83
CA ARG L 364 -18.12 32.15 -5.89
C ARG L 364 -18.12 33.61 -5.54
N PRO L 365 -17.52 34.54 -6.30
CA PRO L 365 -16.83 34.34 -7.56
C PRO L 365 -15.68 33.38 -7.47
N ALA L 366 -15.46 32.59 -8.53
CA ALA L 366 -14.51 31.51 -8.57
C ALA L 366 -13.31 31.93 -9.36
N ILE L 367 -12.64 33.00 -8.92
CA ILE L 367 -11.56 33.60 -9.64
C ILE L 367 -10.34 32.86 -9.21
N ASN L 368 -9.55 32.37 -10.19
CA ASN L 368 -8.31 31.67 -9.91
C ASN L 368 -7.32 32.76 -9.76
N VAL L 369 -7.06 33.15 -8.50
CA VAL L 369 -6.32 34.36 -8.22
C VAL L 369 -4.87 34.10 -8.45
N GLY L 370 -4.48 32.80 -8.44
CA GLY L 370 -3.16 32.38 -8.75
C GLY L 370 -2.77 32.66 -10.18
N LEU L 371 -3.74 32.65 -11.12
CA LEU L 371 -3.43 32.93 -12.50
C LEU L 371 -4.05 34.21 -12.96
N SER L 372 -4.76 34.95 -12.09
CA SER L 372 -5.35 36.20 -12.48
C SER L 372 -4.37 37.29 -12.24
N VAL L 373 -4.16 38.16 -13.25
CA VAL L 373 -3.20 39.22 -13.20
C VAL L 373 -3.86 40.41 -13.85
N SER L 374 -3.37 41.61 -13.52
CA SER L 374 -3.72 42.84 -14.18
C SER L 374 -2.43 43.58 -14.31
N ARG L 375 -1.86 43.68 -15.54
CA ARG L 375 -0.54 44.22 -15.72
C ARG L 375 -0.61 45.71 -15.91
N VAL L 376 -1.78 46.32 -15.63
CA VAL L 376 -1.95 47.75 -15.71
C VAL L 376 -1.92 48.25 -14.28
N GLY L 377 -1.89 47.32 -13.30
CA GLY L 377 -1.63 47.58 -11.90
C GLY L 377 -2.55 48.53 -11.21
N SER L 378 -2.04 49.10 -10.10
CA SER L 378 -2.80 49.84 -9.12
C SER L 378 -2.88 51.30 -9.46
N ALA L 379 -2.54 51.68 -10.71
CA ALA L 379 -2.75 53.00 -11.25
C ALA L 379 -4.21 53.34 -11.25
N ALA L 380 -5.04 52.33 -11.55
CA ALA L 380 -6.46 52.46 -11.63
C ALA L 380 -7.10 51.99 -10.35
N GLN L 381 -6.30 51.69 -9.30
CA GLN L 381 -6.84 51.28 -8.02
C GLN L 381 -7.08 52.54 -7.25
N VAL L 382 -8.20 52.58 -6.49
CA VAL L 382 -8.60 53.68 -5.65
C VAL L 382 -7.55 53.83 -4.59
N LYS L 383 -7.18 55.07 -4.21
CA LYS L 383 -6.05 55.34 -3.36
C LYS L 383 -6.24 54.72 -2.01
N ALA L 384 -7.47 54.80 -1.48
CA ALA L 384 -7.84 54.23 -0.20
C ALA L 384 -7.64 52.75 -0.26
N LEU L 385 -8.15 52.14 -1.35
CA LEU L 385 -8.14 50.72 -1.52
C LEU L 385 -6.74 50.21 -1.75
N LYS L 386 -5.86 51.06 -2.30
CA LYS L 386 -4.47 50.75 -2.47
C LYS L 386 -3.79 50.64 -1.16
N GLN L 387 -4.09 51.55 -0.21
CA GLN L 387 -3.49 51.48 1.09
C GLN L 387 -3.87 50.24 1.85
N VAL L 388 -5.19 49.91 1.90
CA VAL L 388 -5.68 48.80 2.68
C VAL L 388 -5.23 47.46 2.21
N ALA L 389 -5.11 47.28 0.87
CA ALA L 389 -4.89 45.96 0.32
C ALA L 389 -3.44 45.72 0.09
N GLY L 390 -2.55 46.49 0.76
CA GLY L 390 -1.14 46.52 0.52
C GLY L 390 -0.44 45.19 0.61
N SER L 391 -0.75 44.38 1.66
CA SER L 391 -0.05 43.14 1.90
C SER L 391 -0.99 42.01 1.68
N LEU L 392 -2.20 42.28 1.13
CA LEU L 392 -3.22 41.29 0.90
C LEU L 392 -2.73 40.26 -0.08
N LYS L 393 -1.94 40.73 -1.06
CA LYS L 393 -1.36 39.94 -2.11
C LYS L 393 -0.39 38.97 -1.51
N LEU L 394 0.46 39.45 -0.58
CA LEU L 394 1.43 38.63 0.10
C LEU L 394 0.74 37.59 0.93
N PHE L 395 -0.33 37.98 1.66
CA PHE L 395 -1.03 37.07 2.54
C PHE L 395 -1.59 35.92 1.78
N LEU L 396 -2.22 36.19 0.62
CA LEU L 396 -2.87 35.16 -0.18
C LEU L 396 -1.86 34.22 -0.75
N ALA L 397 -0.70 34.76 -1.18
CA ALA L 397 0.36 33.98 -1.73
C ALA L 397 0.96 33.08 -0.69
N GLN L 398 1.12 33.61 0.54
CA GLN L 398 1.58 32.86 1.66
C GLN L 398 0.60 31.79 2.03
N TYR L 399 -0.71 32.09 1.97
CA TYR L 399 -1.75 31.14 2.26
C TYR L 399 -1.66 29.99 1.30
N ARG L 400 -1.42 30.29 0.01
CA ARG L 400 -1.29 29.28 -1.01
C ARG L 400 -0.11 28.38 -0.77
N GLU L 401 1.04 28.96 -0.38
CA GLU L 401 2.26 28.22 -0.15
C GLU L 401 2.13 27.33 1.05
N VAL L 402 1.56 27.90 2.13
CA VAL L 402 1.40 27.27 3.41
C VAL L 402 0.45 26.13 3.28
N ALA L 403 -0.64 26.34 2.52
CA ALA L 403 -1.65 25.35 2.28
C ALA L 403 -1.07 24.17 1.58
N ALA L 404 -0.13 24.41 0.63
CA ALA L 404 0.51 23.34 -0.10
C ALA L 404 1.30 22.45 0.82
N PHE L 405 2.07 23.06 1.75
CA PHE L 405 2.85 22.31 2.71
C PHE L 405 1.94 21.47 3.60
N ALA L 406 0.79 22.07 3.98
CA ALA L 406 -0.18 21.52 4.87
C ALA L 406 -0.86 20.32 4.27
N GLN L 407 -0.88 20.21 2.92
CA GLN L 407 -1.55 19.14 2.22
C GLN L 407 -0.95 17.81 2.54
N PHE L 408 0.40 17.76 2.69
CA PHE L 408 1.08 16.52 2.96
C PHE L 408 1.04 16.21 4.42
N GLY L 409 0.43 17.11 5.22
CA GLY L 409 0.03 16.84 6.57
C GLY L 409 1.19 16.91 7.50
N SER L 410 2.26 17.63 7.08
CA SER L 410 3.41 17.88 7.91
C SER L 410 3.02 18.78 9.06
N ASP L 411 3.63 18.58 10.25
CA ASP L 411 3.34 19.35 11.45
C ASP L 411 3.68 20.80 11.19
N LEU L 412 2.79 21.70 11.62
CA LEU L 412 2.84 23.09 11.23
C LEU L 412 3.18 23.88 12.43
N ASP L 413 4.03 24.93 12.26
CA ASP L 413 4.36 25.83 13.34
C ASP L 413 3.22 26.81 13.42
N ALA L 414 3.15 27.52 14.57
CA ALA L 414 2.07 28.42 14.88
C ALA L 414 1.96 29.54 13.91
N SER L 415 3.10 30.05 13.41
CA SER L 415 3.14 31.12 12.44
C SER L 415 2.47 30.74 11.16
N THR L 416 2.73 29.51 10.67
CA THR L 416 2.05 28.98 9.50
C THR L 416 0.60 28.81 9.78
N LYS L 417 0.21 28.40 10.99
CA LYS L 417 -1.20 28.24 11.28
C LYS L 417 -1.88 29.57 11.51
N GLN L 418 -1.13 30.67 11.77
CA GLN L 418 -1.69 32.01 11.76
C GLN L 418 -2.06 32.37 10.37
N THR L 419 -1.18 32.01 9.41
CA THR L 419 -1.35 32.25 8.00
C THR L 419 -2.55 31.48 7.56
N LEU L 420 -2.64 30.21 7.98
CA LEU L 420 -3.66 29.28 7.57
C LEU L 420 -5.01 29.78 8.01
N VAL L 421 -5.07 30.24 9.28
CA VAL L 421 -6.28 30.75 9.89
C VAL L 421 -6.68 32.02 9.22
N ARG L 422 -5.71 32.91 8.92
CA ARG L 422 -5.97 34.16 8.26
C ARG L 422 -6.50 33.93 6.88
N GLY L 423 -5.90 32.96 6.17
CA GLY L 423 -6.15 32.63 4.81
C GLY L 423 -7.54 32.18 4.63
N GLU L 424 -8.02 31.35 5.58
CA GLU L 424 -9.35 30.81 5.53
C GLU L 424 -10.35 31.91 5.61
N ARG L 425 -10.12 32.88 6.52
CA ARG L 425 -11.01 34.00 6.68
C ARG L 425 -11.01 34.89 5.47
N LEU L 426 -9.82 35.10 4.84
CA LEU L 426 -9.68 35.97 3.71
C LEU L 426 -10.45 35.44 2.55
N THR L 427 -10.36 34.12 2.30
CA THR L 427 -11.01 33.53 1.16
C THR L 427 -12.49 33.69 1.29
N GLN L 428 -12.99 33.48 2.52
CA GLN L 428 -14.38 33.61 2.86
C GLN L 428 -14.83 35.04 2.71
N LEU L 429 -13.93 36.00 3.00
CA LEU L 429 -14.20 37.42 2.83
C LEU L 429 -14.41 37.77 1.39
N LEU L 430 -13.61 37.17 0.48
CA LEU L 430 -13.68 37.46 -0.93
C LEU L 430 -15.02 37.10 -1.52
N LYS L 431 -15.62 35.96 -1.08
CA LYS L 431 -16.85 35.42 -1.62
C LYS L 431 -17.97 36.41 -1.56
N GLN L 432 -18.89 36.37 -2.55
CA GLN L 432 -19.91 37.37 -2.65
C GLN L 432 -21.00 36.71 -3.43
N ASN L 433 -22.26 37.14 -3.20
CA ASN L 433 -23.41 36.53 -3.82
C ASN L 433 -23.52 37.10 -5.19
N GLN L 434 -23.90 36.25 -6.18
CA GLN L 434 -24.03 36.66 -7.55
C GLN L 434 -25.13 37.68 -7.64
N TYR L 435 -24.86 38.74 -8.42
CA TYR L 435 -25.77 39.84 -8.66
C TYR L 435 -25.90 40.64 -7.40
N SER L 436 -24.75 40.92 -6.73
CA SER L 436 -24.73 41.71 -5.53
C SER L 436 -23.41 42.45 -5.58
N PRO L 437 -23.22 43.47 -6.41
CA PRO L 437 -22.07 44.37 -6.34
C PRO L 437 -22.03 45.10 -5.03
N LEU L 438 -20.90 45.75 -4.72
CA LEU L 438 -20.69 46.42 -3.47
C LEU L 438 -20.09 47.73 -3.86
N ALA L 439 -20.22 48.74 -2.97
CA ALA L 439 -19.75 50.07 -3.22
C ALA L 439 -18.40 50.13 -2.60
N THR L 440 -17.43 50.79 -3.27
CA THR L 440 -16.05 50.85 -2.87
C THR L 440 -15.87 51.45 -1.51
N GLU L 441 -16.70 52.46 -1.18
CA GLU L 441 -16.71 53.11 0.10
C GLU L 441 -16.98 52.13 1.21
N GLU L 442 -17.75 51.06 0.92
CA GLU L 442 -18.03 49.99 1.84
C GLU L 442 -17.29 48.74 1.48
N GLN L 443 -16.27 48.79 0.61
CA GLN L 443 -15.42 47.64 0.41
C GLN L 443 -14.10 47.92 1.05
N VAL L 444 -13.73 49.21 1.18
CA VAL L 444 -12.52 49.60 1.87
C VAL L 444 -12.56 49.18 3.31
N PRO L 445 -13.65 49.29 4.08
CA PRO L 445 -13.64 48.88 5.46
C PRO L 445 -13.40 47.43 5.60
N LEU L 446 -14.03 46.60 4.76
CA LEU L 446 -13.95 45.17 4.90
C LEU L 446 -12.53 44.68 4.73
N ILE L 447 -11.77 45.26 3.77
CA ILE L 447 -10.39 44.88 3.57
C ILE L 447 -9.53 45.32 4.71
N TYR L 448 -9.84 46.48 5.34
CA TYR L 448 -9.12 46.94 6.51
C TYR L 448 -9.27 45.93 7.62
N ALA L 449 -10.51 45.45 7.83
CA ALA L 449 -10.89 44.54 8.89
C ALA L 449 -10.12 43.27 8.78
N GLY L 450 -10.03 42.74 7.54
CA GLY L 450 -9.40 41.50 7.24
C GLY L 450 -7.94 41.61 7.46
N VAL L 451 -7.32 42.70 6.95
CA VAL L 451 -5.89 42.87 6.99
C VAL L 451 -5.46 43.14 8.41
N ASN L 452 -6.34 43.78 9.22
CA ASN L 452 -6.05 44.11 10.59
C ASN L 452 -6.58 43.02 11.48
N GLY L 453 -6.87 41.84 10.89
CA GLY L 453 -6.94 40.57 11.56
C GLY L 453 -8.06 40.45 12.54
N HIS L 454 -9.13 41.24 12.34
CA HIS L 454 -10.24 41.25 13.26
C HIS L 454 -11.09 40.05 12.94
N LEU L 455 -10.95 39.53 11.70
CA LEU L 455 -11.61 38.34 11.24
C LEU L 455 -10.97 37.13 11.83
N ASP L 456 -9.69 37.24 12.24
CA ASP L 456 -9.00 36.17 12.94
C ASP L 456 -9.28 36.32 14.40
N GLY L 457 -10.47 36.84 14.74
CA GLY L 457 -10.92 36.98 16.09
C GLY L 457 -12.24 36.31 16.16
N ILE L 458 -12.78 35.85 15.01
CA ILE L 458 -14.09 35.30 14.93
C ILE L 458 -13.97 34.06 14.10
N GLU L 459 -14.98 33.18 14.23
CA GLU L 459 -15.00 31.88 13.63
C GLU L 459 -15.44 32.00 12.20
N LEU L 460 -15.00 31.02 11.39
CA LEU L 460 -15.11 30.96 9.95
C LEU L 460 -16.55 31.02 9.55
N SER L 461 -17.40 30.33 10.33
CA SER L 461 -18.82 30.24 10.15
C SER L 461 -19.50 31.58 10.21
N ARG L 462 -19.10 32.46 11.15
CA ARG L 462 -19.82 33.68 11.38
C ARG L 462 -19.15 34.82 10.69
N ILE L 463 -18.23 34.57 9.72
CA ILE L 463 -17.62 35.64 8.95
C ILE L 463 -18.65 36.37 8.15
N GLY L 464 -19.61 35.65 7.53
CA GLY L 464 -20.63 36.25 6.72
C GLY L 464 -21.53 37.14 7.52
N GLU L 465 -21.87 36.67 8.73
CA GLU L 465 -22.69 37.38 9.66
C GLU L 465 -22.03 38.65 10.07
N PHE L 466 -20.71 38.56 10.32
CA PHE L 466 -19.88 39.66 10.70
C PHE L 466 -19.84 40.66 9.60
N GLU L 467 -19.73 40.20 8.34
CA GLU L 467 -19.59 41.06 7.19
C GLU L 467 -20.79 41.94 7.09
N SER L 468 -21.99 41.35 7.25
CA SER L 468 -23.22 42.08 7.17
C SER L 468 -23.31 43.06 8.30
N SER L 469 -22.99 42.60 9.53
CA SER L 469 -23.12 43.36 10.74
C SER L 469 -22.16 44.51 10.84
N PHE L 470 -20.90 44.32 10.40
CA PHE L 470 -19.87 45.32 10.45
C PHE L 470 -20.29 46.48 9.61
N LEU L 471 -20.83 46.18 8.40
CA LEU L 471 -21.31 47.17 7.48
C LEU L 471 -22.46 47.93 8.06
N SER L 472 -23.34 47.22 8.79
CA SER L 472 -24.49 47.77 9.44
C SER L 472 -24.03 48.71 10.52
N TYR L 473 -22.96 48.32 11.26
CA TYR L 473 -22.39 49.09 12.33
C TYR L 473 -21.82 50.36 11.78
N LEU L 474 -21.16 50.29 10.60
CA LEU L 474 -20.59 51.46 9.99
C LEU L 474 -21.69 52.33 9.47
N LYS L 475 -22.81 51.73 9.02
CA LYS L 475 -23.94 52.46 8.52
C LYS L 475 -24.57 53.23 9.64
N SER L 476 -24.62 52.62 10.84
CA SER L 476 -25.14 53.25 12.01
C SER L 476 -24.25 54.33 12.58
N ASN L 477 -22.98 54.00 12.86
CA ASN L 477 -22.18 54.85 13.70
C ASN L 477 -21.21 55.63 12.90
N HIS L 478 -20.38 54.96 12.10
CA HIS L 478 -19.35 55.63 11.36
C HIS L 478 -19.85 55.74 9.96
N ASN L 479 -20.99 56.44 9.77
CA ASN L 479 -21.56 56.63 8.47
C ASN L 479 -20.96 57.87 7.93
N GLU L 480 -20.43 58.71 8.84
CA GLU L 480 -19.63 59.86 8.53
C GLU L 480 -18.37 59.40 7.88
N LEU L 481 -17.77 58.32 8.41
CA LEU L 481 -16.54 57.74 7.91
C LEU L 481 -16.76 57.25 6.50
N LEU L 482 -17.93 56.61 6.21
CA LEU L 482 -18.23 56.06 4.91
C LEU L 482 -18.34 57.16 3.89
N THR L 483 -18.98 58.29 4.29
CA THR L 483 -19.15 59.45 3.46
C THR L 483 -17.79 59.99 3.10
N GLU L 484 -16.86 60.01 4.08
CA GLU L 484 -15.52 60.49 3.94
C GLU L 484 -14.72 59.64 2.99
N ILE L 485 -14.90 58.28 3.01
CA ILE L 485 -14.18 57.41 2.11
C ILE L 485 -14.60 57.72 0.70
N ARG L 486 -15.90 57.98 0.49
CA ARG L 486 -16.41 58.40 -0.79
C ARG L 486 -15.88 59.74 -1.20
N GLU L 487 -15.90 60.71 -0.27
CA GLU L 487 -15.56 62.07 -0.52
C GLU L 487 -14.10 62.31 -0.77
N LYS L 488 -13.22 61.63 -0.02
CA LYS L 488 -11.81 61.95 -0.02
C LYS L 488 -11.03 60.88 -0.69
N GLY L 489 -11.57 59.65 -0.78
CA GLY L 489 -11.07 58.62 -1.68
C GLY L 489 -9.73 58.06 -1.27
N GLU L 490 -9.24 58.45 -0.09
CA GLU L 490 -8.00 57.97 0.42
C GLU L 490 -8.21 58.07 1.89
N LEU L 491 -7.63 57.12 2.65
CA LEU L 491 -7.77 57.10 4.07
C LEU L 491 -6.62 57.89 4.59
N SER L 492 -6.90 58.98 5.34
CA SER L 492 -5.89 59.83 5.91
C SER L 492 -5.56 59.18 7.23
N LYS L 493 -4.69 59.82 8.05
CA LYS L 493 -4.37 59.32 9.36
C LYS L 493 -5.63 59.25 10.17
N GLU L 494 -6.46 60.33 10.06
CA GLU L 494 -7.71 60.43 10.75
C GLU L 494 -8.67 59.35 10.33
N LEU L 495 -8.80 59.07 9.01
CA LEU L 495 -9.69 58.02 8.56
C LEU L 495 -9.22 56.68 9.03
N LEU L 496 -7.89 56.43 9.00
CA LEU L 496 -7.30 55.20 9.46
C LEU L 496 -7.56 54.97 10.91
N ALA L 497 -7.46 56.04 11.72
CA ALA L 497 -7.75 55.99 13.12
C ALA L 497 -9.21 55.77 13.38
N SER L 498 -10.11 56.43 12.62
CA SER L 498 -11.54 56.32 12.78
C SER L 498 -11.94 54.92 12.52
N LEU L 499 -11.40 54.38 11.41
CA LEU L 499 -11.62 53.05 10.95
C LEU L 499 -11.06 52.06 11.93
N LYS L 500 -9.89 52.35 12.53
CA LYS L 500 -9.24 51.49 13.49
C LYS L 500 -10.12 51.37 14.68
N SER L 501 -10.67 52.51 15.12
CA SER L 501 -11.55 52.60 16.25
C SER L 501 -12.82 51.86 15.98
N ALA L 502 -13.36 51.98 14.76
CA ALA L 502 -14.60 51.35 14.37
C ALA L 502 -14.48 49.86 14.42
N THR L 503 -13.35 49.31 13.90
CA THR L 503 -13.13 47.89 13.85
C THR L 503 -13.00 47.36 15.24
N GLU L 504 -12.26 48.08 16.12
CA GLU L 504 -12.12 47.69 17.49
C GLU L 504 -13.45 47.68 18.20
N SER L 505 -14.29 48.70 17.90
CA SER L 505 -15.58 48.93 18.50
C SER L 505 -16.53 47.82 18.14
N PHE L 506 -16.28 47.17 17.00
CA PHE L 506 -17.17 46.19 16.48
C PHE L 506 -16.25 45.06 16.21
N VAL L 507 -15.31 44.75 17.14
CA VAL L 507 -14.25 43.77 16.94
C VAL L 507 -14.88 42.43 16.72
N ALA L 508 -15.96 42.18 17.47
CA ALA L 508 -16.83 41.08 17.32
C ALA L 508 -18.00 41.64 18.05
N THR L 509 -18.37 42.87 17.63
CA THR L 509 -19.21 43.78 18.38
C THR L 509 -18.34 44.24 19.57
N SER M 12 7.58 29.97 -95.20
CA SER M 12 6.61 31.08 -95.30
C SER M 12 7.06 32.25 -94.49
N ILE M 13 6.42 33.43 -94.70
CA ILE M 13 6.69 34.63 -93.94
C ILE M 13 6.27 34.46 -92.50
N LEU M 14 5.17 33.70 -92.30
CA LEU M 14 4.66 33.34 -91.01
C LEU M 14 5.65 32.46 -90.31
N GLU M 15 6.18 31.45 -91.05
CA GLU M 15 7.11 30.45 -90.58
C GLU M 15 8.42 31.07 -90.21
N GLU M 16 8.85 32.05 -91.03
CA GLU M 16 10.05 32.82 -90.85
C GLU M 16 9.93 33.62 -89.59
N ARG M 17 8.76 34.26 -89.38
CA ARG M 17 8.52 35.06 -88.20
C ARG M 17 8.43 34.22 -86.97
N ILE M 18 7.92 32.97 -87.08
CA ILE M 18 7.92 31.99 -86.03
C ILE M 18 9.32 31.58 -85.66
N LYS M 19 10.19 31.37 -86.67
CA LYS M 19 11.58 31.03 -86.51
C LYS M 19 12.31 32.14 -85.81
N GLY M 20 11.98 33.39 -86.15
CA GLY M 20 12.48 34.57 -85.50
C GLY M 20 12.12 34.61 -84.05
N VAL M 21 10.86 34.22 -83.73
CA VAL M 21 10.34 34.26 -82.40
C VAL M 21 10.68 32.98 -81.66
N SER M 22 11.44 32.05 -82.30
CA SER M 22 11.75 30.80 -81.64
C SER M 22 13.00 31.06 -80.85
N ASP M 23 13.14 30.34 -79.72
CA ASP M 23 14.19 30.47 -78.75
C ASP M 23 15.53 30.19 -79.35
N GLU M 24 15.59 29.12 -80.18
CA GLU M 24 16.77 28.67 -80.88
C GLU M 24 17.79 28.17 -79.88
N ALA M 25 17.30 27.34 -78.93
CA ALA M 25 18.14 26.70 -77.96
C ALA M 25 17.70 25.28 -77.93
N ASN M 26 18.58 24.38 -77.44
CA ASN M 26 18.32 22.97 -77.48
C ASN M 26 17.71 22.55 -76.17
N LEU M 27 17.57 23.49 -75.20
CA LEU M 27 16.76 23.38 -74.00
C LEU M 27 17.12 22.12 -73.26
N ASN M 28 18.43 21.90 -73.22
CA ASN M 28 19.02 20.81 -72.53
C ASN M 28 20.44 21.24 -72.34
N GLU M 29 20.71 22.55 -72.59
CA GLU M 29 22.01 23.13 -72.43
C GLU M 29 22.13 23.91 -71.14
N THR M 30 21.43 25.02 -70.81
CA THR M 30 20.24 25.71 -71.28
C THR M 30 18.99 25.20 -70.65
N GLY M 31 18.45 26.07 -69.76
CA GLY M 31 17.15 26.01 -69.17
C GLY M 31 16.70 27.44 -69.18
N ARG M 32 15.42 27.71 -68.90
CA ARG M 32 14.93 29.05 -68.74
C ARG M 32 14.04 28.90 -67.56
N VAL M 33 14.14 29.82 -66.56
CA VAL M 33 13.22 29.85 -65.43
C VAL M 33 11.82 30.08 -65.94
N LEU M 34 10.82 29.33 -65.44
CA LEU M 34 9.43 29.63 -65.68
C LEU M 34 8.90 30.50 -64.59
N ALA M 35 9.14 30.09 -63.33
CA ALA M 35 8.69 30.90 -62.24
C ALA M 35 9.59 30.56 -61.13
N VAL M 36 9.88 31.60 -60.33
CA VAL M 36 10.81 31.52 -59.25
C VAL M 36 10.10 32.10 -58.06
N GLY M 37 9.92 31.25 -57.04
CA GLY M 37 9.40 31.69 -55.78
C GLY M 37 10.03 30.77 -54.80
N ASP M 38 10.35 31.29 -53.60
CA ASP M 38 10.74 30.53 -52.43
C ASP M 38 12.06 29.83 -52.59
N GLY M 39 12.88 30.21 -53.59
CA GLY M 39 14.16 29.59 -53.83
C GLY M 39 14.00 28.27 -54.52
N ILE M 40 12.87 28.09 -55.22
CA ILE M 40 12.53 26.88 -55.89
C ILE M 40 12.25 27.37 -57.28
N ALA M 41 13.32 27.51 -58.10
CA ALA M 41 13.14 27.87 -59.48
C ALA M 41 12.64 26.65 -60.18
N ARG M 42 11.71 26.83 -61.14
CA ARG M 42 11.14 25.72 -61.86
C ARG M 42 11.46 26.06 -63.28
N VAL M 43 12.23 25.20 -63.95
CA VAL M 43 12.90 25.54 -65.17
C VAL M 43 12.33 24.69 -66.25
N PHE M 44 12.22 25.25 -67.47
CA PHE M 44 11.78 24.57 -68.65
C PHE M 44 13.04 24.43 -69.45
N GLY M 45 13.46 23.19 -69.73
CA GLY M 45 14.68 22.91 -70.45
C GLY M 45 15.40 21.86 -69.69
N LEU M 46 16.74 21.81 -69.86
CA LEU M 46 17.62 20.95 -69.11
C LEU M 46 17.26 19.50 -69.25
N ASN M 47 17.06 19.01 -70.50
CA ASN M 47 16.64 17.65 -70.71
C ASN M 47 17.80 16.72 -70.48
N ASN M 48 19.05 17.23 -70.58
CA ASN M 48 20.25 16.42 -70.46
C ASN M 48 20.73 16.44 -69.03
N ILE M 49 19.94 16.97 -68.08
CA ILE M 49 20.37 17.08 -66.71
C ILE M 49 20.50 15.70 -66.10
N GLN M 50 21.54 15.51 -65.27
CA GLN M 50 21.78 14.28 -64.55
C GLN M 50 21.26 14.62 -63.20
N ALA M 51 20.78 13.63 -62.42
CA ALA M 51 20.22 13.92 -61.12
C ALA M 51 21.28 14.39 -60.15
N GLU M 52 20.93 15.45 -59.38
CA GLU M 52 21.76 16.13 -58.43
C GLU M 52 22.93 16.83 -59.07
N GLU M 53 22.80 17.17 -60.36
CA GLU M 53 23.86 17.79 -61.10
C GLU M 53 23.91 19.23 -60.68
N LEU M 54 25.08 19.87 -60.79
CA LEU M 54 25.23 21.25 -60.40
C LEU M 54 24.87 22.01 -61.65
N VAL M 55 24.02 23.05 -61.51
CA VAL M 55 23.57 23.87 -62.60
C VAL M 55 23.83 25.28 -62.17
N GLU M 56 24.25 26.15 -63.10
CA GLU M 56 24.61 27.51 -62.81
C GLU M 56 23.70 28.39 -63.61
N PHE M 57 23.07 29.38 -62.97
CA PHE M 57 22.08 30.23 -63.58
C PHE M 57 22.85 31.33 -64.25
N SER M 58 22.16 32.25 -64.96
CA SER M 58 22.76 33.43 -65.52
C SER M 58 22.58 34.57 -64.56
N SER M 59 22.00 34.27 -63.38
CA SER M 59 22.02 35.16 -62.26
C SER M 59 23.32 34.88 -61.55
N GLY M 60 23.93 33.70 -61.84
CA GLY M 60 25.24 33.29 -61.40
C GLY M 60 25.11 32.28 -60.32
N VAL M 61 23.89 32.11 -59.78
CA VAL M 61 23.54 31.27 -58.66
C VAL M 61 23.79 29.84 -59.06
N LYS M 62 24.17 28.96 -58.12
CA LYS M 62 24.34 27.57 -58.46
C LYS M 62 23.30 26.87 -57.64
N GLY M 63 22.87 25.68 -58.12
CA GLY M 63 21.78 24.95 -57.54
C GLY M 63 21.96 23.52 -57.85
N MET M 64 21.07 22.67 -57.29
CA MET M 64 21.01 21.26 -57.59
C MET M 64 19.55 21.08 -57.86
N ALA M 65 19.16 19.94 -58.46
CA ALA M 65 17.83 19.75 -58.98
C ALA M 65 17.25 18.49 -58.40
N LEU M 66 16.77 18.56 -57.14
CA LEU M 66 16.25 17.42 -56.42
C LEU M 66 15.02 16.80 -57.05
N ASN M 67 14.10 17.62 -57.62
CA ASN M 67 12.94 17.08 -58.28
C ASN M 67 13.20 17.20 -59.73
N LEU M 68 13.14 16.06 -60.45
CA LEU M 68 13.20 16.04 -61.87
C LEU M 68 11.83 15.61 -62.25
N GLU M 69 10.99 16.60 -62.58
CA GLU M 69 9.59 16.41 -62.85
C GLU M 69 9.51 16.36 -64.36
N PRO M 70 8.43 15.89 -64.98
CA PRO M 70 8.43 15.59 -66.40
C PRO M 70 8.44 16.84 -67.22
N GLY M 71 8.04 17.99 -66.66
CA GLY M 71 7.90 19.20 -67.43
C GLY M 71 8.65 20.33 -66.78
N GLN M 72 9.21 20.12 -65.58
CA GLN M 72 9.95 21.17 -64.95
C GLN M 72 11.02 20.52 -64.18
N VAL M 73 12.15 21.22 -64.01
CA VAL M 73 13.25 20.68 -63.29
C VAL M 73 13.36 21.65 -62.16
N GLY M 74 13.18 21.13 -60.93
CA GLY M 74 13.01 21.98 -59.78
C GLY M 74 14.35 22.19 -59.19
N ILE M 75 15.04 23.27 -59.61
CA ILE M 75 16.31 23.62 -59.03
C ILE M 75 15.99 24.19 -57.67
N VAL M 76 16.88 23.99 -56.68
CA VAL M 76 16.82 24.62 -55.39
C VAL M 76 18.05 25.44 -55.36
N LEU M 77 17.92 26.75 -55.05
CA LEU M 77 19.01 27.67 -55.20
C LEU M 77 19.89 27.56 -53.99
N PHE M 78 21.22 27.59 -54.22
CA PHE M 78 22.19 27.56 -53.14
C PHE M 78 22.37 28.99 -52.70
N GLY M 79 22.07 29.95 -53.60
CA GLY M 79 22.20 31.36 -53.33
C GLY M 79 20.88 32.00 -53.04
N SER M 80 20.94 33.34 -52.89
CA SER M 80 19.82 34.23 -52.65
C SER M 80 18.89 34.31 -53.83
N ASP M 81 17.59 34.53 -53.53
CA ASP M 81 16.55 34.55 -54.52
C ASP M 81 16.60 35.83 -55.30
N ARG M 82 17.26 36.87 -54.72
CA ARG M 82 17.20 38.24 -55.16
C ARG M 82 17.69 38.34 -56.58
N LEU M 83 18.83 37.67 -56.86
CA LEU M 83 19.45 37.66 -58.15
C LEU M 83 18.63 36.97 -59.21
N VAL M 84 17.98 35.84 -58.87
CA VAL M 84 17.21 35.06 -59.81
C VAL M 84 15.99 35.83 -60.25
N LYS M 85 15.56 35.61 -61.51
CA LYS M 85 14.48 36.33 -62.13
C LYS M 85 13.93 35.39 -63.16
N GLU M 86 12.77 35.75 -63.76
CA GLU M 86 12.02 34.94 -64.69
C GLU M 86 12.77 34.80 -66.00
N GLY M 87 12.62 33.63 -66.67
CA GLY M 87 13.19 33.36 -67.98
C GLY M 87 14.68 33.27 -68.02
N GLU M 88 15.34 33.25 -66.83
CA GLU M 88 16.77 33.33 -66.68
C GLU M 88 17.34 32.09 -67.27
N LEU M 89 18.27 32.25 -68.22
CA LEU M 89 19.05 31.17 -68.81
C LEU M 89 19.75 30.43 -67.72
N VAL M 90 19.74 29.08 -67.78
CA VAL M 90 20.33 28.27 -66.76
C VAL M 90 21.20 27.29 -67.47
N LYS M 91 22.51 27.57 -67.47
CA LYS M 91 23.46 26.66 -68.07
C LYS M 91 23.61 25.51 -67.12
N ARG M 92 23.95 24.34 -67.68
CA ARG M 92 24.03 23.11 -66.98
C ARG M 92 25.49 22.88 -66.81
N THR M 93 26.05 22.95 -65.57
CA THR M 93 27.49 22.89 -65.37
C THR M 93 27.97 21.54 -65.82
N GLY M 94 27.14 20.49 -65.60
CA GLY M 94 27.45 19.19 -66.09
C GLY M 94 28.35 18.46 -65.17
N ASN M 95 28.34 18.82 -63.87
CA ASN M 95 29.13 18.10 -62.92
C ASN M 95 28.28 17.96 -61.71
N ILE M 96 28.08 16.68 -61.29
CA ILE M 96 27.34 16.30 -60.11
C ILE M 96 28.19 16.80 -58.99
N VAL M 97 27.62 17.07 -57.79
CA VAL M 97 28.29 17.82 -56.75
C VAL M 97 29.60 17.15 -56.38
N ASP M 98 30.69 17.95 -56.34
CA ASP M 98 32.02 17.49 -56.10
C ASP M 98 32.68 18.63 -55.40
N VAL M 99 33.67 18.32 -54.56
CA VAL M 99 34.29 19.29 -53.71
C VAL M 99 35.72 18.90 -53.79
N PRO M 100 36.70 19.78 -53.67
CA PRO M 100 38.10 19.40 -53.62
C PRO M 100 38.34 18.56 -52.37
N VAL M 101 39.15 17.49 -52.44
CA VAL M 101 39.53 16.64 -51.33
C VAL M 101 41.03 16.56 -51.43
N GLY M 102 41.76 16.52 -50.29
CA GLY M 102 43.19 16.44 -50.36
C GLY M 102 43.72 16.59 -48.97
N PRO M 103 44.95 17.07 -48.81
CA PRO M 103 45.56 17.17 -47.50
C PRO M 103 45.60 18.59 -47.02
N GLY M 104 45.47 19.59 -47.92
CA GLY M 104 45.71 20.97 -47.58
C GLY M 104 44.57 21.57 -46.82
N LEU M 105 43.48 20.81 -46.64
CA LEU M 105 42.33 21.25 -45.91
C LEU M 105 42.58 21.21 -44.44
N LEU M 106 43.67 20.54 -44.00
CA LEU M 106 44.14 20.59 -42.63
C LEU M 106 44.54 22.01 -42.35
N GLY M 107 44.07 22.56 -41.23
CA GLY M 107 44.13 23.97 -40.89
C GLY M 107 43.36 24.85 -41.84
N ARG M 108 42.19 24.43 -42.38
CA ARG M 108 41.41 25.26 -43.26
C ARG M 108 39.95 25.16 -42.93
N VAL M 109 39.31 26.33 -42.79
CA VAL M 109 37.88 26.46 -42.61
C VAL M 109 37.39 26.75 -43.99
N VAL M 110 36.52 25.88 -44.54
CA VAL M 110 36.04 26.02 -45.88
C VAL M 110 34.55 25.95 -45.76
N ASP M 111 33.84 26.61 -46.69
CA ASP M 111 32.42 26.45 -46.85
C ASP M 111 32.25 25.24 -47.71
N ALA M 112 30.99 24.83 -47.93
CA ALA M 112 30.62 23.59 -48.57
C ALA M 112 31.14 23.54 -49.98
N LEU M 113 31.11 24.70 -50.69
CA LEU M 113 31.53 24.84 -52.05
C LEU M 113 32.99 24.49 -52.16
N GLY M 114 33.80 24.96 -51.18
CA GLY M 114 35.17 24.58 -51.08
C GLY M 114 35.97 25.83 -50.98
N ASN M 115 35.33 26.99 -50.77
CA ASN M 115 36.03 28.24 -50.84
C ASN M 115 36.41 28.51 -49.41
N PRO M 116 37.57 29.08 -49.12
CA PRO M 116 37.99 29.29 -47.75
C PRO M 116 37.21 30.46 -47.24
N ILE M 117 36.49 30.30 -46.12
CA ILE M 117 35.72 31.40 -45.58
C ILE M 117 36.52 32.00 -44.47
N ASP M 118 37.66 31.36 -44.12
CA ASP M 118 38.63 31.92 -43.22
C ASP M 118 39.57 32.71 -44.09
N GLY M 119 39.45 32.56 -45.43
CA GLY M 119 40.24 33.27 -46.41
C GLY M 119 41.70 33.06 -46.24
N LYS M 120 42.11 31.81 -45.92
CA LYS M 120 43.50 31.46 -45.79
C LYS M 120 44.02 31.05 -47.15
N GLY M 121 43.36 31.54 -48.23
CA GLY M 121 43.81 31.45 -49.58
C GLY M 121 43.40 30.15 -50.21
N PRO M 122 43.47 30.06 -51.55
CA PRO M 122 43.12 28.90 -52.36
C PRO M 122 43.50 27.57 -51.78
N ILE M 123 42.53 26.63 -51.70
CA ILE M 123 42.70 25.35 -51.08
C ILE M 123 43.63 24.51 -51.88
N ASP M 124 44.55 23.79 -51.19
CA ASP M 124 45.43 22.83 -51.80
C ASP M 124 44.75 21.53 -51.58
N ALA M 125 44.46 20.83 -52.68
CA ALA M 125 43.63 19.65 -52.65
C ALA M 125 44.07 18.85 -53.82
N ALA M 126 44.02 17.51 -53.70
CA ALA M 126 44.60 16.64 -54.66
C ALA M 126 43.57 16.05 -55.60
N GLY M 127 42.27 16.30 -55.37
CA GLY M 127 41.24 15.78 -56.25
C GLY M 127 40.00 16.53 -56.00
N ARG M 128 38.99 16.42 -56.89
CA ARG M 128 37.65 16.85 -56.56
C ARG M 128 36.92 15.56 -56.74
N SER M 129 36.18 15.11 -55.72
CA SER M 129 35.55 13.82 -55.70
C SER M 129 34.13 14.11 -55.37
N ARG M 130 33.17 13.25 -55.82
CA ARG M 130 31.77 13.60 -55.72
C ARG M 130 31.40 13.58 -54.27
N ALA M 131 30.39 14.37 -53.89
CA ALA M 131 29.97 14.53 -52.53
C ALA M 131 29.39 13.29 -51.96
N GLN M 132 28.56 12.59 -52.76
CA GLN M 132 27.87 11.42 -52.33
C GLN M 132 28.54 10.26 -52.97
N VAL M 133 28.95 9.29 -52.12
CA VAL M 133 29.67 8.11 -52.50
C VAL M 133 29.16 7.12 -51.49
N LYS M 134 28.96 5.85 -51.90
CA LYS M 134 28.39 4.84 -51.04
C LYS M 134 29.47 4.13 -50.28
N ALA M 135 29.14 3.76 -49.03
CA ALA M 135 30.05 3.21 -48.06
C ALA M 135 30.57 1.85 -48.46
N PRO M 136 31.80 1.44 -48.13
CA PRO M 136 32.37 0.15 -48.48
C PRO M 136 31.57 -1.03 -47.99
N GLY M 137 31.68 -2.19 -48.67
CA GLY M 137 30.91 -3.38 -48.43
C GLY M 137 31.21 -4.07 -47.14
N ILE M 138 30.52 -5.22 -46.93
CA ILE M 138 30.61 -6.03 -45.75
C ILE M 138 32.02 -6.52 -45.61
N LEU M 139 32.57 -7.06 -46.71
CA LEU M 139 33.89 -7.63 -46.75
C LEU M 139 34.98 -6.62 -46.49
N PRO M 140 35.00 -5.41 -47.05
CA PRO M 140 36.00 -4.40 -46.71
C PRO M 140 36.18 -4.04 -45.26
N ARG M 141 35.21 -4.27 -44.36
CA ARG M 141 35.28 -3.78 -43.00
C ARG M 141 36.22 -4.63 -42.20
N ARG M 142 36.75 -4.08 -41.09
CA ARG M 142 37.64 -4.77 -40.20
C ARG M 142 37.24 -4.27 -38.87
N SER M 143 37.11 -5.21 -37.90
CA SER M 143 36.72 -4.95 -36.55
C SER M 143 37.67 -4.01 -35.87
N VAL M 144 37.14 -3.15 -34.98
CA VAL M 144 37.88 -2.09 -34.35
C VAL M 144 38.78 -2.72 -33.33
N HIS M 145 39.98 -2.14 -33.13
CA HIS M 145 40.92 -2.70 -32.20
C HIS M 145 41.85 -1.58 -31.86
N GLU M 146 41.49 -0.33 -32.24
CA GLU M 146 42.35 0.81 -32.10
C GLU M 146 41.68 1.75 -31.15
N PRO M 147 42.15 1.93 -29.92
CA PRO M 147 41.66 2.94 -29.02
C PRO M 147 41.79 4.34 -29.55
N VAL M 148 40.88 5.22 -29.11
CA VAL M 148 40.94 6.63 -29.32
C VAL M 148 40.74 7.11 -27.93
N GLN M 149 41.60 8.03 -27.44
CA GLN M 149 41.50 8.51 -26.09
C GLN M 149 41.14 9.94 -26.31
N THR M 150 40.06 10.38 -25.65
CA THR M 150 39.47 11.67 -25.86
C THR M 150 39.96 12.60 -24.78
N GLY M 151 40.68 12.04 -23.77
CA GLY M 151 41.19 12.77 -22.64
C GLY M 151 40.13 12.97 -21.59
N LEU M 152 38.98 12.30 -21.73
CA LEU M 152 37.90 12.37 -20.79
C LEU M 152 37.80 11.00 -20.27
N LYS M 153 37.97 10.85 -18.95
CA LYS M 153 38.09 9.60 -18.27
C LYS M 153 36.87 8.76 -18.39
N ALA M 154 35.71 9.40 -18.22
CA ALA M 154 34.46 8.70 -18.32
C ALA M 154 34.26 8.17 -19.69
N VAL M 155 34.59 8.95 -20.73
CA VAL M 155 34.39 8.50 -22.08
C VAL M 155 35.29 7.33 -22.37
N ASP M 156 36.57 7.47 -21.97
CA ASP M 156 37.59 6.51 -22.26
C ASP M 156 37.43 5.23 -21.55
N ALA M 157 36.77 5.23 -20.38
CA ALA M 157 36.68 4.01 -19.62
C ALA M 157 35.30 3.50 -19.67
N LEU M 158 34.33 4.32 -19.29
CA LEU M 158 32.95 3.91 -19.22
C LEU M 158 32.36 3.58 -20.56
N VAL M 159 32.68 4.33 -21.62
CA VAL M 159 32.12 4.05 -22.93
C VAL M 159 33.22 4.09 -23.96
N PRO M 160 34.28 3.27 -23.90
CA PRO M 160 35.47 3.43 -24.74
C PRO M 160 35.18 3.55 -26.22
N ILE M 161 35.87 4.49 -26.92
CA ILE M 161 35.60 4.81 -28.30
C ILE M 161 36.83 4.36 -29.05
N GLY M 162 36.62 3.76 -30.23
CA GLY M 162 37.65 3.22 -31.05
C GLY M 162 37.51 3.87 -32.37
N ARG M 163 38.38 3.49 -33.33
CA ARG M 163 38.44 4.10 -34.61
C ARG M 163 37.50 3.43 -35.58
N GLY M 164 36.85 4.21 -36.47
CA GLY M 164 35.81 3.74 -37.35
C GLY M 164 34.45 3.92 -36.75
N GLN M 165 34.20 3.25 -35.60
CA GLN M 165 32.90 3.15 -34.97
C GLN M 165 32.30 4.48 -34.65
N ARG M 166 30.95 4.58 -34.73
CA ARG M 166 30.27 5.82 -34.52
C ARG M 166 29.34 5.62 -33.38
N GLU M 167 29.22 6.67 -32.55
CA GLU M 167 28.46 6.67 -31.34
C GLU M 167 27.86 8.03 -31.30
N LEU M 168 26.63 8.13 -30.75
CA LEU M 168 25.90 9.37 -30.75
C LEU M 168 26.36 10.20 -29.60
N ILE M 169 26.09 11.51 -29.68
CA ILE M 169 26.32 12.46 -28.64
C ILE M 169 25.00 13.15 -28.59
N ILE M 170 24.03 12.49 -27.94
CA ILE M 170 22.67 12.88 -27.96
C ILE M 170 22.43 13.55 -26.65
N GLY M 171 21.97 14.81 -26.66
CA GLY M 171 21.75 15.45 -25.39
C GLY M 171 21.01 16.73 -25.56
N ASP M 172 20.68 17.30 -24.39
CA ASP M 172 19.91 18.49 -24.16
C ASP M 172 20.55 19.71 -24.76
N ARG M 173 19.69 20.62 -25.26
CA ARG M 173 20.04 21.78 -26.02
C ARG M 173 21.02 22.68 -25.32
N GLN M 174 22.12 23.01 -26.06
CA GLN M 174 23.19 23.89 -25.67
C GLN M 174 23.73 23.55 -24.34
N THR M 175 24.04 22.26 -24.10
CA THR M 175 24.67 21.85 -22.88
C THR M 175 26.13 21.89 -23.16
N GLY M 176 26.57 22.76 -24.11
CA GLY M 176 27.94 22.95 -24.47
C GLY M 176 28.28 21.66 -25.10
N LYS M 177 27.43 21.27 -26.06
CA LYS M 177 27.53 19.99 -26.71
C LYS M 177 28.79 19.99 -27.47
N THR M 178 29.08 21.13 -28.11
CA THR M 178 30.26 21.33 -28.92
C THR M 178 31.50 21.14 -28.07
N ALA M 179 31.42 21.46 -26.76
CA ALA M 179 32.55 21.32 -25.88
C ALA M 179 33.02 19.91 -25.75
N VAL M 180 32.08 18.93 -25.65
CA VAL M 180 32.42 17.54 -25.53
C VAL M 180 33.24 17.10 -26.70
N ALA M 181 32.81 17.51 -27.91
CA ALA M 181 33.51 17.18 -29.12
C ALA M 181 34.88 17.78 -29.16
N LEU M 182 34.99 19.06 -28.76
CA LEU M 182 36.22 19.79 -28.86
C LEU M 182 37.30 19.16 -28.04
N ASP M 183 36.93 18.55 -26.90
CA ASP M 183 37.86 17.92 -26.00
C ASP M 183 38.62 16.80 -26.67
N THR M 184 37.94 16.02 -27.54
CA THR M 184 38.55 14.92 -28.21
C THR M 184 39.67 15.42 -29.09
N ILE M 185 39.41 16.54 -29.80
CA ILE M 185 40.32 17.16 -30.73
C ILE M 185 41.59 17.54 -30.00
N LEU M 186 41.46 18.06 -28.77
CA LEU M 186 42.59 18.44 -27.99
C LEU M 186 43.43 17.26 -27.60
N ASN M 187 42.81 16.11 -27.24
CA ASN M 187 43.59 14.96 -26.85
C ASN M 187 44.24 14.36 -28.06
N GLN M 188 43.65 14.58 -29.25
CA GLN M 188 44.21 14.07 -30.48
C GLN M 188 45.45 14.84 -30.83
N LYS M 189 45.70 16.00 -30.18
CA LYS M 189 46.87 16.80 -30.37
C LYS M 189 48.09 16.02 -30.03
N ARG M 190 48.02 15.16 -28.99
CA ARG M 190 49.15 14.40 -28.51
C ARG M 190 49.74 13.51 -29.57
N TRP M 191 48.88 12.74 -30.29
CA TRP M 191 49.34 11.95 -31.40
C TRP M 191 49.70 12.75 -32.61
N ASN M 192 48.95 13.86 -32.88
CA ASN M 192 49.13 14.65 -34.08
C ASN M 192 50.50 15.27 -34.09
N ASN M 193 50.93 15.76 -32.90
CA ASN M 193 52.23 16.35 -32.68
C ASN M 193 53.25 15.27 -32.93
N GLY M 194 52.89 14.04 -32.54
CA GLY M 194 53.69 12.84 -32.68
C GLY M 194 53.75 12.38 -34.11
N SER M 195 53.85 11.05 -34.29
CA SER M 195 54.13 10.41 -35.55
C SER M 195 53.37 9.11 -35.59
N ASP M 196 53.46 8.39 -36.74
CA ASP M 196 52.71 7.19 -37.07
C ASP M 196 51.30 7.57 -37.40
N GLU M 197 50.95 7.46 -38.69
CA GLU M 197 49.77 8.03 -39.28
C GLU M 197 48.58 7.17 -38.97
N SER M 198 48.85 5.89 -38.63
CA SER M 198 47.90 4.93 -38.15
C SER M 198 47.31 5.40 -36.86
N LYS M 199 48.18 6.00 -36.02
CA LYS M 199 47.81 6.53 -34.75
C LYS M 199 47.40 7.98 -34.82
N LYS M 200 47.14 8.54 -36.03
CA LYS M 200 46.72 9.91 -36.14
C LYS M 200 45.34 10.03 -36.69
N LEU M 201 44.46 10.69 -35.90
CA LEU M 201 43.14 11.06 -36.30
C LEU M 201 43.29 12.48 -36.74
N TYR M 202 42.97 12.76 -38.01
CA TYR M 202 43.01 14.07 -38.58
C TYR M 202 41.62 14.55 -38.53
N CYS M 203 41.26 15.41 -37.55
CA CYS M 203 39.88 15.63 -37.21
C CYS M 203 39.21 16.58 -38.18
N VAL M 204 37.87 16.45 -38.33
CA VAL M 204 37.04 17.24 -39.18
C VAL M 204 35.85 17.58 -38.33
N TYR M 205 35.49 18.87 -38.26
CA TYR M 205 34.36 19.32 -37.49
C TYR M 205 33.44 19.85 -38.53
N VAL M 206 32.15 19.47 -38.45
CA VAL M 206 31.22 19.83 -39.48
C VAL M 206 30.21 20.64 -38.73
N ALA M 207 30.27 21.97 -38.93
CA ALA M 207 29.48 22.93 -38.20
C ALA M 207 28.22 23.17 -38.98
N VAL M 208 27.06 22.64 -38.53
CA VAL M 208 25.84 22.71 -39.30
C VAL M 208 24.93 23.58 -38.52
N GLY M 209 24.42 24.62 -39.19
CA GLY M 209 23.47 25.59 -38.69
C GLY M 209 24.02 26.49 -37.62
N GLN M 210 25.34 26.49 -37.40
CA GLN M 210 25.93 27.20 -36.30
C GLN M 210 26.24 28.55 -36.81
N LYS M 211 25.81 29.61 -36.09
CA LYS M 211 26.01 30.98 -36.52
C LYS M 211 27.46 31.28 -36.63
N ARG M 212 27.82 32.23 -37.51
CA ARG M 212 29.18 32.54 -37.86
C ARG M 212 29.95 33.02 -36.68
N SER M 213 29.26 33.68 -35.73
CA SER M 213 29.85 34.08 -34.49
C SER M 213 30.27 32.88 -33.69
N THR M 214 29.43 31.82 -33.64
CA THR M 214 29.75 30.62 -32.91
C THR M 214 30.97 29.95 -33.50
N VAL M 215 31.05 29.89 -34.84
CA VAL M 215 32.16 29.24 -35.50
C VAL M 215 33.42 30.04 -35.32
N ALA M 216 33.30 31.36 -35.13
CA ALA M 216 34.43 32.19 -34.86
C ALA M 216 35.05 31.87 -33.55
N GLN M 217 34.21 31.58 -32.53
CA GLN M 217 34.69 31.16 -31.24
C GLN M 217 35.38 29.85 -31.35
N LEU M 218 34.84 28.91 -32.16
CA LEU M 218 35.43 27.62 -32.34
C LEU M 218 36.80 27.76 -32.93
N VAL M 219 36.93 28.61 -33.96
CA VAL M 219 38.16 28.82 -34.67
C VAL M 219 39.17 29.40 -33.74
N GLN M 220 38.72 30.37 -32.92
CA GLN M 220 39.58 31.10 -32.04
C GLN M 220 40.10 30.20 -30.98
N THR M 221 39.24 29.32 -30.43
CA THR M 221 39.63 28.39 -29.40
C THR M 221 40.63 27.41 -29.93
N LEU M 222 40.42 26.95 -31.18
CA LEU M 222 41.28 25.99 -31.83
C LEU M 222 42.63 26.58 -32.07
N GLU M 223 42.68 27.86 -32.49
CA GLU M 223 43.92 28.56 -32.68
C GLU M 223 44.65 28.72 -31.38
N GLN M 224 43.91 28.98 -30.27
CA GLN M 224 44.49 29.10 -28.95
C GLN M 224 45.14 27.82 -28.51
N HIS M 225 44.52 26.68 -28.84
CA HIS M 225 45.04 25.41 -28.41
C HIS M 225 45.93 24.85 -29.48
N ASP M 226 46.31 25.69 -30.48
CA ASP M 226 47.22 25.40 -31.57
C ASP M 226 46.86 24.12 -32.28
N ALA M 227 45.56 23.92 -32.57
CA ALA M 227 45.05 22.65 -33.02
C ALA M 227 44.74 22.74 -34.48
N MET M 228 44.61 23.97 -35.02
CA MET M 228 44.50 24.20 -36.44
C MET M 228 45.80 23.82 -37.05
N LYS M 229 45.83 22.62 -37.66
CA LYS M 229 46.89 22.09 -38.45
C LYS M 229 46.59 20.63 -38.54
N TYR M 230 45.43 20.20 -38.05
CA TYR M 230 44.94 18.88 -38.33
C TYR M 230 43.46 19.00 -38.27
N SER M 231 42.94 20.24 -38.18
CA SER M 231 41.54 20.49 -38.06
C SER M 231 41.08 20.88 -39.42
N ILE M 232 39.82 20.57 -39.74
CA ILE M 232 39.21 21.01 -40.96
C ILE M 232 37.89 21.41 -40.42
N ILE M 233 37.36 22.55 -40.86
CA ILE M 233 36.04 22.91 -40.45
C ILE M 233 35.30 23.13 -41.71
N VAL M 234 34.32 22.24 -41.95
CA VAL M 234 33.41 22.34 -43.05
C VAL M 234 32.34 23.14 -42.40
N ALA M 235 31.96 24.27 -43.02
CA ALA M 235 31.08 25.21 -42.40
C ALA M 235 29.91 25.48 -43.28
N ALA M 236 28.71 25.23 -42.73
CA ALA M 236 27.46 25.66 -43.30
C ALA M 236 26.85 26.35 -42.14
N THR M 237 26.85 27.70 -42.16
CA THR M 237 26.48 28.47 -41.01
C THR M 237 25.00 28.67 -41.02
N ALA M 238 24.47 29.39 -40.01
CA ALA M 238 23.06 29.60 -39.83
C ALA M 238 22.48 30.33 -41.01
N SER M 239 23.22 31.35 -41.50
CA SER M 239 22.84 32.13 -42.64
C SER M 239 22.80 31.32 -43.90
N GLU M 240 23.77 30.38 -44.08
CA GLU M 240 23.91 29.61 -45.29
C GLU M 240 22.68 28.81 -45.63
N ALA M 241 22.37 28.77 -46.95
CA ALA M 241 21.15 28.28 -47.52
C ALA M 241 20.95 26.82 -47.26
N ALA M 242 19.67 26.42 -47.21
CA ALA M 242 19.26 25.09 -46.85
C ALA M 242 19.78 24.02 -47.78
N PRO M 243 20.02 24.17 -49.08
CA PRO M 243 20.72 23.18 -49.85
C PRO M 243 22.11 22.98 -49.37
N LEU M 244 22.84 24.07 -49.03
CA LEU M 244 24.19 23.95 -48.54
C LEU M 244 24.17 23.18 -47.25
N GLN M 245 23.17 23.45 -46.39
CA GLN M 245 23.01 22.77 -45.14
C GLN M 245 22.73 21.31 -45.32
N TYR M 246 21.92 20.97 -46.35
CA TYR M 246 21.58 19.62 -46.70
C TYR M 246 22.78 18.85 -47.15
N LEU M 247 23.61 19.44 -48.00
CA LEU M 247 24.72 18.74 -48.60
C LEU M 247 25.91 18.80 -47.71
N ALA M 248 25.82 19.51 -46.57
CA ALA M 248 26.98 19.72 -45.75
C ALA M 248 27.55 18.46 -45.19
N PRO M 249 26.87 17.47 -44.63
CA PRO M 249 27.55 16.28 -44.17
C PRO M 249 28.09 15.46 -45.28
N PHE M 250 27.41 15.43 -46.44
CA PHE M 250 27.83 14.62 -47.55
C PHE M 250 29.13 15.13 -48.08
N THR M 251 29.26 16.47 -48.16
CA THR M 251 30.44 17.12 -48.65
C THR M 251 31.58 16.81 -47.73
N ALA M 252 31.30 16.87 -46.41
CA ALA M 252 32.28 16.69 -45.38
C ALA M 252 32.81 15.29 -45.41
N ALA M 253 31.92 14.33 -45.66
CA ALA M 253 32.20 12.93 -45.69
C ALA M 253 33.19 12.61 -46.74
N SER M 254 33.09 13.29 -47.91
CA SER M 254 33.97 13.07 -49.03
C SER M 254 35.37 13.44 -48.65
N ILE M 255 35.54 14.52 -47.86
CA ILE M 255 36.84 14.97 -47.41
C ILE M 255 37.47 13.89 -46.57
N GLY M 256 36.65 13.28 -45.70
CA GLY M 256 37.02 12.19 -44.84
C GLY M 256 37.42 10.97 -45.58
N GLU M 257 36.74 10.67 -46.71
CA GLU M 257 37.04 9.53 -47.52
C GLU M 257 38.44 9.58 -48.01
N TRP M 258 38.97 10.78 -48.35
CA TRP M 258 40.32 10.91 -48.86
C TRP M 258 41.32 10.42 -47.85
N PHE M 259 41.13 10.79 -46.56
CA PHE M 259 42.00 10.35 -45.49
C PHE M 259 41.90 8.87 -45.28
N ARG M 260 40.65 8.34 -45.28
CA ARG M 260 40.36 6.96 -44.99
C ARG M 260 40.93 6.08 -46.04
N ASP M 261 40.77 6.51 -47.30
CA ASP M 261 41.19 5.86 -48.51
C ASP M 261 42.68 5.81 -48.55
N ASN M 262 43.37 6.86 -48.04
CA ASN M 262 44.81 6.88 -47.97
C ASN M 262 45.33 5.98 -46.88
N GLY M 263 44.44 5.42 -46.04
CA GLY M 263 44.79 4.42 -45.07
C GLY M 263 45.02 5.08 -43.75
N LYS M 264 44.80 6.41 -43.71
CA LYS M 264 45.01 7.23 -42.56
C LYS M 264 43.74 7.12 -41.78
N HIS M 265 43.69 7.75 -40.60
CA HIS M 265 42.53 7.64 -39.77
C HIS M 265 42.18 9.08 -39.53
N ALA M 266 40.93 9.30 -39.12
CA ALA M 266 40.41 10.63 -38.99
C ALA M 266 39.13 10.51 -38.24
N LEU M 267 38.62 11.65 -37.75
CA LEU M 267 37.49 11.69 -36.88
C LEU M 267 36.62 12.79 -37.41
N ILE M 268 35.34 12.52 -37.68
CA ILE M 268 34.46 13.50 -38.27
C ILE M 268 33.34 13.66 -37.29
N VAL M 269 33.04 14.91 -36.93
CA VAL M 269 32.06 15.17 -35.91
C VAL M 269 30.98 15.95 -36.58
N TYR M 270 29.76 15.36 -36.66
CA TYR M 270 28.71 16.01 -37.40
C TYR M 270 27.99 16.69 -36.28
N ASP M 271 27.95 18.04 -36.28
CA ASP M 271 27.36 18.76 -35.19
C ASP M 271 26.56 19.86 -35.79
N ASP M 272 25.22 19.92 -35.67
CA ASP M 272 24.35 18.92 -35.11
C ASP M 272 23.45 18.60 -36.24
N LEU M 273 23.18 17.29 -36.38
CA LEU M 273 22.37 16.72 -37.43
C LEU M 273 20.95 17.10 -37.19
N SER M 274 20.62 17.55 -35.96
CA SER M 274 19.32 18.03 -35.62
C SER M 274 18.99 19.24 -36.44
N LYS M 275 19.93 20.19 -36.60
CA LYS M 275 19.68 21.30 -37.49
C LYS M 275 19.74 20.89 -38.93
N GLN M 276 20.47 19.81 -39.27
CA GLN M 276 20.48 19.29 -40.62
C GLN M 276 19.13 18.78 -41.00
N ALA M 277 18.43 18.16 -40.03
CA ALA M 277 17.15 17.52 -40.22
C ALA M 277 16.15 18.52 -40.67
N VAL M 278 16.16 19.70 -40.02
CA VAL M 278 15.25 20.77 -40.29
C VAL M 278 15.45 21.25 -41.70
N ALA M 279 16.71 21.29 -42.17
CA ALA M 279 17.03 21.78 -43.49
C ALA M 279 16.50 20.89 -44.57
N TYR M 280 16.57 19.56 -44.38
CA TYR M 280 16.01 18.61 -45.31
C TYR M 280 14.52 18.76 -45.36
N ARG M 281 13.93 19.06 -44.18
CA ARG M 281 12.53 19.33 -44.02
C ARG M 281 12.17 20.49 -44.87
N GLN M 282 13.01 21.54 -44.84
CA GLN M 282 12.78 22.74 -45.60
C GLN M 282 12.81 22.43 -47.05
N LEU M 283 13.75 21.58 -47.50
CA LEU M 283 13.85 21.27 -48.89
C LEU M 283 12.63 20.53 -49.34
N SER M 284 12.23 19.50 -48.60
CA SER M 284 11.16 18.63 -49.02
C SER M 284 9.87 19.35 -49.09
N LEU M 285 9.55 20.14 -48.04
CA LEU M 285 8.29 20.81 -47.95
C LEU M 285 8.14 21.84 -49.03
N LEU M 286 9.24 22.56 -49.31
CA LEU M 286 9.29 23.55 -50.36
C LEU M 286 9.24 22.92 -51.71
N LEU M 287 9.64 21.65 -51.85
CA LEU M 287 9.58 20.97 -53.11
C LEU M 287 8.30 20.20 -53.20
N ARG M 288 7.44 20.31 -52.17
CA ARG M 288 6.09 19.81 -52.16
C ARG M 288 6.10 18.31 -52.10
N ARG M 289 7.27 17.70 -51.83
CA ARG M 289 7.42 16.27 -51.65
C ARG M 289 6.64 15.85 -50.43
N PRO M 290 6.03 14.67 -50.34
CA PRO M 290 5.13 14.29 -49.27
C PRO M 290 5.66 14.58 -47.88
N PRO M 291 4.97 15.25 -46.96
CA PRO M 291 5.52 15.56 -45.64
C PRO M 291 5.53 14.33 -44.80
N GLY M 292 6.16 14.34 -43.60
CA GLY M 292 6.02 13.19 -42.75
C GLY M 292 6.09 13.60 -41.33
N ARG M 293 6.42 12.61 -40.45
CA ARG M 293 6.34 12.74 -39.02
C ARG M 293 7.18 13.86 -38.54
N GLU M 294 6.59 14.72 -37.67
CA GLU M 294 7.24 15.84 -37.04
C GLU M 294 7.76 16.81 -38.07
N ALA M 295 7.03 16.86 -39.20
CA ALA M 295 7.29 17.61 -40.39
C ALA M 295 8.66 17.37 -40.94
N TYR M 296 9.14 16.11 -40.83
CA TYR M 296 10.44 15.75 -41.29
C TYR M 296 10.18 14.92 -42.51
N PRO M 297 11.06 14.88 -43.50
CA PRO M 297 10.88 14.16 -44.75
C PRO M 297 10.77 12.70 -44.50
N GLY M 298 10.12 11.95 -45.42
CA GLY M 298 9.87 10.57 -45.20
C GLY M 298 11.13 9.75 -45.28
N ASP M 299 12.09 10.17 -46.13
CA ASP M 299 13.30 9.43 -46.40
C ASP M 299 14.45 10.01 -45.64
N VAL M 300 14.15 10.76 -44.55
CA VAL M 300 15.15 11.33 -43.70
C VAL M 300 15.92 10.23 -43.02
N PHE M 301 15.25 9.09 -42.73
CA PHE M 301 15.86 7.92 -42.15
C PHE M 301 16.90 7.40 -43.09
N TYR M 302 16.53 7.29 -44.38
CA TYR M 302 17.41 6.83 -45.43
C TYR M 302 18.58 7.74 -45.60
N LEU M 303 18.35 9.06 -45.47
CA LEU M 303 19.37 10.05 -45.67
C LEU M 303 20.42 9.91 -44.62
N HIS M 304 19.97 9.84 -43.35
CA HIS M 304 20.85 9.81 -42.22
C HIS M 304 21.60 8.53 -42.20
N SER M 305 20.93 7.41 -42.56
CA SER M 305 21.58 6.13 -42.53
C SER M 305 22.64 6.03 -43.58
N ARG M 306 22.38 6.61 -44.77
CA ARG M 306 23.30 6.61 -45.88
C ARG M 306 24.52 7.36 -45.47
N LEU M 307 24.36 8.50 -44.78
CA LEU M 307 25.48 9.28 -44.34
C LEU M 307 26.30 8.55 -43.31
N LEU M 308 25.63 7.98 -42.31
CA LEU M 308 26.28 7.45 -41.14
C LEU M 308 26.92 6.12 -41.37
N GLU M 309 26.69 5.47 -42.53
CA GLU M 309 27.27 4.18 -42.76
C GLU M 309 28.59 4.35 -43.46
N ARG M 310 28.87 5.54 -44.01
CA ARG M 310 30.13 5.86 -44.63
C ARG M 310 31.29 5.75 -43.68
N ALA M 311 31.11 6.21 -42.42
CA ALA M 311 32.11 6.13 -41.39
C ALA M 311 32.40 4.71 -40.99
N ALA M 312 33.66 4.27 -41.18
CA ALA M 312 33.96 2.88 -41.00
C ALA M 312 35.44 2.69 -40.95
N LYS M 313 35.86 1.49 -40.50
CA LYS M 313 37.24 1.12 -40.37
C LYS M 313 37.42 -0.09 -41.25
N LEU M 314 38.40 0.00 -42.15
CA LEU M 314 38.54 -0.89 -43.26
C LEU M 314 39.63 -1.85 -42.92
N SER M 315 39.70 -2.94 -43.71
CA SER M 315 40.61 -4.03 -43.54
C SER M 315 41.90 -3.72 -44.17
N GLU M 316 42.84 -4.67 -44.05
CA GLU M 316 44.20 -4.54 -44.47
C GLU M 316 44.23 -4.74 -45.96
N LYS M 317 43.12 -5.32 -46.52
CA LYS M 317 42.87 -5.40 -47.93
C LYS M 317 42.87 -4.03 -48.51
N GLU M 318 42.19 -3.09 -47.82
CA GLU M 318 42.05 -1.76 -48.31
C GLU M 318 42.47 -0.89 -47.20
N GLY M 319 43.77 -0.53 -47.19
CA GLY M 319 44.33 0.41 -46.27
C GLY M 319 44.45 -0.22 -44.92
N SER M 320 43.44 0.05 -44.09
CA SER M 320 43.26 -0.23 -42.69
C SER M 320 42.78 1.07 -42.10
N GLY M 321 42.76 2.14 -42.93
CA GLY M 321 42.34 3.47 -42.54
C GLY M 321 40.91 3.47 -42.16
N SER M 322 40.50 4.49 -41.40
CA SER M 322 39.17 4.53 -40.92
C SER M 322 38.71 5.94 -40.97
N LEU M 323 37.40 6.11 -40.81
CA LEU M 323 36.81 7.37 -40.58
C LEU M 323 35.98 7.07 -39.38
N THR M 324 36.47 7.51 -38.20
CA THR M 324 35.77 7.50 -36.94
C THR M 324 34.76 8.60 -37.07
N ALA M 325 33.56 8.47 -36.45
CA ALA M 325 32.60 9.54 -36.54
C ALA M 325 31.92 9.67 -35.22
N LEU M 326 31.40 10.88 -34.93
CA LEU M 326 30.74 11.17 -33.69
C LEU M 326 29.62 12.12 -33.97
N PRO M 327 28.46 11.72 -34.47
CA PRO M 327 27.36 12.64 -34.74
C PRO M 327 26.82 13.17 -33.44
N VAL M 328 26.27 14.40 -33.46
CA VAL M 328 25.73 15.10 -32.34
C VAL M 328 24.29 15.35 -32.69
N ILE M 329 23.37 14.98 -31.77
CA ILE M 329 21.94 15.12 -31.96
C ILE M 329 21.49 15.83 -30.74
N GLU M 330 20.57 16.79 -30.94
CA GLU M 330 20.11 17.64 -29.91
C GLU M 330 18.74 17.14 -29.60
N THR M 331 18.46 16.79 -28.33
CA THR M 331 17.17 16.27 -27.98
C THR M 331 16.53 17.45 -27.35
N GLN M 332 15.34 17.80 -27.88
CA GLN M 332 14.68 19.04 -27.58
C GLN M 332 14.15 19.08 -26.19
N GLY M 333 13.80 17.91 -25.63
CA GLY M 333 13.35 17.84 -24.27
C GLY M 333 13.83 16.57 -23.70
N GLY M 334 14.85 15.95 -24.34
CA GLY M 334 15.39 14.70 -23.89
C GLY M 334 14.52 13.60 -24.44
N ASP M 335 13.76 13.91 -25.52
CA ASP M 335 12.77 13.03 -26.05
C ASP M 335 13.45 12.17 -27.06
N VAL M 336 13.82 10.94 -26.64
CA VAL M 336 14.48 10.00 -27.51
C VAL M 336 13.43 9.40 -28.41
N SER M 337 12.15 9.53 -27.95
CA SER M 337 10.94 9.15 -28.63
C SER M 337 10.81 9.86 -29.95
N ALA M 338 11.31 11.11 -30.05
CA ALA M 338 11.15 11.94 -31.21
C ALA M 338 11.77 11.28 -32.43
N TYR M 339 11.13 11.50 -33.60
CA TYR M 339 11.34 10.75 -34.80
C TYR M 339 12.76 10.81 -35.27
N ILE M 340 13.36 12.02 -35.30
CA ILE M 340 14.74 12.18 -35.66
C ILE M 340 15.63 11.55 -34.62
N PRO M 341 15.44 11.65 -33.32
CA PRO M 341 16.28 10.92 -32.41
C PRO M 341 16.17 9.43 -32.54
N THR M 342 14.97 8.85 -32.70
CA THR M 342 14.80 7.42 -32.69
C THR M 342 15.58 6.81 -33.83
N ASN M 343 15.51 7.45 -35.01
CA ASN M 343 16.18 6.98 -36.19
C ASN M 343 17.66 6.93 -36.01
N VAL M 344 18.23 8.02 -35.47
CA VAL M 344 19.66 8.15 -35.34
C VAL M 344 20.16 7.18 -34.33
N ILE M 345 19.40 6.94 -33.24
CA ILE M 345 19.81 6.07 -32.17
C ILE M 345 19.98 4.69 -32.72
N SER M 346 19.06 4.26 -33.60
CA SER M 346 19.15 2.97 -34.22
C SER M 346 20.37 2.87 -35.08
N ILE M 347 20.65 3.90 -35.90
CA ILE M 347 21.76 3.86 -36.83
C ILE M 347 23.07 3.80 -36.08
N THR M 348 23.22 4.60 -35.02
CA THR M 348 24.44 4.69 -34.26
C THR M 348 24.72 3.44 -33.51
N ASP M 349 26.02 3.17 -33.30
CA ASP M 349 26.51 2.00 -32.65
C ASP M 349 26.94 2.43 -31.27
N GLY M 350 25.96 2.80 -30.41
CA GLY M 350 26.20 3.35 -29.10
C GLY M 350 25.72 4.77 -29.05
N GLN M 351 25.51 5.29 -27.82
CA GLN M 351 25.10 6.65 -27.61
C GLN M 351 25.68 7.09 -26.31
N ILE M 352 25.93 8.40 -26.17
CA ILE M 352 26.40 9.00 -24.95
C ILE M 352 25.39 10.08 -24.71
N PHE M 353 24.81 10.11 -23.50
CA PHE M 353 23.74 11.00 -23.17
C PHE M 353 24.09 11.85 -22.00
N LEU M 354 24.40 13.14 -22.27
CA LEU M 354 24.68 14.14 -21.26
C LEU M 354 23.34 14.54 -20.69
N GLU M 355 23.29 14.94 -19.39
CA GLU M 355 22.06 15.17 -18.70
C GLU M 355 22.16 16.47 -17.96
N ALA M 356 21.12 17.33 -18.13
CA ALA M 356 21.09 18.69 -17.69
C ALA M 356 21.16 18.82 -16.21
N GLU M 357 20.49 17.90 -15.47
CA GLU M 357 20.46 17.93 -14.02
C GLU M 357 21.85 17.79 -13.49
N LEU M 358 22.63 16.87 -14.10
CA LEU M 358 23.98 16.58 -13.72
C LEU M 358 24.85 17.78 -13.92
N PHE M 359 24.58 18.54 -15.02
CA PHE M 359 25.30 19.73 -15.37
C PHE M 359 25.13 20.75 -14.29
N TYR M 360 23.88 20.88 -13.79
CA TYR M 360 23.47 21.79 -12.75
C TYR M 360 24.09 21.37 -11.46
N LYS M 361 24.28 20.04 -11.29
CA LYS M 361 24.82 19.43 -10.10
C LYS M 361 26.31 19.41 -10.21
N GLY M 362 26.85 20.11 -11.24
CA GLY M 362 28.23 20.47 -11.34
C GLY M 362 29.07 19.36 -11.87
N ILE M 363 28.44 18.28 -12.39
CA ILE M 363 29.17 17.20 -12.97
C ILE M 363 29.39 17.69 -14.37
N ARG M 364 30.66 17.99 -14.69
CA ARG M 364 31.05 18.52 -15.96
C ARG M 364 32.25 17.71 -16.33
N PRO M 365 32.27 16.88 -17.38
CA PRO M 365 31.21 16.61 -18.33
C PRO M 365 29.99 16.07 -17.64
N ALA M 366 28.80 16.30 -18.22
CA ALA M 366 27.55 16.02 -17.56
C ALA M 366 26.98 14.72 -18.03
N ILE M 367 27.82 13.88 -18.68
CA ILE M 367 27.55 12.53 -19.14
C ILE M 367 26.77 11.76 -18.10
N ASN M 368 25.57 11.25 -18.46
CA ASN M 368 24.78 10.39 -17.62
C ASN M 368 25.13 9.02 -18.04
N VAL M 369 25.81 8.27 -17.15
CA VAL M 369 26.47 7.03 -17.48
C VAL M 369 25.41 5.97 -17.60
N GLY M 370 24.23 6.22 -16.98
CA GLY M 370 23.08 5.37 -17.09
C GLY M 370 22.60 5.32 -18.51
N LEU M 371 22.71 6.43 -19.25
CA LEU M 371 22.13 6.56 -20.56
C LEU M 371 23.25 6.69 -21.56
N SER M 372 24.46 6.28 -21.17
CA SER M 372 25.59 6.20 -22.06
C SER M 372 25.95 4.76 -22.15
N VAL M 373 26.16 4.26 -23.39
CA VAL M 373 26.56 2.91 -23.63
C VAL M 373 27.44 3.00 -24.85
N SER M 374 28.38 2.06 -25.00
CA SER M 374 29.11 1.90 -26.22
C SER M 374 29.03 0.43 -26.42
N ARG M 375 28.71 0.00 -27.65
CA ARG M 375 28.43 -1.38 -27.93
C ARG M 375 29.72 -2.06 -28.24
N VAL M 376 30.46 -1.56 -29.26
CA VAL M 376 31.76 -2.06 -29.63
C VAL M 376 32.69 -1.87 -28.46
N GLY M 377 32.55 -0.69 -27.79
CA GLY M 377 33.01 -0.40 -26.45
C GLY M 377 34.40 -0.84 -26.17
N SER M 378 34.54 -1.77 -25.19
CA SER M 378 35.78 -2.20 -24.61
C SER M 378 36.71 -2.93 -25.53
N ALA M 379 36.27 -3.28 -26.76
CA ALA M 379 37.11 -3.87 -27.77
C ALA M 379 38.26 -2.98 -28.17
N ALA M 380 38.03 -1.66 -28.19
CA ALA M 380 39.04 -0.68 -28.46
C ALA M 380 39.26 0.14 -27.23
N GLN M 381 39.58 -0.54 -26.11
CA GLN M 381 39.92 0.09 -24.86
C GLN M 381 41.34 -0.33 -24.69
N VAL M 382 42.16 0.55 -24.08
CA VAL M 382 43.52 0.23 -23.67
C VAL M 382 43.42 -0.90 -22.68
N LYS M 383 44.29 -1.93 -22.84
CA LYS M 383 44.24 -3.15 -22.07
C LYS M 383 44.47 -2.85 -20.63
N ALA M 384 45.41 -1.92 -20.37
CA ALA M 384 45.75 -1.46 -19.06
C ALA M 384 44.53 -0.86 -18.42
N LEU M 385 43.82 0.01 -19.17
CA LEU M 385 42.71 0.76 -18.65
C LEU M 385 41.55 -0.15 -18.44
N LYS M 386 41.44 -1.23 -19.24
CA LYS M 386 40.43 -2.22 -19.06
C LYS M 386 40.63 -2.93 -17.77
N GLN M 387 41.89 -3.30 -17.44
CA GLN M 387 42.20 -4.05 -16.25
C GLN M 387 41.76 -3.30 -15.04
N VAL M 388 42.04 -1.99 -15.01
CA VAL M 388 41.84 -1.19 -13.84
C VAL M 388 40.50 -0.53 -13.88
N ALA M 389 39.54 -1.03 -14.68
CA ALA M 389 38.26 -0.37 -14.70
C ALA M 389 37.16 -1.37 -14.73
N GLY M 390 37.46 -2.66 -14.48
CA GLY M 390 36.39 -3.62 -14.27
C GLY M 390 35.69 -3.34 -12.98
N SER M 391 36.50 -3.06 -11.94
CA SER M 391 36.03 -2.74 -10.62
C SER M 391 35.20 -1.50 -10.68
N LEU M 392 35.68 -0.49 -11.46
CA LEU M 392 35.06 0.80 -11.58
C LEU M 392 33.68 0.72 -12.13
N LYS M 393 33.45 -0.17 -13.12
CA LYS M 393 32.15 -0.34 -13.73
C LYS M 393 31.15 -0.84 -12.76
N LEU M 394 31.56 -1.84 -11.96
CA LEU M 394 30.72 -2.47 -10.98
C LEU M 394 30.44 -1.53 -9.86
N PHE M 395 31.46 -0.76 -9.42
CA PHE M 395 31.32 0.14 -8.31
C PHE M 395 30.32 1.19 -8.62
N LEU M 396 30.38 1.75 -9.85
CA LEU M 396 29.54 2.83 -10.29
C LEU M 396 28.14 2.36 -10.43
N ALA M 397 27.98 1.07 -10.80
CA ALA M 397 26.68 0.48 -10.98
C ALA M 397 25.97 0.45 -9.66
N GLN M 398 26.70 0.02 -8.60
CA GLN M 398 26.14 -0.03 -7.30
C GLN M 398 25.80 1.34 -6.81
N TYR M 399 26.67 2.35 -7.08
CA TYR M 399 26.46 3.70 -6.59
C TYR M 399 25.21 4.30 -7.15
N ARG M 400 24.93 3.96 -8.43
CA ARG M 400 23.75 4.41 -9.12
C ARG M 400 22.53 3.86 -8.48
N GLU M 401 22.53 2.56 -8.16
CA GLU M 401 21.40 1.93 -7.54
C GLU M 401 21.16 2.40 -6.13
N VAL M 402 22.22 2.63 -5.34
CA VAL M 402 22.09 2.95 -3.95
C VAL M 402 21.96 4.44 -3.75
N ALA M 403 21.84 5.20 -4.86
CA ALA M 403 21.69 6.64 -4.85
C ALA M 403 20.45 7.04 -4.11
N ALA M 404 19.38 6.24 -4.23
CA ALA M 404 18.09 6.57 -3.68
C ALA M 404 18.06 6.37 -2.19
N PHE M 405 19.00 5.58 -1.64
CA PHE M 405 19.11 5.41 -0.22
C PHE M 405 20.10 6.40 0.35
N ALA M 406 20.60 7.35 -0.47
CA ALA M 406 21.59 8.29 -0.01
C ALA M 406 20.91 9.50 0.56
N GLN M 407 19.57 9.52 0.57
CA GLN M 407 18.83 10.61 1.12
C GLN M 407 18.83 10.53 2.65
N SER M 410 20.15 8.63 6.48
CA SER M 410 19.60 8.42 7.85
C SER M 410 20.32 7.25 8.48
N ASP M 411 19.58 6.20 8.90
CA ASP M 411 20.14 5.01 9.52
C ASP M 411 20.45 4.05 8.40
N LEU M 412 21.72 4.04 7.92
CA LEU M 412 22.07 3.41 6.68
C LEU M 412 23.08 2.36 7.01
N ASP M 413 22.92 1.17 6.37
CA ASP M 413 23.77 0.01 6.50
C ASP M 413 25.18 0.34 6.13
N ALA M 414 26.14 -0.29 6.82
CA ALA M 414 27.56 -0.06 6.66
C ALA M 414 28.00 -0.35 5.26
N SER M 415 27.42 -1.42 4.66
CA SER M 415 27.67 -1.82 3.30
C SER M 415 27.24 -0.73 2.35
N THR M 416 26.04 -0.15 2.60
CA THR M 416 25.48 0.90 1.81
C THR M 416 26.34 2.11 1.92
N LYS M 417 26.81 2.42 3.15
CA LYS M 417 27.64 3.55 3.44
C LYS M 417 28.98 3.43 2.82
N GLN M 418 29.52 2.20 2.71
CA GLN M 418 30.78 1.94 2.06
C GLN M 418 30.63 2.28 0.61
N THR M 419 29.47 1.90 0.03
CA THR M 419 29.14 2.17 -1.34
C THR M 419 29.06 3.66 -1.53
N LEU M 420 28.45 4.39 -0.57
CA LEU M 420 28.26 5.81 -0.67
C LEU M 420 29.56 6.53 -0.69
N VAL M 421 30.53 6.10 0.15
CA VAL M 421 31.84 6.70 0.23
C VAL M 421 32.58 6.47 -1.04
N ARG M 422 32.54 5.24 -1.58
CA ARG M 422 33.26 4.92 -2.78
C ARG M 422 32.69 5.66 -3.94
N GLY M 423 31.36 5.68 -4.01
CA GLY M 423 30.60 6.28 -5.05
C GLY M 423 30.74 7.76 -5.12
N GLU M 424 30.68 8.45 -3.96
CA GLU M 424 30.81 9.88 -3.94
C GLU M 424 32.18 10.31 -4.36
N ARG M 425 33.23 9.62 -3.84
CA ARG M 425 34.59 9.97 -4.16
C ARG M 425 34.86 9.76 -5.62
N LEU M 426 34.32 8.66 -6.20
CA LEU M 426 34.42 8.36 -7.60
C LEU M 426 33.76 9.40 -8.44
N THR M 427 32.56 9.87 -8.05
CA THR M 427 31.80 10.83 -8.81
C THR M 427 32.57 12.12 -8.90
N GLN M 428 33.19 12.53 -7.77
CA GLN M 428 33.99 13.71 -7.70
C GLN M 428 35.22 13.58 -8.55
N LEU M 429 35.83 12.38 -8.59
CA LEU M 429 36.98 12.10 -9.42
C LEU M 429 36.64 12.22 -10.87
N LEU M 430 35.41 11.82 -11.26
CA LEU M 430 35.00 11.84 -12.65
C LEU M 430 34.55 13.20 -13.08
N LYS M 431 34.54 14.21 -12.17
CA LYS M 431 34.44 15.59 -12.58
C LYS M 431 35.80 15.95 -13.07
N GLN M 432 35.89 16.75 -14.14
CA GLN M 432 37.17 17.00 -14.73
C GLN M 432 37.08 18.28 -15.50
N ASN M 433 38.26 18.92 -15.61
CA ASN M 433 38.54 20.20 -16.21
C ASN M 433 37.94 20.35 -17.58
N GLN M 434 37.22 21.47 -17.80
CA GLN M 434 36.44 21.67 -18.98
C GLN M 434 37.31 22.55 -19.82
N TYR M 435 37.57 22.10 -21.07
CA TYR M 435 38.34 22.80 -22.07
C TYR M 435 39.81 22.55 -21.85
N SER M 436 40.16 21.51 -21.06
CA SER M 436 41.52 21.01 -20.98
C SER M 436 41.40 19.52 -20.84
N PRO M 437 42.12 18.67 -21.58
CA PRO M 437 41.98 17.23 -21.50
C PRO M 437 42.93 16.71 -20.46
N LEU M 438 43.07 15.37 -20.36
CA LEU M 438 43.92 14.74 -19.37
C LEU M 438 44.56 13.56 -20.04
N ALA M 439 45.91 13.42 -19.88
CA ALA M 439 46.71 12.40 -20.53
C ALA M 439 46.34 11.06 -19.97
N THR M 440 46.26 10.03 -20.86
CA THR M 440 45.86 8.68 -20.56
C THR M 440 46.78 8.02 -19.59
N GLU M 441 48.09 8.34 -19.66
CA GLU M 441 49.09 7.80 -18.80
C GLU M 441 48.90 8.30 -17.39
N GLU M 442 48.01 9.31 -17.19
CA GLU M 442 47.67 9.82 -15.90
C GLU M 442 46.24 9.55 -15.61
N GLN M 443 45.44 9.15 -16.63
CA GLN M 443 44.10 8.68 -16.39
C GLN M 443 44.15 7.39 -15.67
N VAL M 444 45.05 6.49 -16.13
CA VAL M 444 45.18 5.17 -15.58
C VAL M 444 45.55 5.22 -14.12
N PRO M 445 46.47 6.07 -13.64
CA PRO M 445 46.77 6.10 -12.24
C PRO M 445 45.64 6.52 -11.37
N LEU M 446 44.86 7.54 -11.77
CA LEU M 446 43.83 8.09 -10.91
C LEU M 446 42.80 7.03 -10.64
N ILE M 447 42.41 6.30 -11.69
CA ILE M 447 41.41 5.28 -11.61
C ILE M 447 41.88 4.13 -10.75
N TYR M 448 43.20 3.83 -10.77
CA TYR M 448 43.77 2.74 -10.01
C TYR M 448 43.59 2.97 -8.54
N ALA M 449 43.78 4.23 -8.11
CA ALA M 449 43.68 4.66 -6.74
C ALA M 449 42.27 4.42 -6.25
N GLY M 450 41.28 4.81 -7.08
CA GLY M 450 39.87 4.76 -6.79
C GLY M 450 39.44 3.34 -6.65
N VAL M 451 39.99 2.48 -7.53
CA VAL M 451 39.78 1.06 -7.56
C VAL M 451 40.33 0.47 -6.28
N ASN M 452 41.48 0.96 -5.79
CA ASN M 452 42.13 0.41 -4.62
C ASN M 452 41.52 1.03 -3.40
N GLY M 453 40.56 1.98 -3.58
CA GLY M 453 39.78 2.56 -2.53
C GLY M 453 40.61 3.33 -1.57
N HIS M 454 41.78 3.83 -2.01
CA HIS M 454 42.69 4.53 -1.14
C HIS M 454 42.26 5.97 -1.10
N LEU M 455 41.37 6.36 -2.05
CA LEU M 455 40.79 7.68 -2.12
C LEU M 455 39.67 7.81 -1.14
N ASP M 456 39.15 6.68 -0.62
CA ASP M 456 38.01 6.65 0.28
C ASP M 456 38.30 7.44 1.51
N GLY M 457 39.56 7.36 2.01
CA GLY M 457 40.00 8.06 3.19
C GLY M 457 40.04 9.53 2.99
N ILE M 458 40.51 10.01 1.80
CA ILE M 458 40.64 11.41 1.48
C ILE M 458 39.29 12.06 1.51
N GLU M 459 39.15 13.23 2.19
CA GLU M 459 37.90 13.92 2.34
C GLU M 459 37.48 14.46 1.01
N LEU M 460 36.14 14.56 0.79
CA LEU M 460 35.52 14.80 -0.49
C LEU M 460 35.98 16.08 -1.09
N SER M 461 36.05 17.15 -0.28
CA SER M 461 36.46 18.46 -0.71
C SER M 461 37.88 18.46 -1.20
N ARG M 462 38.75 17.64 -0.58
CA ARG M 462 40.14 17.57 -0.94
C ARG M 462 40.41 16.63 -2.07
N ILE M 463 39.38 15.96 -2.67
CA ILE M 463 39.61 15.02 -3.74
C ILE M 463 40.23 15.72 -4.91
N GLY M 464 39.74 16.94 -5.25
CA GLY M 464 40.19 17.64 -6.43
C GLY M 464 41.64 17.99 -6.30
N GLU M 465 42.03 18.51 -5.12
CA GLU M 465 43.38 18.93 -4.87
C GLU M 465 44.29 17.74 -4.88
N PHE M 466 43.79 16.61 -4.32
CA PHE M 466 44.50 15.38 -4.14
C PHE M 466 44.94 14.87 -5.46
N GLU M 467 44.04 14.93 -6.46
CA GLU M 467 44.22 14.27 -7.74
C GLU M 467 45.42 14.88 -8.41
N SER M 468 45.48 16.23 -8.46
CA SER M 468 46.50 16.95 -9.19
C SER M 468 47.81 16.76 -8.51
N SER M 469 47.78 16.73 -7.17
CA SER M 469 48.92 16.50 -6.33
C SER M 469 49.46 15.13 -6.55
N PHE M 470 48.57 14.12 -6.68
CA PHE M 470 48.93 12.74 -6.85
C PHE M 470 49.65 12.62 -8.15
N LEU M 471 49.16 13.31 -9.20
CA LEU M 471 49.77 13.28 -10.50
C LEU M 471 51.13 13.90 -10.48
N SER M 472 51.31 15.05 -9.79
CA SER M 472 52.61 15.68 -9.73
C SER M 472 53.57 14.84 -8.94
N TYR M 473 53.06 14.19 -7.87
CA TYR M 473 53.81 13.30 -7.02
C TYR M 473 54.29 12.14 -7.83
N LEU M 474 53.42 11.57 -8.67
CA LEU M 474 53.78 10.49 -9.56
C LEU M 474 54.77 10.93 -10.56
N LYS M 475 54.65 12.16 -11.09
CA LYS M 475 55.59 12.66 -12.05
C LYS M 475 56.94 12.81 -11.44
N SER M 476 57.04 13.31 -10.20
CA SER M 476 58.32 13.37 -9.58
C SER M 476 58.86 12.03 -9.13
N ASN M 477 58.08 11.29 -8.33
CA ASN M 477 58.50 10.06 -7.71
C ASN M 477 58.74 8.96 -8.68
N HIS M 478 57.83 8.76 -9.65
CA HIS M 478 57.92 7.58 -10.44
C HIS M 478 57.28 7.87 -11.74
N ASN M 479 57.95 8.71 -12.55
CA ASN M 479 57.54 8.97 -13.90
C ASN M 479 58.17 7.88 -14.72
N GLU M 480 59.05 7.05 -14.11
CA GLU M 480 59.53 5.84 -14.71
C GLU M 480 58.36 4.92 -14.88
N LEU M 481 57.49 4.83 -13.85
CA LEU M 481 56.30 4.03 -13.91
C LEU M 481 55.40 4.59 -14.95
N LEU M 482 55.21 5.93 -14.98
CA LEU M 482 54.25 6.55 -15.87
C LEU M 482 54.59 6.34 -17.31
N THR M 483 55.87 6.50 -17.68
CA THR M 483 56.30 6.36 -19.04
C THR M 483 56.23 4.92 -19.43
N GLU M 484 56.56 4.02 -18.48
CA GLU M 484 56.49 2.61 -18.68
C GLU M 484 55.08 2.16 -18.96
N ILE M 485 54.11 2.69 -18.17
CA ILE M 485 52.70 2.42 -18.30
C ILE M 485 52.25 2.91 -19.64
N ARG M 486 52.73 4.11 -20.04
CA ARG M 486 52.35 4.78 -21.27
C ARG M 486 52.76 3.96 -22.44
N GLU M 487 53.96 3.38 -22.39
CA GLU M 487 54.52 2.73 -23.55
C GLU M 487 54.09 1.30 -23.63
N LYS M 488 54.05 0.56 -22.49
CA LYS M 488 53.61 -0.80 -22.46
C LYS M 488 52.16 -0.97 -22.78
N GLY M 489 51.30 -0.10 -22.23
CA GLY M 489 49.87 -0.10 -22.51
C GLY M 489 49.16 -1.28 -21.91
N GLU M 490 49.86 -2.01 -21.02
CA GLU M 490 49.40 -3.24 -20.44
C GLU M 490 50.02 -3.15 -19.10
N LEU M 491 49.23 -3.44 -18.04
CA LEU M 491 49.73 -3.31 -16.70
C LEU M 491 50.15 -4.65 -16.24
N SER M 492 51.47 -4.77 -15.97
CA SER M 492 52.09 -5.99 -15.54
C SER M 492 51.80 -6.06 -14.07
N LYS M 493 51.90 -7.25 -13.47
CA LYS M 493 51.59 -7.45 -12.07
C LYS M 493 52.50 -6.63 -11.21
N GLU M 494 53.77 -6.52 -11.66
CA GLU M 494 54.80 -5.69 -11.08
C GLU M 494 54.48 -4.23 -11.12
N LEU M 495 53.87 -3.75 -12.23
CA LEU M 495 53.42 -2.38 -12.30
C LEU M 495 52.28 -2.13 -11.39
N LEU M 496 51.32 -3.08 -11.29
CA LEU M 496 50.19 -2.91 -10.42
C LEU M 496 50.63 -2.94 -8.98
N ALA M 497 51.72 -3.68 -8.68
CA ALA M 497 52.27 -3.71 -7.37
C ALA M 497 52.84 -2.39 -6.98
N SER M 498 53.68 -1.82 -7.89
CA SER M 498 54.41 -0.62 -7.60
C SER M 498 53.49 0.53 -7.47
N LEU M 499 52.45 0.54 -8.32
CA LEU M 499 51.49 1.59 -8.38
C LEU M 499 50.69 1.62 -7.12
N LYS M 500 50.34 0.44 -6.56
CA LYS M 500 49.54 0.35 -5.37
C LYS M 500 50.27 0.92 -4.20
N SER M 501 51.58 0.62 -4.15
CA SER M 501 52.50 1.06 -3.15
C SER M 501 52.60 2.54 -3.19
N ALA M 502 52.67 3.08 -4.43
CA ALA M 502 52.83 4.48 -4.69
C ALA M 502 51.60 5.19 -4.24
N THR M 503 50.41 4.61 -4.48
CA THR M 503 49.14 5.21 -4.13
C THR M 503 49.04 5.29 -2.65
N GLU M 504 49.51 4.24 -1.94
CA GLU M 504 49.49 4.22 -0.50
C GLU M 504 50.38 5.30 0.04
N SER M 505 51.59 5.45 -0.55
CA SER M 505 52.58 6.39 -0.12
C SER M 505 52.08 7.80 -0.28
N PHE M 506 51.46 8.11 -1.44
CA PHE M 506 50.92 9.42 -1.70
C PHE M 506 49.78 9.71 -0.77
N VAL M 507 48.94 8.69 -0.50
CA VAL M 507 47.79 8.81 0.36
C VAL M 507 48.23 9.16 1.75
N ALA M 508 49.37 8.58 2.19
CA ALA M 508 49.94 8.87 3.48
C ALA M 508 50.31 10.33 3.58
N THR M 509 50.81 10.92 2.48
CA THR M 509 50.99 12.35 2.41
C THR M 509 49.73 12.89 1.68
N PRO N 8 11.22 -3.76 -78.66
CA PRO N 8 11.35 -4.30 -77.28
C PRO N 8 10.73 -3.32 -76.34
N ILE N 9 10.36 -3.80 -75.12
CA ILE N 9 9.74 -3.00 -74.10
C ILE N 9 10.78 -2.04 -73.61
N THR N 10 10.60 -0.75 -73.95
CA THR N 10 11.54 0.27 -73.64
C THR N 10 10.74 1.48 -73.31
N GLY N 11 11.31 2.34 -72.46
CA GLY N 11 10.64 3.54 -72.12
C GLY N 11 11.70 4.45 -71.65
N LYS N 12 11.36 5.74 -71.61
CA LYS N 12 12.28 6.79 -71.40
C LYS N 12 11.88 7.20 -70.03
N VAL N 13 12.83 7.54 -69.14
CA VAL N 13 12.51 7.95 -67.79
C VAL N 13 11.87 9.32 -67.91
N THR N 14 10.68 9.53 -67.32
CA THR N 14 10.04 10.82 -67.38
C THR N 14 9.88 11.42 -66.02
N ALA N 15 10.45 10.84 -64.96
CA ALA N 15 10.59 11.59 -63.74
C ALA N 15 11.55 10.84 -62.91
N VAL N 16 12.16 11.57 -61.94
CA VAL N 16 13.02 11.06 -60.93
C VAL N 16 12.82 12.11 -59.88
N ILE N 17 11.63 12.08 -59.25
CA ILE N 17 11.34 12.96 -58.15
C ILE N 17 11.61 12.02 -57.03
N GLY N 18 12.56 12.36 -56.12
CA GLY N 18 13.04 11.42 -55.14
C GLY N 18 13.47 10.12 -55.75
N ALA N 19 13.20 9.00 -55.04
CA ALA N 19 13.45 7.66 -55.51
C ALA N 19 12.26 7.08 -56.20
N ILE N 20 11.37 7.96 -56.71
CA ILE N 20 10.14 7.59 -57.34
C ILE N 20 10.35 8.00 -58.75
N VAL N 21 10.52 6.99 -59.62
CA VAL N 21 10.99 7.21 -60.95
C VAL N 21 9.86 6.78 -61.82
N ASP N 22 9.43 7.67 -62.73
CA ASP N 22 8.27 7.45 -63.55
C ASP N 22 8.87 7.17 -64.87
N VAL N 23 8.37 6.16 -65.60
CA VAL N 23 8.99 5.76 -66.84
C VAL N 23 7.86 5.76 -67.78
N HIS N 24 8.09 6.23 -69.02
CA HIS N 24 7.05 6.41 -69.99
C HIS N 24 7.43 5.39 -70.98
N PHE N 25 6.50 4.50 -71.34
CA PHE N 25 6.77 3.33 -72.10
C PHE N 25 6.00 3.50 -73.35
N GLU N 26 6.50 2.83 -74.41
CA GLU N 26 5.90 2.80 -75.71
C GLU N 26 4.65 2.00 -75.64
N GLN N 27 3.74 2.26 -76.61
CA GLN N 27 2.35 1.85 -76.56
C GLN N 27 2.26 0.36 -76.57
N SER N 28 1.31 -0.17 -75.76
CA SER N 28 0.91 -1.56 -75.65
C SER N 28 1.99 -2.41 -75.07
N GLU N 29 3.00 -1.78 -74.45
CA GLU N 29 4.18 -2.41 -73.95
C GLU N 29 4.29 -1.80 -72.60
N LEU N 30 3.24 -2.03 -71.79
CA LEU N 30 3.03 -1.37 -70.55
C LEU N 30 3.18 -2.46 -69.53
N PRO N 31 4.02 -2.35 -68.51
CA PRO N 31 4.13 -3.29 -67.42
C PRO N 31 2.84 -3.58 -66.70
N ALA N 32 2.85 -4.63 -65.85
CA ALA N 32 1.78 -4.97 -64.96
C ALA N 32 2.29 -4.65 -63.59
N ILE N 33 1.37 -4.51 -62.61
CA ILE N 33 1.70 -4.06 -61.28
C ILE N 33 2.47 -5.17 -60.61
N LEU N 34 3.62 -4.78 -60.03
CA LEU N 34 4.57 -5.63 -59.36
C LEU N 34 5.57 -6.18 -60.32
N ASN N 35 5.71 -5.63 -61.54
CA ASN N 35 6.72 -6.13 -62.45
C ASN N 35 8.01 -5.50 -62.01
N ALA N 36 9.14 -6.00 -62.54
CA ALA N 36 10.45 -5.49 -62.22
C ALA N 36 11.05 -5.01 -63.49
N LEU N 37 11.62 -3.79 -63.46
CA LEU N 37 12.24 -3.11 -64.56
C LEU N 37 13.68 -3.00 -64.16
N GLU N 38 14.59 -3.08 -65.13
CA GLU N 38 15.98 -2.92 -64.92
C GLU N 38 16.44 -1.89 -65.90
N ILE N 39 17.09 -0.85 -65.38
CA ILE N 39 17.61 0.24 -66.15
C ILE N 39 19.06 -0.03 -66.05
N LYS N 40 19.72 -0.20 -67.21
CA LYS N 40 21.13 -0.43 -67.31
C LYS N 40 21.77 0.88 -66.96
N THR N 41 22.79 0.88 -66.09
CA THR N 41 23.35 2.09 -65.58
C THR N 41 24.82 1.84 -65.54
N PRO N 42 25.67 2.85 -65.30
CA PRO N 42 27.11 2.66 -65.14
C PRO N 42 27.36 2.12 -63.74
N GLN N 43 26.28 1.78 -63.03
CA GLN N 43 26.25 1.20 -61.72
C GLN N 43 25.75 -0.21 -61.94
N GLY N 44 25.90 -0.73 -63.17
CA GLY N 44 25.39 -2.00 -63.60
C GLY N 44 23.96 -1.93 -64.00
N LYS N 45 23.07 -2.07 -63.01
CA LYS N 45 21.67 -1.92 -63.23
C LYS N 45 21.12 -1.22 -62.04
N LEU N 46 19.93 -0.64 -62.22
CA LEU N 46 19.14 -0.02 -61.23
C LEU N 46 17.88 -0.78 -61.43
N VAL N 47 17.34 -1.34 -60.34
CA VAL N 47 16.15 -2.14 -60.41
C VAL N 47 15.05 -1.31 -59.86
N LEU N 48 14.01 -1.07 -60.68
CA LEU N 48 12.87 -0.31 -60.28
C LEU N 48 11.75 -1.30 -60.29
N GLU N 49 10.80 -1.24 -59.33
CA GLU N 49 9.68 -2.15 -59.29
C GLU N 49 8.45 -1.33 -59.48
N VAL N 50 7.60 -1.71 -60.48
CA VAL N 50 6.43 -0.97 -60.87
C VAL N 50 5.40 -1.19 -59.82
N ALA N 51 4.98 -0.11 -59.13
CA ALA N 51 3.95 -0.23 -58.13
C ALA N 51 2.75 0.63 -58.41
N GLN N 52 2.60 1.19 -59.62
CA GLN N 52 1.38 1.89 -59.95
C GLN N 52 1.51 2.05 -61.41
N HIS N 53 0.40 2.38 -62.08
CA HIS N 53 0.43 2.85 -63.42
C HIS N 53 -0.27 4.14 -63.30
N LEU N 54 0.42 5.22 -63.74
CA LEU N 54 -0.11 6.55 -63.64
C LEU N 54 -0.86 6.85 -64.89
N GLY N 55 -0.95 5.88 -65.83
CA GLY N 55 -1.65 6.07 -67.07
C GLY N 55 -0.79 6.85 -68.02
N GLU N 56 -1.34 7.09 -69.23
CA GLU N 56 -0.76 7.86 -70.31
C GLU N 56 0.48 7.19 -70.84
N ASN N 57 0.53 5.85 -70.67
CA ASN N 57 1.59 5.01 -71.12
C ASN N 57 2.81 5.36 -70.32
N THR N 58 2.58 5.69 -69.03
CA THR N 58 3.59 6.04 -68.08
C THR N 58 3.21 5.20 -66.91
N VAL N 59 4.17 4.94 -66.02
CA VAL N 59 4.00 4.09 -64.87
C VAL N 59 4.63 4.86 -63.75
N ARG N 60 4.49 4.33 -62.51
CA ARG N 60 5.26 4.79 -61.39
C ARG N 60 5.81 3.62 -60.65
N THR N 61 7.12 3.72 -60.34
CA THR N 61 7.90 2.61 -59.89
C THR N 61 8.56 3.12 -58.65
N ILE N 62 9.16 2.20 -57.86
CA ILE N 62 9.98 2.53 -56.74
C ILE N 62 11.31 1.98 -57.13
N ALA N 63 12.37 2.43 -56.45
CA ALA N 63 13.73 2.08 -56.78
C ALA N 63 14.25 1.18 -55.72
N MET N 64 15.29 0.39 -56.04
CA MET N 64 15.91 -0.50 -55.11
C MET N 64 17.35 -0.08 -54.98
N ASP N 65 17.88 0.71 -55.93
CA ASP N 65 19.23 1.19 -55.87
C ASP N 65 19.10 2.68 -55.98
N GLY N 66 20.17 3.42 -55.60
CA GLY N 66 20.16 4.88 -55.58
C GLY N 66 19.90 5.44 -56.94
N THR N 67 19.32 6.67 -57.00
CA THR N 67 18.77 7.21 -58.23
C THR N 67 19.66 8.32 -58.72
N GLU N 68 20.90 8.37 -58.19
CA GLU N 68 21.85 9.42 -58.42
C GLU N 68 22.22 9.47 -59.87
N GLY N 69 22.38 10.69 -60.42
CA GLY N 69 22.79 10.94 -61.77
C GLY N 69 21.92 10.43 -62.88
N LEU N 70 20.66 10.03 -62.62
CA LEU N 70 19.76 9.63 -63.69
C LEU N 70 19.47 10.78 -64.62
N VAL N 71 19.36 10.47 -65.92
CA VAL N 71 19.04 11.44 -66.93
C VAL N 71 17.68 11.03 -67.33
N ARG N 72 16.73 11.99 -67.34
CA ARG N 72 15.39 11.70 -67.75
C ARG N 72 15.35 11.41 -69.20
N GLY N 73 15.02 10.15 -69.54
CA GLY N 73 14.90 9.70 -70.90
C GLY N 73 15.67 8.46 -71.13
N GLU N 74 16.33 7.91 -70.07
CA GLU N 74 17.04 6.65 -70.18
C GLU N 74 16.15 5.52 -70.57
N LYS N 75 16.70 4.60 -71.40
CA LYS N 75 15.99 3.43 -71.88
C LYS N 75 15.87 2.51 -70.71
N VAL N 76 14.75 1.79 -70.63
CA VAL N 76 14.47 0.92 -69.53
C VAL N 76 14.15 -0.36 -70.19
N LEU N 77 14.34 -1.49 -69.49
CA LEU N 77 14.06 -2.79 -70.03
C LEU N 77 13.23 -3.37 -68.95
N ASP N 78 12.17 -4.12 -69.32
CA ASP N 78 11.22 -4.60 -68.36
C ASP N 78 11.52 -6.06 -68.26
N THR N 79 11.85 -6.56 -67.05
CA THR N 79 12.13 -7.96 -66.83
C THR N 79 10.83 -8.70 -67.04
N GLY N 80 9.72 -8.14 -66.53
CA GLY N 80 8.40 -8.67 -66.77
C GLY N 80 7.73 -9.19 -65.56
N GLY N 81 8.32 -9.09 -64.36
CA GLY N 81 7.62 -9.63 -63.23
C GLY N 81 8.49 -9.42 -62.07
N PRO N 82 8.04 -9.78 -60.87
CA PRO N 82 8.76 -9.58 -59.63
C PRO N 82 10.12 -10.21 -59.72
N ILE N 83 11.13 -9.57 -59.12
CA ILE N 83 12.55 -9.86 -59.24
C ILE N 83 12.77 -11.32 -59.01
N SER N 84 13.68 -11.97 -59.78
CA SER N 84 13.82 -13.38 -59.65
C SER N 84 15.20 -13.55 -59.15
N VAL N 85 15.27 -14.15 -57.96
CA VAL N 85 16.45 -14.22 -57.18
C VAL N 85 16.86 -15.64 -57.30
N PRO N 86 18.13 -15.99 -57.38
CA PRO N 86 18.56 -17.36 -57.54
C PRO N 86 18.27 -18.10 -56.26
N VAL N 87 18.01 -19.41 -56.36
CA VAL N 87 17.72 -20.25 -55.24
C VAL N 87 18.36 -21.56 -55.58
N GLY N 88 18.64 -22.38 -54.54
CA GLY N 88 19.33 -23.63 -54.71
C GLY N 88 20.15 -23.85 -53.49
N ARG N 89 20.83 -25.02 -53.42
CA ARG N 89 21.80 -25.28 -52.40
C ARG N 89 23.06 -24.56 -52.74
N GLU N 90 23.14 -24.05 -53.98
CA GLU N 90 24.16 -23.16 -54.46
C GLU N 90 24.19 -21.93 -53.59
N THR N 91 22.99 -21.43 -53.21
CA THR N 91 22.90 -20.17 -52.52
C THR N 91 23.18 -20.35 -51.06
N LEU N 92 23.27 -21.60 -50.55
CA LEU N 92 23.71 -21.85 -49.20
C LEU N 92 25.10 -21.33 -49.02
N GLY N 93 25.30 -20.51 -47.97
CA GLY N 93 26.56 -19.88 -47.68
C GLY N 93 27.00 -18.86 -48.66
N ARG N 94 26.10 -17.97 -49.10
CA ARG N 94 26.46 -16.94 -50.05
C ARG N 94 25.68 -15.78 -49.51
N ILE N 95 26.32 -14.58 -49.41
CA ILE N 95 25.65 -13.36 -49.05
C ILE N 95 25.18 -12.82 -50.36
N ILE N 96 23.89 -12.49 -50.45
CA ILE N 96 23.29 -12.08 -51.70
C ILE N 96 22.55 -10.84 -51.30
N ASN N 97 22.61 -9.76 -52.12
CA ASN N 97 21.86 -8.55 -51.84
C ASN N 97 20.47 -8.78 -52.37
N VAL N 98 19.56 -7.83 -52.10
CA VAL N 98 18.13 -7.90 -52.32
C VAL N 98 17.79 -8.19 -53.75
N ILE N 99 18.55 -7.62 -54.71
CA ILE N 99 18.24 -7.70 -56.11
C ILE N 99 18.58 -9.07 -56.61
N GLY N 100 19.32 -9.86 -55.79
CA GLY N 100 19.59 -11.24 -56.08
C GLY N 100 20.89 -11.35 -56.76
N GLU N 101 21.89 -10.56 -56.34
CA GLU N 101 23.16 -10.53 -57.02
C GLU N 101 24.14 -10.76 -55.92
N PRO N 102 25.29 -11.36 -56.19
CA PRO N 102 26.23 -11.78 -55.17
C PRO N 102 26.75 -10.59 -54.43
N ILE N 103 26.78 -10.61 -53.09
CA ILE N 103 27.55 -9.65 -52.36
C ILE N 103 28.47 -10.43 -51.48
N ASP N 104 28.58 -11.77 -51.72
CA ASP N 104 29.55 -12.59 -51.02
C ASP N 104 30.89 -12.27 -51.60
N GLU N 105 30.91 -11.97 -52.92
CA GLU N 105 32.02 -11.44 -53.66
C GLU N 105 33.04 -12.52 -53.89
N ARG N 106 32.68 -13.78 -53.56
CA ARG N 106 33.48 -14.93 -53.81
C ARG N 106 32.83 -15.57 -54.98
N GLY N 107 32.85 -14.82 -56.10
CA GLY N 107 32.49 -15.28 -57.41
C GLY N 107 31.01 -15.25 -57.57
N PRO N 108 30.55 -15.33 -58.81
CA PRO N 108 29.15 -15.25 -59.14
C PRO N 108 28.44 -16.44 -58.59
N ILE N 109 27.31 -16.21 -57.91
CA ILE N 109 26.50 -17.23 -57.31
C ILE N 109 25.97 -18.14 -58.39
N LYS N 110 26.01 -19.46 -58.14
CA LYS N 110 25.59 -20.43 -59.11
C LYS N 110 24.14 -20.56 -58.84
N SER N 111 23.37 -21.02 -59.85
CA SER N 111 21.94 -20.96 -59.74
C SER N 111 21.39 -22.16 -60.42
N LYS N 112 20.27 -22.65 -59.85
CA LYS N 112 19.53 -23.78 -60.34
C LYS N 112 18.38 -23.08 -60.99
N LEU N 113 17.49 -22.50 -60.17
CA LEU N 113 16.29 -21.83 -60.58
C LEU N 113 16.33 -20.50 -59.91
N ARG N 114 15.54 -19.53 -60.42
CA ARG N 114 15.43 -18.20 -59.89
C ARG N 114 13.94 -18.10 -59.76
N LYS N 115 13.39 -17.24 -58.87
CA LYS N 115 11.96 -17.27 -58.64
C LYS N 115 11.46 -15.89 -58.29
N PRO N 116 10.21 -15.51 -58.66
CA PRO N 116 9.68 -14.17 -58.40
C PRO N 116 9.61 -13.93 -56.93
N ILE N 117 9.82 -12.69 -56.44
CA ILE N 117 9.97 -12.46 -55.02
C ILE N 117 8.63 -12.23 -54.40
N HIS N 118 7.56 -12.21 -55.22
CA HIS N 118 6.22 -12.10 -54.74
C HIS N 118 5.60 -13.38 -55.15
N ALA N 119 4.80 -13.96 -54.24
CA ALA N 119 4.20 -15.24 -54.41
C ALA N 119 3.06 -15.19 -53.45
N ASP N 120 2.00 -15.98 -53.69
CA ASP N 120 0.80 -15.91 -52.89
C ASP N 120 0.91 -16.97 -51.83
N PRO N 121 0.49 -16.74 -50.58
CA PRO N 121 0.67 -17.68 -49.49
C PRO N 121 -0.12 -18.95 -49.75
N PRO N 122 0.27 -20.13 -49.29
CA PRO N 122 -0.42 -21.39 -49.54
C PRO N 122 -1.90 -21.37 -49.21
N SER N 123 -2.72 -22.19 -49.91
CA SER N 123 -4.16 -22.16 -49.82
C SER N 123 -4.60 -22.81 -48.54
N PHE N 124 -5.92 -22.72 -48.23
CA PHE N 124 -6.54 -23.27 -47.05
C PHE N 124 -6.30 -24.74 -47.01
N ALA N 125 -6.42 -25.38 -48.20
CA ALA N 125 -6.16 -26.76 -48.42
C ALA N 125 -4.76 -27.12 -48.04
N GLU N 126 -3.78 -26.27 -48.40
CA GLU N 126 -2.39 -26.56 -48.15
C GLU N 126 -2.00 -26.36 -46.71
N GLN N 127 -2.79 -25.60 -45.91
CA GLN N 127 -2.49 -25.41 -44.50
C GLN N 127 -2.49 -26.71 -43.75
N SER N 128 -1.57 -26.83 -42.76
CA SER N 128 -1.43 -28.00 -41.92
C SER N 128 -2.44 -27.80 -40.83
N THR N 129 -3.28 -28.82 -40.55
CA THR N 129 -4.48 -28.64 -39.76
C THR N 129 -4.22 -28.93 -38.30
N SER N 130 -2.98 -29.32 -37.97
CA SER N 130 -2.60 -29.69 -36.64
C SER N 130 -1.21 -29.18 -36.49
N ALA N 131 -0.87 -28.73 -35.26
CA ALA N 131 0.40 -28.12 -34.92
C ALA N 131 1.41 -29.18 -34.59
N GLU N 132 2.71 -28.81 -34.61
CA GLU N 132 3.78 -29.72 -34.29
C GLU N 132 4.86 -28.89 -33.69
N ILE N 133 5.64 -29.52 -32.80
CA ILE N 133 6.64 -28.90 -31.97
C ILE N 133 7.94 -29.02 -32.70
N LEU N 134 8.67 -27.89 -32.85
CA LEU N 134 9.99 -27.83 -33.37
C LEU N 134 10.87 -28.04 -32.16
N GLU N 135 11.68 -29.11 -32.18
CA GLU N 135 12.62 -29.42 -31.14
C GLU N 135 13.72 -28.41 -31.11
N THR N 136 14.27 -28.12 -29.91
CA THR N 136 15.33 -27.16 -29.72
C THR N 136 16.23 -27.92 -28.78
N GLY N 137 17.51 -27.51 -28.69
CA GLY N 137 18.46 -28.17 -27.84
C GLY N 137 18.40 -27.57 -26.47
N ILE N 138 17.97 -26.29 -26.42
CA ILE N 138 17.83 -25.53 -25.20
C ILE N 138 16.66 -26.04 -24.43
N LYS N 139 16.91 -26.46 -23.17
CA LYS N 139 15.93 -26.99 -22.26
C LYS N 139 14.94 -25.94 -21.85
N VAL N 140 15.42 -24.69 -21.65
CA VAL N 140 14.62 -23.59 -21.20
C VAL N 140 13.53 -23.35 -22.21
N VAL N 141 13.90 -23.42 -23.50
CA VAL N 141 13.01 -23.26 -24.60
C VAL N 141 12.06 -24.42 -24.60
N ASP N 142 12.57 -25.65 -24.44
CA ASP N 142 11.72 -26.81 -24.60
C ASP N 142 10.75 -27.01 -23.47
N LEU N 143 10.93 -26.36 -22.30
CA LEU N 143 9.97 -26.53 -21.27
C LEU N 143 9.02 -25.40 -21.37
N LEU N 144 9.55 -24.18 -21.22
CA LEU N 144 8.74 -23.03 -20.93
C LEU N 144 8.31 -22.28 -22.14
N ALA N 145 8.79 -22.62 -23.35
CA ALA N 145 8.24 -21.97 -24.51
C ALA N 145 8.61 -22.77 -25.71
N PRO N 146 8.20 -24.02 -25.87
CA PRO N 146 8.71 -24.92 -26.88
C PRO N 146 8.40 -24.38 -28.25
N TYR N 147 9.35 -24.46 -29.21
CA TYR N 147 9.16 -23.95 -30.55
C TYR N 147 8.24 -24.89 -31.28
N ALA N 148 7.67 -24.43 -32.41
CA ALA N 148 6.66 -25.15 -33.11
C ALA N 148 6.91 -24.82 -34.54
N ARG N 149 6.94 -25.85 -35.41
CA ARG N 149 7.27 -25.68 -36.81
C ARG N 149 6.19 -24.87 -37.46
N GLY N 150 6.57 -23.99 -38.41
CA GLY N 150 5.67 -23.03 -39.00
C GLY N 150 5.82 -21.72 -38.29
N GLY N 151 5.73 -21.78 -36.94
CA GLY N 151 5.59 -20.69 -36.01
C GLY N 151 6.49 -19.50 -36.13
N LYS N 152 6.04 -18.38 -35.53
CA LYS N 152 6.76 -17.15 -35.45
C LYS N 152 7.11 -16.91 -34.00
N ILE N 153 8.41 -16.77 -33.68
CA ILE N 153 8.88 -16.69 -32.31
C ILE N 153 9.62 -15.38 -32.19
N GLY N 154 9.13 -14.42 -31.37
CA GLY N 154 9.68 -13.08 -31.38
C GLY N 154 10.64 -12.87 -30.25
N LEU N 155 11.92 -12.68 -30.60
CA LEU N 155 13.03 -12.51 -29.69
C LEU N 155 13.02 -11.13 -29.07
N PHE N 156 13.45 -11.02 -27.79
CA PHE N 156 13.62 -9.78 -27.08
C PHE N 156 14.90 -9.96 -26.30
N GLY N 157 15.57 -8.85 -25.91
CA GLY N 157 16.81 -8.88 -25.15
C GLY N 157 17.87 -8.03 -25.82
N GLY N 158 19.12 -8.08 -25.28
CA GLY N 158 20.23 -7.28 -25.76
C GLY N 158 21.08 -8.21 -26.55
N ALA N 159 21.72 -7.72 -27.64
CA ALA N 159 22.45 -8.53 -28.58
C ALA N 159 23.81 -8.89 -28.05
N GLY N 160 24.79 -9.07 -28.98
CA GLY N 160 26.14 -9.40 -28.66
C GLY N 160 26.20 -10.79 -28.11
N VAL N 161 26.69 -10.91 -26.84
CA VAL N 161 26.82 -12.17 -26.15
C VAL N 161 25.48 -12.56 -25.57
N GLY N 162 24.43 -11.90 -26.08
CA GLY N 162 23.06 -12.10 -25.79
C GLY N 162 22.51 -12.62 -27.07
N LYS N 163 21.62 -11.85 -27.72
CA LYS N 163 20.81 -12.29 -28.84
C LYS N 163 21.55 -12.89 -29.99
N THR N 164 22.65 -12.28 -30.49
CA THR N 164 23.26 -12.81 -31.68
C THR N 164 23.85 -14.19 -31.48
N VAL N 165 24.51 -14.42 -30.32
CA VAL N 165 25.06 -15.71 -29.98
C VAL N 165 23.95 -16.70 -29.75
N PHE N 166 22.81 -16.25 -29.18
CA PHE N 166 21.64 -17.06 -28.97
C PHE N 166 21.11 -17.55 -30.28
N ILE N 167 21.09 -16.66 -31.28
CA ILE N 167 20.63 -16.95 -32.62
C ILE N 167 21.54 -17.96 -33.23
N GLN N 168 22.87 -17.84 -33.00
CA GLN N 168 23.84 -18.75 -33.53
C GLN N 168 23.60 -20.13 -33.01
N GLU N 169 23.18 -20.24 -31.74
CA GLU N 169 22.95 -21.47 -31.07
C GLU N 169 21.86 -22.21 -31.75
N LEU N 170 20.80 -21.48 -32.14
CA LEU N 170 19.66 -22.06 -32.79
C LEU N 170 20.05 -22.71 -34.08
N ILE N 171 20.99 -22.08 -34.86
CA ILE N 171 21.42 -22.62 -36.13
C ILE N 171 22.09 -23.95 -35.92
N ASN N 172 22.95 -24.02 -34.88
CA ASN N 172 23.73 -25.18 -34.55
C ASN N 172 22.80 -26.30 -34.20
N ASN N 173 21.76 -25.98 -33.40
CA ASN N 173 20.84 -26.95 -32.90
C ASN N 173 20.05 -27.49 -34.03
N ILE N 174 19.59 -26.62 -34.95
CA ILE N 174 18.75 -27.01 -36.05
C ILE N 174 19.48 -27.97 -36.94
N ALA N 175 20.79 -27.73 -37.16
CA ALA N 175 21.60 -28.60 -37.97
C ALA N 175 21.78 -29.97 -37.39
N LYS N 176 22.07 -30.07 -36.08
CA LYS N 176 22.16 -31.35 -35.45
C LYS N 176 20.84 -32.05 -35.40
N ALA N 177 19.80 -31.28 -35.02
CA ALA N 177 18.46 -31.75 -34.75
C ALA N 177 17.78 -32.29 -35.94
N HIS N 178 17.89 -31.56 -37.06
CA HIS N 178 17.14 -31.83 -38.25
C HIS N 178 18.15 -31.98 -39.33
N GLY N 179 19.06 -31.00 -39.46
CA GLY N 179 19.95 -30.95 -40.59
C GLY N 179 19.30 -30.18 -41.69
N GLY N 180 18.51 -29.15 -41.29
CA GLY N 180 17.74 -28.36 -42.21
C GLY N 180 18.67 -27.30 -42.72
N PHE N 181 18.13 -26.11 -42.99
CA PHE N 181 18.91 -24.99 -43.45
C PHE N 181 18.36 -23.87 -42.65
N SER N 182 18.87 -22.67 -42.90
CA SER N 182 18.39 -21.49 -42.25
C SER N 182 18.70 -20.41 -43.22
N VAL N 183 18.12 -19.22 -42.98
CA VAL N 183 18.49 -18.04 -43.70
C VAL N 183 18.39 -16.97 -42.67
N PHE N 184 19.51 -16.26 -42.45
CA PHE N 184 19.54 -15.16 -41.54
C PHE N 184 19.38 -14.04 -42.51
N THR N 185 18.28 -13.32 -42.33
CA THR N 185 17.91 -12.21 -43.14
C THR N 185 18.03 -11.10 -42.16
N GLY N 186 18.72 -10.03 -42.57
CA GLY N 186 18.99 -8.90 -41.73
C GLY N 186 18.48 -7.73 -42.46
N VAL N 187 17.55 -6.99 -41.82
CA VAL N 187 16.90 -5.89 -42.45
C VAL N 187 17.47 -4.75 -41.68
N GLY N 188 17.92 -3.68 -42.41
CA GLY N 188 18.49 -2.50 -41.82
C GLY N 188 19.69 -2.85 -41.01
N GLU N 189 20.63 -3.61 -41.59
CA GLU N 189 21.68 -4.19 -40.79
C GLU N 189 22.85 -3.32 -41.05
N ARG N 190 23.48 -2.87 -39.93
CA ARG N 190 24.66 -2.04 -39.96
C ARG N 190 25.74 -2.85 -40.59
N THR N 191 26.53 -2.22 -41.47
CA THR N 191 27.48 -2.93 -42.30
C THR N 191 28.59 -3.45 -41.42
N ARG N 192 28.88 -2.72 -40.31
CA ARG N 192 29.74 -3.19 -39.26
C ARG N 192 29.21 -4.42 -38.60
N GLU N 193 27.89 -4.45 -38.28
CA GLU N 193 27.29 -5.58 -37.61
C GLU N 193 27.27 -6.76 -38.51
N GLY N 194 27.01 -6.53 -39.82
CA GLY N 194 26.99 -7.55 -40.81
C GLY N 194 28.33 -8.20 -40.99
N ASN N 195 29.42 -7.41 -40.93
CA ASN N 195 30.77 -7.89 -41.07
C ASN N 195 31.07 -8.82 -39.95
N ASP N 196 30.64 -8.43 -38.73
CA ASP N 196 30.87 -9.16 -37.53
C ASP N 196 30.14 -10.47 -37.64
N LEU N 197 28.87 -10.45 -38.09
CA LEU N 197 28.07 -11.63 -38.18
C LEU N 197 28.64 -12.61 -39.16
N TYR N 198 29.14 -12.12 -40.31
CA TYR N 198 29.70 -12.98 -41.32
C TYR N 198 30.97 -13.61 -40.85
N ARG N 199 31.85 -12.80 -40.24
CA ARG N 199 33.10 -13.27 -39.72
C ARG N 199 32.93 -14.24 -38.60
N GLU N 200 32.00 -13.92 -37.67
CA GLU N 200 31.70 -14.72 -36.52
C GLU N 200 31.09 -16.01 -36.92
N MET N 201 30.17 -15.98 -37.89
CA MET N 201 29.51 -17.16 -38.38
C MET N 201 30.46 -18.07 -39.09
N LYS N 202 31.45 -17.50 -39.81
CA LYS N 202 32.51 -18.27 -40.41
C LYS N 202 33.34 -18.94 -39.37
N GLU N 203 33.68 -18.18 -38.31
CA GLU N 203 34.52 -18.62 -37.24
C GLU N 203 33.89 -19.70 -36.43
N THR N 204 32.56 -19.65 -36.19
CA THR N 204 31.90 -20.63 -35.38
C THR N 204 31.42 -21.72 -36.30
N GLY N 205 31.71 -21.58 -37.61
CA GLY N 205 31.57 -22.62 -38.58
C GLY N 205 30.17 -22.93 -38.97
N VAL N 206 29.16 -22.07 -38.66
CA VAL N 206 27.80 -22.31 -39.10
C VAL N 206 27.74 -21.97 -40.57
N ILE N 207 28.74 -21.16 -40.99
CA ILE N 207 29.04 -20.88 -42.34
C ILE N 207 30.34 -21.58 -42.42
N ASN N 208 30.34 -22.70 -43.15
CA ASN N 208 31.52 -23.49 -43.34
C ASN N 208 31.58 -23.48 -44.82
N LEU N 209 32.54 -22.71 -45.36
CA LEU N 209 32.70 -22.50 -46.77
C LEU N 209 33.36 -23.70 -47.37
N GLU N 210 34.13 -24.45 -46.55
CA GLU N 210 34.76 -25.68 -46.96
C GLU N 210 33.70 -26.67 -47.34
N GLY N 211 32.72 -26.87 -46.44
CA GLY N 211 31.60 -27.73 -46.71
C GLY N 211 30.49 -26.82 -47.11
N GLU N 212 29.28 -27.18 -46.66
CA GLU N 212 28.09 -26.41 -46.91
C GLU N 212 27.89 -25.60 -45.68
N SER N 213 27.12 -24.51 -45.83
CA SER N 213 26.91 -23.57 -44.80
C SER N 213 25.45 -23.72 -44.55
N LYS N 214 25.10 -24.07 -43.30
CA LYS N 214 23.77 -24.33 -42.80
C LYS N 214 22.88 -23.17 -43.20
N VAL N 215 23.20 -22.02 -42.57
CA VAL N 215 22.68 -20.72 -42.83
C VAL N 215 23.16 -20.20 -44.17
N ALA N 216 22.26 -19.54 -44.90
CA ALA N 216 22.52 -18.78 -46.10
C ALA N 216 22.33 -17.37 -45.64
N LEU N 217 23.07 -16.36 -46.16
CA LEU N 217 22.98 -15.04 -45.56
C LEU N 217 22.41 -14.14 -46.60
N VAL N 218 21.52 -13.25 -46.13
CA VAL N 218 20.96 -12.21 -46.93
C VAL N 218 21.08 -11.01 -46.04
N PHE N 219 21.82 -9.98 -46.50
CA PHE N 219 22.07 -8.80 -45.71
C PHE N 219 21.58 -7.68 -46.53
N GLY N 220 20.85 -6.77 -45.86
CA GLY N 220 20.23 -5.62 -46.46
C GLY N 220 20.66 -4.47 -45.62
N GLN N 221 21.64 -3.69 -46.14
CA GLN N 221 22.30 -2.68 -45.36
C GLN N 221 21.38 -1.50 -45.29
N MET N 222 21.66 -0.58 -44.34
CA MET N 222 20.80 0.54 -44.08
C MET N 222 20.98 1.57 -45.16
N ASN N 223 22.11 1.51 -45.88
CA ASN N 223 22.43 2.45 -46.92
C ASN N 223 21.78 2.06 -48.23
N GLU N 224 20.89 1.06 -48.21
CA GLU N 224 20.15 0.69 -49.39
C GLU N 224 18.87 1.49 -49.28
N PRO N 225 18.23 1.89 -50.39
CA PRO N 225 17.04 2.74 -50.39
C PRO N 225 15.93 2.15 -49.60
N PRO N 226 14.90 2.84 -49.15
CA PRO N 226 13.90 2.29 -48.26
C PRO N 226 13.17 1.15 -48.88
N GLY N 227 12.95 1.22 -50.21
CA GLY N 227 12.27 0.19 -50.94
C GLY N 227 13.01 -1.09 -50.90
N ALA N 228 14.34 -1.03 -51.01
CA ALA N 228 15.13 -2.22 -50.95
C ALA N 228 15.24 -2.74 -49.57
N ARG N 229 15.14 -1.85 -48.56
CA ARG N 229 15.06 -2.25 -47.18
C ARG N 229 13.80 -3.01 -46.91
N ALA N 230 12.67 -2.58 -47.50
CA ALA N 230 11.43 -3.28 -47.38
C ALA N 230 11.40 -4.61 -48.08
N ARG N 231 11.98 -4.70 -49.29
CA ARG N 231 11.88 -5.89 -50.07
C ARG N 231 12.87 -6.95 -49.71
N VAL N 232 13.87 -6.66 -48.85
CA VAL N 232 14.90 -7.62 -48.53
C VAL N 232 14.30 -8.82 -47.86
N ALA N 233 13.29 -8.59 -46.99
CA ALA N 233 12.63 -9.63 -46.26
C ALA N 233 11.90 -10.56 -47.20
N LEU N 234 11.21 -10.00 -48.22
CA LEU N 234 10.43 -10.80 -49.14
C LEU N 234 11.32 -11.66 -49.99
N THR N 235 12.54 -11.16 -50.30
CA THR N 235 13.50 -11.90 -51.05
C THR N 235 13.98 -13.09 -50.29
N GLY N 236 14.23 -12.90 -48.98
CA GLY N 236 14.73 -13.93 -48.09
C GLY N 236 13.76 -15.04 -47.98
N LEU N 237 12.48 -14.65 -47.91
CA LEU N 237 11.37 -15.53 -47.78
C LEU N 237 11.27 -16.43 -48.96
N THR N 238 11.57 -15.92 -50.17
CA THR N 238 11.50 -16.70 -51.38
C THR N 238 12.52 -17.82 -51.31
N ILE N 239 13.72 -17.54 -50.75
CA ILE N 239 14.79 -18.52 -50.65
C ILE N 239 14.32 -19.65 -49.80
N ALA N 240 13.65 -19.29 -48.68
CA ALA N 240 13.14 -20.19 -47.71
C ALA N 240 12.12 -21.09 -48.31
N GLU N 241 11.22 -20.52 -49.15
CA GLU N 241 10.18 -21.27 -49.79
C GLU N 241 10.72 -22.26 -50.78
N TYR N 242 11.87 -21.97 -51.41
CA TYR N 242 12.49 -22.95 -52.29
C TYR N 242 12.98 -24.11 -51.49
N PHE N 243 13.54 -23.85 -50.30
CA PHE N 243 13.99 -24.90 -49.44
C PHE N 243 12.84 -25.74 -48.99
N ARG N 244 11.76 -25.09 -48.53
CA ARG N 244 10.65 -25.79 -47.94
C ARG N 244 9.89 -26.59 -48.93
N ASP N 245 9.41 -25.91 -49.98
CA ASP N 245 8.57 -26.50 -50.98
C ASP N 245 9.28 -27.40 -51.93
N GLU N 246 10.49 -26.94 -52.35
CA GLU N 246 11.18 -27.57 -53.44
C GLU N 246 12.45 -28.22 -53.04
N GLU N 247 12.77 -28.29 -51.73
CA GLU N 247 13.80 -29.20 -51.32
C GLU N 247 13.30 -29.92 -50.13
N GLY N 248 12.02 -29.68 -49.73
CA GLY N 248 11.37 -30.38 -48.66
C GLY N 248 11.82 -30.00 -47.28
N GLN N 249 13.05 -29.45 -47.15
CA GLN N 249 13.73 -29.21 -45.91
C GLN N 249 12.99 -28.28 -45.00
N ASP N 250 13.02 -28.59 -43.68
CA ASP N 250 12.58 -27.70 -42.64
C ASP N 250 13.65 -26.64 -42.56
N VAL N 251 13.28 -25.36 -42.35
CA VAL N 251 14.23 -24.28 -42.32
C VAL N 251 13.83 -23.41 -41.19
N LEU N 252 14.69 -22.44 -40.87
CA LEU N 252 14.50 -21.56 -39.75
C LEU N 252 14.98 -20.25 -40.27
N LEU N 253 14.13 -19.21 -40.18
CA LEU N 253 14.35 -17.97 -40.87
C LEU N 253 14.49 -16.93 -39.83
N PHE N 254 15.65 -16.26 -39.78
CA PHE N 254 15.81 -15.21 -38.81
C PHE N 254 15.42 -14.00 -39.58
N ILE N 255 14.87 -12.99 -38.91
CA ILE N 255 14.62 -11.68 -39.48
C ILE N 255 15.24 -10.82 -38.43
N ASP N 256 15.78 -9.62 -38.80
CA ASP N 256 16.28 -8.68 -37.81
C ASP N 256 15.08 -7.89 -37.36
N ASN N 257 15.20 -6.55 -37.15
CA ASN N 257 14.09 -5.79 -36.64
C ASN N 257 12.98 -5.81 -37.63
N ILE N 258 11.78 -6.14 -37.15
CA ILE N 258 10.60 -6.20 -37.96
C ILE N 258 9.95 -4.87 -37.71
N PHE N 259 10.51 -4.11 -36.73
CA PHE N 259 10.21 -2.74 -36.52
C PHE N 259 10.76 -2.02 -37.69
N ARG N 260 11.99 -2.38 -38.11
CA ARG N 260 12.58 -1.77 -39.26
C ARG N 260 11.99 -2.29 -40.53
N PHE N 261 11.30 -3.45 -40.52
CA PHE N 261 10.51 -3.85 -41.67
C PHE N 261 9.34 -2.93 -41.84
N THR N 262 8.64 -2.65 -40.73
CA THR N 262 7.50 -1.79 -40.70
C THR N 262 7.88 -0.39 -41.04
N GLN N 263 9.00 0.08 -40.46
CA GLN N 263 9.48 1.43 -40.57
C GLN N 263 9.85 1.68 -41.99
N ALA N 264 10.48 0.68 -42.64
CA ALA N 264 10.88 0.79 -44.01
C ALA N 264 9.67 0.89 -44.87
N GLY N 265 8.63 0.08 -44.56
CA GLY N 265 7.39 0.07 -45.29
C GLY N 265 6.67 1.38 -45.20
N SER N 266 6.77 2.03 -44.02
CA SER N 266 6.15 3.29 -43.74
C SER N 266 6.69 4.34 -44.66
N GLU N 267 8.01 4.28 -44.92
CA GLU N 267 8.64 5.22 -45.82
C GLU N 267 8.13 5.02 -47.21
N VAL N 268 7.97 3.77 -47.66
CA VAL N 268 7.59 3.48 -49.01
C VAL N 268 6.19 3.96 -49.27
N SER N 269 5.29 3.90 -48.26
CA SER N 269 3.97 4.44 -48.39
C SER N 269 4.03 5.92 -48.58
N ALA N 270 4.88 6.60 -47.78
CA ALA N 270 4.98 8.02 -47.74
C ALA N 270 5.54 8.54 -49.03
N LEU N 271 6.52 7.81 -49.60
CA LEU N 271 7.12 8.11 -50.88
C LEU N 271 6.08 7.99 -51.95
N LEU N 272 5.21 6.97 -51.84
CA LEU N 272 4.13 6.74 -52.76
C LEU N 272 3.04 7.75 -52.55
N GLY N 273 3.07 8.49 -51.42
CA GLY N 273 2.20 9.60 -51.17
C GLY N 273 0.89 9.14 -50.62
N ARG N 274 0.82 7.90 -50.12
CA ARG N 274 -0.39 7.34 -49.58
C ARG N 274 -0.47 7.89 -48.20
N ILE N 275 -1.66 8.37 -47.76
CA ILE N 275 -1.89 9.04 -46.50
C ILE N 275 -1.56 8.10 -45.37
N PRO N 276 -0.53 8.29 -44.54
CA PRO N 276 -0.22 7.41 -43.43
C PRO N 276 -1.32 7.31 -42.41
N SER N 277 -1.52 6.09 -41.86
CA SER N 277 -2.46 5.81 -40.80
C SER N 277 -1.83 6.26 -39.52
N ALA N 278 -2.61 6.17 -38.42
CA ALA N 278 -2.27 6.62 -37.10
C ALA N 278 -0.97 6.04 -36.64
N VAL N 279 -0.21 6.89 -35.92
CA VAL N 279 1.09 6.60 -35.37
C VAL N 279 2.01 6.45 -36.56
N GLY N 280 1.67 7.21 -37.63
CA GLY N 280 2.42 7.40 -38.83
C GLY N 280 2.77 6.17 -39.59
N TYR N 281 1.97 5.08 -39.54
CA TYR N 281 2.37 3.85 -40.16
C TYR N 281 1.63 3.78 -41.44
N GLN N 282 2.09 2.96 -42.40
CA GLN N 282 1.54 2.87 -43.73
C GLN N 282 0.09 2.44 -43.67
N PRO N 283 -0.81 2.86 -44.54
CA PRO N 283 -2.21 2.49 -44.45
C PRO N 283 -2.42 1.04 -44.76
N THR N 284 -1.42 0.39 -45.35
CA THR N 284 -1.50 -0.97 -45.80
C THR N 284 -0.70 -1.78 -44.81
N LEU N 285 -0.64 -1.36 -43.52
CA LEU N 285 0.27 -1.93 -42.57
C LEU N 285 -0.08 -3.36 -42.30
N ALA N 286 -1.36 -3.64 -42.09
CA ALA N 286 -1.76 -4.96 -41.69
C ALA N 286 -1.53 -5.95 -42.78
N THR N 287 -1.93 -5.60 -44.02
CA THR N 287 -1.91 -6.53 -45.12
C THR N 287 -0.53 -6.97 -45.48
N ASP N 288 0.43 -6.03 -45.43
CA ASP N 288 1.80 -6.32 -45.73
C ASP N 288 2.41 -7.28 -44.76
N MET N 289 2.10 -7.12 -43.45
CA MET N 289 2.56 -8.06 -42.46
C MET N 289 1.88 -9.39 -42.67
N GLY N 290 0.61 -9.35 -43.10
CA GLY N 290 -0.19 -10.52 -43.30
C GLY N 290 0.34 -11.42 -44.35
N LEU N 291 0.80 -10.83 -45.47
CA LEU N 291 1.44 -11.57 -46.51
C LEU N 291 2.73 -12.15 -46.05
N LEU N 292 3.53 -11.35 -45.33
CA LEU N 292 4.82 -11.81 -44.89
C LEU N 292 4.73 -12.94 -43.92
N GLN N 293 3.79 -12.89 -42.98
CA GLN N 293 3.79 -13.87 -41.93
C GLN N 293 2.77 -14.93 -42.21
N GLU N 294 2.27 -15.04 -43.47
CA GLU N 294 1.47 -16.17 -43.86
C GLU N 294 2.06 -16.83 -45.05
N ARG N 295 3.18 -16.31 -45.56
CA ARG N 295 3.95 -17.04 -46.52
C ARG N 295 4.95 -17.85 -45.74
N ILE N 296 4.90 -17.76 -44.39
CA ILE N 296 5.71 -18.48 -43.45
C ILE N 296 4.75 -19.41 -42.77
N THR N 297 4.91 -20.74 -43.01
CA THR N 297 3.97 -21.73 -42.54
C THR N 297 4.57 -23.10 -42.75
N THR N 298 3.83 -24.14 -42.31
CA THR N 298 4.17 -25.53 -42.40
C THR N 298 3.34 -25.99 -43.55
N THR N 299 3.99 -26.39 -44.65
CA THR N 299 3.34 -26.93 -45.83
C THR N 299 3.44 -28.41 -45.69
N LYS N 300 2.87 -29.15 -46.66
CA LYS N 300 2.84 -30.58 -46.62
C LYS N 300 4.13 -31.10 -47.21
N LYS N 301 5.08 -30.20 -47.53
CA LYS N 301 6.34 -30.52 -48.14
C LYS N 301 7.42 -30.32 -47.12
N GLY N 302 7.27 -29.30 -46.25
CA GLY N 302 8.35 -28.87 -45.41
C GLY N 302 7.74 -27.94 -44.43
N SER N 303 8.57 -27.26 -43.63
CA SER N 303 8.05 -26.14 -42.90
C SER N 303 9.12 -25.13 -42.69
N VAL N 304 8.77 -23.85 -42.94
CA VAL N 304 9.58 -22.72 -42.56
C VAL N 304 9.23 -22.58 -41.11
N THR N 305 10.09 -21.93 -40.31
CA THR N 305 9.78 -21.57 -38.96
C THR N 305 10.57 -20.30 -38.91
N SER N 306 10.11 -19.27 -38.18
CA SER N 306 10.75 -17.99 -38.27
C SER N 306 10.92 -17.46 -36.89
N VAL N 307 12.12 -16.96 -36.63
CA VAL N 307 12.50 -16.32 -35.42
C VAL N 307 12.64 -14.91 -35.88
N GLN N 308 12.01 -13.95 -35.20
CA GLN N 308 11.97 -12.59 -35.66
C GLN N 308 12.50 -11.83 -34.50
N ALA N 309 12.95 -10.58 -34.74
CA ALA N 309 13.41 -9.71 -33.69
C ALA N 309 12.47 -8.56 -33.75
N VAL N 310 11.90 -8.19 -32.59
CA VAL N 310 10.86 -7.21 -32.52
C VAL N 310 11.44 -6.16 -31.63
N TYR N 311 11.47 -4.90 -32.13
CA TYR N 311 12.02 -3.79 -31.41
C TYR N 311 10.86 -2.86 -31.20
N VAL N 312 10.29 -2.89 -29.98
CA VAL N 312 9.16 -2.09 -29.60
C VAL N 312 9.59 -0.64 -29.60
N PRO N 313 8.76 0.32 -29.94
CA PRO N 313 9.19 1.70 -30.07
C PRO N 313 9.02 2.32 -28.72
N ALA N 314 10.12 2.33 -27.93
CA ALA N 314 10.21 2.94 -26.63
C ALA N 314 9.27 2.30 -25.66
N ASP N 315 9.12 0.96 -25.78
CA ASP N 315 8.34 0.12 -24.91
C ASP N 315 6.87 0.45 -24.99
N ASP N 316 6.43 1.11 -26.09
CA ASP N 316 5.05 1.45 -26.26
C ASP N 316 4.55 0.30 -27.08
N LEU N 317 4.08 -0.75 -26.38
CA LEU N 317 3.59 -1.96 -26.95
C LEU N 317 2.21 -1.74 -27.45
N THR N 318 1.58 -0.63 -27.01
CA THR N 318 0.27 -0.22 -27.43
C THR N 318 0.35 0.28 -28.85
N ASP N 319 1.56 0.68 -29.34
CA ASP N 319 1.73 1.20 -30.68
C ASP N 319 1.34 0.15 -31.71
N PRO N 320 0.85 0.56 -32.88
CA PRO N 320 0.36 -0.36 -33.88
C PRO N 320 1.41 -1.27 -34.39
N ALA N 321 2.67 -0.82 -34.51
CA ALA N 321 3.70 -1.69 -35.04
C ALA N 321 3.92 -2.88 -34.15
N PRO N 322 4.04 -2.83 -32.83
CA PRO N 322 4.11 -4.03 -32.03
C PRO N 322 2.85 -4.81 -32.12
N ALA N 323 1.68 -4.15 -32.13
CA ALA N 323 0.42 -4.83 -32.04
C ALA N 323 0.18 -5.74 -33.21
N THR N 324 0.50 -5.24 -34.42
CA THR N 324 0.34 -5.96 -35.65
C THR N 324 1.25 -7.14 -35.65
N THR N 325 2.48 -6.95 -35.13
CA THR N 325 3.44 -8.03 -35.05
C THR N 325 2.95 -9.11 -34.14
N PHE N 326 2.41 -8.74 -32.97
CA PHE N 326 2.02 -9.70 -31.96
C PHE N 326 0.88 -10.55 -32.44
N ALA N 327 0.05 -10.01 -33.36
CA ALA N 327 -1.06 -10.74 -33.93
C ALA N 327 -0.56 -11.90 -34.71
N HIS N 328 0.50 -11.70 -35.51
CA HIS N 328 1.15 -12.74 -36.24
C HIS N 328 1.93 -13.70 -35.40
N LEU N 329 2.59 -13.22 -34.31
CA LEU N 329 3.45 -14.06 -33.49
C LEU N 329 2.70 -15.19 -32.86
N ASP N 330 3.38 -16.33 -32.66
CA ASP N 330 2.82 -17.49 -32.02
C ASP N 330 3.45 -17.64 -30.67
N ALA N 331 4.78 -17.40 -30.55
CA ALA N 331 5.46 -17.49 -29.27
C ALA N 331 6.29 -16.27 -29.17
N THR N 332 6.73 -15.94 -27.94
CA THR N 332 7.68 -14.89 -27.68
C THR N 332 8.72 -15.46 -26.78
N THR N 333 10.00 -15.23 -27.14
CA THR N 333 11.11 -15.63 -26.32
C THR N 333 11.63 -14.31 -25.87
N VAL N 334 11.70 -14.16 -24.53
CA VAL N 334 11.98 -12.91 -23.89
C VAL N 334 13.24 -13.11 -23.12
N LEU N 335 14.41 -12.91 -23.78
CA LEU N 335 15.70 -13.02 -23.09
C LEU N 335 15.77 -11.80 -22.21
N SER N 336 16.31 -11.93 -20.98
CA SER N 336 16.52 -10.79 -20.13
C SER N 336 17.99 -10.78 -19.82
N ARG N 337 18.50 -9.58 -19.53
CA ARG N 337 19.89 -9.35 -19.28
C ARG N 337 20.14 -9.52 -17.83
N GLY N 338 19.08 -9.44 -16.99
CA GLY N 338 19.18 -9.73 -15.58
C GLY N 338 19.56 -11.18 -15.43
N ILE N 339 18.90 -12.04 -16.22
CA ILE N 339 19.12 -13.46 -16.26
C ILE N 339 20.50 -13.79 -16.75
N SER N 340 21.00 -13.04 -17.77
CA SER N 340 22.32 -13.25 -18.30
C SER N 340 23.36 -12.87 -17.28
N GLU N 341 23.02 -11.86 -16.44
CA GLU N 341 23.80 -11.34 -15.35
C GLU N 341 23.83 -12.27 -14.17
N LEU N 342 22.92 -13.27 -14.12
CA LEU N 342 22.93 -14.28 -13.08
C LEU N 342 23.81 -15.41 -13.55
N GLY N 343 24.43 -15.26 -14.74
CA GLY N 343 25.36 -16.20 -15.30
C GLY N 343 24.59 -17.31 -15.94
N ILE N 344 23.27 -17.09 -16.15
CA ILE N 344 22.40 -18.09 -16.68
C ILE N 344 22.41 -17.73 -18.13
N TYR N 345 23.14 -18.54 -18.90
CA TYR N 345 23.23 -18.40 -20.32
C TYR N 345 22.86 -19.80 -20.72
N PRO N 346 21.82 -20.14 -21.48
CA PRO N 346 20.77 -19.31 -22.08
C PRO N 346 20.28 -18.16 -21.26
N ALA N 347 20.09 -16.98 -21.88
CA ALA N 347 19.75 -15.76 -21.17
C ALA N 347 18.25 -15.63 -21.10
N VAL N 348 17.52 -16.71 -21.50
CA VAL N 348 16.10 -16.78 -21.63
C VAL N 348 15.51 -16.55 -20.27
N ASP N 349 14.57 -15.59 -20.13
CA ASP N 349 13.99 -15.28 -18.84
C ASP N 349 12.74 -16.09 -18.83
N PRO N 350 12.59 -17.08 -17.98
CA PRO N 350 11.55 -18.07 -18.13
C PRO N 350 10.21 -17.49 -17.83
N LEU N 351 10.08 -16.73 -16.73
CA LEU N 351 8.83 -16.12 -16.35
C LEU N 351 8.36 -15.18 -17.41
N ASP N 352 9.28 -14.37 -17.97
CA ASP N 352 8.94 -13.51 -19.08
C ASP N 352 8.57 -14.24 -20.35
N SER N 353 9.35 -15.27 -20.76
CA SER N 353 9.07 -16.02 -21.96
C SER N 353 7.74 -16.70 -21.92
N LYS N 354 7.02 -16.69 -23.05
CA LYS N 354 5.68 -17.23 -23.11
C LYS N 354 5.52 -17.81 -24.47
N SER N 355 4.67 -18.85 -24.59
CA SER N 355 4.34 -19.46 -25.84
C SER N 355 2.88 -19.69 -25.66
N ARG N 356 2.13 -19.87 -26.76
CA ARG N 356 0.70 -19.98 -26.67
C ARG N 356 0.34 -21.32 -27.23
N LEU N 357 1.34 -22.19 -27.46
CA LEU N 357 1.12 -23.53 -27.88
C LEU N 357 1.60 -24.44 -26.79
N LEU N 358 1.97 -23.86 -25.61
CA LEU N 358 2.30 -24.65 -24.45
C LEU N 358 0.99 -24.97 -23.80
N ASP N 359 0.54 -26.23 -23.93
CA ASP N 359 -0.76 -26.66 -23.47
C ASP N 359 -0.66 -28.13 -23.24
N ALA N 360 -1.56 -28.67 -22.39
CA ALA N 360 -1.65 -30.06 -22.04
C ALA N 360 -1.92 -30.85 -23.27
N ALA N 361 -2.83 -30.31 -24.12
CA ALA N 361 -3.26 -30.92 -25.35
C ALA N 361 -2.12 -31.05 -26.31
N VAL N 362 -1.24 -30.03 -26.37
CA VAL N 362 -0.24 -29.97 -27.39
C VAL N 362 0.97 -30.74 -26.95
N VAL N 363 1.58 -30.38 -25.80
CA VAL N 363 2.89 -30.88 -25.45
C VAL N 363 2.77 -32.08 -24.58
N GLY N 364 1.53 -32.52 -24.29
CA GLY N 364 1.29 -33.62 -23.41
C GLY N 364 0.94 -33.06 -22.09
N GLN N 365 0.08 -33.80 -21.37
CA GLN N 365 -0.47 -33.42 -20.11
C GLN N 365 0.62 -33.45 -19.10
N GLU N 366 1.49 -34.49 -19.17
CA GLU N 366 2.57 -34.67 -18.24
C GLU N 366 3.53 -33.55 -18.37
N HIS N 367 3.89 -33.22 -19.64
CA HIS N 367 4.86 -32.19 -19.93
C HIS N 367 4.33 -30.88 -19.45
N TYR N 368 3.02 -30.65 -19.67
CA TYR N 368 2.35 -29.45 -19.28
C TYR N 368 2.33 -29.31 -17.81
N ASP N 369 2.08 -30.41 -17.08
CA ASP N 369 1.92 -30.39 -15.66
C ASP N 369 3.25 -30.15 -15.04
N VAL N 370 4.31 -30.76 -15.61
CA VAL N 370 5.65 -30.54 -15.14
C VAL N 370 6.03 -29.10 -15.34
N ALA N 371 5.67 -28.53 -16.51
CA ALA N 371 5.98 -27.17 -16.84
C ALA N 371 5.29 -26.21 -15.93
N SER N 372 4.00 -26.46 -15.65
CA SER N 372 3.18 -25.61 -14.83
C SER N 372 3.70 -25.58 -13.44
N LYS N 373 4.14 -26.74 -12.93
CA LYS N 373 4.72 -26.87 -11.63
C LYS N 373 5.99 -26.12 -11.55
N VAL N 374 6.84 -26.21 -12.59
CA VAL N 374 8.08 -25.48 -12.65
C VAL N 374 7.85 -24.00 -12.70
N GLN N 375 6.76 -23.57 -13.38
CA GLN N 375 6.40 -22.19 -13.47
C GLN N 375 5.94 -21.73 -12.12
N GLU N 376 5.13 -22.55 -11.45
CA GLU N 376 4.64 -22.25 -10.13
C GLU N 376 5.77 -22.19 -9.15
N THR N 377 6.77 -23.09 -9.26
CA THR N 377 7.91 -23.15 -8.38
C THR N 377 8.68 -21.88 -8.49
N LEU N 378 8.95 -21.44 -9.74
CA LEU N 378 9.72 -20.26 -9.99
C LEU N 378 8.96 -19.06 -9.55
N GLN N 379 7.63 -19.05 -9.77
CA GLN N 379 6.77 -17.95 -9.46
C GLN N 379 6.73 -17.72 -7.99
N THR N 380 6.59 -18.82 -7.22
CA THR N 380 6.56 -18.76 -5.79
C THR N 380 7.91 -18.37 -5.30
N TYR N 381 9.00 -18.85 -5.94
CA TYR N 381 10.35 -18.56 -5.53
C TYR N 381 10.64 -17.10 -5.62
N LYS N 382 10.21 -16.44 -6.72
CA LYS N 382 10.51 -15.07 -6.97
C LYS N 382 9.87 -14.19 -5.94
N SER N 383 8.57 -14.47 -5.68
CA SER N 383 7.77 -13.75 -4.72
C SER N 383 8.30 -13.98 -3.34
N LEU N 384 8.70 -15.23 -3.06
CA LEU N 384 9.26 -15.61 -1.78
C LEU N 384 10.53 -14.90 -1.55
N GLN N 385 11.41 -14.75 -2.58
CA GLN N 385 12.68 -14.11 -2.39
C GLN N 385 12.56 -12.67 -2.02
N ASP N 386 11.43 -12.03 -2.38
CA ASP N 386 11.20 -10.65 -2.02
C ASP N 386 11.19 -10.48 -0.52
N ILE N 387 10.41 -11.30 0.19
CA ILE N 387 10.25 -11.11 1.61
C ILE N 387 11.19 -12.00 2.36
N ILE N 388 11.75 -13.04 1.72
CA ILE N 388 12.75 -13.90 2.28
C ILE N 388 13.98 -13.10 2.47
N ALA N 389 14.32 -12.24 1.50
CA ALA N 389 15.51 -11.44 1.60
C ALA N 389 15.40 -10.48 2.74
N ILE N 390 14.25 -9.76 2.84
CA ILE N 390 14.07 -8.75 3.87
C ILE N 390 13.91 -9.36 5.24
N LEU N 391 12.97 -10.32 5.37
CA LEU N 391 12.62 -10.92 6.64
C LEU N 391 13.68 -11.86 7.13
N GLY N 392 14.33 -12.61 6.21
CA GLY N 392 15.38 -13.53 6.56
C GLY N 392 15.11 -14.84 5.90
N MET N 393 16.18 -15.65 5.79
CA MET N 393 16.17 -16.92 5.10
C MET N 393 15.91 -17.98 6.13
N ASP N 394 15.76 -17.54 7.40
CA ASP N 394 15.44 -18.40 8.51
C ASP N 394 13.95 -18.34 8.65
N GLU N 395 13.29 -17.50 7.82
CA GLU N 395 11.86 -17.37 7.82
C GLU N 395 11.33 -18.30 6.77
N LEU N 396 12.22 -19.10 6.13
CA LEU N 396 11.84 -20.09 5.16
C LEU N 396 11.13 -21.18 5.89
N SER N 397 9.85 -21.39 5.53
CA SER N 397 8.99 -22.43 6.04
C SER N 397 9.49 -23.70 5.42
N GLU N 398 8.95 -24.85 5.85
CA GLU N 398 9.31 -26.14 5.32
C GLU N 398 8.91 -26.22 3.87
N GLN N 399 7.71 -25.68 3.55
CA GLN N 399 7.21 -25.58 2.22
C GLN N 399 8.06 -24.63 1.44
N ASP N 400 8.41 -23.47 2.05
CA ASP N 400 9.15 -22.48 1.35
C ASP N 400 10.54 -22.94 1.01
N LYS N 401 11.27 -23.62 1.92
CA LYS N 401 12.64 -23.99 1.58
C LYS N 401 12.68 -25.16 0.66
N LEU N 402 11.60 -25.97 0.57
CA LEU N 402 11.53 -27.02 -0.40
C LEU N 402 11.49 -26.48 -1.79
N THR N 403 10.62 -25.47 -1.98
CA THR N 403 10.50 -24.80 -3.24
C THR N 403 11.69 -23.96 -3.56
N VAL N 404 12.23 -23.21 -2.58
CA VAL N 404 13.36 -22.33 -2.78
C VAL N 404 14.59 -23.09 -3.14
N GLU N 405 14.82 -24.24 -2.46
CA GLU N 405 15.97 -25.07 -2.72
C GLU N 405 15.88 -25.62 -4.10
N ARG N 406 14.68 -26.12 -4.48
CA ARG N 406 14.41 -26.65 -5.79
C ARG N 406 14.54 -25.61 -6.87
N ALA N 407 14.02 -24.40 -6.61
CA ALA N 407 13.97 -23.29 -7.53
C ALA N 407 15.31 -22.80 -7.92
N ARG N 408 16.21 -22.63 -6.93
CA ARG N 408 17.54 -22.13 -7.19
C ARG N 408 18.31 -23.18 -7.95
N LYS N 409 17.95 -24.47 -7.74
CA LYS N 409 18.47 -25.57 -8.49
C LYS N 409 17.94 -25.61 -9.88
N ILE N 410 16.65 -25.27 -10.10
CA ILE N 410 16.02 -25.22 -11.39
C ILE N 410 16.65 -24.13 -12.16
N GLN N 411 16.91 -22.98 -11.50
CA GLN N 411 17.47 -21.80 -12.11
C GLN N 411 18.82 -22.12 -12.66
N ARG N 412 19.61 -22.90 -11.90
CA ARG N 412 20.88 -23.39 -12.33
C ARG N 412 20.78 -24.45 -13.40
N PHE N 413 19.76 -25.33 -13.33
CA PHE N 413 19.58 -26.44 -14.25
C PHE N 413 19.28 -25.92 -15.64
N LEU N 414 18.64 -24.71 -15.70
CA LEU N 414 18.31 -24.03 -16.94
C LEU N 414 19.55 -23.67 -17.70
N SER N 415 20.59 -23.19 -16.98
CA SER N 415 21.85 -22.86 -17.60
C SER N 415 22.52 -24.13 -17.98
N GLN N 416 22.92 -24.18 -19.25
CA GLN N 416 23.55 -25.29 -19.86
C GLN N 416 24.45 -24.55 -20.79
N PRO N 417 25.63 -25.01 -21.10
CA PRO N 417 26.46 -24.40 -22.10
C PRO N 417 26.05 -25.00 -23.42
N PHE N 418 26.58 -24.46 -24.52
CA PHE N 418 26.19 -24.90 -25.83
C PHE N 418 27.33 -24.62 -26.76
N ALA N 419 27.34 -25.34 -27.90
CA ALA N 419 28.48 -25.55 -28.75
C ALA N 419 29.04 -24.31 -29.37
N VAL N 420 28.16 -23.41 -29.89
CA VAL N 420 28.58 -22.16 -30.49
C VAL N 420 29.24 -21.28 -29.48
N ALA N 421 28.79 -21.36 -28.21
CA ALA N 421 29.27 -20.53 -27.16
C ALA N 421 30.24 -21.33 -26.36
N GLU N 422 30.81 -22.42 -26.94
CA GLU N 422 31.89 -23.14 -26.32
C GLU N 422 33.04 -22.22 -26.12
N VAL N 423 33.37 -21.41 -27.16
CA VAL N 423 34.37 -20.39 -27.08
C VAL N 423 33.97 -19.28 -26.13
N PHE N 424 32.71 -18.80 -26.31
CA PHE N 424 32.20 -17.60 -25.70
C PHE N 424 32.04 -17.63 -24.21
N THR N 425 31.60 -18.77 -23.66
CA THR N 425 31.59 -18.97 -22.22
C THR N 425 32.88 -19.59 -21.83
N GLY N 426 33.42 -20.45 -22.71
CA GLY N 426 34.67 -21.13 -22.50
C GLY N 426 34.37 -22.53 -22.08
N ILE N 427 33.09 -22.99 -22.20
CA ILE N 427 32.63 -24.21 -21.59
C ILE N 427 32.07 -25.08 -22.71
N PRO N 428 32.55 -26.30 -22.96
CA PRO N 428 31.98 -27.25 -23.92
C PRO N 428 30.49 -27.42 -23.82
N GLY N 429 29.79 -27.43 -24.98
CA GLY N 429 28.36 -27.35 -25.06
C GLY N 429 27.57 -28.57 -24.68
N LYS N 430 26.23 -28.43 -24.84
CA LYS N 430 25.24 -29.44 -24.55
C LYS N 430 24.15 -29.23 -25.56
N LEU N 431 23.64 -30.35 -26.12
CA LEU N 431 22.50 -30.39 -27.00
C LEU N 431 21.65 -31.40 -26.29
N VAL N 432 20.45 -31.02 -25.82
CA VAL N 432 19.68 -31.86 -24.95
C VAL N 432 18.38 -32.18 -25.61
N ARG N 433 17.99 -33.48 -25.60
CA ARG N 433 16.83 -33.98 -26.29
C ARG N 433 15.61 -33.70 -25.49
N LEU N 434 14.47 -33.57 -26.19
CA LEU N 434 13.19 -33.14 -25.69
C LEU N 434 12.65 -34.06 -24.65
N LYS N 435 12.78 -35.39 -24.88
CA LYS N 435 12.28 -36.39 -23.97
C LYS N 435 13.02 -36.26 -22.67
N ASP N 436 14.34 -36.04 -22.79
CA ASP N 436 15.26 -35.95 -21.69
C ASP N 436 15.08 -34.66 -20.96
N THR N 437 14.49 -33.63 -21.60
CA THR N 437 14.14 -32.40 -20.94
C THR N 437 13.05 -32.63 -19.93
N VAL N 438 12.01 -33.41 -20.31
CA VAL N 438 10.88 -33.70 -19.46
C VAL N 438 11.36 -34.41 -18.25
N ALA N 439 12.28 -35.37 -18.46
CA ALA N 439 12.83 -36.21 -17.43
C ALA N 439 13.52 -35.41 -16.36
N SER N 440 14.27 -34.35 -16.75
CA SER N 440 15.08 -33.57 -15.85
C SER N 440 14.25 -32.89 -14.82
N PHE N 441 13.14 -32.29 -15.28
CA PHE N 441 12.28 -31.53 -14.41
C PHE N 441 11.45 -32.43 -13.55
N LYS N 442 11.12 -33.64 -14.04
CA LYS N 442 10.39 -34.60 -13.28
C LYS N 442 11.14 -34.98 -12.05
N ALA N 443 12.47 -35.21 -12.18
CA ALA N 443 13.32 -35.60 -11.10
C ALA N 443 13.47 -34.55 -10.04
N VAL N 444 13.62 -33.25 -10.42
CA VAL N 444 13.70 -32.17 -9.45
C VAL N 444 12.39 -31.99 -8.72
N LEU N 445 11.27 -32.22 -9.42
CA LEU N 445 9.95 -32.24 -8.86
C LEU N 445 9.79 -33.38 -7.91
N GLU N 446 10.42 -34.53 -8.20
CA GLU N 446 10.38 -35.69 -7.35
C GLU N 446 11.44 -35.64 -6.29
N GLY N 447 12.23 -34.54 -6.25
CA GLY N 447 13.18 -34.26 -5.19
C GLY N 447 14.34 -35.21 -5.12
N LYS N 448 14.54 -36.01 -6.19
CA LYS N 448 15.61 -36.97 -6.34
C LYS N 448 16.89 -36.20 -6.40
N TYR N 449 16.77 -35.06 -7.08
CA TYR N 449 17.82 -34.17 -7.43
C TYR N 449 17.73 -32.99 -6.50
N ASP N 450 16.84 -33.07 -5.49
CA ASP N 450 16.83 -32.13 -4.40
C ASP N 450 17.67 -32.74 -3.31
N ASN N 451 18.38 -33.85 -3.64
CA ASN N 451 19.38 -34.45 -2.80
C ASN N 451 20.73 -34.21 -3.44
N ILE N 452 20.80 -33.41 -4.52
CA ILE N 452 22.01 -33.21 -5.29
C ILE N 452 22.43 -31.77 -5.09
N PRO N 453 23.70 -31.41 -4.87
CA PRO N 453 24.15 -30.05 -4.59
C PRO N 453 23.74 -29.00 -5.60
N GLU N 454 23.53 -27.75 -5.14
CA GLU N 454 22.99 -26.64 -5.91
C GLU N 454 23.90 -26.23 -7.04
N HIS N 455 25.22 -26.20 -6.79
CA HIS N 455 26.20 -25.68 -7.70
C HIS N 455 26.74 -26.77 -8.58
N ALA N 456 26.07 -27.95 -8.56
CA ALA N 456 26.34 -29.03 -9.47
C ALA N 456 25.31 -28.96 -10.57
N PHE N 457 24.32 -28.03 -10.47
CA PHE N 457 23.39 -27.76 -11.54
C PHE N 457 23.84 -26.61 -12.38
N TYR N 458 24.86 -25.84 -11.94
CA TYR N 458 25.33 -24.70 -12.69
C TYR N 458 25.97 -25.19 -13.97
N MET N 459 25.41 -24.76 -15.13
CA MET N 459 25.96 -25.03 -16.43
C MET N 459 25.92 -26.50 -16.74
N VAL N 460 24.74 -27.14 -16.54
CA VAL N 460 24.56 -28.51 -16.89
C VAL N 460 23.36 -28.55 -17.76
N GLY N 461 23.34 -29.59 -18.62
CA GLY N 461 22.31 -29.87 -19.56
C GLY N 461 21.32 -30.74 -18.84
N GLY N 462 20.94 -31.86 -19.46
CA GLY N 462 19.91 -32.77 -19.02
C GLY N 462 20.14 -33.52 -17.74
N ILE N 463 19.24 -34.50 -17.52
CA ILE N 463 19.10 -35.33 -16.35
C ILE N 463 20.36 -36.11 -16.13
N GLU N 464 20.90 -36.66 -17.24
CA GLU N 464 22.09 -37.46 -17.32
C GLU N 464 23.30 -36.68 -16.89
N ASP N 465 23.36 -35.41 -17.36
CA ASP N 465 24.51 -34.56 -17.19
C ASP N 465 24.72 -34.30 -15.74
N VAL N 466 23.65 -34.03 -14.96
CA VAL N 466 23.86 -33.65 -13.60
C VAL N 466 24.10 -34.88 -12.73
N VAL N 467 23.93 -36.14 -13.25
CA VAL N 467 24.40 -37.28 -12.49
C VAL N 467 25.89 -37.24 -12.38
N ALA N 468 26.53 -36.95 -13.54
CA ALA N 468 27.95 -36.83 -13.67
C ALA N 468 28.49 -35.68 -12.88
N LYS N 469 27.83 -34.50 -13.01
CA LYS N 469 28.30 -33.25 -12.50
C LYS N 469 28.22 -33.27 -11.01
N ALA N 470 27.23 -33.99 -10.44
CA ALA N 470 27.10 -34.13 -9.01
C ALA N 470 28.32 -34.79 -8.42
N GLU N 471 28.80 -35.86 -9.07
CA GLU N 471 30.00 -36.57 -8.67
C GLU N 471 31.25 -35.73 -8.78
N LYS N 472 31.42 -35.04 -9.93
CA LYS N 472 32.56 -34.21 -10.22
C LYS N 472 32.66 -32.97 -9.38
N LEU N 473 31.50 -32.35 -9.08
CA LEU N 473 31.37 -31.16 -8.27
C LEU N 473 31.86 -31.43 -6.89
N ALA N 474 31.45 -32.58 -6.33
CA ALA N 474 31.90 -33.06 -5.05
C ALA N 474 33.36 -33.40 -5.09
N ALA N 475 33.80 -34.05 -6.18
CA ALA N 475 35.16 -34.47 -6.34
C ALA N 475 35.93 -33.31 -6.97
N THR O 7 -43.78 22.30 -64.45
CA THR O 7 -43.29 21.15 -65.24
C THR O 7 -42.17 20.46 -64.48
N PRO O 8 -42.06 19.13 -64.49
CA PRO O 8 -40.98 18.41 -63.84
C PRO O 8 -39.64 18.83 -64.40
N ILE O 9 -38.66 19.18 -63.54
CA ILE O 9 -37.37 19.59 -64.05
C ILE O 9 -36.62 18.31 -64.24
N THR O 10 -36.43 17.97 -65.53
CA THR O 10 -35.78 16.77 -65.98
C THR O 10 -34.30 16.99 -65.81
N GLY O 11 -33.58 15.91 -65.46
CA GLY O 11 -32.16 15.99 -65.31
C GLY O 11 -31.71 14.59 -65.42
N LYS O 12 -30.39 14.42 -65.28
CA LYS O 12 -29.76 13.14 -65.40
C LYS O 12 -28.91 13.12 -64.20
N VAL O 13 -28.44 11.94 -63.79
CA VAL O 13 -27.63 11.84 -62.62
C VAL O 13 -26.24 11.84 -63.17
N THR O 14 -25.53 12.97 -63.04
CA THR O 14 -24.17 13.08 -63.50
C THR O 14 -23.23 12.24 -62.69
N ALA O 15 -23.41 12.24 -61.36
CA ALA O 15 -22.52 11.54 -60.50
C ALA O 15 -23.28 10.93 -59.39
N VAL O 16 -22.67 9.93 -58.74
CA VAL O 16 -23.20 9.23 -57.61
C VAL O 16 -21.92 8.99 -56.87
N ILE O 17 -21.57 9.97 -56.02
CA ILE O 17 -20.42 9.85 -55.16
C ILE O 17 -21.15 9.68 -53.88
N GLY O 18 -21.09 8.48 -53.29
CA GLY O 18 -21.88 8.12 -52.13
C GLY O 18 -23.33 8.50 -52.26
N ALA O 19 -23.94 8.90 -51.13
CA ALA O 19 -25.30 9.36 -51.04
C ALA O 19 -25.34 10.85 -51.23
N ILE O 20 -24.51 11.36 -52.17
CA ILE O 20 -24.43 12.74 -52.52
C ILE O 20 -24.42 12.65 -54.01
N VAL O 21 -25.61 12.36 -54.55
CA VAL O 21 -25.87 12.20 -55.95
C VAL O 21 -25.79 13.60 -56.53
N ASP O 22 -25.41 13.74 -57.81
CA ASP O 22 -25.37 15.04 -58.43
C ASP O 22 -26.18 14.84 -59.65
N VAL O 23 -26.99 15.86 -59.98
CA VAL O 23 -27.95 15.79 -61.03
C VAL O 23 -27.49 16.87 -61.94
N HIS O 24 -27.82 16.78 -63.24
CA HIS O 24 -27.57 17.83 -64.17
C HIS O 24 -28.87 18.01 -64.83
N PHE O 25 -29.53 19.14 -64.49
CA PHE O 25 -30.83 19.44 -65.00
C PHE O 25 -30.61 19.93 -66.37
N GLU O 26 -31.14 19.18 -67.35
CA GLU O 26 -30.98 19.42 -68.76
C GLU O 26 -31.70 20.69 -69.10
N GLN O 27 -32.91 20.83 -68.51
CA GLN O 27 -33.77 21.98 -68.60
C GLN O 27 -33.08 23.15 -68.00
N SER O 28 -33.38 24.35 -68.56
CA SER O 28 -32.73 25.59 -68.16
C SER O 28 -33.28 26.03 -66.83
N GLU O 29 -34.47 25.50 -66.45
CA GLU O 29 -35.02 25.60 -65.13
C GLU O 29 -34.11 24.90 -64.17
N LEU O 30 -33.92 25.50 -62.98
CA LEU O 30 -32.96 25.04 -62.02
C LEU O 30 -33.69 25.15 -60.73
N PRO O 31 -33.77 24.15 -59.89
CA PRO O 31 -34.43 24.26 -58.60
C PRO O 31 -33.49 24.97 -57.67
N ALA O 32 -34.06 25.59 -56.62
CA ALA O 32 -33.33 26.32 -55.62
C ALA O 32 -32.81 25.38 -54.58
N ILE O 33 -32.04 25.94 -53.62
CA ILE O 33 -31.32 25.18 -52.64
C ILE O 33 -32.34 24.84 -51.60
N LEU O 34 -32.32 23.56 -51.17
CA LEU O 34 -33.23 22.97 -50.22
C LEU O 34 -34.47 22.55 -50.92
N ASN O 35 -34.43 22.39 -52.27
CA ASN O 35 -35.57 21.87 -52.99
C ASN O 35 -35.47 20.39 -52.89
N ALA O 36 -36.51 19.66 -53.33
CA ALA O 36 -36.57 18.24 -53.12
C ALA O 36 -36.87 17.67 -54.46
N LEU O 37 -36.37 16.45 -54.73
CA LEU O 37 -36.38 15.82 -56.01
C LEU O 37 -36.79 14.41 -55.79
N GLU O 38 -37.48 13.82 -56.78
CA GLU O 38 -37.83 12.42 -56.76
C GLU O 38 -37.26 11.79 -57.99
N ILE O 39 -36.45 10.73 -57.79
CA ILE O 39 -35.95 9.92 -58.84
C ILE O 39 -36.77 8.68 -58.70
N LYS O 40 -37.37 8.23 -59.82
CA LYS O 40 -38.27 7.11 -59.83
C LYS O 40 -37.37 5.91 -59.85
N THR O 41 -37.61 4.96 -58.94
CA THR O 41 -36.73 3.85 -58.72
C THR O 41 -37.63 2.65 -58.65
N PRO O 42 -37.11 1.42 -58.71
CA PRO O 42 -37.94 0.22 -58.54
C PRO O 42 -38.21 0.04 -57.07
N GLN O 43 -37.76 1.00 -56.25
CA GLN O 43 -37.94 1.07 -54.84
C GLN O 43 -38.97 2.15 -54.65
N GLY O 44 -39.77 2.43 -55.70
CA GLY O 44 -40.74 3.49 -55.73
C GLY O 44 -40.11 4.80 -56.10
N LYS O 45 -39.66 5.56 -55.09
CA LYS O 45 -38.96 6.80 -55.31
C LYS O 45 -37.74 6.81 -54.47
N LEU O 46 -36.85 7.76 -54.78
CA LEU O 46 -35.68 8.10 -54.04
C LEU O 46 -35.89 9.54 -53.84
N VAL O 47 -35.70 10.05 -52.61
CA VAL O 47 -35.88 11.44 -52.32
C VAL O 47 -34.51 12.01 -52.19
N LEU O 48 -34.21 13.10 -52.93
CA LEU O 48 -32.94 13.76 -52.86
C LEU O 48 -33.29 15.19 -52.57
N GLU O 49 -32.35 15.96 -51.99
CA GLU O 49 -32.56 17.33 -51.62
C GLU O 49 -31.39 18.13 -52.12
N VAL O 50 -31.64 19.20 -52.92
CA VAL O 50 -30.61 20.05 -53.48
C VAL O 50 -29.93 20.76 -52.34
N ALA O 51 -28.57 20.72 -52.28
CA ALA O 51 -27.87 21.40 -51.20
C ALA O 51 -26.85 22.36 -51.71
N GLN O 52 -26.30 22.16 -52.92
CA GLN O 52 -25.43 23.15 -53.51
C GLN O 52 -25.86 23.20 -54.93
N HIS O 53 -25.55 24.31 -55.61
CA HIS O 53 -25.64 24.33 -57.04
C HIS O 53 -24.20 24.44 -57.38
N LEU O 54 -23.73 23.50 -58.22
CA LEU O 54 -22.33 23.39 -58.56
C LEU O 54 -22.17 24.03 -59.90
N GLY O 55 -23.21 24.71 -60.42
CA GLY O 55 -23.12 25.51 -61.61
C GLY O 55 -23.15 24.66 -62.84
N GLU O 56 -23.26 25.31 -64.00
CA GLU O 56 -23.41 24.71 -65.31
C GLU O 56 -24.56 23.74 -65.34
N ASN O 57 -25.67 24.14 -64.67
CA ASN O 57 -26.91 23.41 -64.58
C ASN O 57 -26.68 22.04 -64.01
N THR O 58 -25.79 21.96 -63.00
CA THR O 58 -25.49 20.73 -62.32
C THR O 58 -25.56 21.08 -60.88
N VAL O 59 -26.62 20.60 -60.21
CA VAL O 59 -26.78 20.69 -58.79
C VAL O 59 -26.10 19.53 -58.14
N ARG O 60 -25.94 19.59 -56.81
CA ARG O 60 -25.33 18.56 -56.03
C ARG O 60 -26.31 18.37 -54.93
N THR O 61 -26.75 17.11 -54.72
CA THR O 61 -27.93 16.83 -53.95
C THR O 61 -27.54 15.79 -52.95
N ILE O 62 -28.00 15.97 -51.70
CA ILE O 62 -27.94 14.99 -50.65
C ILE O 62 -29.04 14.03 -50.96
N ALA O 63 -28.85 12.73 -50.71
CA ALA O 63 -29.82 11.73 -51.07
C ALA O 63 -30.29 11.25 -49.75
N MET O 64 -31.62 11.35 -49.53
CA MET O 64 -32.23 11.18 -48.24
C MET O 64 -32.74 9.80 -48.08
N ASP O 65 -32.58 8.95 -49.11
CA ASP O 65 -32.99 7.57 -49.05
C ASP O 65 -31.77 6.87 -49.57
N GLY O 66 -31.70 5.53 -49.38
CA GLY O 66 -30.53 4.72 -49.66
C GLY O 66 -30.12 4.75 -51.10
N THR O 67 -28.82 4.50 -51.36
CA THR O 67 -28.23 4.64 -52.65
C THR O 67 -27.70 3.29 -52.98
N GLU O 68 -27.85 2.89 -54.27
CA GLU O 68 -27.33 1.70 -54.89
C GLU O 68 -28.28 1.45 -55.99
N GLY O 69 -27.79 0.77 -57.04
CA GLY O 69 -28.55 0.38 -58.20
C GLY O 69 -28.62 1.48 -59.21
N LEU O 70 -28.27 2.73 -58.83
CA LEU O 70 -28.44 3.89 -59.66
C LEU O 70 -27.65 3.76 -60.92
N VAL O 71 -28.34 3.92 -62.07
CA VAL O 71 -27.71 3.92 -63.36
C VAL O 71 -27.36 5.35 -63.58
N ARG O 72 -26.05 5.64 -63.75
CA ARG O 72 -25.54 6.98 -63.87
C ARG O 72 -26.09 7.64 -65.09
N GLY O 73 -26.96 8.64 -64.87
CA GLY O 73 -27.75 9.28 -65.86
C GLY O 73 -29.09 8.64 -65.77
N GLU O 74 -30.06 9.32 -65.16
CA GLU O 74 -31.38 8.77 -65.08
C GLU O 74 -32.25 9.93 -64.74
N LYS O 75 -33.53 9.82 -65.12
CA LYS O 75 -34.47 10.93 -65.13
C LYS O 75 -34.69 11.39 -63.72
N VAL O 76 -34.84 12.73 -63.56
CA VAL O 76 -35.16 13.29 -62.28
C VAL O 76 -36.37 14.11 -62.57
N LEU O 77 -37.14 14.47 -61.52
CA LEU O 77 -38.21 15.42 -61.61
C LEU O 77 -38.08 16.18 -60.35
N ASP O 78 -38.42 17.48 -60.41
CA ASP O 78 -38.23 18.37 -59.32
C ASP O 78 -39.53 18.45 -58.61
N THR O 79 -39.52 18.10 -57.31
CA THR O 79 -40.69 18.08 -56.46
C THR O 79 -40.78 19.46 -55.84
N GLY O 80 -39.66 20.22 -55.87
CA GLY O 80 -39.52 21.56 -55.38
C GLY O 80 -39.60 21.67 -53.90
N GLY O 81 -38.94 22.73 -53.38
CA GLY O 81 -38.92 23.16 -52.00
C GLY O 81 -38.53 22.10 -51.00
N PRO O 82 -38.49 22.45 -49.73
CA PRO O 82 -38.20 21.51 -48.66
C PRO O 82 -39.26 20.45 -48.64
N ILE O 83 -38.90 19.23 -48.19
CA ILE O 83 -39.79 18.09 -48.12
C ILE O 83 -40.88 18.46 -47.16
N SER O 84 -42.16 18.23 -47.52
CA SER O 84 -43.22 18.75 -46.70
C SER O 84 -43.83 17.53 -46.11
N VAL O 85 -43.76 17.47 -44.77
CA VAL O 85 -44.20 16.35 -44.01
C VAL O 85 -45.67 16.54 -43.83
N PRO O 86 -46.39 15.62 -43.23
CA PRO O 86 -47.81 15.83 -43.04
C PRO O 86 -48.00 15.89 -41.56
N VAL O 87 -48.73 16.89 -41.08
CA VAL O 87 -48.88 17.14 -39.67
C VAL O 87 -50.34 17.33 -39.44
N GLY O 88 -50.74 17.28 -38.14
CA GLY O 88 -52.11 17.24 -37.76
C GLY O 88 -52.10 16.69 -36.38
N ARG O 89 -53.27 16.68 -35.72
CA ARG O 89 -53.44 15.99 -34.45
C ARG O 89 -53.47 14.52 -34.68
N GLU O 90 -53.63 14.09 -35.95
CA GLU O 90 -53.69 12.70 -36.29
C GLU O 90 -52.30 12.22 -36.57
N THR O 91 -51.27 13.07 -36.32
CA THR O 91 -49.91 12.61 -36.29
C THR O 91 -49.71 11.83 -35.01
N LEU O 92 -50.52 12.14 -33.96
CA LEU O 92 -50.52 11.41 -32.73
C LEU O 92 -51.01 10.03 -33.05
N GLY O 93 -50.34 8.98 -32.51
CA GLY O 93 -50.62 7.63 -32.91
C GLY O 93 -50.05 7.23 -34.24
N ARG O 94 -48.84 7.69 -34.57
CA ARG O 94 -48.18 7.33 -35.80
C ARG O 94 -46.73 7.35 -35.47
N ILE O 95 -45.96 6.45 -36.12
CA ILE O 95 -44.53 6.49 -36.06
C ILE O 95 -44.31 6.75 -37.51
N ILE O 96 -43.46 7.76 -37.81
CA ILE O 96 -43.31 8.25 -39.14
C ILE O 96 -41.85 8.24 -39.45
N ASN O 97 -41.57 8.01 -40.75
CA ASN O 97 -40.27 7.98 -41.34
C ASN O 97 -39.93 9.40 -41.63
N VAL O 98 -38.70 9.66 -42.14
CA VAL O 98 -38.20 10.97 -42.47
C VAL O 98 -39.04 11.52 -43.58
N ILE O 99 -39.41 10.63 -44.53
CA ILE O 99 -40.23 10.92 -45.68
C ILE O 99 -41.58 11.32 -45.16
N GLY O 100 -42.06 10.53 -44.17
CA GLY O 100 -43.26 10.78 -43.44
C GLY O 100 -44.07 9.54 -43.46
N GLU O 101 -43.55 8.44 -44.03
CA GLU O 101 -44.27 7.20 -44.23
C GLU O 101 -44.70 6.65 -42.89
N PRO O 102 -45.86 6.04 -42.72
CA PRO O 102 -46.29 5.56 -41.42
C PRO O 102 -45.67 4.19 -41.31
N ILE O 103 -44.51 4.11 -40.62
CA ILE O 103 -43.75 2.89 -40.50
C ILE O 103 -44.38 1.95 -39.52
N ASP O 104 -45.35 2.44 -38.70
CA ASP O 104 -46.07 1.58 -37.81
C ASP O 104 -47.30 1.08 -38.54
N GLU O 105 -47.51 1.56 -39.80
CA GLU O 105 -48.42 1.02 -40.76
C GLU O 105 -49.81 1.04 -40.24
N ARG O 106 -50.19 2.18 -39.63
CA ARG O 106 -51.54 2.47 -39.25
C ARG O 106 -52.15 3.26 -40.36
N GLY O 107 -51.58 3.14 -41.58
CA GLY O 107 -52.04 3.73 -42.80
C GLY O 107 -51.94 5.23 -42.79
N PRO O 108 -52.40 5.86 -43.87
CA PRO O 108 -52.22 7.27 -44.16
C PRO O 108 -52.52 8.20 -43.02
N ILE O 109 -51.63 9.20 -42.82
CA ILE O 109 -51.73 10.13 -41.74
C ILE O 109 -52.61 11.21 -42.28
N LYS O 110 -53.79 11.41 -41.66
CA LYS O 110 -54.67 12.50 -42.02
C LYS O 110 -54.00 13.78 -41.62
N SER O 111 -53.98 14.76 -42.53
CA SER O 111 -53.23 15.95 -42.33
C SER O 111 -53.97 17.04 -42.99
N LYS O 112 -53.87 18.25 -42.42
CA LYS O 112 -54.56 19.40 -42.93
C LYS O 112 -53.48 20.16 -43.61
N LEU O 113 -52.35 20.32 -42.92
CA LEU O 113 -51.24 21.11 -43.35
C LEU O 113 -50.12 20.17 -43.49
N ARG O 114 -49.35 20.33 -44.57
CA ARG O 114 -48.16 19.59 -44.81
C ARG O 114 -47.16 20.68 -44.71
N LYS O 115 -46.06 20.52 -43.93
CA LYS O 115 -45.21 21.64 -43.63
C LYS O 115 -43.80 21.35 -44.05
N PRO O 116 -43.03 22.34 -44.53
CA PRO O 116 -41.66 22.16 -44.98
C PRO O 116 -40.77 21.77 -43.83
N ILE O 117 -39.80 20.86 -44.05
CA ILE O 117 -38.88 20.41 -43.01
C ILE O 117 -38.04 21.54 -42.52
N HIS O 118 -37.59 22.41 -43.45
CA HIS O 118 -36.78 23.55 -43.12
C HIS O 118 -37.73 24.66 -42.79
N ALA O 119 -37.36 25.48 -41.80
CA ALA O 119 -38.15 26.60 -41.36
C ALA O 119 -37.18 27.49 -40.67
N ASP O 120 -37.50 28.79 -40.50
CA ASP O 120 -36.57 29.77 -39.99
C ASP O 120 -36.74 29.87 -38.49
N PRO O 121 -35.69 29.91 -37.67
CA PRO O 121 -35.80 29.91 -36.22
C PRO O 121 -36.55 31.12 -35.73
N PRO O 122 -37.51 31.06 -34.81
CA PRO O 122 -38.24 32.23 -34.32
C PRO O 122 -37.36 33.35 -33.86
N SER O 123 -37.83 34.61 -33.98
CA SER O 123 -36.99 35.76 -33.83
C SER O 123 -36.79 36.01 -32.37
N PHE O 124 -35.79 36.84 -32.04
CA PHE O 124 -35.46 37.19 -30.69
C PHE O 124 -36.63 37.79 -29.97
N ALA O 125 -37.36 38.68 -30.65
CA ALA O 125 -38.54 39.31 -30.14
C ALA O 125 -39.66 38.38 -29.80
N GLU O 126 -39.93 37.37 -30.65
CA GLU O 126 -41.07 36.49 -30.46
C GLU O 126 -40.97 35.59 -29.26
N GLN O 127 -39.75 35.36 -28.77
CA GLN O 127 -39.53 34.42 -27.70
C GLN O 127 -40.04 34.90 -26.39
N SER O 128 -40.54 33.95 -25.58
CA SER O 128 -41.01 34.17 -24.25
C SER O 128 -40.13 33.27 -23.45
N THR O 129 -39.55 33.78 -22.33
CA THR O 129 -38.55 33.04 -21.60
C THR O 129 -39.17 32.72 -20.27
N SER O 130 -39.35 31.40 -20.05
CA SER O 130 -39.93 30.78 -18.88
C SER O 130 -39.08 30.92 -17.65
N ALA O 131 -39.60 30.37 -16.53
CA ALA O 131 -38.98 30.41 -15.23
C ALA O 131 -39.66 29.37 -14.38
N GLU O 132 -40.53 28.53 -15.00
CA GLU O 132 -41.24 27.45 -14.38
C GLU O 132 -40.25 26.41 -13.93
N ILE O 133 -40.49 25.77 -12.77
CA ILE O 133 -39.69 24.66 -12.30
C ILE O 133 -40.41 23.44 -12.77
N LEU O 134 -39.66 22.45 -13.27
CA LEU O 134 -40.15 21.15 -13.58
C LEU O 134 -39.38 20.25 -12.66
N GLU O 135 -40.08 19.27 -12.06
CA GLU O 135 -39.56 18.40 -11.05
C GLU O 135 -39.67 17.04 -11.67
N THR O 136 -38.62 16.20 -11.51
CA THR O 136 -38.60 14.88 -12.09
C THR O 136 -38.96 13.87 -11.04
N GLY O 137 -38.48 14.08 -9.79
CA GLY O 137 -38.65 13.12 -8.72
C GLY O 137 -37.43 12.28 -8.63
N ILE O 138 -36.42 12.56 -9.50
CA ILE O 138 -35.13 11.93 -9.46
C ILE O 138 -34.44 12.85 -8.51
N LYS O 139 -33.87 12.28 -7.43
CA LYS O 139 -33.34 13.05 -6.34
C LYS O 139 -32.16 13.83 -6.79
N VAL O 140 -31.24 13.19 -7.52
CA VAL O 140 -30.01 13.79 -7.92
C VAL O 140 -30.26 14.96 -8.84
N VAL O 141 -31.25 14.82 -9.75
CA VAL O 141 -31.66 15.87 -10.65
C VAL O 141 -32.17 17.04 -9.88
N ASP O 142 -33.01 16.75 -8.87
CA ASP O 142 -33.64 17.78 -8.09
C ASP O 142 -32.62 18.57 -7.32
N LEU O 143 -31.64 17.89 -6.68
CA LEU O 143 -30.66 18.57 -5.88
C LEU O 143 -29.72 19.40 -6.69
N LEU O 144 -29.21 18.84 -7.80
CA LEU O 144 -28.06 19.41 -8.44
C LEU O 144 -28.44 20.29 -9.58
N ALA O 145 -29.52 19.97 -10.29
CA ALA O 145 -29.83 20.73 -11.45
C ALA O 145 -31.31 20.74 -11.68
N PRO O 146 -32.08 21.58 -11.00
CA PRO O 146 -33.53 21.59 -11.13
C PRO O 146 -33.93 21.87 -12.56
N TYR O 147 -34.84 21.07 -13.15
CA TYR O 147 -35.30 21.29 -14.49
C TYR O 147 -36.34 22.36 -14.47
N ALA O 148 -36.68 22.86 -15.67
CA ALA O 148 -37.61 23.94 -15.85
C ALA O 148 -38.59 23.47 -16.86
N ARG O 149 -39.86 23.91 -16.77
CA ARG O 149 -40.86 23.46 -17.71
C ARG O 149 -40.72 24.34 -18.91
N GLY O 150 -40.56 23.72 -20.09
CA GLY O 150 -40.31 24.37 -21.35
C GLY O 150 -38.84 24.32 -21.61
N GLY O 151 -38.06 23.79 -20.64
CA GLY O 151 -36.62 23.75 -20.61
C GLY O 151 -35.98 22.98 -21.71
N LYS O 152 -34.64 23.07 -21.81
CA LYS O 152 -33.86 22.32 -22.75
C LYS O 152 -32.91 21.58 -21.88
N ILE O 153 -33.02 20.24 -21.88
CA ILE O 153 -32.41 19.39 -20.90
C ILE O 153 -31.37 18.69 -21.72
N GLY O 154 -30.26 18.23 -21.09
CA GLY O 154 -29.16 17.67 -21.84
C GLY O 154 -28.45 16.61 -21.08
N LEU O 155 -28.01 15.58 -21.83
CA LEU O 155 -27.40 14.40 -21.29
C LEU O 155 -26.16 14.21 -22.09
N PHE O 156 -25.21 13.48 -21.51
CA PHE O 156 -23.90 13.28 -22.07
C PHE O 156 -23.70 11.82 -21.86
N GLY O 157 -24.37 11.05 -22.75
CA GLY O 157 -24.68 9.64 -22.77
C GLY O 157 -23.72 8.59 -22.30
N GLY O 158 -24.32 7.50 -21.73
CA GLY O 158 -23.65 6.36 -21.16
C GLY O 158 -23.49 5.26 -22.16
N ALA O 159 -24.43 5.17 -23.15
CA ALA O 159 -24.32 4.33 -24.32
C ALA O 159 -25.70 4.06 -24.83
N GLY O 160 -26.66 4.00 -23.90
CA GLY O 160 -27.92 3.40 -24.16
C GLY O 160 -28.10 2.65 -22.92
N VAL O 161 -26.97 2.11 -22.39
CA VAL O 161 -26.91 1.50 -21.09
C VAL O 161 -27.20 2.61 -20.13
N GLY O 162 -26.68 3.83 -20.44
CA GLY O 162 -27.05 4.98 -19.69
C GLY O 162 -28.07 5.77 -20.43
N LYS O 163 -27.93 5.96 -21.76
CA LYS O 163 -28.82 6.87 -22.43
C LYS O 163 -30.26 6.46 -22.39
N THR O 164 -30.53 5.19 -22.71
CA THR O 164 -31.88 4.70 -22.79
C THR O 164 -32.47 4.71 -21.43
N VAL O 165 -31.71 4.27 -20.42
CA VAL O 165 -32.21 4.17 -19.07
C VAL O 165 -32.60 5.51 -18.53
N PHE O 166 -31.77 6.55 -18.78
CA PHE O 166 -32.04 7.86 -18.27
C PHE O 166 -33.32 8.36 -18.89
N ILE O 167 -33.42 8.21 -20.22
CA ILE O 167 -34.55 8.69 -20.98
C ILE O 167 -35.81 8.00 -20.56
N GLN O 168 -35.76 6.69 -20.28
CA GLN O 168 -36.93 5.92 -19.94
C GLN O 168 -37.55 6.40 -18.68
N GLU O 169 -36.70 6.74 -17.69
CA GLU O 169 -37.14 7.30 -16.45
C GLU O 169 -37.80 8.61 -16.68
N LEU O 170 -37.23 9.46 -17.56
CA LEU O 170 -37.80 10.74 -17.87
C LEU O 170 -39.15 10.59 -18.51
N ILE O 171 -39.32 9.62 -19.43
CA ILE O 171 -40.58 9.41 -20.11
C ILE O 171 -41.61 9.00 -19.10
N ASN O 172 -41.22 8.12 -18.16
CA ASN O 172 -42.10 7.64 -17.14
C ASN O 172 -42.58 8.74 -16.24
N ASN O 173 -41.67 9.65 -15.88
CA ASN O 173 -42.01 10.66 -14.92
C ASN O 173 -42.66 11.80 -15.60
N ILE O 174 -41.93 12.50 -16.47
CA ILE O 174 -42.35 13.74 -17.06
C ILE O 174 -43.55 13.57 -17.92
N ALA O 175 -43.70 12.44 -18.65
CA ALA O 175 -44.77 12.39 -19.62
C ALA O 175 -46.06 11.93 -19.02
N LYS O 176 -46.02 11.54 -17.74
CA LYS O 176 -47.24 11.22 -17.04
C LYS O 176 -47.54 12.40 -16.17
N ALA O 177 -46.57 13.35 -16.04
CA ALA O 177 -46.76 14.60 -15.38
C ALA O 177 -47.04 15.67 -16.39
N HIS O 178 -47.12 15.30 -17.68
CA HIS O 178 -47.48 16.20 -18.72
C HIS O 178 -48.72 15.59 -19.28
N GLY O 179 -49.60 16.45 -19.83
CA GLY O 179 -50.88 16.03 -20.32
C GLY O 179 -51.04 16.55 -21.70
N GLY O 180 -50.15 17.47 -22.16
CA GLY O 180 -50.20 18.01 -23.49
C GLY O 180 -49.62 17.06 -24.48
N PHE O 181 -49.30 17.59 -25.67
CA PHE O 181 -48.69 16.87 -26.77
C PHE O 181 -47.31 16.47 -26.35
N SER O 182 -46.75 15.40 -26.93
CA SER O 182 -45.43 15.00 -26.59
C SER O 182 -44.87 14.38 -27.81
N VAL O 183 -43.56 14.55 -28.03
CA VAL O 183 -42.93 14.16 -29.26
C VAL O 183 -41.83 13.27 -28.81
N PHE O 184 -41.65 12.12 -29.49
CA PHE O 184 -40.52 11.27 -29.28
C PHE O 184 -39.86 11.32 -30.61
N THR O 185 -38.56 11.60 -30.63
CA THR O 185 -37.80 11.72 -31.83
C THR O 185 -36.60 10.92 -31.48
N GLY O 186 -36.32 9.91 -32.31
CA GLY O 186 -35.31 8.94 -32.06
C GLY O 186 -34.47 9.03 -33.27
N VAL O 187 -33.22 9.52 -33.11
CA VAL O 187 -32.38 9.84 -34.23
C VAL O 187 -31.27 8.87 -34.13
N GLY O 188 -31.19 7.93 -35.12
CA GLY O 188 -30.13 6.97 -35.23
C GLY O 188 -30.03 6.10 -34.02
N GLU O 189 -31.16 5.51 -33.60
CA GLU O 189 -31.19 4.63 -32.46
C GLU O 189 -31.55 3.28 -32.95
N ARG O 190 -31.13 2.25 -32.18
CA ARG O 190 -31.28 0.86 -32.49
C ARG O 190 -32.75 0.52 -32.49
N THR O 191 -33.16 -0.36 -33.42
CA THR O 191 -34.54 -0.68 -33.72
C THR O 191 -35.21 -1.25 -32.51
N ARG O 192 -34.47 -2.06 -31.72
CA ARG O 192 -34.93 -2.74 -30.54
C ARG O 192 -35.37 -1.76 -29.51
N GLU O 193 -34.64 -0.63 -29.35
CA GLU O 193 -34.98 0.34 -28.35
C GLU O 193 -36.31 0.93 -28.69
N GLY O 194 -36.52 1.19 -29.99
CA GLY O 194 -37.78 1.66 -30.50
C GLY O 194 -38.89 0.69 -30.33
N ASN O 195 -38.65 -0.61 -30.55
CA ASN O 195 -39.65 -1.64 -30.42
C ASN O 195 -40.10 -1.78 -29.00
N ASP O 196 -39.16 -1.69 -28.05
CA ASP O 196 -39.42 -1.78 -26.65
C ASP O 196 -40.24 -0.61 -26.23
N LEU O 197 -39.86 0.59 -26.72
CA LEU O 197 -40.51 1.83 -26.39
C LEU O 197 -41.91 1.83 -26.92
N TYR O 198 -42.09 1.35 -28.15
CA TYR O 198 -43.34 1.34 -28.86
C TYR O 198 -44.31 0.48 -28.13
N ARG O 199 -43.80 -0.68 -27.66
CA ARG O 199 -44.55 -1.66 -26.95
C ARG O 199 -44.94 -1.08 -25.64
N GLU O 200 -43.98 -0.41 -24.96
CA GLU O 200 -44.17 0.13 -23.64
C GLU O 200 -45.19 1.22 -23.67
N MET O 201 -45.09 2.13 -24.66
CA MET O 201 -45.97 3.25 -24.83
C MET O 201 -47.37 2.81 -25.08
N LYS O 202 -47.51 1.77 -25.92
CA LYS O 202 -48.80 1.22 -26.20
C LYS O 202 -49.43 0.62 -24.99
N GLU O 203 -48.60 -0.07 -24.17
CA GLU O 203 -48.99 -0.68 -22.93
C GLU O 203 -49.43 0.29 -21.89
N THR O 204 -48.74 1.44 -21.77
CA THR O 204 -49.10 2.42 -20.77
C THR O 204 -50.08 3.39 -21.38
N GLY O 205 -50.57 3.09 -22.59
CA GLY O 205 -51.72 3.76 -23.15
C GLY O 205 -51.38 5.13 -23.62
N VAL O 206 -50.07 5.49 -23.59
CA VAL O 206 -49.56 6.81 -23.94
C VAL O 206 -49.79 6.90 -25.42
N ILE O 207 -49.58 5.74 -26.08
CA ILE O 207 -50.13 5.45 -27.37
C ILE O 207 -51.33 4.65 -26.95
N ASN O 208 -52.53 5.22 -27.12
CA ASN O 208 -53.75 4.46 -27.01
C ASN O 208 -54.14 4.32 -28.43
N LEU O 209 -54.58 3.12 -28.82
CA LEU O 209 -54.70 2.73 -30.19
C LEU O 209 -56.16 2.65 -30.45
N GLU O 210 -56.92 2.16 -29.44
CA GLU O 210 -58.36 2.18 -29.42
C GLU O 210 -58.83 3.60 -29.47
N GLY O 211 -58.17 4.44 -28.64
CA GLY O 211 -58.36 5.86 -28.64
C GLY O 211 -57.19 6.40 -29.36
N GLU O 212 -56.82 7.65 -29.02
CA GLU O 212 -55.72 8.34 -29.60
C GLU O 212 -54.72 8.47 -28.51
N SER O 213 -53.47 8.77 -28.91
CA SER O 213 -52.32 8.83 -28.05
C SER O 213 -52.33 10.16 -27.33
N LYS O 214 -51.13 10.68 -27.06
CA LYS O 214 -50.91 12.00 -26.53
C LYS O 214 -49.46 12.25 -26.79
N VAL O 215 -48.81 11.25 -27.43
CA VAL O 215 -47.46 11.23 -27.86
C VAL O 215 -47.54 10.94 -29.33
N ALA O 216 -46.55 11.43 -30.09
CA ALA O 216 -46.37 11.18 -31.48
C ALA O 216 -44.95 10.74 -31.49
N LEU O 217 -44.51 10.04 -32.56
CA LEU O 217 -43.21 9.46 -32.54
C LEU O 217 -42.73 9.60 -33.93
N VAL O 218 -41.42 9.85 -34.02
CA VAL O 218 -40.66 9.93 -35.22
C VAL O 218 -39.52 9.06 -34.85
N PHE O 219 -39.14 8.13 -35.74
CA PHE O 219 -38.09 7.21 -35.39
C PHE O 219 -37.27 7.03 -36.63
N GLY O 220 -35.95 7.11 -36.42
CA GLY O 220 -34.93 6.96 -37.41
C GLY O 220 -34.02 5.96 -36.80
N GLN O 221 -33.66 4.93 -37.59
CA GLN O 221 -32.93 3.79 -37.11
C GLN O 221 -31.50 4.14 -37.34
N MET O 222 -30.55 3.41 -36.70
CA MET O 222 -29.16 3.73 -36.83
C MET O 222 -28.59 2.99 -38.00
N ASN O 223 -29.43 2.20 -38.71
CA ASN O 223 -29.03 1.57 -39.93
C ASN O 223 -29.35 2.49 -41.08
N GLU O 224 -30.06 3.63 -40.84
CA GLU O 224 -30.49 4.50 -41.91
C GLU O 224 -29.29 5.19 -42.53
N PRO O 225 -29.28 5.50 -43.84
CA PRO O 225 -28.14 6.09 -44.53
C PRO O 225 -27.77 7.40 -43.91
N PRO O 226 -26.55 7.90 -43.92
CA PRO O 226 -26.14 9.04 -43.12
C PRO O 226 -26.98 10.24 -43.43
N GLY O 227 -27.27 10.44 -44.74
CA GLY O 227 -28.01 11.56 -45.25
C GLY O 227 -29.41 11.55 -44.77
N ALA O 228 -30.02 10.36 -44.66
CA ALA O 228 -31.36 10.21 -44.15
C ALA O 228 -31.39 10.65 -42.71
N ARG O 229 -30.35 10.27 -41.93
CA ARG O 229 -30.24 10.53 -40.52
C ARG O 229 -30.15 11.99 -40.23
N ALA O 230 -29.57 12.77 -41.16
CA ALA O 230 -29.44 14.19 -41.03
C ALA O 230 -30.76 14.91 -40.93
N ARG O 231 -31.81 14.47 -41.66
CA ARG O 231 -33.06 15.20 -41.67
C ARG O 231 -34.11 14.49 -40.87
N VAL O 232 -33.77 13.46 -40.05
CA VAL O 232 -34.74 12.89 -39.13
C VAL O 232 -35.13 13.92 -38.11
N ALA O 233 -34.13 14.69 -37.64
CA ALA O 233 -34.30 15.67 -36.61
C ALA O 233 -35.23 16.76 -37.05
N LEU O 234 -35.01 17.25 -38.29
CA LEU O 234 -35.73 18.37 -38.85
C LEU O 234 -37.18 18.04 -39.02
N THR O 235 -37.47 16.76 -39.33
CA THR O 235 -38.83 16.30 -39.48
C THR O 235 -39.53 16.42 -38.16
N GLY O 236 -38.85 16.00 -37.07
CA GLY O 236 -39.41 16.06 -35.74
C GLY O 236 -39.63 17.47 -35.32
N LEU O 237 -38.69 18.35 -35.71
CA LEU O 237 -38.66 19.74 -35.38
C LEU O 237 -39.86 20.43 -35.95
N THR O 238 -40.29 19.99 -37.15
CA THR O 238 -41.48 20.45 -37.79
C THR O 238 -42.70 19.99 -37.07
N ILE O 239 -42.74 18.72 -36.58
CA ILE O 239 -43.94 18.18 -35.95
C ILE O 239 -44.19 18.97 -34.69
N ALA O 240 -43.09 19.29 -34.00
CA ALA O 240 -43.07 20.03 -32.79
C ALA O 240 -43.57 21.41 -33.05
N GLU O 241 -43.16 22.01 -34.17
CA GLU O 241 -43.57 23.34 -34.53
C GLU O 241 -45.05 23.39 -34.74
N TYR O 242 -45.65 22.34 -35.35
CA TYR O 242 -47.07 22.29 -35.60
C TYR O 242 -47.84 22.31 -34.31
N PHE O 243 -47.39 21.54 -33.30
CA PHE O 243 -48.00 21.56 -32.00
C PHE O 243 -47.83 22.87 -31.30
N ARG O 244 -46.61 23.45 -31.38
CA ARG O 244 -46.20 24.64 -30.68
C ARG O 244 -47.00 25.80 -31.16
N ASP O 245 -47.20 25.85 -32.49
CA ASP O 245 -47.75 26.99 -33.16
C ASP O 245 -49.19 26.67 -33.35
N GLU O 246 -49.50 25.83 -34.35
CA GLU O 246 -50.83 25.64 -34.86
C GLU O 246 -51.79 25.10 -33.84
N GLU O 247 -51.40 24.09 -33.04
CA GLU O 247 -52.27 23.61 -31.99
C GLU O 247 -52.20 24.51 -30.79
N GLY O 248 -51.08 25.24 -30.63
CA GLY O 248 -50.93 26.27 -29.64
C GLY O 248 -51.05 25.78 -28.24
N GLN O 249 -50.46 24.60 -27.92
CA GLN O 249 -50.53 24.06 -26.59
C GLN O 249 -49.13 23.65 -26.31
N ASP O 250 -48.79 23.51 -25.00
CA ASP O 250 -47.52 23.03 -24.51
C ASP O 250 -47.29 21.62 -24.94
N VAL O 251 -46.01 21.29 -25.25
CA VAL O 251 -45.70 20.06 -25.90
C VAL O 251 -44.68 19.47 -24.96
N LEU O 252 -43.95 18.44 -25.42
CA LEU O 252 -42.87 17.83 -24.73
C LEU O 252 -42.11 17.30 -25.90
N LEU O 253 -40.83 16.98 -25.72
CA LEU O 253 -40.03 16.56 -26.81
C LEU O 253 -38.89 15.81 -26.24
N PHE O 254 -38.50 14.74 -26.93
CA PHE O 254 -37.37 13.95 -26.55
C PHE O 254 -36.69 13.80 -27.86
N ILE O 255 -35.35 13.85 -27.81
CA ILE O 255 -34.49 13.82 -28.95
C ILE O 255 -33.37 13.04 -28.37
N ASP O 256 -32.95 11.99 -29.09
CA ASP O 256 -31.89 11.15 -28.65
C ASP O 256 -31.72 10.27 -29.83
N ASN O 257 -30.59 10.30 -30.56
CA ASN O 257 -29.29 10.65 -30.07
C ASN O 257 -28.90 11.72 -31.03
N ILE O 258 -28.57 12.93 -30.53
CA ILE O 258 -28.35 14.08 -31.37
C ILE O 258 -26.87 14.16 -31.62
N PHE O 259 -26.08 13.22 -31.04
CA PHE O 259 -24.71 13.04 -31.42
C PHE O 259 -24.74 12.48 -32.83
N ARG O 260 -25.73 11.62 -33.14
CA ARG O 260 -25.86 11.04 -34.44
C ARG O 260 -26.20 12.08 -35.48
N PHE O 261 -26.94 13.16 -35.10
CA PHE O 261 -27.23 14.27 -35.97
C PHE O 261 -25.98 14.97 -36.36
N THR O 262 -25.11 15.20 -35.36
CA THR O 262 -23.85 15.85 -35.57
C THR O 262 -22.98 14.99 -36.43
N GLN O 263 -22.98 13.67 -36.15
CA GLN O 263 -22.16 12.69 -36.78
C GLN O 263 -22.51 12.57 -38.21
N ALA O 264 -23.82 12.59 -38.50
CA ALA O 264 -24.36 12.43 -39.81
C ALA O 264 -23.91 13.55 -40.67
N GLY O 265 -23.90 14.77 -40.07
CA GLY O 265 -23.50 15.96 -40.75
C GLY O 265 -22.05 15.91 -41.14
N SER O 266 -21.21 15.39 -40.23
CA SER O 266 -19.80 15.24 -40.46
C SER O 266 -19.53 14.29 -41.60
N GLU O 267 -20.32 13.20 -41.69
CA GLU O 267 -20.21 12.28 -42.78
C GLU O 267 -20.52 12.90 -44.12
N VAL O 268 -21.65 13.63 -44.23
CA VAL O 268 -22.02 14.14 -45.53
C VAL O 268 -21.11 15.25 -45.99
N SER O 269 -20.53 16.03 -45.06
CA SER O 269 -19.77 17.22 -45.37
C SER O 269 -18.59 16.95 -46.23
N ALA O 270 -17.88 15.85 -45.90
CA ALA O 270 -16.70 15.44 -46.59
C ALA O 270 -17.07 15.10 -48.00
N LEU O 271 -18.16 14.33 -48.15
CA LEU O 271 -18.64 13.86 -49.42
C LEU O 271 -19.07 15.03 -50.25
N LEU O 272 -19.66 16.06 -49.61
CA LEU O 272 -20.17 17.24 -50.26
C LEU O 272 -19.02 17.95 -50.91
N GLY O 273 -17.86 17.97 -50.23
CA GLY O 273 -16.64 18.45 -50.79
C GLY O 273 -16.08 19.46 -49.86
N ARG O 274 -16.77 19.72 -48.74
CA ARG O 274 -16.39 20.74 -47.79
C ARG O 274 -15.09 20.31 -47.14
N ILE O 275 -14.18 21.28 -46.87
CA ILE O 275 -12.93 21.02 -46.16
C ILE O 275 -13.32 20.64 -44.76
N PRO O 276 -12.95 19.50 -44.20
CA PRO O 276 -13.53 19.06 -42.94
C PRO O 276 -12.73 19.68 -41.85
N SER O 277 -13.41 20.31 -40.86
CA SER O 277 -12.75 20.98 -39.79
C SER O 277 -12.27 19.94 -38.81
N ALA O 278 -11.40 20.37 -37.88
CA ALA O 278 -10.72 19.62 -36.86
C ALA O 278 -11.48 18.47 -36.27
N VAL O 279 -10.75 17.37 -35.99
CA VAL O 279 -11.22 16.07 -35.56
C VAL O 279 -11.74 15.42 -36.80
N GLY O 280 -12.88 15.91 -37.29
CA GLY O 280 -13.35 15.59 -38.60
C GLY O 280 -14.58 16.38 -38.81
N TYR O 281 -15.12 17.01 -37.73
CA TYR O 281 -16.40 17.66 -37.74
C TYR O 281 -16.54 18.68 -38.83
N GLN O 282 -17.77 18.77 -39.35
CA GLN O 282 -18.17 19.58 -40.47
C GLN O 282 -17.85 21.02 -40.22
N PRO O 283 -17.50 21.85 -41.19
CA PRO O 283 -17.26 23.27 -40.95
C PRO O 283 -18.55 23.94 -40.62
N THR O 284 -19.70 23.33 -40.99
CA THR O 284 -21.01 23.89 -40.83
C THR O 284 -21.58 23.41 -39.52
N LEU O 285 -20.72 23.06 -38.53
CA LEU O 285 -21.16 22.47 -37.30
C LEU O 285 -21.93 23.49 -36.51
N ALA O 286 -21.40 24.73 -36.48
CA ALA O 286 -22.01 25.77 -35.73
C ALA O 286 -23.34 26.16 -36.28
N THR O 287 -23.46 26.31 -37.62
CA THR O 287 -24.70 26.73 -38.22
C THR O 287 -25.81 25.74 -38.02
N ASP O 288 -25.51 24.44 -38.19
CA ASP O 288 -26.51 23.40 -38.10
C ASP O 288 -27.04 23.30 -36.71
N MET O 289 -26.14 23.40 -35.71
CA MET O 289 -26.50 23.35 -34.32
C MET O 289 -27.38 24.52 -33.98
N GLY O 290 -27.09 25.69 -34.57
CA GLY O 290 -27.77 26.92 -34.30
C GLY O 290 -29.20 26.83 -34.70
N LEU O 291 -29.47 26.32 -35.92
CA LEU O 291 -30.82 26.23 -36.42
C LEU O 291 -31.63 25.29 -35.59
N LEU O 292 -31.03 24.13 -35.23
CA LEU O 292 -31.72 23.10 -34.52
C LEU O 292 -32.12 23.56 -33.17
N GLN O 293 -31.20 24.25 -32.49
CA GLN O 293 -31.43 24.57 -31.12
C GLN O 293 -32.20 25.84 -30.97
N GLU O 294 -32.43 26.58 -32.06
CA GLU O 294 -33.22 27.78 -31.99
C GLU O 294 -34.58 27.56 -32.52
N ARG O 295 -34.91 26.33 -32.92
CA ARG O 295 -36.25 26.02 -33.34
C ARG O 295 -36.93 25.23 -32.28
N ILE O 296 -36.26 24.99 -31.12
CA ILE O 296 -36.91 24.32 -30.00
C ILE O 296 -37.24 25.30 -28.92
N THR O 297 -37.01 26.60 -29.18
CA THR O 297 -37.21 27.66 -28.22
C THR O 297 -38.63 27.79 -27.72
N THR O 298 -38.80 28.23 -26.45
CA THR O 298 -40.08 28.46 -25.83
C THR O 298 -40.40 29.86 -26.29
N THR O 299 -41.57 30.02 -26.92
CA THR O 299 -42.01 31.27 -27.47
C THR O 299 -43.30 31.57 -26.80
N LYS O 300 -43.95 32.69 -27.20
CA LYS O 300 -45.23 33.08 -26.67
C LYS O 300 -46.26 32.18 -27.26
N LYS O 301 -45.98 31.61 -28.46
CA LYS O 301 -46.75 30.57 -29.09
C LYS O 301 -46.84 29.29 -28.31
N GLY O 302 -45.74 28.81 -27.70
CA GLY O 302 -45.85 27.61 -26.91
C GLY O 302 -44.57 27.31 -26.22
N SER O 303 -44.67 26.46 -25.17
CA SER O 303 -43.59 26.10 -24.30
C SER O 303 -43.38 24.62 -24.45
N VAL O 304 -42.18 24.26 -24.94
CA VAL O 304 -41.88 22.94 -25.37
C VAL O 304 -40.75 22.52 -24.51
N THR O 305 -40.98 21.50 -23.63
CA THR O 305 -39.91 21.01 -22.81
C THR O 305 -39.18 20.05 -23.71
N SER O 306 -37.85 20.19 -23.86
CA SER O 306 -37.07 19.42 -24.80
C SER O 306 -35.99 18.74 -24.03
N VAL O 307 -35.61 17.54 -24.51
CA VAL O 307 -34.61 16.69 -23.91
C VAL O 307 -33.73 16.28 -25.03
N GLN O 308 -32.41 16.53 -24.92
CA GLN O 308 -31.46 16.29 -25.96
C GLN O 308 -30.43 15.38 -25.36
N ALA O 309 -29.94 14.36 -26.11
CA ALA O 309 -29.09 13.36 -25.55
C ALA O 309 -27.93 13.16 -26.48
N VAL O 310 -26.70 13.41 -26.01
CA VAL O 310 -25.49 13.35 -26.81
C VAL O 310 -24.63 12.28 -26.23
N TYR O 311 -24.38 11.18 -26.99
CA TYR O 311 -23.43 10.16 -26.61
C TYR O 311 -22.10 10.82 -26.76
N VAL O 312 -21.32 10.87 -25.66
CA VAL O 312 -20.06 11.57 -25.63
C VAL O 312 -19.11 10.90 -26.58
N PRO O 313 -18.58 11.51 -27.62
CA PRO O 313 -17.74 10.86 -28.60
C PRO O 313 -16.45 10.43 -27.96
N ALA O 314 -16.27 9.10 -27.80
CA ALA O 314 -15.11 8.48 -27.21
C ALA O 314 -14.91 8.88 -25.78
N ASP O 315 -15.98 9.39 -25.12
CA ASP O 315 -15.99 9.77 -23.74
C ASP O 315 -15.22 11.06 -23.54
N ASP O 316 -14.96 11.81 -24.62
CA ASP O 316 -14.24 13.06 -24.55
C ASP O 316 -15.24 14.16 -24.63
N LEU O 317 -15.33 14.97 -23.54
CA LEU O 317 -16.27 16.07 -23.45
C LEU O 317 -15.65 17.27 -24.11
N THR O 318 -14.32 17.24 -24.31
CA THR O 318 -13.61 18.35 -24.86
C THR O 318 -13.76 18.38 -26.34
N ASP O 319 -14.23 17.27 -26.97
CA ASP O 319 -14.46 17.21 -28.40
C ASP O 319 -15.45 18.26 -28.85
N PRO O 320 -15.36 18.77 -30.09
CA PRO O 320 -16.10 19.95 -30.48
C PRO O 320 -17.57 19.73 -30.47
N ALA O 321 -18.02 18.49 -30.74
CA ALA O 321 -19.43 18.20 -30.72
C ALA O 321 -20.00 18.36 -29.35
N PRO O 322 -19.46 17.88 -28.23
CA PRO O 322 -20.01 18.20 -26.94
C PRO O 322 -19.84 19.65 -26.65
N ALA O 323 -18.75 20.29 -27.11
CA ALA O 323 -18.50 21.66 -26.81
C ALA O 323 -19.62 22.55 -27.30
N THR O 324 -20.10 22.30 -28.54
CA THR O 324 -21.16 23.09 -29.10
C THR O 324 -22.49 22.71 -28.53
N THR O 325 -22.61 21.53 -27.88
CA THR O 325 -23.83 21.16 -27.20
C THR O 325 -24.01 21.98 -25.96
N PHE O 326 -22.91 22.27 -25.24
CA PHE O 326 -22.96 22.97 -23.98
C PHE O 326 -23.54 24.34 -24.16
N ALA O 327 -23.33 24.93 -25.35
CA ALA O 327 -23.85 26.21 -25.73
C ALA O 327 -25.35 26.33 -25.69
N HIS O 328 -26.11 25.27 -26.03
CA HIS O 328 -27.54 25.38 -26.10
C HIS O 328 -28.21 24.46 -25.14
N LEU O 329 -27.98 24.62 -23.83
CA LEU O 329 -28.63 23.80 -22.85
C LEU O 329 -29.03 24.73 -21.75
N ASP O 330 -30.33 24.73 -21.37
CA ASP O 330 -30.81 25.45 -20.20
C ASP O 330 -30.27 24.83 -18.94
N ALA O 331 -30.22 23.49 -18.90
CA ALA O 331 -29.65 22.74 -17.82
C ALA O 331 -28.92 21.59 -18.44
N THR O 332 -27.87 21.08 -17.77
CA THR O 332 -27.15 19.94 -18.28
C THR O 332 -26.94 19.03 -17.10
N THR O 333 -26.82 17.72 -17.42
CA THR O 333 -26.65 16.64 -16.50
C THR O 333 -25.72 15.65 -17.12
N VAL O 334 -24.40 15.95 -17.10
CA VAL O 334 -23.38 15.13 -17.69
C VAL O 334 -23.37 13.79 -17.00
N LEU O 335 -23.30 12.67 -17.75
CA LEU O 335 -23.47 11.35 -17.20
C LEU O 335 -22.13 10.78 -17.45
N SER O 336 -21.51 10.13 -16.43
CA SER O 336 -20.13 9.75 -16.49
C SER O 336 -19.99 8.32 -16.08
N ARG O 337 -19.13 7.59 -16.83
CA ARG O 337 -18.87 6.19 -16.72
C ARG O 337 -18.29 5.86 -15.39
N GLY O 338 -17.48 6.77 -14.81
CA GLY O 338 -16.83 6.55 -13.54
C GLY O 338 -17.84 6.39 -12.47
N ILE O 339 -18.87 7.26 -12.45
CA ILE O 339 -19.90 7.25 -11.45
C ILE O 339 -20.79 6.02 -11.62
N SER O 340 -20.90 5.52 -12.87
CA SER O 340 -21.58 4.28 -13.18
C SER O 340 -20.84 3.14 -12.55
N GLU O 341 -19.48 3.18 -12.64
CA GLU O 341 -18.59 2.20 -12.09
C GLU O 341 -18.68 2.23 -10.59
N LEU O 342 -18.92 3.44 -10.00
CA LEU O 342 -19.12 3.59 -8.58
C LEU O 342 -20.41 2.94 -8.16
N GLY O 343 -21.27 2.59 -9.12
CA GLY O 343 -22.43 1.77 -8.91
C GLY O 343 -23.60 2.63 -8.66
N ILE O 344 -23.43 3.95 -8.87
CA ILE O 344 -24.44 4.91 -8.56
C ILE O 344 -25.22 4.97 -9.82
N TYR O 345 -26.53 4.76 -9.71
CA TYR O 345 -27.45 4.88 -10.81
C TYR O 345 -28.34 5.94 -10.24
N PRO O 346 -28.28 7.18 -10.69
CA PRO O 346 -27.94 7.57 -12.04
C PRO O 346 -26.46 7.79 -12.08
N ALA O 347 -25.88 7.96 -13.28
CA ALA O 347 -24.46 8.00 -13.48
C ALA O 347 -24.01 9.43 -13.57
N VAL O 348 -24.86 10.38 -13.13
CA VAL O 348 -24.63 11.79 -13.23
C VAL O 348 -23.41 12.19 -12.44
N ASP O 349 -22.46 12.97 -13.04
CA ASP O 349 -21.34 13.53 -12.32
C ASP O 349 -21.91 14.54 -11.38
N PRO O 350 -21.50 14.64 -10.13
CA PRO O 350 -22.28 15.46 -9.22
C PRO O 350 -21.62 16.79 -9.17
N LEU O 351 -20.41 16.90 -9.73
CA LEU O 351 -19.70 18.13 -9.77
C LEU O 351 -19.81 18.65 -11.17
N ASP O 352 -20.53 17.93 -12.07
CA ASP O 352 -20.69 18.39 -13.42
C ASP O 352 -22.14 18.26 -13.75
N SER O 353 -22.95 19.09 -13.06
CA SER O 353 -24.32 19.30 -13.38
C SER O 353 -24.52 20.73 -13.03
N LYS O 354 -25.41 21.42 -13.76
CA LYS O 354 -25.66 22.81 -13.57
C LYS O 354 -27.03 22.99 -14.13
N SER O 355 -27.72 24.05 -13.69
CA SER O 355 -28.97 24.41 -14.29
C SER O 355 -29.04 25.86 -14.05
N ARG O 356 -29.80 26.57 -14.92
CA ARG O 356 -29.97 27.99 -14.83
C ARG O 356 -30.85 28.26 -13.65
N LEU O 357 -31.63 27.25 -13.22
CA LEU O 357 -32.51 27.37 -12.10
C LEU O 357 -31.83 26.82 -10.89
N LEU O 358 -30.47 26.82 -10.86
CA LEU O 358 -29.74 26.42 -9.69
C LEU O 358 -29.48 27.68 -8.90
N ASP O 359 -30.01 28.84 -9.39
CA ASP O 359 -29.97 30.10 -8.69
C ASP O 359 -30.68 30.02 -7.37
N ALA O 360 -30.05 30.64 -6.36
CA ALA O 360 -30.32 30.44 -4.97
C ALA O 360 -31.71 30.81 -4.61
N ALA O 361 -32.16 31.96 -5.13
CA ALA O 361 -33.48 32.50 -4.92
C ALA O 361 -34.53 31.61 -5.49
N VAL O 362 -34.29 31.09 -6.71
CA VAL O 362 -35.25 30.31 -7.47
C VAL O 362 -35.70 29.11 -6.70
N VAL O 363 -34.78 28.37 -6.06
CA VAL O 363 -35.15 27.18 -5.33
C VAL O 363 -35.13 27.45 -3.86
N GLY O 364 -34.99 28.73 -3.48
CA GLY O 364 -35.07 29.14 -2.12
C GLY O 364 -33.73 28.91 -1.51
N GLN O 365 -33.47 29.70 -0.47
CA GLN O 365 -32.17 29.78 0.15
C GLN O 365 -31.85 28.46 0.77
N GLU O 366 -32.85 27.80 1.39
CA GLU O 366 -32.64 26.53 2.05
C GLU O 366 -32.22 25.46 1.11
N HIS O 367 -32.81 25.37 -0.10
CA HIS O 367 -32.39 24.40 -1.07
C HIS O 367 -30.98 24.69 -1.47
N TYR O 368 -30.70 25.99 -1.74
CA TYR O 368 -29.43 26.39 -2.25
C TYR O 368 -28.33 26.14 -1.27
N ASP O 369 -28.59 26.39 0.03
CA ASP O 369 -27.63 26.21 1.08
C ASP O 369 -27.30 24.77 1.20
N VAL O 370 -28.32 23.91 1.12
CA VAL O 370 -28.13 22.48 1.17
C VAL O 370 -27.28 22.03 0.02
N ALA O 371 -27.55 22.55 -1.19
CA ALA O 371 -26.84 22.14 -2.37
C ALA O 371 -25.43 22.60 -2.33
N SER O 372 -25.20 23.81 -1.79
CA SER O 372 -23.91 24.42 -1.65
C SER O 372 -23.05 23.55 -0.81
N LYS O 373 -23.61 23.08 0.32
CA LYS O 373 -22.87 22.28 1.24
C LYS O 373 -22.55 20.95 0.66
N VAL O 374 -23.47 20.36 -0.15
CA VAL O 374 -23.20 19.09 -0.78
C VAL O 374 -22.07 19.24 -1.73
N GLN O 375 -22.06 20.35 -2.51
CA GLN O 375 -21.06 20.56 -3.52
C GLN O 375 -19.72 20.73 -2.90
N GLU O 376 -19.63 21.52 -1.81
CA GLU O 376 -18.39 21.77 -1.15
C GLU O 376 -17.83 20.51 -0.54
N THR O 377 -18.70 19.70 0.09
CA THR O 377 -18.29 18.48 0.74
C THR O 377 -17.75 17.50 -0.25
N LEU O 378 -18.45 17.33 -1.39
CA LEU O 378 -18.06 16.39 -2.40
C LEU O 378 -16.80 16.81 -3.09
N GLN O 379 -16.61 18.13 -3.28
CA GLN O 379 -15.44 18.64 -3.94
C GLN O 379 -14.24 18.41 -3.10
N THR O 380 -14.39 18.55 -1.76
CA THR O 380 -13.35 18.24 -0.81
C THR O 380 -13.01 16.78 -0.92
N TYR O 381 -14.04 15.93 -1.05
CA TYR O 381 -13.87 14.51 -1.07
C TYR O 381 -13.12 14.07 -2.30
N LYS O 382 -13.44 14.68 -3.44
CA LYS O 382 -12.71 14.48 -4.66
C LYS O 382 -11.31 14.97 -4.58
N SER O 383 -11.09 16.10 -3.88
CA SER O 383 -9.77 16.63 -3.70
C SER O 383 -8.93 15.69 -2.90
N LEU O 384 -9.53 15.05 -1.90
CA LEU O 384 -8.80 14.15 -1.07
C LEU O 384 -8.86 12.77 -1.63
N GLN O 385 -9.40 12.56 -2.86
CA GLN O 385 -9.35 11.24 -3.46
C GLN O 385 -7.95 10.85 -3.74
N ASP O 386 -7.10 11.82 -4.15
CA ASP O 386 -5.70 11.56 -4.34
C ASP O 386 -5.05 11.12 -3.07
N ILE O 387 -5.23 11.89 -1.97
CA ILE O 387 -4.49 11.64 -0.76
C ILE O 387 -4.90 10.33 -0.16
N ILE O 388 -6.21 10.02 -0.19
CA ILE O 388 -6.79 8.83 0.38
C ILE O 388 -6.21 7.63 -0.29
N ALA O 389 -6.11 7.70 -1.62
CA ALA O 389 -5.58 6.65 -2.43
C ALA O 389 -4.11 6.48 -2.29
N ILE O 390 -3.31 7.58 -2.30
CA ILE O 390 -1.87 7.49 -2.24
C ILE O 390 -1.46 6.92 -0.91
N LEU O 391 -2.13 7.38 0.14
CA LEU O 391 -1.93 6.92 1.48
C LEU O 391 -3.14 6.12 1.75
N GLY O 392 -3.71 6.29 2.95
CA GLY O 392 -4.90 5.64 3.40
C GLY O 392 -5.80 6.74 3.76
N MET O 393 -6.96 6.40 4.36
CA MET O 393 -7.96 7.36 4.73
C MET O 393 -7.73 7.63 6.19
N ASP O 394 -6.87 6.82 6.84
CA ASP O 394 -6.54 6.99 8.24
C ASP O 394 -5.38 7.92 8.39
N GLU O 395 -4.83 8.43 7.27
CA GLU O 395 -3.72 9.35 7.33
C GLU O 395 -4.26 10.74 7.11
N LEU O 396 -5.59 10.86 6.85
CA LEU O 396 -6.30 12.11 6.82
C LEU O 396 -6.33 12.75 8.16
N SER O 397 -6.37 14.11 8.15
CA SER O 397 -6.55 14.94 9.32
C SER O 397 -7.91 14.58 9.86
N GLU O 398 -8.09 14.63 11.19
CA GLU O 398 -9.26 14.10 11.83
C GLU O 398 -10.51 14.81 11.39
N GLN O 399 -10.43 16.15 11.25
CA GLN O 399 -11.52 16.98 10.83
C GLN O 399 -11.96 16.61 9.44
N ASP O 400 -10.96 16.40 8.56
CA ASP O 400 -11.19 16.03 7.20
C ASP O 400 -11.76 14.65 7.11
N LYS O 401 -11.30 13.74 7.99
CA LYS O 401 -11.71 12.36 7.97
C LYS O 401 -13.16 12.23 8.28
N LEU O 402 -13.70 13.10 9.15
CA LEU O 402 -15.10 13.19 9.41
C LEU O 402 -15.85 13.63 8.19
N THR O 403 -15.30 14.65 7.48
CA THR O 403 -15.91 15.21 6.31
C THR O 403 -16.01 14.15 5.25
N VAL O 404 -14.92 13.39 5.08
CA VAL O 404 -14.77 12.32 4.13
C VAL O 404 -15.74 11.23 4.39
N GLU O 405 -15.94 10.86 5.67
CA GLU O 405 -16.89 9.84 6.03
C GLU O 405 -18.28 10.28 5.70
N ARG O 406 -18.60 11.56 5.98
CA ARG O 406 -19.87 12.13 5.61
C ARG O 406 -20.07 12.09 4.13
N ALA O 407 -19.03 12.43 3.35
CA ALA O 407 -19.12 12.48 1.92
C ALA O 407 -19.33 11.13 1.31
N ARG O 408 -18.71 10.09 1.91
CA ARG O 408 -18.86 8.73 1.46
C ARG O 408 -20.28 8.30 1.60
N LYS O 409 -20.94 8.72 2.69
CA LYS O 409 -22.34 8.52 2.90
C LYS O 409 -23.18 9.25 1.90
N ILE O 410 -22.83 10.52 1.57
CA ILE O 410 -23.61 11.35 0.66
C ILE O 410 -23.61 10.70 -0.68
N GLN O 411 -22.45 10.14 -1.09
CA GLN O 411 -22.28 9.54 -2.39
C GLN O 411 -23.18 8.36 -2.53
N ARG O 412 -23.23 7.51 -1.47
CA ARG O 412 -24.04 6.32 -1.46
C ARG O 412 -25.49 6.67 -1.47
N PHE O 413 -25.86 7.78 -0.80
CA PHE O 413 -27.22 8.23 -0.67
C PHE O 413 -27.78 8.58 -2.02
N LEU O 414 -26.94 9.14 -2.93
CA LEU O 414 -27.39 9.62 -4.21
C LEU O 414 -28.02 8.56 -5.08
N SER O 415 -27.62 7.26 -4.94
CA SER O 415 -28.25 6.20 -5.69
C SER O 415 -29.63 5.88 -5.18
N GLN O 416 -30.59 5.97 -6.13
CA GLN O 416 -32.01 5.82 -5.92
C GLN O 416 -32.41 4.78 -6.92
N PRO O 417 -33.12 3.70 -6.62
CA PRO O 417 -33.67 2.81 -7.63
C PRO O 417 -34.68 3.50 -8.52
N PHE O 418 -34.80 3.06 -9.80
CA PHE O 418 -35.61 3.71 -10.80
C PHE O 418 -36.61 2.75 -11.30
N ALA O 419 -37.87 3.22 -11.38
CA ALA O 419 -39.05 2.43 -11.65
C ALA O 419 -39.01 1.79 -12.99
N VAL O 420 -38.63 2.54 -14.04
CA VAL O 420 -38.58 1.99 -15.37
C VAL O 420 -37.14 1.73 -15.57
N ALA O 421 -36.72 0.66 -14.88
CA ALA O 421 -35.44 0.02 -14.90
C ALA O 421 -35.45 -0.78 -13.64
N GLU O 422 -36.63 -0.97 -13.00
CA GLU O 422 -36.75 -1.68 -11.75
C GLU O 422 -36.30 -3.09 -11.93
N VAL O 423 -36.59 -3.66 -13.13
CA VAL O 423 -36.19 -4.96 -13.55
C VAL O 423 -34.69 -5.03 -13.60
N PHE O 424 -34.08 -4.04 -14.27
CA PHE O 424 -32.67 -4.02 -14.57
C PHE O 424 -31.84 -3.86 -13.34
N THR O 425 -32.25 -2.93 -12.45
CA THR O 425 -31.62 -2.74 -11.16
C THR O 425 -31.86 -3.93 -10.29
N GLY O 426 -33.09 -4.47 -10.37
CA GLY O 426 -33.54 -5.59 -9.60
C GLY O 426 -34.08 -5.10 -8.30
N ILE O 427 -34.34 -3.80 -8.18
CA ILE O 427 -34.80 -3.17 -6.98
C ILE O 427 -36.08 -2.51 -7.42
N PRO O 428 -37.22 -2.64 -6.73
CA PRO O 428 -38.42 -1.86 -7.02
C PRO O 428 -38.15 -0.38 -6.94
N GLY O 429 -38.60 0.41 -7.94
CA GLY O 429 -38.26 1.81 -8.09
C GLY O 429 -38.72 2.72 -6.99
N LYS O 430 -38.30 4.00 -7.09
CA LYS O 430 -38.56 5.02 -6.12
C LYS O 430 -38.65 6.31 -6.85
N LEU O 431 -39.62 7.16 -6.44
CA LEU O 431 -39.77 8.51 -6.89
C LEU O 431 -39.96 9.23 -5.60
N VAL O 432 -39.08 10.21 -5.30
CA VAL O 432 -39.06 10.86 -4.02
C VAL O 432 -39.34 12.31 -4.28
N ARG O 433 -40.16 12.92 -3.39
CA ARG O 433 -40.63 14.29 -3.45
C ARG O 433 -39.46 15.23 -3.36
N LEU O 434 -39.55 16.41 -4.01
CA LEU O 434 -38.54 17.45 -3.95
C LEU O 434 -38.42 17.98 -2.57
N LYS O 435 -39.55 18.17 -1.87
CA LYS O 435 -39.58 18.70 -0.54
C LYS O 435 -38.89 17.77 0.40
N ASP O 436 -39.12 16.44 0.19
CA ASP O 436 -38.47 15.40 0.92
C ASP O 436 -37.01 15.39 0.65
N THR O 437 -36.59 15.62 -0.62
CA THR O 437 -35.20 15.54 -1.00
C THR O 437 -34.40 16.55 -0.24
N VAL O 438 -34.90 17.79 -0.14
CA VAL O 438 -34.20 18.89 0.49
C VAL O 438 -34.03 18.57 1.94
N ALA O 439 -35.10 18.00 2.55
CA ALA O 439 -35.14 17.64 3.93
C ALA O 439 -34.12 16.58 4.21
N SER O 440 -34.04 15.58 3.32
CA SER O 440 -33.22 14.41 3.49
C SER O 440 -31.77 14.79 3.48
N PHE O 441 -31.37 15.65 2.52
CA PHE O 441 -30.00 16.04 2.42
C PHE O 441 -29.61 16.91 3.58
N LYS O 442 -30.56 17.75 4.07
CA LYS O 442 -30.30 18.69 5.13
C LYS O 442 -29.87 17.96 6.36
N ALA O 443 -30.62 16.88 6.67
CA ALA O 443 -30.40 16.04 7.81
C ALA O 443 -29.07 15.39 7.72
N VAL O 444 -28.73 14.86 6.52
CA VAL O 444 -27.50 14.14 6.28
C VAL O 444 -26.32 15.04 6.46
N LEU O 445 -26.45 16.30 6.01
CA LEU O 445 -25.41 17.29 6.13
C LEU O 445 -25.18 17.66 7.55
N GLU O 446 -26.22 17.55 8.39
CA GLU O 446 -26.10 17.79 9.80
C GLU O 446 -25.80 16.50 10.51
N GLY O 447 -25.61 15.40 9.75
CA GLY O 447 -25.15 14.13 10.23
C GLY O 447 -26.13 13.44 11.13
N LYS O 448 -27.44 13.76 10.98
CA LYS O 448 -28.50 13.31 11.87
C LYS O 448 -28.59 11.82 11.83
N TYR O 449 -28.52 11.26 10.61
CA TYR O 449 -28.68 9.85 10.40
C TYR O 449 -27.32 9.28 10.13
N ASP O 450 -26.24 10.07 10.29
CA ASP O 450 -24.92 9.54 10.14
C ASP O 450 -24.58 8.91 11.45
N ASN O 451 -24.70 7.57 11.45
CA ASN O 451 -24.47 6.72 12.58
C ASN O 451 -24.92 5.34 12.19
N ILE O 452 -25.36 5.14 10.93
CA ILE O 452 -25.90 3.87 10.49
C ILE O 452 -25.21 3.58 9.17
N PRO O 453 -25.14 2.31 8.72
CA PRO O 453 -24.30 1.88 7.61
C PRO O 453 -24.35 2.69 6.35
N GLU O 454 -23.20 2.79 5.68
CA GLU O 454 -23.05 3.33 4.36
C GLU O 454 -23.78 2.50 3.36
N HIS O 455 -23.83 1.17 3.62
CA HIS O 455 -24.57 0.21 2.85
C HIS O 455 -26.03 0.53 2.90
N ALA O 456 -26.54 1.00 4.07
CA ALA O 456 -27.92 1.39 4.21
C ALA O 456 -28.28 2.54 3.28
N PHE O 457 -27.39 3.55 3.14
CA PHE O 457 -27.60 4.66 2.24
C PHE O 457 -27.67 4.22 0.79
N TYR O 458 -26.82 3.24 0.43
CA TYR O 458 -26.62 2.75 -0.92
C TYR O 458 -27.86 2.16 -1.53
N MET O 459 -28.06 2.49 -2.83
CA MET O 459 -29.12 2.11 -3.75
C MET O 459 -30.50 2.01 -3.19
N VAL O 460 -30.90 2.96 -2.32
CA VAL O 460 -32.26 2.99 -1.83
C VAL O 460 -32.65 4.41 -1.90
N GLY O 461 -33.98 4.65 -1.77
CA GLY O 461 -34.60 5.93 -1.91
C GLY O 461 -34.36 6.76 -0.67
N GLY O 462 -35.42 7.50 -0.26
CA GLY O 462 -35.47 8.48 0.80
C GLY O 462 -34.83 8.12 2.10
N ILE O 463 -34.70 9.13 2.99
CA ILE O 463 -34.03 9.05 4.26
C ILE O 463 -34.72 8.05 5.14
N GLU O 464 -36.06 8.00 5.06
CA GLU O 464 -36.89 7.09 5.82
C GLU O 464 -36.54 5.68 5.44
N ASP O 465 -36.32 5.43 4.12
CA ASP O 465 -35.95 4.14 3.61
C ASP O 465 -34.62 3.72 4.15
N VAL O 466 -33.66 4.66 4.30
CA VAL O 466 -32.34 4.36 4.84
C VAL O 466 -32.45 3.83 6.24
N VAL O 467 -33.32 4.46 7.07
CA VAL O 467 -33.56 4.10 8.44
C VAL O 467 -34.10 2.70 8.49
N ALA O 468 -35.09 2.42 7.62
CA ALA O 468 -35.73 1.14 7.55
C ALA O 468 -34.76 0.08 7.13
N LYS O 469 -33.88 0.39 6.16
CA LYS O 469 -32.88 -0.53 5.70
C LYS O 469 -31.82 -0.76 6.72
N ALA O 470 -31.63 0.18 7.67
CA ALA O 470 -30.75 -0.05 8.80
C ALA O 470 -31.34 -1.13 9.66
N GLU O 471 -32.66 -1.10 9.86
CA GLU O 471 -33.37 -2.14 10.59
C GLU O 471 -33.24 -3.46 9.89
N LYS O 472 -33.32 -3.47 8.55
CA LYS O 472 -33.14 -4.67 7.76
C LYS O 472 -31.77 -5.24 7.95
N LEU O 473 -30.75 -4.36 7.94
CA LEU O 473 -29.36 -4.73 8.10
C LEU O 473 -29.12 -5.24 9.49
N ALA O 474 -29.79 -4.63 10.49
CA ALA O 474 -29.63 -4.95 11.88
C ALA O 474 -30.04 -6.38 12.12
N ALA O 475 -31.12 -6.82 11.44
CA ALA O 475 -31.45 -8.22 11.39
C ALA O 475 -30.37 -8.93 10.55
N SER P 6 13.67 54.86 -64.78
CA SER P 6 12.98 53.55 -64.64
C SER P 6 11.79 53.52 -65.56
N THR P 7 10.96 52.46 -65.41
CA THR P 7 9.79 52.24 -66.20
C THR P 7 8.70 52.24 -65.16
N PRO P 8 7.60 52.98 -65.32
CA PRO P 8 6.53 52.94 -64.35
C PRO P 8 5.63 51.81 -64.79
N ILE P 9 6.06 50.56 -64.50
CA ILE P 9 5.35 49.37 -64.86
C ILE P 9 4.06 49.37 -64.09
N THR P 10 2.93 49.28 -64.81
CA THR P 10 1.62 49.29 -64.23
C THR P 10 1.27 47.86 -64.02
N GLY P 11 0.55 47.58 -62.92
CA GLY P 11 0.08 46.26 -62.64
C GLY P 11 -1.34 46.47 -62.32
N LYS P 12 -2.18 45.46 -62.53
CA LYS P 12 -3.57 45.58 -62.22
C LYS P 12 -3.74 44.47 -61.27
N VAL P 13 -4.41 44.74 -60.12
CA VAL P 13 -4.60 43.72 -59.12
C VAL P 13 -5.49 42.67 -59.72
N THR P 14 -5.28 41.39 -59.38
CA THR P 14 -6.10 40.34 -59.94
C THR P 14 -6.79 39.63 -58.84
N ALA P 15 -6.13 39.51 -57.68
CA ALA P 15 -6.74 38.79 -56.60
C ALA P 15 -6.30 39.36 -55.32
N VAL P 16 -7.28 39.80 -54.50
CA VAL P 16 -7.01 40.27 -53.18
C VAL P 16 -7.50 39.13 -52.34
N ILE P 17 -6.54 38.50 -51.65
CA ILE P 17 -6.77 37.36 -50.82
C ILE P 17 -5.98 37.73 -49.61
N GLY P 18 -6.44 38.79 -48.91
CA GLY P 18 -5.74 39.33 -47.76
C GLY P 18 -4.45 39.97 -48.17
N ALA P 19 -3.38 39.77 -47.34
CA ALA P 19 -2.03 40.25 -47.54
C ALA P 19 -1.47 39.87 -48.87
N ILE P 20 -1.82 38.64 -49.31
CA ILE P 20 -1.49 38.16 -50.61
C ILE P 20 -2.30 38.97 -51.57
N VAL P 21 -1.63 39.67 -52.48
CA VAL P 21 -2.29 40.45 -53.47
C VAL P 21 -1.49 40.10 -54.66
N ASP P 22 -2.16 39.72 -55.76
CA ASP P 22 -1.47 39.27 -56.91
C ASP P 22 -1.71 40.40 -57.84
N VAL P 23 -0.71 40.69 -58.69
CA VAL P 23 -0.76 41.86 -59.52
C VAL P 23 -0.40 41.29 -60.84
N HIS P 24 -0.78 41.94 -61.94
CA HIS P 24 -0.51 41.47 -63.27
C HIS P 24 0.18 42.58 -63.96
N PHE P 25 1.50 42.67 -63.74
CA PHE P 25 2.31 43.69 -64.34
C PHE P 25 2.42 43.43 -65.80
N GLU P 26 2.71 44.51 -66.54
CA GLU P 26 2.75 44.52 -67.98
C GLU P 26 3.95 43.75 -68.42
N GLN P 27 3.78 43.06 -69.56
CA GLN P 27 4.72 42.12 -70.12
C GLN P 27 6.02 42.75 -70.51
N SER P 28 7.09 41.92 -70.48
CA SER P 28 8.41 42.20 -70.99
C SER P 28 9.13 43.25 -70.22
N GLU P 29 9.12 43.13 -68.88
CA GLU P 29 9.62 44.13 -67.99
C GLU P 29 9.32 43.56 -66.66
N LEU P 30 10.26 42.70 -66.24
CA LEU P 30 10.11 41.81 -65.14
C LEU P 30 10.33 42.61 -63.88
N PRO P 31 9.60 42.38 -62.81
CA PRO P 31 9.97 42.90 -61.51
C PRO P 31 10.88 41.85 -60.94
N ALA P 32 11.53 42.12 -59.80
CA ALA P 32 12.57 41.28 -59.26
C ALA P 32 12.10 40.95 -57.88
N ILE P 33 12.50 39.77 -57.35
CA ILE P 33 12.06 39.33 -56.04
C ILE P 33 12.63 40.26 -55.02
N LEU P 34 11.74 40.83 -54.18
CA LEU P 34 12.02 41.75 -53.12
C LEU P 34 11.88 43.16 -53.58
N ASN P 35 10.99 43.45 -54.56
CA ASN P 35 10.83 44.80 -55.06
C ASN P 35 9.86 45.49 -54.14
N ALA P 36 9.54 46.78 -54.41
CA ALA P 36 8.59 47.52 -53.63
C ALA P 36 7.67 48.12 -54.62
N LEU P 37 6.36 47.88 -54.42
CA LEU P 37 5.32 48.36 -55.29
C LEU P 37 4.61 49.40 -54.50
N GLU P 38 4.19 50.52 -55.14
CA GLU P 38 3.32 51.47 -54.49
C GLU P 38 2.05 51.53 -55.26
N ILE P 39 0.91 51.54 -54.53
CA ILE P 39 -0.39 51.66 -55.11
C ILE P 39 -0.90 52.90 -54.47
N LYS P 40 -1.28 53.89 -55.29
CA LYS P 40 -1.81 55.14 -54.81
C LYS P 40 -3.20 54.82 -54.31
N THR P 41 -3.56 55.29 -53.11
CA THR P 41 -4.77 54.92 -52.44
C THR P 41 -5.17 56.18 -51.73
N PRO P 42 -6.41 56.33 -51.26
CA PRO P 42 -6.78 57.47 -50.43
C PRO P 42 -6.25 57.28 -49.04
N GLN P 43 -5.39 56.25 -48.84
CA GLN P 43 -4.75 55.90 -47.63
C GLN P 43 -3.28 56.10 -47.87
N GLY P 44 -2.91 57.02 -48.80
CA GLY P 44 -1.53 57.23 -49.14
C GLY P 44 -1.08 56.23 -50.15
N LYS P 45 0.10 55.61 -49.94
CA LYS P 45 0.58 54.60 -50.84
C LYS P 45 0.59 53.32 -50.07
N LEU P 46 -0.20 52.32 -50.53
CA LEU P 46 -0.14 50.96 -50.02
C LEU P 46 1.13 50.41 -50.62
N VAL P 47 2.00 49.80 -49.78
CA VAL P 47 3.25 49.27 -50.25
C VAL P 47 3.13 47.77 -50.27
N LEU P 48 3.49 47.13 -51.39
CA LEU P 48 3.46 45.68 -51.50
C LEU P 48 4.88 45.26 -51.79
N GLU P 49 5.45 44.33 -50.99
CA GLU P 49 6.78 43.80 -51.21
C GLU P 49 6.70 42.56 -52.06
N VAL P 50 7.37 42.54 -53.24
CA VAL P 50 7.24 41.45 -54.20
C VAL P 50 7.95 40.26 -53.63
N ALA P 51 7.26 39.10 -53.56
CA ALA P 51 7.83 37.96 -52.89
C ALA P 51 7.86 36.72 -53.72
N GLN P 52 7.19 36.67 -54.90
CA GLN P 52 7.34 35.53 -55.77
C GLN P 52 7.07 36.04 -57.14
N HIS P 53 7.54 35.28 -58.13
CA HIS P 53 7.16 35.49 -59.48
C HIS P 53 6.42 34.22 -59.77
N LEU P 54 5.31 34.36 -60.49
CA LEU P 54 4.42 33.29 -60.84
C LEU P 54 4.37 33.22 -62.34
N GLY P 55 5.24 33.98 -63.04
CA GLY P 55 5.35 33.91 -64.47
C GLY P 55 4.31 34.77 -65.12
N GLU P 56 4.61 35.20 -66.37
CA GLU P 56 3.83 36.08 -67.21
C GLU P 56 3.56 37.37 -66.51
N ASN P 57 4.58 37.84 -65.74
CA ASN P 57 4.61 39.08 -65.02
C ASN P 57 3.40 39.19 -64.15
N THR P 58 3.25 38.14 -63.31
CA THR P 58 2.20 38.05 -62.35
C THR P 58 3.00 37.70 -61.14
N VAL P 59 2.95 38.57 -60.12
CA VAL P 59 3.69 38.46 -58.91
C VAL P 59 2.73 38.09 -57.84
N ARG P 60 3.26 37.57 -56.71
CA ARG P 60 2.48 37.27 -55.55
C ARG P 60 3.26 38.03 -54.56
N THR P 61 2.60 39.02 -53.94
CA THR P 61 3.26 40.01 -53.15
C THR P 61 2.55 39.96 -51.84
N ILE P 62 3.23 40.48 -50.80
CA ILE P 62 2.73 40.57 -49.46
C ILE P 62 2.55 42.03 -49.26
N ALA P 63 1.45 42.39 -48.58
CA ALA P 63 1.15 43.78 -48.31
C ALA P 63 1.90 44.19 -47.08
N MET P 64 2.21 45.49 -47.00
CA MET P 64 2.95 46.06 -45.90
C MET P 64 2.02 46.98 -45.18
N ASP P 65 0.76 47.15 -45.67
CA ASP P 65 -0.22 48.03 -45.08
C ASP P 65 -1.53 47.35 -45.36
N GLY P 66 -2.63 47.83 -44.75
CA GLY P 66 -3.95 47.23 -44.85
C GLY P 66 -4.45 47.21 -46.27
N THR P 67 -5.31 46.22 -46.62
CA THR P 67 -5.70 45.96 -47.99
C THR P 67 -7.17 46.16 -48.16
N GLU P 68 -7.84 46.67 -47.10
CA GLU P 68 -9.25 47.00 -47.15
C GLU P 68 -9.54 48.02 -48.20
N GLY P 69 -10.69 47.89 -48.85
CA GLY P 69 -11.15 48.76 -49.89
C GLY P 69 -10.42 48.66 -51.19
N LEU P 70 -9.50 47.69 -51.35
CA LEU P 70 -8.73 47.55 -52.56
C LEU P 70 -9.62 47.22 -53.73
N VAL P 71 -9.59 48.12 -54.75
CA VAL P 71 -10.45 48.05 -55.90
C VAL P 71 -9.80 47.11 -56.84
N ARG P 72 -10.53 46.08 -57.32
CA ARG P 72 -9.94 45.06 -58.15
C ARG P 72 -9.52 45.64 -59.46
N GLY P 73 -8.31 45.26 -59.94
CA GLY P 73 -7.74 45.78 -61.16
C GLY P 73 -7.16 47.16 -61.04
N GLU P 74 -6.61 47.53 -59.86
CA GLU P 74 -6.19 48.89 -59.61
C GLU P 74 -4.74 49.03 -59.92
N LYS P 75 -4.37 50.10 -60.67
CA LYS P 75 -3.06 50.33 -61.22
C LYS P 75 -2.03 50.38 -60.13
N VAL P 76 -0.89 49.72 -60.35
CA VAL P 76 0.12 49.53 -59.34
C VAL P 76 1.38 49.98 -59.96
N LEU P 77 2.00 51.04 -59.40
CA LEU P 77 3.26 51.54 -59.89
C LEU P 77 4.30 50.72 -59.18
N ASP P 78 5.52 50.68 -59.74
CA ASP P 78 6.60 49.89 -59.21
C ASP P 78 7.63 50.90 -58.82
N THR P 79 8.02 50.92 -57.52
CA THR P 79 9.09 51.78 -57.05
C THR P 79 10.36 50.97 -56.93
N GLY P 80 10.26 49.65 -57.17
CA GLY P 80 11.33 48.69 -57.23
C GLY P 80 12.17 48.54 -56.01
N GLY P 81 12.96 47.43 -56.02
CA GLY P 81 13.90 46.97 -55.03
C GLY P 81 13.39 46.93 -53.62
N PRO P 82 14.22 46.53 -52.66
CA PRO P 82 13.82 46.45 -51.27
C PRO P 82 13.45 47.81 -50.79
N ILE P 83 12.46 47.91 -49.87
CA ILE P 83 11.95 49.15 -49.33
C ILE P 83 13.10 49.91 -48.75
N SER P 84 13.17 51.23 -49.04
CA SER P 84 14.33 52.00 -48.71
C SER P 84 13.91 52.95 -47.66
N VAL P 85 14.53 52.82 -46.47
CA VAL P 85 14.16 53.57 -45.31
C VAL P 85 15.02 54.80 -45.35
N PRO P 86 14.95 55.67 -44.37
CA PRO P 86 15.93 56.74 -44.27
C PRO P 86 16.76 56.36 -43.09
N VAL P 87 18.05 56.70 -43.11
CA VAL P 87 18.94 56.44 -42.02
C VAL P 87 19.68 57.72 -41.81
N GLY P 88 20.21 57.90 -40.58
CA GLY P 88 20.98 59.07 -40.27
C GLY P 88 21.02 59.21 -38.79
N ARG P 89 21.66 60.31 -38.33
CA ARG P 89 21.56 60.79 -36.98
C ARG P 89 20.23 61.47 -36.85
N GLU P 90 19.64 61.84 -38.01
CA GLU P 90 18.33 62.38 -38.12
C GLU P 90 17.28 61.37 -37.79
N THR P 91 17.56 60.05 -37.85
CA THR P 91 16.60 59.08 -37.40
C THR P 91 16.57 59.00 -35.89
N LEU P 92 17.61 59.48 -35.18
CA LEU P 92 17.60 59.49 -33.74
C LEU P 92 16.47 60.32 -33.21
N GLY P 93 15.73 59.74 -32.25
CA GLY P 93 14.60 60.33 -31.59
C GLY P 93 13.41 60.47 -32.47
N ARG P 94 13.28 59.63 -33.51
CA ARG P 94 12.11 59.65 -34.35
C ARG P 94 11.52 58.29 -34.18
N ILE P 95 10.18 58.19 -34.10
CA ILE P 95 9.51 56.91 -34.05
C ILE P 95 9.20 56.74 -35.50
N ILE P 96 9.46 55.54 -36.06
CA ILE P 96 9.47 55.33 -37.49
C ILE P 96 8.64 54.11 -37.72
N ASN P 97 7.67 54.17 -38.66
CA ASN P 97 6.78 53.08 -38.94
C ASN P 97 7.42 52.25 -40.01
N VAL P 98 6.72 51.16 -40.40
CA VAL P 98 7.21 50.08 -41.21
C VAL P 98 7.69 50.55 -42.55
N ILE P 99 7.01 51.53 -43.18
CA ILE P 99 7.33 51.95 -44.52
C ILE P 99 8.36 53.06 -44.44
N GLY P 100 8.90 53.29 -43.24
CA GLY P 100 10.04 54.15 -43.05
C GLY P 100 9.60 55.57 -42.93
N GLU P 101 8.38 55.82 -42.40
CA GLU P 101 7.84 57.16 -42.35
C GLU P 101 7.60 57.46 -40.90
N PRO P 102 7.83 58.69 -40.42
CA PRO P 102 7.67 59.05 -39.03
C PRO P 102 6.27 58.81 -38.54
N ILE P 103 6.11 58.31 -37.31
CA ILE P 103 4.84 58.23 -36.65
C ILE P 103 4.98 58.93 -35.34
N ASP P 104 6.12 59.61 -35.09
CA ASP P 104 6.23 60.50 -33.96
C ASP P 104 5.67 61.83 -34.39
N GLU P 105 5.54 62.03 -35.72
CA GLU P 105 4.79 63.09 -36.35
C GLU P 105 5.41 64.41 -36.03
N ARG P 106 6.76 64.47 -36.04
CA ARG P 106 7.47 65.71 -35.89
C ARG P 106 7.94 66.01 -37.28
N GLY P 107 6.97 66.10 -38.22
CA GLY P 107 7.15 66.30 -39.63
C GLY P 107 8.04 65.27 -40.27
N PRO P 108 8.51 65.49 -41.50
CA PRO P 108 9.33 64.55 -42.23
C PRO P 108 10.61 64.26 -41.52
N ILE P 109 11.19 63.06 -41.73
CA ILE P 109 12.50 62.73 -41.23
C ILE P 109 13.40 63.22 -42.32
N LYS P 110 14.49 63.92 -41.94
CA LYS P 110 15.32 64.60 -42.90
C LYS P 110 16.34 63.59 -43.28
N SER P 111 16.12 62.92 -44.43
CA SER P 111 16.91 61.82 -44.87
C SER P 111 18.28 62.29 -45.26
N LYS P 112 19.31 61.58 -44.77
CA LYS P 112 20.66 61.81 -45.19
C LYS P 112 20.88 60.81 -46.26
N LEU P 113 20.69 59.53 -45.89
CA LEU P 113 20.92 58.39 -46.73
C LEU P 113 19.71 57.55 -46.55
N ARG P 114 19.52 56.62 -47.49
CA ARG P 114 18.46 55.66 -47.47
C ARG P 114 19.21 54.37 -47.56
N LYS P 115 18.60 53.24 -47.15
CA LYS P 115 19.25 51.96 -47.27
C LYS P 115 18.16 50.98 -47.55
N PRO P 116 18.40 49.81 -48.11
CA PRO P 116 17.37 48.82 -48.36
C PRO P 116 17.09 48.12 -47.06
N ILE P 117 15.88 47.54 -46.88
CA ILE P 117 15.54 46.85 -45.66
C ILE P 117 16.14 45.49 -45.66
N HIS P 118 16.35 44.88 -46.84
CA HIS P 118 17.06 43.64 -46.94
C HIS P 118 18.49 44.00 -47.04
N ALA P 119 19.33 43.36 -46.21
CA ALA P 119 20.75 43.56 -46.23
C ALA P 119 21.34 42.26 -45.82
N ASP P 120 22.46 41.85 -46.46
CA ASP P 120 23.06 40.55 -46.27
C ASP P 120 23.71 40.46 -44.91
N PRO P 121 23.78 39.30 -44.27
CA PRO P 121 24.45 39.18 -42.99
C PRO P 121 25.93 39.19 -43.28
N PRO P 122 26.79 39.86 -42.54
CA PRO P 122 28.21 39.98 -42.85
C PRO P 122 28.88 38.63 -42.78
N SER P 123 29.86 38.38 -43.66
CA SER P 123 30.47 37.08 -43.86
C SER P 123 31.28 36.65 -42.67
N PHE P 124 31.72 35.36 -42.69
CA PHE P 124 32.41 34.73 -41.61
C PHE P 124 33.69 35.47 -41.34
N ALA P 125 34.33 35.92 -42.43
CA ALA P 125 35.55 36.68 -42.44
C ALA P 125 35.37 37.99 -41.73
N GLU P 126 34.22 38.67 -41.98
CA GLU P 126 33.90 39.94 -41.38
C GLU P 126 33.75 39.84 -39.89
N GLN P 127 33.21 38.71 -39.37
CA GLN P 127 32.95 38.54 -37.97
C GLN P 127 34.28 38.56 -37.25
N SER P 128 34.27 39.08 -36.00
CA SER P 128 35.43 39.12 -35.16
C SER P 128 34.84 39.64 -33.90
N THR P 129 34.90 38.81 -32.85
CA THR P 129 34.12 38.99 -31.66
C THR P 129 35.08 38.91 -30.51
N SER P 130 35.02 39.94 -29.64
CA SER P 130 35.78 40.04 -28.42
C SER P 130 34.82 39.80 -27.29
N ALA P 131 35.36 39.52 -26.09
CA ALA P 131 34.59 39.26 -24.92
C ALA P 131 34.89 40.33 -23.92
N GLU P 132 33.90 41.19 -23.63
CA GLU P 132 34.03 42.22 -22.63
C GLU P 132 32.71 42.14 -21.93
N ILE P 133 32.65 42.65 -20.69
CA ILE P 133 31.54 42.43 -19.81
C ILE P 133 30.78 43.71 -19.53
N LEU P 134 29.49 43.77 -19.94
CA LEU P 134 28.56 44.81 -19.55
C LEU P 134 28.17 44.52 -18.12
N GLU P 135 27.83 45.55 -17.33
CA GLU P 135 27.38 45.40 -15.95
C GLU P 135 25.99 45.93 -15.90
N THR P 136 25.07 45.19 -15.25
CA THR P 136 23.66 45.48 -15.31
C THR P 136 23.20 46.05 -13.99
N GLY P 137 23.90 45.72 -12.88
CA GLY P 137 23.54 46.17 -11.55
C GLY P 137 22.45 45.34 -10.94
N ILE P 138 21.98 44.30 -11.67
CA ILE P 138 20.92 43.44 -11.24
C ILE P 138 21.68 42.26 -10.76
N LYS P 139 21.57 41.93 -9.45
CA LYS P 139 22.48 41.04 -8.78
C LYS P 139 22.46 39.65 -9.34
N VAL P 140 21.25 39.12 -9.59
CA VAL P 140 21.11 37.79 -10.14
C VAL P 140 21.72 37.72 -11.51
N VAL P 141 21.50 38.75 -12.34
CA VAL P 141 22.02 38.81 -13.68
C VAL P 141 23.51 38.89 -13.61
N ASP P 142 24.05 39.74 -12.73
CA ASP P 142 25.46 39.97 -12.65
C ASP P 142 26.17 38.73 -12.25
N LEU P 143 25.68 38.02 -11.21
CA LEU P 143 26.37 36.85 -10.74
C LEU P 143 26.24 35.68 -11.66
N LEU P 144 25.00 35.37 -12.10
CA LEU P 144 24.75 34.11 -12.73
C LEU P 144 24.70 34.19 -14.22
N ALA P 145 24.79 35.39 -14.83
CA ALA P 145 24.83 35.43 -16.26
C ALA P 145 25.18 36.82 -16.66
N PRO P 146 26.40 37.31 -16.45
CA PRO P 146 26.74 38.71 -16.71
C PRO P 146 26.59 38.99 -18.19
N TYR P 147 26.39 40.26 -18.58
CA TYR P 147 26.14 40.60 -19.96
C TYR P 147 27.46 41.02 -20.52
N ALA P 148 27.53 41.05 -21.87
CA ALA P 148 28.76 41.16 -22.58
C ALA P 148 28.62 42.18 -23.65
N ARG P 149 29.70 42.96 -23.93
CA ARG P 149 29.73 43.97 -24.95
C ARG P 149 29.55 43.25 -26.27
N GLY P 150 28.82 43.87 -27.22
CA GLY P 150 28.50 43.32 -28.50
C GLY P 150 27.67 42.06 -28.45
N GLY P 151 27.15 41.67 -27.26
CA GLY P 151 26.48 40.43 -27.00
C GLY P 151 25.19 40.26 -27.73
N LYS P 152 24.57 39.07 -27.58
CA LYS P 152 23.26 38.83 -28.09
C LYS P 152 22.49 38.22 -26.96
N ILE P 153 22.14 39.07 -25.97
CA ILE P 153 21.39 38.72 -24.79
C ILE P 153 20.03 38.28 -25.26
N GLY P 154 19.40 37.30 -24.58
CA GLY P 154 18.12 36.81 -25.01
C GLY P 154 17.30 36.53 -23.82
N LEU P 155 16.18 37.25 -23.70
CA LEU P 155 15.26 37.22 -22.60
C LEU P 155 14.14 36.25 -22.88
N PHE P 156 14.42 34.93 -23.03
CA PHE P 156 13.37 33.96 -23.22
C PHE P 156 12.52 33.97 -21.98
N GLY P 157 11.20 34.01 -22.15
CA GLY P 157 10.33 33.97 -21.01
C GLY P 157 8.95 33.92 -21.55
N GLY P 158 7.98 33.72 -20.63
CA GLY P 158 6.58 33.77 -20.96
C GLY P 158 6.14 35.18 -20.75
N ALA P 159 4.82 35.41 -20.92
CA ALA P 159 4.18 36.66 -20.63
C ALA P 159 3.91 36.68 -19.17
N GLY P 160 3.40 37.83 -18.67
CA GLY P 160 2.93 37.93 -17.32
C GLY P 160 3.96 38.59 -16.49
N VAL P 161 5.26 38.33 -16.79
CA VAL P 161 6.33 38.89 -16.02
C VAL P 161 6.43 40.34 -16.39
N GLY P 162 5.85 40.68 -17.57
CA GLY P 162 5.91 41.98 -18.14
C GLY P 162 7.23 41.86 -18.75
N LYS P 163 7.26 41.36 -19.99
CA LYS P 163 8.47 41.04 -20.70
C LYS P 163 9.15 42.36 -20.90
N THR P 164 8.31 43.34 -21.27
CA THR P 164 8.64 44.71 -21.52
C THR P 164 9.20 45.30 -20.25
N VAL P 165 8.66 44.96 -19.07
CA VAL P 165 9.10 45.54 -17.82
C VAL P 165 10.55 45.21 -17.56
N PHE P 166 10.97 43.95 -17.87
CA PHE P 166 12.33 43.51 -17.66
C PHE P 166 13.21 44.34 -18.55
N ILE P 167 12.78 44.52 -19.81
CA ILE P 167 13.52 45.26 -20.83
C ILE P 167 13.63 46.70 -20.38
N GLN P 168 12.57 47.27 -19.79
CA GLN P 168 12.52 48.63 -19.34
C GLN P 168 13.53 48.86 -18.27
N GLU P 169 13.72 47.88 -17.37
CA GLU P 169 14.75 48.02 -16.36
C GLU P 169 16.11 48.05 -16.98
N LEU P 170 16.33 47.20 -18.00
CA LEU P 170 17.59 47.16 -18.70
C LEU P 170 17.86 48.48 -19.35
N ILE P 171 16.83 49.11 -19.98
CA ILE P 171 16.99 50.38 -20.62
C ILE P 171 17.30 51.43 -19.60
N ASN P 172 16.62 51.36 -18.43
CA ASN P 172 16.71 52.37 -17.42
C ASN P 172 18.09 52.47 -16.91
N ASN P 173 18.75 51.32 -16.69
CA ASN P 173 20.08 51.36 -16.18
C ASN P 173 20.97 51.45 -17.37
N ILE P 174 21.09 50.33 -18.09
CA ILE P 174 22.13 50.11 -19.05
C ILE P 174 22.06 51.06 -20.19
N ALA P 175 20.86 51.34 -20.77
CA ALA P 175 20.78 52.16 -21.95
C ALA P 175 21.16 53.57 -21.64
N LYS P 176 20.61 54.13 -20.54
CA LYS P 176 20.85 55.49 -20.18
C LYS P 176 22.32 55.68 -19.87
N ALA P 177 22.92 54.70 -19.16
CA ALA P 177 24.32 54.70 -18.81
C ALA P 177 25.20 54.67 -20.03
N HIS P 178 24.84 53.79 -21.00
CA HIS P 178 25.59 53.48 -22.19
C HIS P 178 25.81 54.70 -23.02
N GLY P 179 27.02 54.80 -23.60
CA GLY P 179 27.44 55.96 -24.32
C GLY P 179 26.98 55.96 -25.74
N GLY P 180 27.00 54.77 -26.40
CA GLY P 180 26.59 54.62 -27.79
C GLY P 180 25.12 54.90 -27.96
N PHE P 181 24.65 54.80 -29.22
CA PHE P 181 23.24 54.90 -29.49
C PHE P 181 22.58 53.62 -29.10
N SER P 182 21.24 53.63 -29.05
CA SER P 182 20.47 52.45 -28.83
C SER P 182 19.40 52.56 -29.85
N VAL P 183 18.73 51.45 -30.17
CA VAL P 183 17.62 51.49 -31.06
C VAL P 183 16.62 50.64 -30.35
N PHE P 184 15.42 51.19 -30.13
CA PHE P 184 14.40 50.48 -29.44
C PHE P 184 13.48 50.11 -30.56
N THR P 185 13.24 48.80 -30.70
CA THR P 185 12.42 48.30 -31.75
C THR P 185 11.45 47.50 -30.97
N GLY P 186 10.15 47.66 -31.29
CA GLY P 186 9.07 46.94 -30.67
C GLY P 186 8.39 46.31 -31.83
N VAL P 187 8.26 44.98 -31.85
CA VAL P 187 7.65 44.28 -32.97
C VAL P 187 6.37 43.82 -32.40
N GLY P 188 5.22 44.26 -32.98
CA GLY P 188 3.91 43.77 -32.63
C GLY P 188 3.60 43.88 -31.17
N GLU P 189 3.72 45.09 -30.61
CA GLU P 189 3.49 45.26 -29.20
C GLU P 189 2.43 46.29 -29.08
N ARG P 190 1.82 46.34 -27.88
CA ARG P 190 0.62 47.04 -27.61
C ARG P 190 0.87 48.51 -27.62
N THR P 191 -0.17 49.29 -27.98
CA THR P 191 -0.07 50.72 -28.06
C THR P 191 -0.14 51.28 -26.68
N ARG P 192 -0.64 50.49 -25.70
CA ARG P 192 -0.53 50.84 -24.31
C ARG P 192 0.90 50.79 -23.92
N GLU P 193 1.64 49.74 -24.36
CA GLU P 193 3.03 49.61 -24.05
C GLU P 193 3.79 50.68 -24.76
N GLY P 194 3.37 51.00 -26.00
CA GLY P 194 3.99 52.02 -26.80
C GLY P 194 3.91 53.38 -26.19
N ASN P 195 2.71 53.75 -25.70
CA ASN P 195 2.46 55.05 -25.15
C ASN P 195 3.26 55.25 -23.89
N ASP P 196 3.38 54.17 -23.11
CA ASP P 196 4.15 54.16 -21.91
C ASP P 196 5.60 54.29 -22.19
N LEU P 197 6.11 53.59 -23.21
CA LEU P 197 7.49 53.62 -23.59
C LEU P 197 7.90 54.96 -24.08
N TYR P 198 7.04 55.61 -24.89
CA TYR P 198 7.29 56.91 -25.46
C TYR P 198 7.41 57.90 -24.36
N ARG P 199 6.48 57.78 -23.39
CA ARG P 199 6.41 58.67 -22.27
C ARG P 199 7.59 58.46 -21.38
N GLU P 200 7.93 57.18 -21.14
CA GLU P 200 8.97 56.80 -20.23
C GLU P 200 10.31 57.25 -20.69
N MET P 201 10.58 57.23 -22.00
CA MET P 201 11.88 57.60 -22.46
C MET P 201 11.95 59.06 -22.74
N LYS P 202 10.80 59.75 -22.82
CA LYS P 202 10.82 61.18 -22.77
C LYS P 202 11.12 61.63 -21.37
N GLU P 203 10.54 60.94 -20.37
CA GLU P 203 10.76 61.23 -18.97
C GLU P 203 12.15 60.96 -18.53
N THR P 204 12.73 59.80 -18.91
CA THR P 204 14.09 59.48 -18.53
C THR P 204 15.04 60.29 -19.35
N GLY P 205 14.52 60.95 -20.41
CA GLY P 205 15.25 61.95 -21.13
C GLY P 205 16.16 61.30 -22.11
N VAL P 206 15.93 60.00 -22.44
CA VAL P 206 16.77 59.30 -23.38
C VAL P 206 16.33 59.80 -24.74
N ILE P 207 15.07 60.30 -24.77
CA ILE P 207 14.50 61.06 -25.83
C ILE P 207 14.43 62.39 -25.17
N ASN P 208 15.09 63.40 -25.78
CA ASN P 208 15.03 64.75 -25.31
C ASN P 208 14.42 65.41 -26.49
N LEU P 209 13.22 66.03 -26.29
CA LEU P 209 12.37 66.52 -27.34
C LEU P 209 13.07 67.59 -28.12
N GLU P 210 13.70 68.52 -27.36
CA GLU P 210 14.68 69.42 -27.90
C GLU P 210 15.95 68.75 -27.54
N GLY P 211 16.99 68.90 -28.36
CA GLY P 211 18.25 68.24 -28.17
C GLY P 211 18.21 66.81 -28.57
N GLU P 212 19.41 66.22 -28.64
CA GLU P 212 19.66 64.87 -29.05
C GLU P 212 19.03 63.84 -28.18
N SER P 213 18.68 62.73 -28.83
CA SER P 213 18.07 61.59 -28.25
C SER P 213 19.11 60.54 -28.55
N LYS P 214 19.51 59.77 -27.53
CA LYS P 214 20.52 58.75 -27.64
C LYS P 214 19.84 57.46 -28.01
N VAL P 215 18.69 57.55 -28.68
CA VAL P 215 17.95 56.39 -29.05
C VAL P 215 17.07 56.85 -30.16
N ALA P 216 16.64 55.89 -30.99
CA ALA P 216 15.70 56.04 -32.07
C ALA P 216 14.66 55.03 -31.74
N LEU P 217 13.45 55.14 -32.32
CA LEU P 217 12.41 54.20 -32.01
C LEU P 217 11.81 53.76 -33.29
N VAL P 218 11.40 52.49 -33.30
CA VAL P 218 10.73 51.89 -34.41
C VAL P 218 9.67 51.12 -33.71
N PHE P 219 8.43 51.66 -33.71
CA PHE P 219 7.33 51.03 -33.04
C PHE P 219 6.53 50.40 -34.12
N GLY P 220 6.46 49.07 -34.07
CA GLY P 220 5.64 48.26 -34.91
C GLY P 220 4.74 47.67 -33.91
N GLN P 221 3.42 47.69 -34.16
CA GLN P 221 2.49 47.43 -33.10
C GLN P 221 1.66 46.35 -33.66
N MET P 222 0.85 45.73 -32.79
CA MET P 222 0.23 44.49 -33.16
C MET P 222 -0.95 44.73 -34.03
N ASN P 223 -1.44 45.99 -34.07
CA ASN P 223 -2.54 46.38 -34.91
C ASN P 223 -2.17 46.35 -36.36
N GLU P 224 -0.85 46.49 -36.69
CA GLU P 224 -0.40 46.48 -38.05
C GLU P 224 -0.52 45.08 -38.63
N PRO P 225 -0.80 44.88 -39.93
CA PRO P 225 -1.03 43.57 -40.51
C PRO P 225 0.16 42.66 -40.35
N PRO P 226 0.09 41.34 -40.39
CA PRO P 226 1.20 40.47 -40.06
C PRO P 226 2.41 40.69 -40.93
N GLY P 227 2.18 41.03 -42.21
CA GLY P 227 3.22 41.26 -43.19
C GLY P 227 4.07 42.40 -42.80
N ALA P 228 3.44 43.47 -42.29
CA ALA P 228 4.17 44.62 -41.86
C ALA P 228 4.97 44.28 -40.64
N ARG P 229 4.39 43.46 -39.74
CA ARG P 229 5.06 43.02 -38.54
C ARG P 229 6.31 42.26 -38.83
N ALA P 230 6.32 41.45 -39.91
CA ALA P 230 7.47 40.71 -40.32
C ALA P 230 8.59 41.61 -40.73
N ARG P 231 8.26 42.66 -41.51
CA ARG P 231 9.30 43.50 -42.04
C ARG P 231 9.46 44.73 -41.20
N VAL P 232 8.92 44.75 -39.96
CA VAL P 232 9.30 45.75 -38.99
C VAL P 232 10.66 45.43 -38.50
N ALA P 233 10.97 44.13 -38.35
CA ALA P 233 12.24 43.70 -37.83
C ALA P 233 13.34 44.13 -38.74
N LEU P 234 13.15 43.94 -40.06
CA LEU P 234 14.13 44.26 -41.05
C LEU P 234 14.42 45.72 -41.06
N THR P 235 13.37 46.55 -40.87
CA THR P 235 13.47 47.98 -40.92
C THR P 235 14.36 48.48 -39.82
N GLY P 236 14.13 47.97 -38.58
CA GLY P 236 14.86 48.43 -37.43
C GLY P 236 16.29 48.05 -37.53
N LEU P 237 16.51 46.83 -38.07
CA LEU P 237 17.81 46.23 -38.18
C LEU P 237 18.67 47.05 -39.05
N THR P 238 18.10 47.61 -40.13
CA THR P 238 18.86 48.39 -41.06
C THR P 238 19.27 49.70 -40.44
N ILE P 239 18.47 50.26 -39.51
CA ILE P 239 18.85 51.49 -38.83
C ILE P 239 20.07 51.23 -37.99
N ALA P 240 20.07 50.05 -37.34
CA ALA P 240 21.16 49.62 -36.51
C ALA P 240 22.39 49.40 -37.33
N GLU P 241 22.23 48.82 -38.54
CA GLU P 241 23.33 48.61 -39.45
C GLU P 241 23.96 49.90 -39.85
N TYR P 242 23.16 50.97 -40.08
CA TYR P 242 23.70 52.25 -40.46
C TYR P 242 24.58 52.79 -39.37
N PHE P 243 24.13 52.66 -38.10
CA PHE P 243 24.92 53.10 -36.99
C PHE P 243 26.18 52.30 -36.86
N ARG P 244 26.05 50.96 -36.94
CA ARG P 244 27.13 50.04 -36.69
C ARG P 244 28.20 50.19 -37.71
N ASP P 245 27.79 50.24 -38.99
CA ASP P 245 28.68 50.24 -40.11
C ASP P 245 29.03 51.65 -40.38
N GLU P 246 28.10 52.35 -41.07
CA GLU P 246 28.37 53.60 -41.73
C GLU P 246 28.76 54.68 -40.78
N GLU P 247 28.04 54.81 -39.64
CA GLU P 247 28.32 55.83 -38.67
C GLU P 247 29.45 55.37 -37.80
N GLY P 248 29.68 54.04 -37.73
CA GLY P 248 30.87 53.46 -37.16
C GLY P 248 30.82 53.50 -35.67
N GLN P 249 29.62 53.73 -35.09
CA GLN P 249 29.43 53.84 -33.67
C GLN P 249 28.98 52.49 -33.20
N ASP P 250 29.09 52.25 -31.86
CA ASP P 250 28.51 51.07 -31.26
C ASP P 250 27.08 51.40 -31.01
N VAL P 251 26.23 50.36 -30.81
CA VAL P 251 24.83 50.57 -30.69
C VAL P 251 24.47 49.66 -29.55
N LEU P 252 23.18 49.59 -29.20
CA LEU P 252 22.70 48.72 -28.18
C LEU P 252 21.27 48.52 -28.57
N LEU P 253 21.03 47.55 -29.46
CA LEU P 253 19.75 47.26 -30.05
C LEU P 253 18.86 46.63 -29.01
N PHE P 254 17.53 46.79 -29.17
CA PHE P 254 16.55 46.19 -28.32
C PHE P 254 15.49 45.87 -29.29
N ILE P 255 14.93 44.64 -29.19
CA ILE P 255 13.85 44.19 -30.03
C ILE P 255 12.94 43.55 -29.04
N ASP P 256 11.63 43.47 -29.35
CA ASP P 256 10.64 42.87 -28.49
C ASP P 256 9.65 42.28 -29.45
N ASN P 257 8.88 41.22 -29.08
CA ASN P 257 9.44 39.91 -28.89
C ASN P 257 9.69 39.33 -30.25
N ILE P 258 10.67 38.41 -30.34
CA ILE P 258 11.02 37.81 -31.60
C ILE P 258 10.05 36.69 -31.85
N PHE P 259 9.25 36.29 -30.84
CA PHE P 259 8.17 35.38 -31.08
C PHE P 259 7.14 36.07 -31.90
N ARG P 260 6.97 37.40 -31.76
CA ARG P 260 6.05 38.13 -32.59
C ARG P 260 6.50 38.11 -34.02
N PHE P 261 7.84 38.11 -34.25
CA PHE P 261 8.41 37.95 -35.56
C PHE P 261 8.13 36.60 -36.11
N THR P 262 8.23 35.55 -35.26
CA THR P 262 7.94 34.22 -35.66
C THR P 262 6.48 34.09 -36.00
N GLN P 263 5.61 34.65 -35.15
CA GLN P 263 4.18 34.50 -35.23
C GLN P 263 3.72 35.13 -36.49
N ALA P 264 4.31 36.29 -36.83
CA ALA P 264 4.01 37.02 -38.01
C ALA P 264 4.39 36.23 -39.22
N GLY P 265 5.58 35.60 -39.18
CA GLY P 265 6.06 34.83 -40.30
C GLY P 265 5.27 33.60 -40.57
N SER P 266 4.76 32.97 -39.50
CA SER P 266 3.98 31.77 -39.58
C SER P 266 2.69 32.03 -40.31
N GLU P 267 2.07 33.19 -40.02
CA GLU P 267 0.81 33.55 -40.62
C GLU P 267 0.94 33.76 -42.08
N VAL P 268 1.98 34.49 -42.53
CA VAL P 268 2.08 34.77 -43.94
C VAL P 268 2.65 33.62 -44.70
N SER P 269 3.21 32.60 -44.01
CA SER P 269 3.66 31.39 -44.66
C SER P 269 2.50 30.66 -45.25
N ALA P 270 1.43 30.55 -44.43
CA ALA P 270 0.24 29.82 -44.77
C ALA P 270 -0.39 30.47 -45.94
N LEU P 271 -0.45 31.82 -45.89
CA LEU P 271 -1.03 32.61 -46.93
C LEU P 271 -0.22 32.51 -48.19
N LEU P 272 1.12 32.38 -48.08
CA LEU P 272 2.01 32.26 -49.23
C LEU P 272 1.84 30.90 -49.84
N GLY P 273 1.21 29.98 -49.10
CA GLY P 273 0.76 28.71 -49.60
C GLY P 273 1.71 27.64 -49.17
N ARG P 274 2.84 28.02 -48.54
CA ARG P 274 3.89 27.10 -48.18
C ARG P 274 3.37 26.15 -47.14
N ILE P 275 3.74 24.85 -47.22
CA ILE P 275 3.22 23.80 -46.36
C ILE P 275 3.59 24.14 -44.93
N PRO P 276 2.66 24.38 -44.02
CA PRO P 276 2.99 24.84 -42.68
C PRO P 276 3.59 23.68 -41.94
N SER P 277 4.77 23.89 -41.32
CA SER P 277 5.53 22.87 -40.64
C SER P 277 5.01 22.74 -39.25
N ALA P 278 5.90 22.40 -38.29
CA ALA P 278 5.52 22.00 -36.97
C ALA P 278 4.99 23.18 -36.23
N VAL P 279 3.83 22.94 -35.58
CA VAL P 279 2.99 23.88 -34.86
C VAL P 279 2.70 25.03 -35.80
N GLY P 280 2.53 24.68 -37.08
CA GLY P 280 2.13 25.54 -38.16
C GLY P 280 3.21 26.52 -38.54
N TYR P 281 4.45 26.35 -38.06
CA TYR P 281 5.50 27.31 -38.27
C TYR P 281 5.98 27.21 -39.67
N GLN P 282 6.44 28.33 -40.24
CA GLN P 282 6.89 28.43 -41.61
C GLN P 282 8.01 27.45 -41.90
N PRO P 283 8.13 26.83 -43.07
CA PRO P 283 9.17 25.85 -43.33
C PRO P 283 10.49 26.53 -43.52
N THR P 284 10.49 27.87 -43.53
CA THR P 284 11.62 28.67 -43.80
C THR P 284 12.03 29.26 -42.49
N LEU P 285 11.51 28.70 -41.36
CA LEU P 285 11.67 29.27 -40.04
C LEU P 285 13.10 29.34 -39.69
N ALA P 286 13.84 28.26 -39.94
CA ALA P 286 15.22 28.21 -39.55
C ALA P 286 16.04 29.23 -40.29
N THR P 287 15.92 29.27 -41.63
CA THR P 287 16.73 30.15 -42.42
C THR P 287 16.37 31.59 -42.28
N ASP P 288 15.07 31.90 -42.10
CA ASP P 288 14.63 33.26 -41.89
C ASP P 288 15.09 33.77 -40.58
N MET P 289 15.05 32.92 -39.54
CA MET P 289 15.51 33.27 -38.22
C MET P 289 16.98 33.50 -38.32
N GLY P 290 17.66 32.61 -39.07
CA GLY P 290 19.09 32.58 -39.20
C GLY P 290 19.60 33.81 -39.85
N LEU P 291 18.92 34.31 -40.91
CA LEU P 291 19.31 35.52 -41.57
C LEU P 291 19.16 36.73 -40.67
N LEU P 292 18.07 36.79 -39.87
CA LEU P 292 17.82 37.90 -38.99
C LEU P 292 18.87 37.96 -37.93
N GLN P 293 19.16 36.80 -37.32
CA GLN P 293 20.07 36.71 -36.22
C GLN P 293 21.46 36.99 -36.66
N GLU P 294 21.86 36.44 -37.84
CA GLU P 294 23.18 36.64 -38.41
C GLU P 294 23.45 38.05 -38.77
N ARG P 295 22.42 38.77 -39.26
CA ARG P 295 22.52 40.17 -39.60
C ARG P 295 22.90 40.97 -38.40
N ILE P 296 22.38 40.58 -37.21
CA ILE P 296 22.66 41.24 -35.96
C ILE P 296 23.97 40.64 -35.50
N THR P 297 25.08 41.41 -35.50
CA THR P 297 26.33 40.86 -35.03
C THR P 297 27.28 42.00 -34.77
N THR P 298 28.46 41.66 -34.19
CA THR P 298 29.52 42.57 -33.90
C THR P 298 30.52 42.31 -34.98
N THR P 299 30.70 43.31 -35.86
CA THR P 299 31.59 43.25 -36.98
C THR P 299 32.87 43.87 -36.50
N LYS P 300 33.81 44.15 -37.41
CA LYS P 300 35.00 44.88 -37.07
C LYS P 300 34.75 46.34 -37.33
N LYS P 301 33.56 46.68 -37.90
CA LYS P 301 33.18 48.04 -38.13
C LYS P 301 32.29 48.57 -37.04
N GLY P 302 31.88 47.71 -36.08
CA GLY P 302 30.99 48.18 -35.07
C GLY P 302 30.65 47.03 -34.20
N SER P 303 29.91 47.31 -33.12
CA SER P 303 29.56 46.30 -32.16
C SER P 303 28.23 46.74 -31.68
N VAL P 304 27.31 45.76 -31.52
CA VAL P 304 25.94 46.04 -31.22
C VAL P 304 25.63 45.03 -30.20
N THR P 305 25.02 45.46 -29.08
CA THR P 305 24.63 44.54 -28.06
C THR P 305 23.15 44.47 -28.19
N SER P 306 22.63 43.39 -28.80
CA SER P 306 21.21 43.27 -28.99
C SER P 306 20.68 42.70 -27.71
N VAL P 307 19.48 43.10 -27.28
CA VAL P 307 18.79 42.42 -26.23
C VAL P 307 17.50 42.15 -26.93
N GLN P 308 17.18 40.87 -27.17
CA GLN P 308 16.03 40.57 -27.97
C GLN P 308 15.17 39.81 -27.02
N ALA P 309 13.94 40.30 -26.76
CA ALA P 309 12.95 39.61 -25.98
C ALA P 309 12.37 38.52 -26.82
N VAL P 310 11.94 37.41 -26.20
CA VAL P 310 11.36 36.32 -26.92
C VAL P 310 10.28 35.89 -26.00
N TYR P 311 9.13 35.47 -26.56
CA TYR P 311 7.97 35.14 -25.78
C TYR P 311 7.80 33.70 -26.08
N VAL P 312 7.59 32.90 -25.04
CA VAL P 312 7.61 31.49 -25.15
C VAL P 312 6.18 31.16 -24.98
N PRO P 313 5.46 30.69 -25.99
CA PRO P 313 4.03 30.48 -25.89
C PRO P 313 3.79 29.38 -24.91
N ALA P 314 2.94 29.65 -23.91
CA ALA P 314 2.51 28.75 -22.87
C ALA P 314 3.65 28.09 -22.14
N ASP P 315 4.81 28.80 -22.04
CA ASP P 315 6.02 28.36 -21.38
C ASP P 315 6.45 26.98 -21.84
N ASP P 316 6.40 26.71 -23.15
CA ASP P 316 6.83 25.46 -23.68
C ASP P 316 7.95 25.82 -24.59
N LEU P 317 9.19 25.50 -24.15
CA LEU P 317 10.39 25.95 -24.84
C LEU P 317 10.78 24.83 -25.74
N THR P 318 10.14 23.66 -25.56
CA THR P 318 10.20 22.54 -26.45
C THR P 318 9.69 22.93 -27.80
N ASP P 319 8.61 23.78 -27.85
CA ASP P 319 8.05 24.35 -29.06
C ASP P 319 9.13 24.84 -29.99
N PRO P 320 9.14 24.48 -31.27
CA PRO P 320 10.31 24.65 -32.12
C PRO P 320 10.75 26.06 -32.26
N ALA P 321 9.81 27.02 -32.25
CA ALA P 321 10.12 28.40 -32.42
C ALA P 321 10.97 28.92 -31.30
N PRO P 322 10.72 28.68 -30.02
CA PRO P 322 11.68 29.09 -29.03
C PRO P 322 12.95 28.33 -29.16
N ALA P 323 12.89 27.02 -29.43
CA ALA P 323 14.08 26.22 -29.45
C ALA P 323 15.05 26.62 -30.51
N THR P 324 14.55 26.99 -31.71
CA THR P 324 15.39 27.44 -32.79
C THR P 324 16.04 28.73 -32.45
N THR P 325 15.30 29.64 -31.81
CA THR P 325 15.83 30.91 -31.41
C THR P 325 16.83 30.75 -30.30
N PHE P 326 16.66 29.69 -29.46
CA PHE P 326 17.46 29.45 -28.29
C PHE P 326 18.89 29.26 -28.68
N ALA P 327 19.12 28.64 -29.86
CA ALA P 327 20.42 28.40 -30.38
C ALA P 327 21.07 29.68 -30.79
N HIS P 328 20.30 30.54 -31.49
CA HIS P 328 20.83 31.72 -32.13
C HIS P 328 21.31 32.79 -31.20
N LEU P 329 21.00 32.76 -29.89
CA LEU P 329 21.30 33.87 -29.01
C LEU P 329 22.42 33.48 -28.09
N ASP P 330 23.40 34.41 -27.94
CA ASP P 330 24.58 34.28 -27.13
C ASP P 330 24.36 34.09 -25.65
N ALA P 331 23.46 34.88 -25.03
CA ALA P 331 23.41 34.91 -23.59
C ALA P 331 21.99 34.80 -23.16
N THR P 332 21.49 33.56 -23.10
CA THR P 332 20.13 33.22 -22.77
C THR P 332 19.82 33.52 -21.32
N THR P 333 18.54 33.86 -21.05
CA THR P 333 18.03 34.08 -19.73
C THR P 333 16.65 33.51 -19.84
N VAL P 334 16.23 32.69 -18.86
CA VAL P 334 14.88 32.19 -18.82
C VAL P 334 14.30 32.71 -17.55
N LEU P 335 13.04 33.19 -17.61
CA LEU P 335 12.32 33.75 -16.50
C LEU P 335 11.14 32.86 -16.42
N SER P 336 10.79 32.38 -15.21
CA SER P 336 9.73 31.42 -15.02
C SER P 336 8.69 31.99 -14.12
N ARG P 337 7.42 31.59 -14.41
CA ARG P 337 6.21 31.99 -13.74
C ARG P 337 6.25 31.57 -12.31
N GLY P 338 6.82 30.36 -12.04
CA GLY P 338 6.89 29.78 -10.73
C GLY P 338 7.70 30.67 -9.83
N ILE P 339 8.88 31.12 -10.34
CA ILE P 339 9.82 31.96 -9.65
C ILE P 339 9.21 33.32 -9.39
N SER P 340 8.33 33.76 -10.33
CA SER P 340 7.58 34.99 -10.23
C SER P 340 6.65 34.88 -9.05
N GLU P 341 6.01 33.71 -8.89
CA GLU P 341 5.11 33.39 -7.81
C GLU P 341 5.88 33.34 -6.52
N LEU P 342 7.16 32.90 -6.55
CA LEU P 342 8.03 32.95 -5.38
C LEU P 342 8.31 34.37 -4.98
N GLY P 343 8.03 35.34 -5.87
CA GLY P 343 8.02 36.75 -5.56
C GLY P 343 9.32 37.41 -5.86
N ILE P 344 10.17 36.74 -6.65
CA ILE P 344 11.48 37.25 -6.90
C ILE P 344 11.34 38.25 -8.03
N TYR P 345 12.06 39.38 -7.90
CA TYR P 345 12.08 40.44 -8.87
C TYR P 345 13.54 40.43 -9.20
N PRO P 346 14.01 39.94 -10.34
CA PRO P 346 13.25 39.61 -11.52
C PRO P 346 12.87 38.17 -11.35
N ALA P 347 12.01 37.62 -12.23
CA ALA P 347 11.56 36.25 -12.14
C ALA P 347 12.50 35.27 -12.80
N VAL P 348 13.80 35.61 -12.95
CA VAL P 348 14.80 34.81 -13.62
C VAL P 348 14.94 33.49 -12.91
N ASP P 349 14.91 32.38 -13.68
CA ASP P 349 15.04 31.05 -13.17
C ASP P 349 16.52 30.79 -13.09
N PRO P 350 17.10 30.61 -11.90
CA PRO P 350 18.54 30.68 -11.73
C PRO P 350 19.21 29.45 -12.25
N LEU P 351 18.52 28.30 -12.25
CA LEU P 351 19.11 27.06 -12.66
C LEU P 351 18.90 26.90 -14.13
N ASP P 352 18.30 27.91 -14.78
CA ASP P 352 18.00 27.89 -16.18
C ASP P 352 18.42 29.24 -16.69
N SER P 353 19.75 29.47 -16.66
CA SER P 353 20.32 30.67 -17.20
C SER P 353 21.68 30.23 -17.63
N LYS P 354 22.14 30.71 -18.81
CA LYS P 354 23.39 30.27 -19.36
C LYS P 354 23.87 31.46 -20.12
N SER P 355 25.17 31.76 -20.05
CA SER P 355 25.70 32.92 -20.72
C SER P 355 27.06 32.51 -21.17
N ARG P 356 27.48 33.07 -22.33
CA ARG P 356 28.72 32.77 -22.99
C ARG P 356 29.87 33.06 -22.09
N LEU P 357 29.79 34.20 -21.37
CA LEU P 357 30.79 34.63 -20.45
C LEU P 357 30.17 34.25 -19.16
N LEU P 358 30.81 33.28 -18.49
CA LEU P 358 30.38 32.67 -17.26
C LEU P 358 31.27 31.48 -17.24
N ASP P 359 32.60 31.71 -17.37
CA ASP P 359 33.52 30.60 -17.39
C ASP P 359 34.77 31.11 -16.79
N ALA P 360 35.44 30.23 -16.01
CA ALA P 360 36.65 30.40 -15.25
C ALA P 360 37.05 31.82 -14.94
N ALA P 361 38.23 32.24 -15.43
CA ALA P 361 38.78 33.53 -15.17
C ALA P 361 38.27 34.52 -16.17
N VAL P 362 37.42 34.09 -17.13
CA VAL P 362 36.82 34.96 -18.11
C VAL P 362 35.90 35.91 -17.37
N VAL P 363 35.20 35.40 -16.33
CA VAL P 363 34.33 36.20 -15.50
C VAL P 363 34.93 36.32 -14.13
N GLY P 364 36.16 35.83 -13.94
CA GLY P 364 36.89 35.92 -12.71
C GLY P 364 36.69 34.62 -12.01
N GLN P 365 37.80 34.00 -11.59
CA GLN P 365 37.83 32.66 -11.06
C GLN P 365 37.04 32.58 -9.80
N GLU P 366 37.17 33.59 -8.92
CA GLU P 366 36.41 33.66 -7.70
C GLU P 366 34.96 33.76 -8.01
N HIS P 367 34.59 34.61 -8.99
CA HIS P 367 33.23 34.87 -9.34
C HIS P 367 32.60 33.61 -9.83
N TYR P 368 33.35 32.86 -10.66
CA TYR P 368 32.93 31.65 -11.30
C TYR P 368 32.65 30.61 -10.24
N ASP P 369 33.58 30.48 -9.28
CA ASP P 369 33.54 29.46 -8.27
C ASP P 369 32.36 29.72 -7.38
N VAL P 370 32.12 31.00 -7.01
CA VAL P 370 31.06 31.39 -6.13
C VAL P 370 29.75 31.02 -6.74
N ALA P 371 29.60 31.31 -8.05
CA ALA P 371 28.39 31.04 -8.75
C ALA P 371 28.17 29.58 -8.92
N SER P 372 29.26 28.79 -9.05
CA SER P 372 29.17 27.36 -9.11
C SER P 372 28.67 26.83 -7.82
N LYS P 373 29.15 27.35 -6.68
CA LYS P 373 28.68 26.93 -5.40
C LYS P 373 27.23 27.27 -5.21
N VAL P 374 26.81 28.47 -5.69
CA VAL P 374 25.45 28.92 -5.62
C VAL P 374 24.58 28.01 -6.40
N GLN P 375 25.04 27.62 -7.61
CA GLN P 375 24.25 26.82 -8.50
C GLN P 375 24.00 25.47 -7.92
N GLU P 376 25.05 24.87 -7.32
CA GLU P 376 24.96 23.59 -6.68
C GLU P 376 24.02 23.66 -5.52
N THR P 377 24.08 24.75 -4.72
CA THR P 377 23.26 24.91 -3.54
C THR P 377 21.80 24.96 -3.91
N LEU P 378 21.45 25.74 -4.94
CA LEU P 378 20.09 25.90 -5.37
C LEU P 378 19.56 24.61 -5.93
N GLN P 379 20.40 23.86 -6.67
CA GLN P 379 20.04 22.62 -7.26
C GLN P 379 19.79 21.59 -6.20
N THR P 380 20.56 21.63 -5.10
CA THR P 380 20.40 20.78 -3.97
C THR P 380 19.06 21.06 -3.36
N TYR P 381 18.69 22.36 -3.25
CA TYR P 381 17.46 22.78 -2.65
C TYR P 381 16.29 22.25 -3.41
N LYS P 382 16.39 22.25 -4.75
CA LYS P 382 15.38 21.73 -5.63
C LYS P 382 15.24 20.26 -5.45
N SER P 383 16.36 19.53 -5.34
CA SER P 383 16.34 18.11 -5.13
C SER P 383 15.71 17.74 -3.82
N LEU P 384 16.05 18.48 -2.74
CA LEU P 384 15.56 18.19 -1.42
C LEU P 384 14.14 18.63 -1.25
N GLN P 385 13.61 19.47 -2.17
CA GLN P 385 12.34 20.12 -1.99
C GLN P 385 11.20 19.14 -1.87
N ASP P 386 11.26 18.05 -2.66
CA ASP P 386 10.29 16.97 -2.61
C ASP P 386 10.29 16.26 -1.30
N ILE P 387 11.49 15.99 -0.74
CA ILE P 387 11.64 15.31 0.51
C ILE P 387 11.07 16.14 1.62
N ILE P 388 11.34 17.46 1.61
CA ILE P 388 10.85 18.39 2.59
C ILE P 388 9.36 18.46 2.49
N ALA P 389 8.84 18.34 1.26
CA ALA P 389 7.43 18.47 0.96
C ALA P 389 6.60 17.43 1.63
N ILE P 390 7.05 16.15 1.60
CA ILE P 390 6.23 15.08 2.08
C ILE P 390 6.74 14.68 3.41
N LEU P 391 8.00 14.19 3.49
CA LEU P 391 8.57 13.68 4.72
C LEU P 391 8.70 14.75 5.77
N GLY P 392 9.11 15.96 5.35
CA GLY P 392 9.27 17.06 6.25
C GLY P 392 10.72 17.35 6.32
N MET P 393 11.03 18.56 6.81
CA MET P 393 12.34 19.14 6.96
C MET P 393 13.19 18.35 7.92
N ASP P 394 12.53 17.82 8.98
CA ASP P 394 13.17 17.17 10.09
C ASP P 394 13.69 15.83 9.67
N GLU P 395 13.09 15.23 8.61
CA GLU P 395 13.46 13.93 8.13
C GLU P 395 14.58 14.05 7.13
N LEU P 396 15.46 15.06 7.32
CA LEU P 396 16.64 15.27 6.53
C LEU P 396 17.69 15.63 7.52
N SER P 397 18.96 15.51 7.05
CA SER P 397 20.18 15.72 7.79
C SER P 397 20.22 17.14 8.29
N GLU P 398 20.96 17.36 9.39
CA GLU P 398 21.21 18.66 9.95
C GLU P 398 21.98 19.50 8.98
N GLN P 399 22.96 18.89 8.27
CA GLN P 399 23.76 19.56 7.27
C GLN P 399 22.85 20.01 6.16
N ASP P 400 21.91 19.13 5.75
CA ASP P 400 20.96 19.41 4.70
C ASP P 400 20.08 20.55 5.11
N LYS P 401 19.66 20.57 6.38
CA LYS P 401 18.79 21.60 6.91
C LYS P 401 19.45 22.94 6.86
N LEU P 402 20.76 23.02 7.15
CA LEU P 402 21.52 24.24 7.04
C LEU P 402 21.67 24.68 5.63
N THR P 403 21.89 23.73 4.70
CA THR P 403 21.99 24.03 3.28
C THR P 403 20.69 24.58 2.75
N VAL P 404 19.55 24.00 3.16
CA VAL P 404 18.22 24.42 2.80
C VAL P 404 17.95 25.79 3.29
N GLU P 405 18.36 26.09 4.53
CA GLU P 405 18.16 27.38 5.12
C GLU P 405 18.95 28.41 4.39
N ARG P 406 20.20 28.08 4.02
CA ARG P 406 21.01 28.94 3.19
C ARG P 406 20.41 29.16 1.85
N ALA P 407 19.81 28.12 1.26
CA ALA P 407 19.20 28.24 -0.03
C ALA P 407 18.04 29.18 -0.03
N ARG P 408 17.20 29.16 1.02
CA ARG P 408 16.13 30.10 1.16
C ARG P 408 16.64 31.51 1.30
N LYS P 409 17.75 31.69 2.03
CA LYS P 409 18.36 32.99 2.16
C LYS P 409 18.94 33.49 0.88
N ILE P 410 19.66 32.62 0.12
CA ILE P 410 20.27 32.95 -1.15
C ILE P 410 19.23 33.27 -2.14
N GLN P 411 18.14 32.48 -2.11
CA GLN P 411 17.03 32.58 -3.01
C GLN P 411 16.36 33.90 -2.88
N ARG P 412 16.26 34.42 -1.64
CA ARG P 412 15.56 35.65 -1.43
C ARG P 412 16.54 36.77 -1.38
N PHE P 413 17.86 36.47 -1.47
CA PHE P 413 18.87 37.50 -1.57
C PHE P 413 18.90 37.91 -3.02
N LEU P 414 18.41 37.02 -3.93
CA LEU P 414 18.26 37.32 -5.34
C LEU P 414 17.27 38.43 -5.56
N SER P 415 16.12 38.39 -4.83
CA SER P 415 15.04 39.36 -4.93
C SER P 415 15.57 40.73 -4.59
N GLN P 416 15.15 41.74 -5.38
CA GLN P 416 15.81 43.01 -5.40
C GLN P 416 14.96 43.88 -6.27
N PRO P 417 14.44 45.00 -5.82
CA PRO P 417 13.53 45.80 -6.62
C PRO P 417 14.31 46.69 -7.54
N PHE P 418 13.58 47.32 -8.48
CA PHE P 418 14.11 48.06 -9.58
C PHE P 418 13.34 49.34 -9.65
N ALA P 419 13.95 50.37 -10.27
CA ALA P 419 13.45 51.72 -10.29
C ALA P 419 12.17 51.83 -11.08
N VAL P 420 12.01 50.98 -12.10
CA VAL P 420 10.86 51.02 -12.98
C VAL P 420 9.82 50.09 -12.43
N ALA P 421 10.04 49.59 -11.20
CA ALA P 421 9.11 48.81 -10.47
C ALA P 421 9.00 49.49 -9.16
N GLU P 422 9.09 50.83 -9.18
CA GLU P 422 8.59 51.63 -8.10
C GLU P 422 7.11 51.76 -8.35
N VAL P 423 6.71 51.72 -9.64
CA VAL P 423 5.33 51.75 -10.00
C VAL P 423 4.73 50.40 -9.79
N PHE P 424 5.55 49.32 -9.80
CA PHE P 424 5.09 47.99 -9.58
C PHE P 424 5.35 47.59 -8.17
N THR P 425 6.04 48.44 -7.37
CA THR P 425 6.30 48.12 -6.00
C THR P 425 6.29 49.46 -5.34
N GLY P 426 7.46 50.12 -5.23
CA GLY P 426 7.57 51.41 -4.62
C GLY P 426 8.90 51.50 -3.99
N ILE P 427 9.56 50.35 -3.74
CA ILE P 427 10.84 50.32 -3.10
C ILE P 427 11.83 50.71 -4.19
N PRO P 428 12.72 51.69 -4.03
CA PRO P 428 13.63 52.13 -5.08
C PRO P 428 14.49 51.03 -5.61
N GLY P 429 14.98 51.17 -6.87
CA GLY P 429 15.77 50.16 -7.51
C GLY P 429 17.13 50.08 -6.92
N LYS P 430 17.91 49.06 -7.33
CA LYS P 430 19.24 48.89 -6.82
C LYS P 430 20.08 48.50 -7.98
N LEU P 431 21.24 49.17 -8.11
CA LEU P 431 22.23 48.95 -9.12
C LEU P 431 23.39 48.65 -8.24
N VAL P 432 23.87 47.38 -8.23
CA VAL P 432 24.85 46.94 -7.28
C VAL P 432 26.03 46.59 -8.10
N ARG P 433 27.22 47.08 -7.68
CA ARG P 433 28.48 46.91 -8.38
C ARG P 433 28.78 45.45 -8.46
N LEU P 434 29.46 45.03 -9.55
CA LEU P 434 29.72 43.64 -9.80
C LEU P 434 30.55 43.06 -8.71
N LYS P 435 31.62 43.77 -8.30
CA LYS P 435 32.57 43.29 -7.32
C LYS P 435 31.89 43.09 -6.00
N ASP P 436 30.99 44.03 -5.67
CA ASP P 436 30.23 44.05 -4.44
C ASP P 436 29.31 42.89 -4.36
N THR P 437 28.66 42.51 -5.48
CA THR P 437 27.78 41.37 -5.51
C THR P 437 28.51 40.09 -5.23
N VAL P 438 29.74 39.91 -5.80
CA VAL P 438 30.53 38.70 -5.63
C VAL P 438 30.89 38.52 -4.19
N ALA P 439 31.31 39.64 -3.56
CA ALA P 439 31.73 39.66 -2.18
C ALA P 439 30.59 39.30 -1.29
N SER P 440 29.41 39.88 -1.57
CA SER P 440 28.25 39.68 -0.74
C SER P 440 27.75 38.28 -0.82
N PHE P 441 27.78 37.65 -2.01
CA PHE P 441 27.38 36.26 -2.13
C PHE P 441 28.35 35.34 -1.47
N LYS P 442 29.65 35.70 -1.44
CA LYS P 442 30.66 34.88 -0.82
C LYS P 442 30.38 34.76 0.65
N ALA P 443 29.98 35.90 1.26
CA ALA P 443 29.70 36.02 2.67
C ALA P 443 28.58 35.11 3.07
N VAL P 444 27.50 35.09 2.25
CA VAL P 444 26.29 34.34 2.49
C VAL P 444 26.59 32.87 2.55
N LEU P 445 27.42 32.37 1.60
CA LEU P 445 27.74 30.97 1.47
C LEU P 445 28.53 30.53 2.67
N GLU P 446 29.42 31.42 3.16
CA GLU P 446 30.20 31.20 4.34
C GLU P 446 29.35 31.23 5.58
N GLY P 447 28.16 31.83 5.50
CA GLY P 447 27.18 31.80 6.56
C GLY P 447 27.45 32.91 7.51
N LYS P 448 28.01 34.03 6.99
CA LYS P 448 28.36 35.19 7.76
C LYS P 448 27.12 35.92 8.18
N TYR P 449 25.97 35.60 7.56
CA TYR P 449 24.72 36.25 7.82
C TYR P 449 23.68 35.20 7.99
N ASP P 450 24.06 34.01 8.52
CA ASP P 450 23.09 32.96 8.76
C ASP P 450 22.32 33.24 10.01
N ASN P 451 22.75 34.23 10.81
CA ASN P 451 22.05 34.64 11.99
C ASN P 451 20.91 35.56 11.60
N ILE P 452 20.89 36.02 10.33
CA ILE P 452 19.90 36.96 9.85
C ILE P 452 18.68 36.20 9.35
N PRO P 453 17.43 36.62 9.65
CA PRO P 453 16.21 35.96 9.19
C PRO P 453 16.09 35.88 7.70
N GLU P 454 15.43 34.81 7.19
CA GLU P 454 15.27 34.51 5.79
C GLU P 454 14.54 35.60 5.06
N HIS P 455 13.48 36.15 5.71
CA HIS P 455 12.64 37.15 5.14
C HIS P 455 13.31 38.51 5.12
N ALA P 456 14.47 38.67 5.81
CA ALA P 456 15.19 39.92 5.76
C ALA P 456 16.19 39.94 4.63
N PHE P 457 16.27 38.88 3.80
CA PHE P 457 17.03 38.91 2.58
C PHE P 457 16.15 39.34 1.44
N TYR P 458 14.83 39.09 1.59
CA TYR P 458 13.81 39.32 0.60
C TYR P 458 13.69 40.75 0.15
N MET P 459 13.58 40.91 -1.19
CA MET P 459 13.26 42.12 -1.92
C MET P 459 14.12 43.28 -1.50
N VAL P 460 15.44 43.06 -1.35
CA VAL P 460 16.35 44.15 -1.09
C VAL P 460 17.60 43.82 -1.83
N GLY P 461 18.41 44.86 -2.04
CA GLY P 461 19.66 44.81 -2.76
C GLY P 461 20.73 44.17 -1.95
N GLY P 462 21.92 44.83 -1.95
CA GLY P 462 23.14 44.46 -1.27
C GLY P 462 23.04 44.00 0.15
N ILE P 463 24.18 43.48 0.66
CA ILE P 463 24.30 42.90 1.98
C ILE P 463 24.04 43.95 3.01
N GLU P 464 24.50 45.20 2.75
CA GLU P 464 24.34 46.33 3.61
C GLU P 464 22.87 46.58 3.83
N ASP P 465 22.07 46.47 2.74
CA ASP P 465 20.63 46.60 2.74
C ASP P 465 19.99 45.50 3.54
N VAL P 466 20.50 44.26 3.43
CA VAL P 466 19.99 43.12 4.17
C VAL P 466 20.16 43.33 5.65
N VAL P 467 21.32 43.88 6.07
CA VAL P 467 21.64 44.19 7.45
C VAL P 467 20.73 45.25 7.95
N ALA P 468 20.46 46.29 7.13
CA ALA P 468 19.58 47.36 7.50
C ALA P 468 18.19 46.84 7.68
N LYS P 469 17.75 45.94 6.76
CA LYS P 469 16.47 45.28 6.83
C LYS P 469 16.41 44.32 7.98
N ALA P 470 17.55 43.81 8.46
CA ALA P 470 17.58 42.98 9.64
C ALA P 470 17.26 43.81 10.83
N GLU P 471 17.82 45.04 10.89
CA GLU P 471 17.56 46.01 11.91
C GLU P 471 16.12 46.45 11.88
N LYS P 472 15.56 46.61 10.67
CA LYS P 472 14.18 46.98 10.47
C LYS P 472 13.23 45.94 11.00
N LEU P 473 13.50 44.64 10.74
CA LEU P 473 12.71 43.54 11.24
C LEU P 473 12.85 43.42 12.73
N ALA P 474 14.06 43.71 13.26
CA ALA P 474 14.36 43.64 14.67
C ALA P 474 13.45 44.58 15.42
N ALA P 475 13.21 45.77 14.80
CA ALA P 475 12.21 46.70 15.24
C ALA P 475 10.89 46.24 14.63
N ALA Q 1 -0.29 20.51 -21.00
CA ALA Q 1 -0.96 19.58 -21.94
C ALA Q 1 -1.67 18.53 -21.17
N THR Q 2 -2.15 17.47 -21.86
CA THR Q 2 -2.44 16.23 -21.19
C THR Q 2 -1.09 15.66 -20.88
N LEU Q 3 -0.23 15.60 -21.92
CA LEU Q 3 1.00 14.84 -21.91
C LEU Q 3 1.93 15.32 -20.84
N LYS Q 4 2.19 16.64 -20.78
CA LYS Q 4 3.11 17.20 -19.82
C LYS Q 4 2.58 17.16 -18.43
N GLU Q 5 1.24 17.32 -18.26
CA GLU Q 5 0.67 17.32 -16.94
C GLU Q 5 0.64 15.94 -16.37
N VAL Q 6 0.43 14.93 -17.25
CA VAL Q 6 0.60 13.54 -16.98
C VAL Q 6 2.01 13.30 -16.53
N GLU Q 7 2.98 13.86 -17.28
CA GLU Q 7 4.36 13.48 -17.14
C GLU Q 7 4.87 13.98 -15.83
N MET Q 8 4.52 15.22 -15.44
CA MET Q 8 4.94 15.75 -14.17
C MET Q 8 4.30 15.02 -13.04
N ARG Q 9 3.00 14.64 -13.19
CA ARG Q 9 2.27 13.96 -12.16
C ARG Q 9 2.80 12.58 -11.94
N LEU Q 10 3.14 11.88 -13.02
CA LEU Q 10 3.77 10.60 -13.00
C LEU Q 10 5.13 10.67 -12.39
N LYS Q 11 5.85 11.78 -12.64
CA LYS Q 11 7.15 12.01 -12.06
C LYS Q 11 7.04 12.13 -10.58
N SER Q 12 5.98 12.84 -10.09
CA SER Q 12 5.68 12.94 -8.69
C SER Q 12 5.46 11.58 -8.10
N ILE Q 13 4.64 10.74 -8.77
CA ILE Q 13 4.29 9.41 -8.33
C ILE Q 13 5.54 8.57 -8.23
N LYS Q 14 6.43 8.68 -9.22
CA LYS Q 14 7.71 8.01 -9.22
C LYS Q 14 8.55 8.40 -8.04
N ASN Q 15 8.62 9.71 -7.74
CA ASN Q 15 9.41 10.20 -6.65
C ASN Q 15 8.86 9.69 -5.35
N ILE Q 16 7.51 9.65 -5.23
CA ILE Q 16 6.80 9.10 -4.09
C ILE Q 16 7.16 7.66 -3.91
N GLU Q 17 7.15 6.87 -5.00
CA GLU Q 17 7.48 5.47 -5.00
C GLU Q 17 8.85 5.23 -4.43
N LYS Q 18 9.83 6.03 -4.91
CA LYS Q 18 11.18 5.95 -4.46
C LYS Q 18 11.29 6.25 -2.99
N ILE Q 19 10.58 7.30 -2.53
CA ILE Q 19 10.62 7.70 -1.14
C ILE Q 19 10.00 6.65 -0.26
N THR Q 20 8.85 6.05 -0.66
CA THR Q 20 8.16 5.10 0.18
C THR Q 20 8.95 3.83 0.31
N LYS Q 21 9.64 3.44 -0.79
CA LYS Q 21 10.60 2.37 -0.78
C LYS Q 21 11.70 2.66 0.20
N THR Q 22 12.29 3.87 0.12
CA THR Q 22 13.46 4.26 0.88
C THR Q 22 13.15 4.22 2.33
N MET Q 23 11.99 4.81 2.72
CA MET Q 23 11.55 4.89 4.08
C MET Q 23 11.37 3.51 4.63
N LYS Q 24 10.68 2.61 3.87
CA LYS Q 24 10.40 1.26 4.30
C LYS Q 24 11.66 0.51 4.63
N ILE Q 25 12.74 0.69 3.84
CA ILE Q 25 14.02 0.05 4.05
C ILE Q 25 14.70 0.58 5.29
N VAL Q 26 14.74 1.92 5.46
CA VAL Q 26 15.39 2.56 6.59
C VAL Q 26 14.72 2.16 7.86
N ALA Q 27 13.37 2.04 7.82
CA ALA Q 27 12.53 1.57 8.88
C ALA Q 27 12.91 0.18 9.30
N SER Q 28 13.20 -0.72 8.35
CA SER Q 28 13.62 -2.08 8.63
C SER Q 28 14.91 -2.08 9.41
N THR Q 29 15.88 -1.22 9.00
CA THR Q 29 17.17 -1.08 9.65
C THR Q 29 16.97 -0.69 11.09
N ARG Q 30 16.11 0.33 11.32
CA ARG Q 30 15.85 0.85 12.62
C ARG Q 30 15.14 -0.18 13.47
N LEU Q 31 14.22 -0.95 12.84
CA LEU Q 31 13.38 -1.92 13.48
C LEU Q 31 14.17 -3.00 14.13
N SER Q 32 15.27 -3.47 13.50
CA SER Q 32 16.09 -4.51 14.08
C SER Q 32 16.65 -4.12 15.43
N LYS Q 33 17.13 -2.87 15.55
CA LYS Q 33 17.67 -2.37 16.79
C LYS Q 33 16.58 -2.27 17.83
N ALA Q 34 15.40 -1.76 17.42
CA ALA Q 34 14.24 -1.59 18.26
C ALA Q 34 13.76 -2.85 18.92
N GLU Q 35 13.65 -3.94 18.11
CA GLU Q 35 13.19 -5.23 18.58
C GLU Q 35 14.14 -5.82 19.55
N LYS Q 36 15.46 -5.70 19.27
CA LYS Q 36 16.52 -6.25 20.08
C LYS Q 36 16.41 -5.73 21.49
N ALA Q 37 16.22 -4.39 21.60
CA ALA Q 37 16.01 -3.71 22.85
C ALA Q 37 14.80 -4.24 23.57
N LYS Q 38 13.67 -4.39 22.84
CA LYS Q 38 12.40 -4.82 23.38
C LYS Q 38 12.49 -6.17 24.05
N ILE Q 39 13.33 -7.10 23.52
CA ILE Q 39 13.55 -8.39 24.14
C ILE Q 39 14.13 -8.22 25.54
N SER Q 40 15.22 -7.41 25.67
CA SER Q 40 15.99 -7.26 26.89
C SER Q 40 15.14 -6.67 27.97
N ALA Q 41 14.36 -5.65 27.57
CA ALA Q 41 13.37 -4.98 28.37
C ALA Q 41 12.37 -5.96 28.88
N LYS Q 42 11.86 -6.83 27.98
CA LYS Q 42 10.85 -7.81 28.31
C LYS Q 42 11.42 -8.81 29.29
N LYS Q 43 12.72 -9.17 29.17
CA LYS Q 43 13.38 -10.08 30.09
C LYS Q 43 13.35 -9.52 31.49
N MET Q 44 13.66 -8.21 31.63
CA MET Q 44 13.57 -7.51 32.89
C MET Q 44 12.17 -7.57 33.43
N ASP Q 45 11.15 -7.33 32.57
CA ASP Q 45 9.75 -7.31 32.94
C ASP Q 45 9.31 -8.62 33.50
N GLU Q 46 9.78 -9.72 32.88
CA GLU Q 46 9.43 -11.06 33.27
C GLU Q 46 9.87 -11.38 34.67
N ALA Q 47 11.02 -10.83 35.10
CA ALA Q 47 11.49 -10.99 36.45
C ALA Q 47 10.55 -10.37 37.47
N GLU Q 48 9.99 -9.19 37.14
CA GLU Q 48 9.01 -8.52 37.97
C GLU Q 48 7.73 -9.26 38.01
N GLN Q 49 7.30 -9.81 36.86
CA GLN Q 49 6.11 -10.60 36.76
C GLN Q 49 6.26 -11.84 37.60
N LEU Q 50 7.48 -12.39 37.71
CA LEU Q 50 7.75 -13.53 38.55
C LEU Q 50 7.35 -13.23 39.97
N PHE Q 51 7.72 -12.04 40.50
CA PHE Q 51 7.23 -11.60 41.77
C PHE Q 51 5.73 -11.45 41.82
N TYR Q 52 5.12 -10.70 40.87
CA TYR Q 52 3.73 -10.34 40.97
C TYR Q 52 2.81 -11.50 40.87
N LYS Q 53 3.17 -12.46 40.00
CA LYS Q 53 2.45 -13.69 39.79
C LYS Q 53 2.48 -14.50 41.03
N ASN Q 54 3.69 -14.71 41.59
CA ASN Q 54 3.87 -15.59 42.71
C ASN Q 54 3.24 -15.00 43.94
N ALA Q 55 3.33 -13.66 44.12
CA ALA Q 55 2.61 -12.91 45.14
C ALA Q 55 1.11 -12.97 45.01
N GLU Q 56 0.63 -13.37 43.82
CA GLU Q 56 -0.64 -13.07 43.24
C GLU Q 56 -0.89 -11.58 43.17
N THR Q 57 -2.04 -11.20 42.57
CA THR Q 57 -2.28 -9.85 42.18
C THR Q 57 -3.66 -9.67 42.71
N LYS Q 58 -3.77 -8.92 43.82
CA LYS Q 58 -5.04 -8.49 44.33
C LYS Q 58 -4.90 -7.02 44.28
N ASN Q 59 -5.75 -6.39 43.43
CA ASN Q 59 -5.76 -4.98 43.13
C ASN Q 59 -4.66 -4.68 42.10
N LYS Q 71 -10.75 8.45 39.47
CA LYS Q 71 -10.51 7.38 40.46
C LYS Q 71 -9.37 6.55 39.98
N GLU Q 72 -9.62 5.68 38.97
CA GLU Q 72 -8.61 4.89 38.33
C GLU Q 72 -7.73 5.79 37.53
N LEU Q 73 -6.50 5.34 37.20
CA LEU Q 73 -5.60 6.14 36.42
C LEU Q 73 -5.59 5.39 35.13
N ILE Q 74 -5.34 6.11 34.03
CA ILE Q 74 -5.14 5.57 32.71
C ILE Q 74 -3.91 6.29 32.28
N VAL Q 75 -2.97 5.54 31.68
CA VAL Q 75 -1.76 6.06 31.12
C VAL Q 75 -1.82 5.48 29.74
N ALA Q 76 -1.24 6.18 28.74
CA ALA Q 76 -1.24 5.70 27.40
C ALA Q 76 0.08 6.14 26.85
N ILE Q 77 0.57 5.43 25.81
CA ILE Q 77 1.92 5.57 25.31
C ILE Q 77 1.78 5.59 23.81
N THR Q 78 2.35 6.62 23.15
CA THR Q 78 2.43 6.71 21.70
C THR Q 78 3.55 7.69 21.48
N SER Q 79 3.98 7.82 20.22
CA SER Q 79 4.98 8.76 19.79
C SER Q 79 4.29 10.05 19.50
N ASP Q 80 5.09 11.15 19.48
CA ASP Q 80 4.64 12.45 19.08
C ASP Q 80 4.21 12.43 17.64
N LYS Q 81 5.03 11.76 16.79
CA LYS Q 81 4.87 11.75 15.36
C LYS Q 81 3.98 10.62 14.97
N GLY Q 82 3.41 10.72 13.76
CA GLY Q 82 2.51 9.75 13.18
C GLY Q 82 3.24 9.04 12.08
N LEU Q 83 2.46 8.50 11.11
CA LEU Q 83 2.94 7.79 9.93
C LEU Q 83 3.59 6.51 10.36
N CYS Q 84 2.92 5.84 11.32
CA CYS Q 84 3.37 4.62 11.90
C CYS Q 84 2.16 3.76 12.00
N GLY Q 85 1.56 3.49 10.83
CA GLY Q 85 0.30 2.79 10.72
C GLY Q 85 -0.82 3.51 11.41
N SER Q 86 -1.83 2.71 11.81
CA SER Q 86 -3.04 3.13 12.45
C SER Q 86 -2.95 2.83 13.92
N ILE Q 87 -1.72 2.73 14.45
CA ILE Q 87 -1.44 2.50 15.85
C ILE Q 87 -2.06 3.59 16.65
N HIS Q 88 -1.92 4.84 16.19
CA HIS Q 88 -2.35 6.00 16.92
C HIS Q 88 -3.83 5.96 17.15
N SER Q 89 -4.61 5.49 16.15
CA SER Q 89 -6.05 5.57 16.25
C SER Q 89 -6.63 4.26 16.68
N GLN Q 90 -5.94 3.12 16.49
CA GLN Q 90 -6.39 1.85 17.04
C GLN Q 90 -6.26 1.84 18.52
N LEU Q 91 -5.15 2.42 19.00
CA LEU Q 91 -4.92 2.66 20.40
C LEU Q 91 -5.92 3.64 20.92
N ALA Q 92 -6.29 4.67 20.11
CA ALA Q 92 -7.30 5.63 20.50
C ALA Q 92 -8.62 4.98 20.72
N LYS Q 93 -8.99 4.02 19.85
CA LYS Q 93 -10.22 3.30 20.00
C LYS Q 93 -10.25 2.44 21.23
N ALA Q 94 -9.12 1.76 21.58
CA ALA Q 94 -9.10 0.94 22.75
C ALA Q 94 -9.01 1.70 24.05
N VAL Q 95 -8.46 2.93 24.02
CA VAL Q 95 -8.43 3.83 25.15
C VAL Q 95 -9.83 4.29 25.44
N ARG Q 96 -10.56 4.62 24.36
CA ARG Q 96 -11.87 5.19 24.38
C ARG Q 96 -12.85 4.23 24.98
N ARG Q 97 -12.68 2.92 24.68
CA ARG Q 97 -13.42 1.84 25.26
C ARG Q 97 -13.27 1.74 26.76
N HIS Q 98 -12.05 1.90 27.29
CA HIS Q 98 -11.82 1.85 28.71
C HIS Q 98 -12.00 3.21 29.35
N LEU Q 99 -12.35 4.23 28.55
CA LEU Q 99 -12.72 5.53 29.06
C LEU Q 99 -14.21 5.60 29.11
N ASN Q 100 -14.88 4.57 28.54
CA ASN Q 100 -16.30 4.41 28.75
C ASN Q 100 -16.43 3.71 30.07
N ASP Q 101 -15.49 2.78 30.35
CA ASP Q 101 -15.53 1.94 31.53
C ASP Q 101 -15.41 2.78 32.78
N GLN Q 102 -14.49 3.77 32.78
CA GLN Q 102 -14.36 4.64 33.91
C GLN Q 102 -14.43 6.00 33.28
N PRO Q 103 -15.48 6.80 33.52
CA PRO Q 103 -15.60 8.08 32.86
C PRO Q 103 -14.65 9.09 33.45
N ASN Q 104 -14.41 9.00 34.77
CA ASN Q 104 -13.81 10.07 35.54
C ASN Q 104 -12.33 9.85 35.71
N ALA Q 105 -11.78 8.77 35.10
CA ALA Q 105 -10.40 8.39 35.21
C ALA Q 105 -9.50 9.44 34.63
N ASP Q 106 -8.30 9.61 35.21
CA ASP Q 106 -7.42 10.68 34.79
C ASP Q 106 -6.52 10.04 33.80
N ILE Q 107 -6.50 10.58 32.56
CA ILE Q 107 -5.73 10.00 31.51
C ILE Q 107 -4.51 10.86 31.37
N VAL Q 108 -3.33 10.21 31.43
CA VAL Q 108 -2.06 10.83 31.27
C VAL Q 108 -1.62 10.37 29.93
N THR Q 109 -1.33 11.32 29.00
CA THR Q 109 -1.02 10.95 27.64
C THR Q 109 0.43 11.23 27.41
N ILE Q 110 1.16 10.15 27.14
CA ILE Q 110 2.57 10.17 26.90
C ILE Q 110 2.61 10.09 25.41
N GLY Q 111 2.77 11.24 24.71
CA GLY Q 111 2.86 11.28 23.27
C GLY Q 111 1.71 12.06 22.72
N ASP Q 112 2.04 12.90 21.70
CA ASP Q 112 1.13 13.78 21.05
C ASP Q 112 0.04 13.09 20.29
N LYS Q 113 0.33 11.97 19.58
CA LYS Q 113 -0.68 11.39 18.71
C LYS Q 113 -1.89 10.88 19.43
N ILE Q 114 -1.71 10.18 20.57
CA ILE Q 114 -2.85 9.71 21.33
C ILE Q 114 -3.52 10.87 21.95
N LYS Q 115 -2.76 11.95 22.26
CA LYS Q 115 -3.31 13.15 22.81
C LYS Q 115 -4.28 13.73 21.84
N MET Q 116 -3.94 13.76 20.53
CA MET Q 116 -4.79 14.40 19.56
C MET Q 116 -6.11 13.72 19.46
N GLN Q 117 -6.15 12.37 19.37
CA GLN Q 117 -7.40 11.68 19.27
C GLN Q 117 -8.21 11.78 20.53
N LEU Q 118 -7.54 11.57 21.68
CA LEU Q 118 -8.14 11.52 22.97
C LEU Q 118 -8.71 12.86 23.39
N LEU Q 119 -8.06 13.97 22.96
CA LEU Q 119 -8.40 15.33 23.27
C LEU Q 119 -9.78 15.64 22.75
N ARG Q 120 -10.09 15.02 21.58
CA ARG Q 120 -11.39 15.02 20.96
C ARG Q 120 -12.39 14.33 21.83
N THR Q 121 -12.05 13.15 22.40
CA THR Q 121 -13.00 12.32 23.11
C THR Q 121 -13.46 13.03 24.35
N HIS Q 122 -12.54 13.69 25.08
CA HIS Q 122 -12.94 14.70 26.03
C HIS Q 122 -11.68 15.48 26.20
N PRO Q 123 -11.75 16.76 26.55
CA PRO Q 123 -10.54 17.53 26.71
C PRO Q 123 -10.25 17.53 28.18
N ASN Q 124 -11.26 17.12 28.99
CA ASN Q 124 -11.21 16.92 30.41
C ASN Q 124 -10.21 15.87 30.79
N ASN Q 125 -10.15 14.76 30.00
CA ASN Q 125 -9.40 13.56 30.30
C ASN Q 125 -7.95 13.83 30.54
N ILE Q 126 -7.37 14.68 29.67
CA ILE Q 126 -5.98 15.03 29.64
C ILE Q 126 -5.63 15.84 30.86
N LYS Q 127 -4.75 15.30 31.72
CA LYS Q 127 -4.45 15.87 33.01
C LYS Q 127 -2.99 16.10 33.07
N LEU Q 128 -2.18 15.14 32.59
CA LEU Q 128 -0.75 15.28 32.51
C LEU Q 128 -0.36 14.76 31.17
N SER Q 129 0.69 15.34 30.58
CA SER Q 129 1.12 14.95 29.27
C SER Q 129 2.59 15.26 29.25
N ILE Q 130 3.27 14.67 28.24
CA ILE Q 130 4.70 14.67 28.12
C ILE Q 130 4.85 15.27 26.75
N ASN Q 131 6.09 15.34 26.21
CA ASN Q 131 6.36 15.83 24.89
C ASN Q 131 7.82 15.63 24.70
N GLY Q 132 8.19 14.84 23.67
CA GLY Q 132 9.54 14.66 23.20
C GLY Q 132 9.84 13.19 23.09
N ILE Q 133 8.80 12.37 23.33
CA ILE Q 133 8.87 10.92 23.39
C ILE Q 133 9.29 10.28 22.09
N GLY Q 134 8.65 10.70 20.97
CA GLY Q 134 8.57 9.90 19.77
C GLY Q 134 9.90 9.66 19.10
N LYS Q 135 10.74 10.71 19.08
CA LYS Q 135 12.01 10.74 18.40
C LYS Q 135 12.92 9.73 19.01
N ASP Q 136 12.90 9.69 20.35
CA ASP Q 136 13.77 8.88 21.14
C ASP Q 136 13.26 7.47 21.11
N ALA Q 137 14.20 6.52 21.30
CA ALA Q 137 13.89 5.13 21.54
C ALA Q 137 13.85 5.09 23.05
N PRO Q 138 12.95 4.39 23.73
CA PRO Q 138 12.88 4.25 25.18
C PRO Q 138 14.18 4.15 25.93
N THR Q 139 14.27 4.82 27.10
CA THR Q 139 15.49 4.89 27.87
C THR Q 139 15.05 4.91 29.30
N PHE Q 140 15.91 4.39 30.21
CA PHE Q 140 15.64 4.31 31.63
C PHE Q 140 15.46 5.70 32.15
N GLN Q 141 16.26 6.66 31.59
CA GLN Q 141 16.25 8.04 32.04
C GLN Q 141 14.88 8.61 31.89
N GLU Q 142 14.25 8.37 30.71
CA GLU Q 142 12.93 8.87 30.43
C GLU Q 142 11.94 8.26 31.35
N SER Q 143 12.02 6.93 31.54
CA SER Q 143 11.02 6.20 32.29
C SER Q 143 11.02 6.67 33.71
N ALA Q 144 12.25 6.85 34.26
CA ALA Q 144 12.45 7.21 35.63
C ALA Q 144 11.88 8.56 35.91
N LEU Q 145 12.15 9.53 35.01
CA LEU Q 145 11.65 10.86 35.19
C LEU Q 145 10.16 10.93 35.03
N ILE Q 146 9.57 10.20 34.06
CA ILE Q 146 8.14 10.22 33.84
C ILE Q 146 7.43 9.69 35.04
N ALA Q 147 7.99 8.61 35.64
CA ALA Q 147 7.47 7.99 36.82
C ALA Q 147 7.53 8.92 37.98
N ASP Q 148 8.65 9.65 38.14
CA ASP Q 148 8.88 10.53 39.25
C ASP Q 148 7.88 11.64 39.20
N LYS Q 149 7.67 12.21 38.00
CA LYS Q 149 6.68 13.23 37.80
C LYS Q 149 5.28 12.70 37.97
N LEU Q 150 5.02 11.41 37.66
CA LEU Q 150 3.71 10.84 37.81
C LEU Q 150 3.34 10.76 39.27
N LEU Q 151 4.31 10.36 40.11
CA LEU Q 151 4.16 10.32 41.54
C LEU Q 151 4.00 11.68 42.13
N SER Q 152 4.88 12.64 41.77
CA SER Q 152 4.85 13.94 42.35
C SER Q 152 3.69 14.78 41.91
N VAL Q 153 3.50 14.91 40.58
CA VAL Q 153 2.46 15.75 40.02
C VAL Q 153 1.14 15.12 40.24
N MET Q 154 0.98 13.83 39.90
CA MET Q 154 -0.34 13.24 39.92
C MET Q 154 -0.63 12.51 41.19
N LYS Q 155 0.35 12.27 42.10
CA LYS Q 155 0.08 11.64 43.38
C LYS Q 155 -0.48 10.27 43.14
N ALA Q 156 0.31 9.38 42.50
CA ALA Q 156 -0.18 8.18 41.86
C ALA Q 156 -0.93 7.24 42.77
N GLY Q 157 -0.50 7.12 44.05
CA GLY Q 157 -1.04 6.22 45.03
C GLY Q 157 -2.50 6.45 45.32
N THR Q 158 -3.00 7.70 45.13
CA THR Q 158 -4.39 8.06 45.36
C THR Q 158 -5.32 7.26 44.48
N TYR Q 159 -4.92 7.00 43.23
CA TYR Q 159 -5.72 6.27 42.27
C TYR Q 159 -5.62 4.84 42.75
N PRO Q 160 -6.68 4.12 43.10
CA PRO Q 160 -6.57 2.77 43.59
C PRO Q 160 -6.21 1.79 42.51
N LYS Q 161 -6.75 1.95 41.28
CA LYS Q 161 -6.37 1.15 40.14
C LYS Q 161 -5.68 2.04 39.17
N ILE Q 162 -4.73 1.43 38.41
CA ILE Q 162 -4.00 2.09 37.36
C ILE Q 162 -4.18 1.14 36.21
N SER Q 163 -4.10 1.67 34.98
CA SER Q 163 -4.17 0.94 33.76
C SER Q 163 -3.28 1.72 32.84
N ILE Q 164 -2.57 1.02 31.95
CA ILE Q 164 -1.61 1.59 31.06
C ILE Q 164 -1.98 0.96 29.76
N PHE Q 165 -1.78 1.68 28.65
CA PHE Q 165 -2.09 1.22 27.33
C PHE Q 165 -0.83 1.47 26.58
N TYR Q 166 -0.55 0.59 25.60
CA TYR Q 166 0.69 0.51 24.89
C TYR Q 166 0.35 -0.36 23.73
N ASN Q 167 1.34 -0.68 22.88
CA ASN Q 167 1.11 -1.54 21.75
C ASN Q 167 2.02 -2.71 21.85
N ASP Q 168 1.45 -3.92 21.99
CA ASP Q 168 2.22 -5.14 22.07
C ASP Q 168 2.51 -5.47 20.62
N PRO Q 169 3.74 -5.73 20.18
CA PRO Q 169 4.03 -5.94 18.78
C PRO Q 169 3.87 -7.43 18.53
N VAL Q 170 2.63 -7.89 18.21
CA VAL Q 170 2.29 -9.29 18.28
C VAL Q 170 3.13 -10.14 17.37
N SER Q 171 3.33 -9.71 16.12
CA SER Q 171 4.10 -10.48 15.16
C SER Q 171 4.73 -9.40 14.36
N SER Q 172 5.72 -9.74 13.51
CA SER Q 172 6.49 -8.75 12.81
C SER Q 172 5.67 -8.04 11.76
N LEU Q 173 4.51 -8.62 11.39
CA LEU Q 173 3.57 -7.96 10.54
C LEU Q 173 2.34 -7.52 11.29
N SER Q 174 2.23 -7.70 12.64
CA SER Q 174 1.01 -7.27 13.31
C SER Q 174 1.34 -6.57 14.59
N PHE Q 175 0.32 -5.88 15.13
CA PHE Q 175 0.42 -5.16 16.37
C PHE Q 175 -0.97 -5.19 16.90
N GLU Q 176 -1.09 -5.49 18.20
CA GLU Q 176 -2.36 -5.47 18.85
C GLU Q 176 -2.13 -4.48 19.95
N PRO Q 177 -2.95 -3.43 20.10
CA PRO Q 177 -2.78 -2.50 21.18
C PRO Q 177 -3.15 -3.23 22.45
N SER Q 178 -2.41 -3.04 23.56
CA SER Q 178 -2.58 -3.86 24.72
C SER Q 178 -2.42 -2.97 25.91
N GLU Q 179 -2.95 -3.46 27.04
CA GLU Q 179 -3.09 -2.69 28.25
C GLU Q 179 -2.73 -3.63 29.34
N LYS Q 180 -2.42 -3.09 30.54
CA LYS Q 180 -2.18 -3.92 31.69
C LYS Q 180 -2.44 -3.02 32.86
N PRO Q 181 -2.58 -3.53 34.08
CA PRO Q 181 -2.85 -2.67 35.22
C PRO Q 181 -1.56 -2.59 35.98
N ILE Q 182 -1.10 -1.36 36.29
CA ILE Q 182 0.11 -1.19 37.06
C ILE Q 182 -0.26 -1.42 38.50
N PHE Q 183 0.67 -2.05 39.26
CA PHE Q 183 0.45 -2.57 40.57
C PHE Q 183 0.78 -1.45 41.50
N ASN Q 184 -0.15 -1.10 42.41
CA ASN Q 184 0.00 -0.03 43.36
C ASN Q 184 0.71 -0.56 44.57
N ALA Q 185 1.00 0.32 45.56
CA ALA Q 185 1.57 -0.07 46.83
C ALA Q 185 0.52 -0.84 47.59
N LYS Q 186 -0.76 -0.49 47.31
CA LYS Q 186 -1.96 -1.11 47.80
C LYS Q 186 -2.00 -2.54 47.35
N THR Q 187 -1.60 -2.80 46.08
CA THR Q 187 -1.59 -4.13 45.50
C THR Q 187 -0.65 -4.98 46.27
N ILE Q 188 0.56 -4.44 46.55
CA ILE Q 188 1.64 -5.12 47.21
C ILE Q 188 1.22 -5.50 48.61
N GLU Q 189 0.48 -4.59 49.26
CA GLU Q 189 0.00 -4.73 50.61
C GLU Q 189 -0.96 -5.87 50.77
N GLN Q 190 -1.90 -6.05 49.82
CA GLN Q 190 -3.06 -6.87 50.03
C GLN Q 190 -3.01 -8.10 49.16
N SER Q 191 -2.05 -8.19 48.22
CA SER Q 191 -1.70 -9.46 47.60
C SER Q 191 -1.42 -10.53 48.64
N PRO Q 192 -2.02 -11.71 48.56
CA PRO Q 192 -1.99 -12.69 49.63
C PRO Q 192 -0.69 -13.40 49.80
N SER Q 193 -0.06 -13.91 48.71
CA SER Q 193 1.18 -14.63 48.81
C SER Q 193 2.35 -13.69 48.81
N PHE Q 194 2.11 -12.43 49.22
CA PHE Q 194 3.13 -11.49 49.65
C PHE Q 194 3.69 -11.95 50.97
N GLY Q 195 2.95 -12.84 51.67
CA GLY Q 195 3.31 -13.35 52.95
C GLY Q 195 4.16 -14.56 52.74
N LYS Q 196 4.24 -15.05 51.48
CA LYS Q 196 5.09 -16.15 51.09
C LYS Q 196 6.39 -15.60 50.54
N PHE Q 197 6.58 -14.28 50.64
CA PHE Q 197 7.87 -13.65 50.55
C PHE Q 197 8.06 -13.10 51.91
N GLU Q 198 9.31 -12.71 52.25
CA GLU Q 198 9.66 -12.33 53.59
C GLU Q 198 10.48 -11.09 53.47
N ILE Q 199 10.06 -10.02 54.20
CA ILE Q 199 10.91 -8.89 54.48
C ILE Q 199 10.31 -8.28 55.72
N ASP Q 200 11.02 -7.28 56.32
CA ASP Q 200 10.70 -6.62 57.56
C ASP Q 200 9.35 -5.95 57.45
N THR Q 201 8.61 -5.92 58.57
CA THR Q 201 7.33 -5.25 58.68
C THR Q 201 7.53 -3.75 58.72
N ASP Q 202 8.76 -3.29 59.02
CA ASP Q 202 9.12 -1.90 59.08
C ASP Q 202 9.81 -1.52 57.80
N ALA Q 203 9.87 -2.45 56.82
CA ALA Q 203 10.38 -2.16 55.49
C ALA Q 203 9.51 -1.15 54.81
N ASN Q 204 10.14 -0.25 54.02
CA ASN Q 204 9.43 0.74 53.24
C ASN Q 204 9.31 0.18 51.85
N VAL Q 205 9.49 -1.16 51.73
CA VAL Q 205 9.44 -1.93 50.52
C VAL Q 205 8.15 -1.78 49.77
N PRO Q 206 6.92 -1.70 50.29
CA PRO Q 206 5.75 -1.44 49.48
C PRO Q 206 5.85 -0.11 48.79
N ARG Q 207 6.21 0.94 49.55
CA ARG Q 207 6.28 2.30 49.08
C ARG Q 207 7.45 2.53 48.17
N ASP Q 208 8.45 1.62 48.13
CA ASP Q 208 9.61 1.75 47.29
C ASP Q 208 9.37 0.93 46.08
N LEU Q 209 8.90 -0.32 46.28
CA LEU Q 209 8.66 -1.29 45.24
C LEU Q 209 7.60 -0.83 44.30
N PHE Q 210 6.59 -0.06 44.80
CA PHE Q 210 5.52 0.49 44.00
C PHE Q 210 6.15 1.37 42.97
N GLU Q 211 7.04 2.26 43.44
CA GLU Q 211 7.73 3.23 42.64
C GLU Q 211 8.60 2.52 41.64
N TYR Q 212 9.36 1.50 42.10
CA TYR Q 212 10.26 0.76 41.26
C TYR Q 212 9.56 0.04 40.13
N THR Q 213 8.32 -0.45 40.36
CA THR Q 213 7.64 -1.24 39.36
C THR Q 213 6.74 -0.36 38.56
N LEU Q 214 6.56 0.90 38.98
CA LEU Q 214 5.82 1.90 38.27
C LEU Q 214 6.58 2.17 37.01
N ALA Q 215 7.91 2.14 37.13
CA ALA Q 215 8.82 2.50 36.09
C ALA Q 215 9.12 1.25 35.35
N ASN Q 216 9.38 0.12 36.05
CA ASN Q 216 9.78 -1.10 35.38
C ASN Q 216 8.69 -1.58 34.46
N GLN Q 217 7.41 -1.51 34.89
CA GLN Q 217 6.28 -1.81 34.04
C GLN Q 217 6.16 -0.83 32.92
N MET Q 218 6.35 0.47 33.20
CA MET Q 218 6.19 1.50 32.20
C MET Q 218 7.21 1.42 31.12
N LEU Q 219 8.47 1.13 31.46
CA LEU Q 219 9.55 1.09 30.51
C LEU Q 219 9.32 0.00 29.51
N THR Q 220 8.84 -1.17 29.98
CA THR Q 220 8.53 -2.29 29.12
C THR Q 220 7.43 -1.92 28.18
N ALA Q 221 6.41 -1.20 28.69
CA ALA Q 221 5.25 -0.82 27.93
C ALA Q 221 5.67 0.07 26.80
N MET Q 222 6.62 0.99 27.08
CA MET Q 222 7.19 1.87 26.10
C MET Q 222 7.99 1.11 25.08
N ALA Q 223 8.77 0.09 25.52
CA ALA Q 223 9.60 -0.67 24.63
C ALA Q 223 8.79 -1.47 23.65
N GLN Q 224 7.70 -2.08 24.13
CA GLN Q 224 6.77 -2.82 23.32
C GLN Q 224 6.14 -1.91 22.32
N GLY Q 225 5.75 -0.70 22.79
CA GLY Q 225 5.12 0.27 21.96
C GLY Q 225 6.01 0.77 20.86
N TYR Q 226 7.27 1.11 21.19
CA TYR Q 226 8.19 1.74 20.26
C TYR Q 226 8.52 0.81 19.14
N ALA Q 227 8.65 -0.49 19.47
CA ALA Q 227 8.96 -1.51 18.51
C ALA Q 227 7.81 -1.66 17.57
N ALA Q 228 6.57 -1.63 18.11
CA ALA Q 228 5.36 -1.68 17.32
C ALA Q 228 5.24 -0.48 16.45
N GLU Q 229 5.65 0.71 16.92
CA GLU Q 229 5.60 1.94 16.20
C GLU Q 229 6.45 1.87 14.97
N ILE Q 230 7.74 1.49 15.13
CA ILE Q 230 8.66 1.35 14.01
C ILE Q 230 8.22 0.25 13.10
N SER Q 231 7.61 -0.83 13.63
CA SER Q 231 7.16 -1.95 12.85
C SER Q 231 6.01 -1.54 12.00
N ALA Q 232 5.07 -0.78 12.57
CA ALA Q 232 3.89 -0.29 11.92
C ALA Q 232 4.27 0.63 10.81
N ARG Q 233 5.29 1.47 11.03
CA ARG Q 233 5.78 2.36 10.03
C ARG Q 233 6.36 1.62 8.85
N ARG Q 234 7.07 0.49 9.09
CA ARG Q 234 7.62 -0.34 8.05
C ARG Q 234 6.54 -0.93 7.22
N ASN Q 235 5.51 -1.47 7.91
CA ASN Q 235 4.37 -2.12 7.30
C ASN Q 235 3.62 -1.15 6.45
N ALA Q 236 3.42 0.07 6.99
CA ALA Q 236 2.65 1.09 6.35
C ALA Q 236 3.31 1.55 5.10
N MET Q 237 4.63 1.85 5.18
CA MET Q 237 5.41 2.25 4.03
C MET Q 237 5.54 1.20 2.99
N ASP Q 238 5.43 -0.09 3.36
CA ASP Q 238 5.44 -1.15 2.39
C ASP Q 238 4.15 -1.12 1.62
N ASN Q 239 3.01 -0.94 2.32
CA ASN Q 239 1.69 -0.91 1.72
C ASN Q 239 1.52 0.30 0.85
N ALA Q 240 2.23 1.39 1.20
CA ALA Q 240 2.27 2.62 0.46
C ALA Q 240 2.84 2.39 -0.90
N SER Q 241 3.98 1.67 -0.97
CA SER Q 241 4.65 1.31 -2.19
C SER Q 241 3.73 0.56 -3.12
N LYS Q 242 2.84 -0.30 -2.56
CA LYS Q 242 1.92 -1.07 -3.36
C LYS Q 242 0.88 -0.18 -3.98
N ASN Q 243 0.34 0.77 -3.17
CA ASN Q 243 -0.71 1.66 -3.62
C ASN Q 243 -0.18 2.57 -4.70
N ALA Q 244 1.08 3.03 -4.53
CA ALA Q 244 1.76 3.87 -5.46
C ALA Q 244 2.02 3.14 -6.74
N GLY Q 245 2.31 1.83 -6.64
CA GLY Q 245 2.58 0.98 -7.76
C GLY Q 245 1.42 0.92 -8.69
N ASP Q 246 0.20 0.82 -8.10
CA ASP Q 246 -1.02 0.75 -8.85
C ASP Q 246 -1.20 2.00 -9.66
N MET Q 247 -0.89 3.16 -9.05
CA MET Q 247 -0.92 4.41 -9.75
C MET Q 247 0.10 4.52 -10.85
N ILE Q 248 1.33 3.97 -10.65
CA ILE Q 248 2.31 3.92 -11.71
C ILE Q 248 1.74 3.23 -12.90
N ASN Q 249 1.08 2.09 -12.72
CA ASN Q 249 0.54 1.36 -13.84
C ASN Q 249 -0.57 2.11 -14.51
N ARG Q 250 -1.48 2.72 -13.71
CA ARG Q 250 -2.61 3.43 -14.26
C ARG Q 250 -2.25 4.64 -15.06
N TYR Q 251 -1.34 5.47 -14.53
CA TYR Q 251 -0.82 6.60 -15.25
C TYR Q 251 0.07 6.21 -16.38
N SER Q 252 0.67 5.01 -16.38
CA SER Q 252 1.49 4.58 -17.49
C SER Q 252 0.65 4.33 -18.70
N ILE Q 253 -0.52 3.69 -18.51
CA ILE Q 253 -1.44 3.42 -19.59
C ILE Q 253 -1.94 4.70 -20.15
N LEU Q 254 -2.24 5.67 -19.26
CA LEU Q 254 -2.70 6.96 -19.68
C LEU Q 254 -1.64 7.66 -20.46
N TYR Q 255 -0.38 7.64 -19.97
CA TYR Q 255 0.76 8.21 -20.62
C TYR Q 255 0.95 7.67 -22.00
N ASN Q 256 0.82 6.34 -22.16
CA ASN Q 256 1.10 5.68 -23.41
C ASN Q 256 0.05 6.06 -24.39
N ARG Q 257 -1.22 6.08 -23.94
CA ARG Q 257 -2.33 6.46 -24.76
C ARG Q 257 -2.21 7.88 -25.19
N THR Q 258 -1.80 8.77 -24.27
CA THR Q 258 -1.68 10.18 -24.51
C THR Q 258 -0.61 10.42 -25.52
N ARG Q 259 0.50 9.63 -25.46
CA ARG Q 259 1.58 9.76 -26.39
C ARG Q 259 1.11 9.47 -27.78
N GLN Q 260 0.32 8.40 -27.93
CA GLN Q 260 -0.18 8.02 -29.22
C GLN Q 260 -1.11 9.07 -29.76
N ALA Q 261 -1.95 9.61 -28.87
CA ALA Q 261 -2.98 10.53 -29.25
C ALA Q 261 -2.41 11.81 -29.77
N VAL Q 262 -1.33 12.31 -29.13
CA VAL Q 262 -0.69 13.52 -29.54
C VAL Q 262 -0.14 13.41 -30.93
N ILE Q 263 0.49 12.25 -31.24
CA ILE Q 263 1.06 12.01 -32.54
C ILE Q 263 -0.01 12.00 -33.56
N THR Q 264 -1.14 11.32 -33.26
CA THR Q 264 -2.20 11.15 -34.22
C THR Q 264 -2.83 12.47 -34.53
N ASN Q 265 -3.11 13.28 -33.49
CA ASN Q 265 -3.83 14.51 -33.67
C ASN Q 265 -3.00 15.49 -34.44
N GLU Q 266 -1.68 15.53 -34.14
CA GLU Q 266 -0.77 16.37 -34.87
C GLU Q 266 -0.65 15.96 -36.30
N LEU Q 267 -0.61 14.63 -36.54
CA LEU Q 267 -0.41 14.09 -37.86
C LEU Q 267 -1.54 14.47 -38.76
N VAL Q 268 -2.78 14.44 -38.22
CA VAL Q 268 -3.97 14.72 -38.98
C VAL Q 268 -3.94 16.12 -39.46
N ASP Q 269 -3.44 17.06 -38.62
CA ASP Q 269 -3.38 18.46 -38.97
C ASP Q 269 -2.46 18.67 -40.14
N ILE Q 270 -1.30 17.96 -40.15
CA ILE Q 270 -0.33 18.06 -41.20
C ILE Q 270 -0.94 17.60 -42.47
N ILE Q 271 -1.70 16.47 -42.42
CA ILE Q 271 -2.32 15.89 -43.58
C ILE Q 271 -3.33 16.85 -44.14
N THR Q 272 -4.14 17.50 -43.29
CA THR Q 272 -5.21 18.36 -43.72
C THR Q 272 -4.64 19.52 -44.48
N GLY Q 273 -3.49 20.03 -43.99
CA GLY Q 273 -2.77 21.11 -44.58
C GLY Q 273 -2.19 20.71 -45.90
N ALA Q 274 -1.63 19.49 -45.94
CA ALA Q 274 -0.95 18.94 -47.09
C ALA Q 274 -1.91 18.75 -48.21
N SER Q 275 -3.15 18.33 -47.87
CA SER Q 275 -4.20 17.99 -48.81
C SER Q 275 -4.54 19.20 -49.60
N SER Q 276 -4.62 20.37 -48.92
CA SER Q 276 -4.72 21.62 -49.60
C SER Q 276 -3.41 21.84 -50.37
N LYS R 11 18.37 -21.54 39.60
CA LYS R 11 19.05 -20.70 38.58
C LYS R 11 19.07 -19.27 39.00
N LEU R 12 20.15 -18.55 38.66
CA LEU R 12 20.31 -17.17 39.01
C LEU R 12 19.76 -16.39 37.86
N GLN R 13 19.36 -15.13 38.11
CA GLN R 13 18.92 -14.24 37.09
C GLN R 13 19.38 -12.88 37.47
N PHE R 14 20.26 -12.26 36.65
CA PHE R 14 20.60 -10.86 36.76
C PHE R 14 20.05 -10.37 35.48
N ALA R 15 19.30 -9.25 35.53
CA ALA R 15 18.53 -8.80 34.41
C ALA R 15 18.55 -7.33 34.50
N LEU R 16 18.67 -6.66 33.34
CA LEU R 16 18.82 -5.24 33.27
C LEU R 16 18.09 -4.96 31.98
N PRO R 17 17.54 -3.77 31.73
CA PRO R 17 16.62 -3.55 30.63
C PRO R 17 17.35 -3.55 29.32
N HIS R 18 18.70 -3.55 29.35
CA HIS R 18 19.46 -3.33 28.17
C HIS R 18 20.78 -3.97 28.42
N GLU R 19 20.93 -4.76 29.50
CA GLU R 19 22.19 -5.38 29.77
C GLU R 19 21.98 -6.68 30.52
N THR R 20 20.77 -7.29 30.43
CA THR R 20 20.41 -8.57 31.05
C THR R 20 21.53 -9.60 31.03
N LEU R 21 21.87 -10.15 32.22
CA LEU R 21 23.16 -10.75 32.46
C LEU R 21 22.99 -12.22 32.79
N TYR R 22 22.74 -12.59 34.07
CA TYR R 22 22.83 -13.96 34.51
C TYR R 22 21.52 -14.67 34.41
N SER R 23 20.52 -14.05 33.74
CA SER R 23 19.22 -14.63 33.48
C SER R 23 19.32 -16.01 32.82
N GLU R 26 20.83 -22.69 41.45
CA GLU R 26 21.38 -21.32 41.35
C GLU R 26 22.85 -21.33 41.14
N VAL R 27 23.36 -20.18 40.66
CA VAL R 27 24.77 -19.88 40.52
C VAL R 27 25.35 -19.88 41.91
N THR R 28 26.53 -20.55 42.07
CA THR R 28 27.07 -21.05 43.31
C THR R 28 26.86 -20.19 44.54
N GLN R 29 27.49 -19.01 44.61
CA GLN R 29 27.40 -18.13 45.74
C GLN R 29 27.19 -16.78 45.16
N VAL R 30 26.30 -15.98 45.76
CA VAL R 30 26.04 -14.65 45.24
C VAL R 30 26.06 -13.82 46.49
N ASN R 31 26.69 -12.63 46.40
CA ASN R 31 26.95 -11.76 47.52
C ASN R 31 26.46 -10.41 47.07
N LEU R 32 25.57 -9.80 47.87
CA LEU R 32 24.73 -8.72 47.44
C LEU R 32 24.68 -7.72 48.55
N PRO R 33 24.55 -6.44 48.24
CA PRO R 33 24.42 -5.45 49.29
C PRO R 33 23.04 -4.89 49.03
N ALA R 34 22.22 -4.96 50.06
CA ALA R 34 20.79 -4.99 49.96
C ALA R 34 20.37 -4.04 51.02
N LYS R 35 19.07 -3.69 51.01
CA LYS R 35 18.48 -2.84 52.00
C LYS R 35 18.48 -3.48 53.36
N SER R 36 18.66 -4.84 53.41
CA SER R 36 18.74 -5.64 54.60
C SER R 36 20.18 -5.82 55.04
N GLY R 37 21.09 -4.92 54.62
CA GLY R 37 22.48 -4.97 55.02
C GLY R 37 23.21 -5.64 53.91
N ARG R 38 23.80 -6.82 54.19
CA ARG R 38 24.37 -7.60 53.13
C ARG R 38 23.80 -8.95 53.31
N ILE R 39 23.51 -9.55 52.15
CA ILE R 39 22.80 -10.78 52.03
C ILE R 39 23.65 -11.59 51.12
N GLY R 40 23.69 -12.91 51.39
CA GLY R 40 24.36 -13.87 50.57
C GLY R 40 23.32 -14.88 50.28
N VAL R 41 23.33 -15.47 49.08
CA VAL R 41 22.32 -16.40 48.68
C VAL R 41 23.14 -17.56 48.21
N LEU R 42 22.71 -18.74 48.71
CA LEU R 42 23.38 -19.99 48.51
C LEU R 42 22.26 -20.97 48.47
N ALA R 43 22.21 -21.81 47.41
CA ALA R 43 21.22 -22.86 47.21
C ALA R 43 19.82 -22.36 47.42
N ASN R 44 18.94 -23.18 48.04
CA ASN R 44 17.66 -22.72 48.52
C ASN R 44 17.91 -21.66 49.57
N HIS R 45 17.15 -20.57 49.49
CA HIS R 45 17.20 -19.48 50.41
C HIS R 45 15.76 -19.17 50.61
N VAL R 46 15.41 -18.56 51.76
CA VAL R 46 14.05 -18.20 52.07
C VAL R 46 13.57 -17.14 51.12
N PRO R 47 12.29 -17.05 50.76
CA PRO R 47 11.90 -16.28 49.60
C PRO R 47 11.73 -14.89 50.14
N THR R 48 12.49 -13.93 49.58
CA THR R 48 12.60 -12.60 50.11
C THR R 48 12.25 -11.65 49.01
N VAL R 49 11.89 -10.41 49.40
CA VAL R 49 11.80 -9.24 48.55
C VAL R 49 12.64 -8.16 49.18
N GLU R 50 13.73 -7.69 48.51
CA GLU R 50 14.59 -6.66 49.05
C GLU R 50 14.91 -5.66 47.98
N GLN R 51 14.82 -4.33 48.29
CA GLN R 51 15.31 -3.32 47.36
C GLN R 51 16.80 -3.38 47.45
N LEU R 52 17.50 -3.54 46.31
CA LEU R 52 18.94 -3.54 46.28
C LEU R 52 19.40 -2.13 46.37
N LEU R 53 20.31 -1.84 47.33
CA LEU R 53 20.96 -0.55 47.41
C LEU R 53 22.07 -0.54 46.37
N PRO R 54 22.47 0.60 45.80
CA PRO R 54 23.73 0.80 45.10
C PRO R 54 24.88 0.05 45.71
N GLY R 55 25.62 -0.70 44.88
CA GLY R 55 26.26 -1.87 45.38
C GLY R 55 27.53 -2.15 44.68
N VAL R 56 28.33 -2.97 45.36
CA VAL R 56 29.48 -3.65 44.86
C VAL R 56 29.07 -5.07 45.12
N VAL R 57 29.13 -5.92 44.10
CA VAL R 57 28.46 -7.18 44.06
C VAL R 57 29.51 -8.14 43.62
N GLU R 58 29.42 -9.38 44.15
CA GLU R 58 30.27 -10.44 43.68
C GLU R 58 29.27 -11.50 43.45
N VAL R 59 29.49 -12.23 42.34
CA VAL R 59 28.67 -13.32 41.95
C VAL R 59 29.70 -14.33 41.68
N MET R 60 29.52 -15.56 42.17
CA MET R 60 30.53 -16.55 42.02
C MET R 60 29.74 -17.68 41.46
N GLU R 61 30.29 -18.28 40.39
CA GLU R 61 29.75 -19.42 39.72
C GLU R 61 30.98 -20.23 39.74
N GLY R 62 30.89 -21.42 40.34
CA GLY R 62 32.05 -22.10 40.88
C GLY R 62 32.80 -21.21 41.83
N SER R 63 34.13 -21.44 41.92
CA SER R 63 35.04 -20.62 42.68
C SER R 63 35.35 -19.34 41.95
N ASN R 64 35.05 -19.30 40.64
CA ASN R 64 35.30 -18.14 39.80
C ASN R 64 34.31 -17.11 40.22
N SER R 65 34.78 -15.85 40.32
CA SER R 65 34.08 -14.78 40.96
C SER R 65 34.18 -13.68 39.96
N LYS R 66 33.06 -12.96 39.80
CA LYS R 66 32.86 -11.92 38.84
C LYS R 66 32.34 -10.79 39.65
N LYS R 67 32.81 -9.59 39.31
CA LYS R 67 32.80 -8.47 40.20
C LYS R 67 32.07 -7.41 39.42
N PHE R 68 31.07 -6.83 40.09
CA PHE R 68 30.07 -6.00 39.49
C PHE R 68 29.96 -4.81 40.34
N PHE R 69 29.63 -3.69 39.70
CA PHE R 69 29.30 -2.47 40.36
C PHE R 69 27.92 -2.34 39.81
N ILE R 70 26.92 -2.11 40.67
CA ILE R 70 25.53 -2.32 40.35
C ILE R 70 24.86 -1.10 40.88
N SER R 71 23.83 -0.60 40.16
CA SER R 71 23.29 0.71 40.38
C SER R 71 22.15 0.67 41.37
N GLY R 72 21.96 -0.47 42.07
CA GLY R 72 20.80 -0.71 42.89
C GLY R 72 19.60 -1.01 42.04
N GLY R 73 18.55 -1.56 42.68
CA GLY R 73 17.51 -2.22 41.94
C GLY R 73 16.59 -2.86 42.92
N PHE R 74 16.16 -4.10 42.57
CA PHE R 74 15.32 -4.89 43.41
C PHE R 74 15.83 -6.31 43.27
N ALA R 75 15.67 -7.09 44.35
CA ALA R 75 16.11 -8.45 44.51
C ALA R 75 14.90 -9.19 44.97
N THR R 76 14.71 -10.44 44.50
CA THR R 76 13.59 -11.25 44.91
C THR R 76 14.05 -12.66 44.67
N VAL R 77 14.28 -13.43 45.78
CA VAL R 77 14.27 -14.86 45.68
C VAL R 77 12.82 -15.25 45.53
N GLN R 78 12.55 -16.00 44.45
CA GLN R 78 11.28 -16.57 44.14
C GLN R 78 11.33 -17.91 44.79
N PRO R 79 10.23 -18.53 45.19
CA PRO R 79 10.28 -19.79 45.90
C PRO R 79 10.90 -20.92 45.11
N ASP R 80 10.94 -20.82 43.76
CA ASP R 80 11.44 -21.87 42.90
C ASP R 80 12.92 -21.70 42.66
N SER R 81 13.60 -20.97 43.57
CA SER R 81 15.02 -20.73 43.57
C SER R 81 15.45 -19.99 42.35
N GLN R 82 14.68 -18.93 41.99
CA GLN R 82 15.04 -18.03 40.92
C GLN R 82 15.31 -16.77 41.64
N LEU R 83 16.60 -16.36 41.67
CA LEU R 83 17.00 -15.11 42.27
C LEU R 83 16.95 -14.10 41.17
N CYS R 84 15.77 -13.44 41.07
CA CYS R 84 15.51 -12.31 40.22
C CYS R 84 16.20 -11.10 40.77
N VAL R 85 17.24 -10.63 40.06
CA VAL R 85 17.89 -9.39 40.33
C VAL R 85 17.57 -8.58 39.13
N THR R 86 17.08 -7.35 39.38
CA THR R 86 16.76 -6.38 38.37
C THR R 86 17.52 -5.15 38.78
N ALA R 87 18.29 -4.55 37.84
CA ALA R 87 19.06 -3.35 38.07
C ALA R 87 19.19 -2.64 36.75
N ILE R 88 19.60 -1.35 36.77
CA ILE R 88 19.54 -0.48 35.61
C ILE R 88 20.77 -0.69 34.80
N GLU R 89 21.96 -0.50 35.41
CA GLU R 89 23.19 -0.67 34.71
C GLU R 89 24.18 -1.15 35.72
N ALA R 90 25.23 -1.83 35.21
CA ALA R 90 26.35 -2.26 36.01
C ALA R 90 27.53 -1.32 35.74
N PRO R 92 32.16 -5.78 35.10
CA PRO R 92 31.49 -4.46 34.99
C PRO R 92 31.64 -3.78 36.32
N LEU R 93 32.89 -3.71 36.80
CA LEU R 93 33.33 -2.85 37.85
C LEU R 93 34.62 -2.28 37.37
N GLU R 94 35.31 -2.97 36.43
CA GLU R 94 36.48 -2.48 35.76
C GLU R 94 36.17 -1.24 34.95
N SER R 95 34.93 -1.19 34.40
CA SER R 95 34.37 -0.10 33.66
C SER R 95 34.19 1.12 34.50
N PHE R 96 33.77 0.88 35.77
CA PHE R 96 33.60 1.85 36.82
C PHE R 96 34.93 2.45 37.20
N SER R 97 36.02 1.67 37.08
CA SER R 97 37.32 2.16 37.44
C SER R 97 37.77 3.03 36.24
N GLU R 99 38.86 6.54 38.12
CA GLU R 99 39.80 7.68 38.16
C GLU R 99 39.11 8.94 37.75
N ASN R 100 38.43 8.92 36.58
CA ASN R 100 37.61 10.02 36.11
C ASN R 100 36.44 10.22 37.02
N ILE R 101 35.89 9.11 37.55
CA ILE R 101 34.81 9.15 38.51
C ILE R 101 35.23 9.83 39.78
N LYS R 102 36.51 9.68 40.21
CA LYS R 102 37.01 10.37 41.36
C LYS R 102 37.06 11.84 41.11
N ASN R 103 37.49 12.25 39.89
CA ASN R 103 37.52 13.63 39.47
C ASN R 103 36.15 14.23 39.50
N LEU R 104 35.15 13.52 38.92
CA LEU R 104 33.78 13.93 38.91
C LEU R 104 33.23 14.08 40.28
N LEU R 105 33.55 13.11 41.16
CA LEU R 105 33.12 13.11 42.53
C LEU R 105 33.65 14.24 43.32
N ALA R 106 34.85 14.75 42.98
CA ALA R 106 35.36 15.95 43.58
C ALA R 106 34.47 17.12 43.24
N GLU R 107 34.06 17.21 41.96
CA GLU R 107 33.12 18.18 41.47
C GLU R 107 31.80 18.04 42.17
N ALA R 108 31.33 16.78 42.35
CA ALA R 108 30.08 16.47 43.01
C ALA R 108 30.10 16.89 44.44
N LYS R 109 31.28 16.80 45.11
CA LYS R 109 31.47 17.27 46.45
C LYS R 109 31.29 18.76 46.52
N LYS R 110 31.86 19.51 45.56
CA LYS R 110 31.62 20.92 45.45
C LYS R 110 30.14 21.23 45.26
N ASN R 111 29.50 20.45 44.37
CA ASN R 111 28.13 20.64 43.95
C ASN R 111 27.11 20.55 45.05
N VAL R 112 27.27 19.61 46.03
CA VAL R 112 26.27 19.43 47.07
C VAL R 112 26.07 20.66 47.90
N SER R 113 27.14 21.46 48.10
CA SER R 113 27.08 22.61 48.96
C SER R 113 26.04 23.64 48.57
N SER R 114 25.96 24.02 47.28
CA SER R 114 24.94 24.94 46.84
C SER R 114 23.73 24.18 46.42
N SER R 115 23.99 23.17 45.60
CA SER R 115 23.03 22.39 44.90
C SER R 115 23.08 21.02 45.59
N ARG R 118 16.36 19.67 45.40
CA ARG R 118 16.36 18.28 44.84
C ARG R 118 17.76 17.93 44.43
N GLU R 119 18.54 18.92 43.96
CA GLU R 119 19.91 18.78 43.56
C GLU R 119 20.78 18.37 44.71
N ALA R 120 20.43 18.80 45.94
CA ALA R 120 21.12 18.44 47.15
C ALA R 120 21.03 16.97 47.37
N ALA R 121 19.81 16.40 47.23
CA ALA R 121 19.57 14.99 47.38
C ALA R 121 20.35 14.21 46.37
N GLU R 122 20.41 14.71 45.10
CA GLU R 122 21.14 14.09 44.02
C GLU R 122 22.60 13.97 44.31
N ALA R 123 23.19 15.08 44.77
CA ALA R 123 24.57 15.16 45.11
C ALA R 123 24.88 14.31 46.30
N ALA R 124 23.90 14.15 47.24
CA ALA R 124 24.00 13.25 48.36
C ALA R 124 24.13 11.83 47.88
N ILE R 125 23.31 11.42 46.87
CA ILE R 125 23.43 10.12 46.24
C ILE R 125 24.81 9.97 45.65
N GLN R 126 25.34 11.03 45.02
CA GLN R 126 26.68 11.05 44.49
C GLN R 126 27.72 10.80 45.55
N VAL R 127 27.53 11.36 46.76
CA VAL R 127 28.38 11.09 47.90
C VAL R 127 28.29 9.64 48.29
N GLU R 128 27.09 9.02 48.26
CA GLU R 128 26.95 7.60 48.51
C GLU R 128 27.73 6.79 47.51
N VAL R 129 27.68 7.18 46.22
CA VAL R 129 28.46 6.61 45.16
C VAL R 129 29.92 6.80 45.42
N LEU R 130 30.35 7.95 45.98
CA LEU R 130 31.73 8.21 46.36
C LEU R 130 32.21 7.26 47.40
N GLU R 131 31.35 6.88 48.37
CA GLU R 131 31.71 5.90 49.35
C GLU R 131 31.94 4.58 48.68
N ASN R 132 31.03 4.22 47.76
CA ASN R 132 31.10 3.02 46.97
C ASN R 132 32.35 3.02 46.12
N LEU R 133 32.74 4.19 45.58
CA LEU R 133 33.96 4.35 44.82
C LEU R 133 35.15 4.15 45.68
N GLN R 134 35.17 4.67 46.93
CA GLN R 134 36.26 4.41 47.83
C GLN R 134 36.41 2.94 48.13
N SER R 135 35.27 2.20 48.20
CA SER R 135 35.24 0.75 48.29
C SER R 135 35.93 0.07 47.14
N VAL R 136 35.85 0.66 45.93
CA VAL R 136 36.56 0.18 44.78
C VAL R 136 38.01 0.67 44.93
N ILE S 8 11.66 12.89 45.45
CA ILE S 8 12.63 11.95 44.85
C ILE S 8 12.11 10.54 45.03
N SER S 9 11.66 9.92 43.91
CA SER S 9 11.06 8.60 43.93
C SER S 9 12.18 7.62 44.04
N TYR S 10 11.86 6.34 44.36
CA TYR S 10 12.88 5.33 44.56
C TYR S 10 13.63 5.13 43.26
N ALA S 11 12.91 5.19 42.13
CA ALA S 11 13.50 4.94 40.85
C ALA S 11 14.20 6.17 40.37
N ALA S 12 13.84 7.37 40.89
CA ALA S 12 14.55 8.59 40.64
C ALA S 12 15.86 8.57 41.36
N TYR S 13 15.87 8.01 42.58
CA TYR S 13 17.05 7.80 43.38
C TYR S 13 18.01 6.91 42.62
N LEU S 14 17.51 5.78 42.10
CA LEU S 14 18.30 4.90 41.28
C LEU S 14 18.78 5.58 40.01
N ASN S 15 17.94 6.47 39.43
CA ASN S 15 18.25 7.17 38.20
C ASN S 15 19.47 8.04 38.30
N VAL S 16 19.56 8.90 39.33
CA VAL S 16 20.70 9.75 39.55
C VAL S 16 21.95 8.93 39.73
N ALA S 17 21.84 7.81 40.48
CA ALA S 17 22.95 6.91 40.65
C ALA S 17 23.42 6.30 39.36
N ALA S 18 22.50 5.88 38.47
CA ALA S 18 22.84 5.30 37.20
C ALA S 18 23.53 6.30 36.32
N GLN S 19 23.01 7.55 36.33
CA GLN S 19 23.57 8.66 35.60
C GLN S 19 24.97 8.93 36.05
N ALA S 20 25.20 8.96 37.37
CA ALA S 20 26.51 9.10 37.92
C ALA S 20 27.47 8.01 37.55
N ILE S 21 26.99 6.74 37.55
CA ILE S 21 27.81 5.57 37.29
C ILE S 21 28.39 5.47 35.92
N ARG S 22 27.71 5.99 34.88
CA ARG S 22 28.32 6.00 33.57
C ARG S 22 29.44 6.98 33.37
N SER S 23 29.68 7.87 34.35
CA SER S 23 30.87 8.67 34.38
C SER S 23 31.65 8.32 35.65
N THR S 27 32.70 4.94 33.20
CA THR S 27 33.52 5.99 33.84
C THR S 27 34.44 6.56 32.83
N GLU S 28 35.55 5.86 32.51
CA GLU S 28 36.49 6.30 31.52
C GLU S 28 36.14 5.64 30.22
N LEU S 29 35.48 4.47 30.29
CA LEU S 29 35.44 3.55 29.19
C LEU S 29 34.09 3.58 28.55
N GLN S 30 33.10 4.24 29.20
CA GLN S 30 31.70 3.98 28.88
C GLN S 30 31.21 4.77 27.70
N THR S 31 30.40 4.06 26.86
CA THR S 31 30.07 4.41 25.51
C THR S 31 28.93 5.40 25.45
N ALA S 32 28.75 5.98 24.25
CA ALA S 32 27.83 7.00 23.90
C ALA S 32 26.42 6.53 24.05
N SER S 33 26.12 5.27 23.67
CA SER S 33 24.79 4.73 23.77
C SER S 33 24.31 4.68 25.20
N VAL S 34 25.20 4.35 26.16
CA VAL S 34 24.93 4.46 27.57
C VAL S 34 24.58 5.88 27.92
N LEU S 35 25.41 6.84 27.48
CA LEU S 35 25.22 8.26 27.69
C LEU S 35 23.92 8.75 27.12
N ASN S 36 23.46 8.12 26.01
CA ASN S 36 22.24 8.46 25.33
C ASN S 36 21.10 7.94 26.15
N ARG S 37 21.21 6.71 26.70
CA ARG S 37 20.28 6.17 27.67
C ARG S 37 20.17 6.96 28.95
N SER S 38 21.14 7.87 29.18
CA SER S 38 21.20 8.73 30.33
C SER S 38 20.96 10.14 29.89
N GLN S 39 20.52 10.35 28.63
CA GLN S 39 20.25 11.66 28.09
C GLN S 39 18.82 11.57 27.66
N THR S 40 18.10 12.70 27.71
CA THR S 40 16.69 12.74 27.38
C THR S 40 16.47 14.09 26.75
N ASP S 41 15.61 14.13 25.71
CA ASP S 41 15.34 15.34 24.97
C ASP S 41 13.95 15.79 25.29
N ALA S 42 13.21 15.00 26.09
CA ALA S 42 11.83 15.26 26.34
C ALA S 42 11.74 16.32 27.39
N PHE S 43 10.89 17.33 27.13
CA PHE S 43 10.68 18.43 28.01
C PHE S 43 9.20 18.30 28.16
N TYR S 44 8.79 17.66 29.27
CA TYR S 44 7.41 17.31 29.53
C TYR S 44 6.50 18.50 29.57
N THR S 45 5.56 18.52 28.61
CA THR S 45 4.61 19.56 28.50
C THR S 45 3.47 19.12 29.34
N GLN S 46 3.45 19.62 30.60
CA GLN S 46 2.43 19.30 31.56
C GLN S 46 1.09 19.72 31.02
N TYR S 47 0.04 18.92 31.30
CA TYR S 47 -1.26 19.20 30.76
C TYR S 47 -2.04 19.43 32.01
N LYS S 48 -3.36 19.63 31.87
CA LYS S 48 -4.22 19.84 32.99
C LYS S 48 -5.59 19.67 32.41
N ASN S 49 -6.57 19.39 33.31
CA ASN S 49 -7.98 19.17 33.09
C ASN S 49 -8.56 19.96 31.89
N ALA S 53 -9.67 21.24 28.72
CA ALA S 53 -8.21 21.22 28.46
C ALA S 53 -7.58 22.41 29.09
N SER S 54 -6.33 22.21 29.52
CA SER S 54 -5.53 23.24 30.10
C SER S 54 -4.16 22.65 29.98
N GLU S 55 -3.11 23.47 30.12
CA GLU S 55 -1.79 23.01 29.77
C GLU S 55 -0.82 24.00 30.33
N PRO S 56 -0.27 23.79 31.52
CA PRO S 56 0.96 24.44 31.96
C PRO S 56 2.08 24.24 30.97
N THR S 57 2.81 25.32 30.66
CA THR S 57 3.71 25.46 29.54
C THR S 57 4.76 24.38 29.46
N PRO S 58 5.34 24.08 28.28
CA PRO S 58 6.33 23.03 28.07
C PRO S 58 7.48 23.26 28.99
N ILE S 59 7.85 22.26 29.80
CA ILE S 59 8.86 22.50 30.80
C ILE S 59 9.68 21.29 30.76
N THR S 60 10.99 21.44 31.02
CA THR S 60 11.97 20.40 30.98
C THR S 60 11.56 19.29 31.91
N LYS S 61 11.78 18.06 31.46
CA LYS S 61 11.47 16.90 32.23
C LYS S 61 12.67 16.78 33.18
N PRO T 7 -28.58 19.19 -76.46
CA PRO T 7 -27.18 19.44 -76.01
C PRO T 7 -26.24 18.80 -76.99
N PRO T 8 -24.96 19.22 -77.07
CA PRO T 8 -23.94 18.65 -77.93
C PRO T 8 -23.86 17.15 -77.82
N PRO T 9 -23.80 16.36 -78.88
CA PRO T 9 -23.78 14.91 -78.79
C PRO T 9 -22.54 14.42 -78.11
N VAL T 10 -22.68 13.57 -77.06
CA VAL T 10 -21.61 12.95 -76.32
C VAL T 10 -20.97 13.96 -75.40
N ARG T 11 -20.97 13.66 -74.09
CA ARG T 11 -20.41 14.55 -73.10
C ARG T 11 -18.95 14.18 -73.03
N LEU T 12 -18.07 15.07 -73.53
CA LEU T 12 -16.63 14.87 -73.51
C LEU T 12 -16.13 15.46 -72.22
N PHE T 13 -15.63 16.73 -72.30
CA PHE T 13 -15.25 17.56 -71.18
C PHE T 13 -13.97 17.14 -70.50
N GLY T 14 -13.29 18.14 -69.90
CA GLY T 14 -12.20 17.94 -68.99
C GLY T 14 -10.85 17.92 -69.62
N VAL T 15 -10.74 17.38 -70.84
CA VAL T 15 -9.51 17.23 -71.57
C VAL T 15 -9.31 18.48 -72.39
N GLU T 16 -10.00 19.55 -71.94
CA GLU T 16 -10.11 20.84 -72.54
C GLU T 16 -11.21 20.59 -73.53
N GLY T 17 -12.15 19.70 -73.15
CA GLY T 17 -13.23 19.29 -74.00
C GLY T 17 -14.37 20.15 -73.65
N THR T 18 -14.25 20.95 -72.57
CA THR T 18 -15.21 21.99 -72.29
C THR T 18 -15.02 23.05 -73.34
N TYR T 19 -13.77 23.21 -73.85
CA TYR T 19 -13.44 24.07 -74.96
C TYR T 19 -14.05 23.56 -76.21
N ALA T 20 -13.99 22.24 -76.44
CA ALA T 20 -14.52 21.65 -77.63
C ALA T 20 -16.00 21.79 -77.67
N THR T 21 -16.65 21.53 -76.52
CA THR T 21 -18.06 21.65 -76.32
C THR T 21 -18.51 23.04 -76.61
N ALA T 22 -17.80 24.03 -76.03
CA ALA T 22 -18.08 25.43 -76.19
C ALA T 22 -18.02 25.81 -77.62
N LEU T 23 -16.91 25.41 -78.30
CA LEU T 23 -16.70 25.65 -79.70
C LEU T 23 -17.82 25.08 -80.51
N TYR T 24 -18.19 23.82 -80.23
CA TYR T 24 -19.25 23.16 -80.92
C TYR T 24 -20.56 23.88 -80.81
N GLN T 25 -21.05 24.16 -79.58
CA GLN T 25 -22.35 24.75 -79.43
C GLN T 25 -22.42 26.16 -79.96
N ALA T 26 -21.30 26.90 -79.89
CA ALA T 26 -21.25 28.26 -80.37
C ALA T 26 -21.27 28.31 -81.87
N ALA T 27 -20.64 27.32 -82.51
CA ALA T 27 -20.54 27.29 -83.94
C ALA T 27 -21.66 26.50 -84.51
N ALA T 28 -22.37 25.71 -83.69
CA ALA T 28 -23.48 24.88 -84.11
C ALA T 28 -24.67 25.72 -84.41
N LYS T 29 -24.85 26.82 -83.65
CA LYS T 29 -25.93 27.73 -83.89
C LYS T 29 -25.56 28.64 -85.01
N ASN T 30 -24.26 28.66 -85.37
CA ASN T 30 -23.80 29.36 -86.54
C ASN T 30 -23.76 28.37 -87.68
N SER T 31 -24.01 27.07 -87.39
CA SER T 31 -24.09 25.93 -88.28
C SER T 31 -22.89 25.85 -89.19
N SER T 32 -21.70 26.05 -88.61
CA SER T 32 -20.47 26.10 -89.35
C SER T 32 -19.56 25.32 -88.47
N ILE T 33 -19.92 24.04 -88.26
CA ILE T 33 -19.19 23.17 -87.38
C ILE T 33 -18.42 22.30 -88.29
N ASP T 34 -19.01 21.85 -89.42
CA ASP T 34 -18.29 21.12 -90.42
C ASP T 34 -17.22 21.99 -91.00
N ALA T 35 -17.58 23.25 -91.30
CA ALA T 35 -16.68 24.25 -91.81
C ALA T 35 -15.57 24.50 -90.85
N ALA T 36 -15.93 24.71 -89.56
CA ALA T 36 -14.98 24.87 -88.50
C ALA T 36 -14.04 23.72 -88.40
N PHE T 37 -14.58 22.48 -88.39
CA PHE T 37 -13.83 21.27 -88.26
C PHE T 37 -12.87 21.14 -89.39
N GLN T 38 -13.31 21.44 -90.62
CA GLN T 38 -12.46 21.36 -91.76
C GLN T 38 -11.36 22.36 -91.70
N SER T 39 -11.67 23.64 -91.37
CA SER T 39 -10.65 24.66 -91.24
C SER T 39 -9.68 24.40 -90.12
N LEU T 40 -10.19 23.83 -89.02
CA LEU T 40 -9.41 23.45 -87.87
C LEU T 40 -8.47 22.36 -88.22
N GLN T 41 -8.93 21.37 -89.00
CA GLN T 41 -8.10 20.34 -89.53
C GLN T 41 -7.03 20.88 -90.39
N LYS T 42 -7.34 21.89 -91.22
CA LYS T 42 -6.39 22.43 -92.14
C LYS T 42 -5.32 23.17 -91.42
N VAL T 43 -5.69 23.94 -90.37
CA VAL T 43 -4.69 24.69 -89.66
C VAL T 43 -3.92 23.76 -88.77
N GLU T 44 -4.57 22.69 -88.25
CA GLU T 44 -3.90 21.73 -87.42
C GLU T 44 -2.91 20.97 -88.21
N SER T 45 -3.25 20.66 -89.47
CA SER T 45 -2.43 19.90 -90.35
C SER T 45 -1.24 20.70 -90.75
N THR T 46 -1.39 22.00 -91.03
CA THR T 46 -0.27 22.79 -91.47
C THR T 46 0.60 23.13 -90.30
N VAL T 47 0.05 23.06 -89.07
CA VAL T 47 0.80 23.10 -87.84
C VAL T 47 1.64 21.87 -87.67
N LYS T 48 1.10 20.65 -87.94
CA LYS T 48 1.88 19.44 -87.79
C LYS T 48 2.94 19.41 -88.85
N LYS T 49 2.57 19.93 -90.04
CA LYS T 49 3.43 20.06 -91.18
C LYS T 49 4.23 21.33 -91.12
N ASN T 50 4.33 21.96 -89.93
CA ASN T 50 5.29 22.99 -89.67
C ASN T 50 6.03 22.40 -88.50
N PRO T 51 7.20 21.78 -88.63
CA PRO T 51 7.60 20.88 -87.57
C PRO T 51 8.70 21.56 -86.82
N LYS T 52 9.65 22.22 -87.52
CA LYS T 52 10.75 22.93 -86.94
C LYS T 52 10.23 24.11 -86.20
N LEU T 53 10.18 23.98 -84.84
CA LEU T 53 9.74 24.98 -83.90
C LEU T 53 8.42 25.57 -84.33
N GLY T 54 7.55 24.71 -84.88
CA GLY T 54 6.16 24.98 -85.05
C GLY T 54 5.45 23.78 -84.54
N HIS T 55 6.20 22.68 -84.30
CA HIS T 55 5.74 21.56 -83.54
C HIS T 55 6.50 21.65 -82.26
N LEU T 56 7.75 22.15 -82.32
CA LEU T 56 8.62 22.17 -81.19
C LEU T 56 8.50 23.52 -80.55
N LEU T 57 7.63 24.40 -81.09
CA LEU T 57 7.25 25.60 -80.42
C LEU T 57 5.79 25.49 -80.12
N LEU T 58 5.22 24.27 -80.20
CA LEU T 58 3.99 23.98 -79.50
C LEU T 58 4.35 23.80 -78.06
N ASN T 59 5.66 23.56 -77.77
CA ASN T 59 6.22 23.41 -76.45
C ASN T 59 6.05 24.74 -75.73
N PRO T 60 5.50 24.81 -74.53
CA PRO T 60 5.12 26.07 -73.94
C PRO T 60 6.27 26.65 -73.20
N ALA T 61 6.47 27.96 -73.35
CA ALA T 61 7.61 28.66 -72.83
C ALA T 61 7.53 30.05 -73.36
N LEU T 62 6.45 30.36 -74.12
CA LEU T 62 6.29 31.62 -74.81
C LEU T 62 5.65 32.57 -73.85
N SER T 63 5.52 33.85 -74.26
CA SER T 63 5.06 34.92 -73.41
C SER T 63 3.57 34.88 -73.64
N LEU T 64 2.83 35.85 -73.07
CA LEU T 64 1.46 36.04 -73.47
C LEU T 64 1.47 36.75 -74.79
N LYS T 65 2.31 37.79 -74.89
CA LYS T 65 2.34 38.68 -76.01
C LYS T 65 3.00 37.97 -77.15
N ASP T 66 4.06 37.22 -76.86
CA ASP T 66 4.80 36.50 -77.88
C ASP T 66 3.98 35.37 -78.39
N ARG T 67 3.21 34.73 -77.50
CA ARG T 67 2.27 33.70 -77.89
C ARG T 67 1.23 34.28 -78.81
N ASN T 68 0.76 35.50 -78.50
CA ASN T 68 -0.21 36.22 -79.29
C ASN T 68 0.36 36.50 -80.66
N SER T 69 1.68 36.76 -80.76
CA SER T 69 2.28 37.10 -82.01
C SER T 69 2.48 35.82 -82.80
N VAL T 70 2.58 34.66 -82.12
CA VAL T 70 2.53 33.37 -82.78
C VAL T 70 1.16 33.14 -83.34
N ILE T 71 0.07 33.58 -82.65
CA ILE T 71 -1.29 33.46 -83.13
C ILE T 71 -1.45 34.26 -84.39
N ASP T 72 -0.87 35.47 -84.41
CA ASP T 72 -0.97 36.37 -85.54
C ASP T 72 -0.30 35.77 -86.74
N ALA T 73 0.80 35.03 -86.51
CA ALA T 73 1.49 34.30 -87.55
C ALA T 73 0.64 33.15 -88.02
N ILE T 74 -0.12 32.48 -87.13
CA ILE T 74 -0.96 31.36 -87.46
C ILE T 74 -2.09 31.78 -88.36
N VAL T 75 -2.70 32.97 -88.13
CA VAL T 75 -3.79 33.39 -88.98
C VAL T 75 -3.24 34.10 -90.19
N GLU T 76 -1.92 34.39 -90.18
CA GLU T 76 -1.21 34.83 -91.36
C GLU T 76 -1.03 33.65 -92.28
N THR T 77 -0.94 32.41 -91.72
CA THR T 77 -0.64 31.22 -92.49
C THR T 77 -1.78 30.86 -93.39
N HIS T 78 -3.03 31.24 -93.06
CA HIS T 78 -4.10 31.03 -93.99
C HIS T 78 -5.21 31.86 -93.51
N LYS T 79 -6.10 32.22 -94.44
CA LYS T 79 -7.31 32.93 -94.16
C LYS T 79 -8.33 32.02 -94.73
N ASN T 80 -9.06 31.35 -93.82
CA ASN T 80 -10.10 30.41 -94.11
C ASN T 80 -10.26 29.80 -92.75
N LEU T 81 -10.97 30.52 -91.86
CA LEU T 81 -11.19 30.11 -90.51
C LEU T 81 -12.60 30.51 -90.22
N ASP T 82 -13.24 29.83 -89.24
CA ASP T 82 -14.61 30.05 -88.85
C ASP T 82 -14.79 31.43 -88.27
N GLY T 83 -13.78 31.92 -87.51
CA GLY T 83 -13.83 33.21 -86.89
C GLY T 83 -14.17 32.99 -85.45
N TYR T 84 -14.82 31.84 -85.18
CA TYR T 84 -15.12 31.41 -83.85
C TYR T 84 -13.85 30.70 -83.47
N VAL T 85 -13.23 29.97 -84.43
CA VAL T 85 -11.96 29.34 -84.20
C VAL T 85 -10.81 30.32 -84.29
N VAL T 86 -11.04 31.58 -84.73
CA VAL T 86 -9.97 32.57 -84.65
C VAL T 86 -10.01 33.12 -83.26
N ASN T 87 -11.19 33.08 -82.64
CA ASN T 87 -11.33 33.50 -81.29
C ASN T 87 -10.84 32.37 -80.45
N LEU T 88 -10.98 31.11 -80.88
CA LEU T 88 -10.50 29.98 -80.13
C LEU T 88 -9.02 30.03 -80.03
N LEU T 89 -8.30 30.47 -81.09
CA LEU T 89 -6.87 30.61 -81.04
C LEU T 89 -6.45 31.63 -80.01
N LYS T 90 -7.17 32.76 -79.95
CA LYS T 90 -6.95 33.81 -78.98
C LYS T 90 -7.11 33.27 -77.58
N VAL T 91 -8.19 32.51 -77.36
CA VAL T 91 -8.58 31.91 -76.13
C VAL T 91 -7.52 31.00 -75.62
N LEU T 92 -6.96 30.12 -76.48
CA LEU T 92 -5.91 29.23 -76.06
C LEU T 92 -4.67 29.99 -75.73
N SER T 93 -4.38 31.08 -76.46
CA SER T 93 -3.23 31.91 -76.14
C SER T 93 -3.39 32.59 -74.81
N GLU T 94 -4.61 33.08 -74.53
CA GLU T 94 -4.95 33.78 -73.33
C GLU T 94 -4.96 32.88 -72.14
N ASN T 95 -5.45 31.64 -72.33
CA ASN T 95 -5.51 30.65 -71.28
C ASN T 95 -4.18 29.96 -71.18
N ASN T 96 -3.26 30.23 -72.11
CA ASN T 96 -1.87 29.90 -72.02
C ASN T 96 -1.71 28.41 -72.14
N ARG T 97 -2.35 27.82 -73.17
CA ARG T 97 -2.14 26.46 -73.54
C ARG T 97 -2.05 26.52 -75.02
N LEU T 98 -1.48 25.47 -75.60
CA LEU T 98 -1.25 25.36 -77.00
C LEU T 98 -0.87 23.93 -77.19
N GLY T 99 -0.68 23.19 -76.08
CA GLY T 99 -0.37 21.79 -76.08
C GLY T 99 -1.66 21.04 -76.18
N CYS T 100 -2.74 21.63 -75.65
CA CYS T 100 -4.05 21.06 -75.77
C CYS T 100 -4.68 21.79 -76.92
N PHE T 101 -4.05 21.75 -78.11
CA PHE T 101 -4.54 22.45 -79.26
C PHE T 101 -4.92 21.38 -80.20
N GLU T 102 -3.98 20.44 -80.49
CA GLU T 102 -4.34 19.23 -81.18
C GLU T 102 -5.24 18.39 -80.34
N LYS T 103 -5.22 18.59 -78.99
CA LYS T 103 -6.06 17.83 -78.11
C LYS T 103 -7.46 18.28 -78.32
N ILE T 104 -7.65 19.62 -78.38
CA ILE T 104 -8.91 20.23 -78.67
C ILE T 104 -9.35 19.89 -80.06
N ALA T 105 -8.42 19.83 -81.02
CA ALA T 105 -8.72 19.48 -82.39
C ALA T 105 -9.31 18.12 -82.49
N SER T 106 -8.69 17.15 -81.80
CA SER T 106 -9.13 15.78 -81.76
C SER T 106 -10.48 15.69 -81.12
N ASP T 107 -10.70 16.46 -80.04
CA ASP T 107 -11.94 16.43 -79.29
C ASP T 107 -13.06 16.98 -80.11
N PHE T 108 -12.80 18.09 -80.81
CA PHE T 108 -13.74 18.71 -81.70
C PHE T 108 -14.05 17.80 -82.84
N GLY T 109 -13.07 17.03 -83.32
CA GLY T 109 -13.29 16.03 -84.33
C GLY T 109 -14.22 14.94 -83.89
N VAL T 110 -14.06 14.44 -82.65
CA VAL T 110 -14.92 13.42 -82.09
C VAL T 110 -16.32 13.93 -81.97
N LEU T 111 -16.44 15.17 -81.47
CA LEU T 111 -17.69 15.84 -81.28
C LEU T 111 -18.38 16.06 -82.59
N ASN T 112 -17.60 16.46 -83.60
CA ASN T 112 -18.05 16.74 -84.95
C ASN T 112 -18.56 15.50 -85.59
N ASP T 113 -17.79 14.39 -85.54
CA ASP T 113 -18.19 13.17 -86.20
C ASP T 113 -19.25 12.45 -85.42
N ALA T 114 -19.52 12.83 -84.16
CA ALA T 114 -20.71 12.42 -83.46
C ALA T 114 -21.89 13.12 -84.02
N HIS T 115 -21.74 14.42 -84.34
CA HIS T 115 -22.72 15.22 -85.01
C HIS T 115 -23.03 14.72 -86.40
N ASN T 116 -21.99 14.29 -87.16
CA ASN T 116 -22.13 13.63 -88.43
C ASN T 116 -22.82 12.31 -88.25
N GLY T 117 -22.60 11.68 -87.09
CA GLY T 117 -23.24 10.43 -86.74
C GLY T 117 -22.41 9.29 -87.18
N LEU T 118 -21.14 9.52 -87.59
CA LEU T 118 -20.24 8.46 -87.92
C LEU T 118 -19.87 7.71 -86.66
N LEU T 119 -20.16 6.40 -86.62
CA LEU T 119 -19.81 5.54 -85.52
C LEU T 119 -18.41 5.08 -85.77
N LYS T 120 -17.75 4.58 -84.72
CA LYS T 120 -16.38 4.13 -84.76
C LYS T 120 -16.45 2.80 -84.08
N GLY T 121 -15.76 1.77 -84.61
CA GLY T 121 -15.69 0.48 -83.98
C GLY T 121 -14.25 0.14 -83.90
N THR T 122 -13.94 -1.12 -83.50
CA THR T 122 -12.59 -1.60 -83.54
C THR T 122 -12.76 -3.10 -83.52
N VAL T 123 -11.84 -3.80 -84.21
CA VAL T 123 -11.81 -5.22 -84.32
C VAL T 123 -10.38 -5.61 -84.05
N THR T 124 -9.96 -5.60 -82.76
CA THR T 124 -8.62 -5.97 -82.36
C THR T 124 -8.44 -7.45 -82.68
N SER T 125 -7.23 -7.84 -83.13
CA SER T 125 -6.94 -9.23 -83.43
C SER T 125 -5.51 -9.40 -83.01
N ALA T 126 -5.02 -10.66 -83.02
CA ALA T 126 -3.64 -11.01 -82.76
C ALA T 126 -2.69 -10.46 -83.77
N GLU T 127 -3.09 -10.59 -85.04
CA GLU T 127 -2.33 -10.21 -86.19
C GLU T 127 -3.39 -9.74 -87.13
N PRO T 128 -3.16 -8.84 -88.08
CA PRO T 128 -4.18 -8.37 -89.00
C PRO T 128 -4.65 -9.52 -89.86
N LEU T 129 -5.95 -9.55 -90.22
CA LEU T 129 -6.54 -10.70 -90.86
C LEU T 129 -6.86 -10.30 -92.26
N ASP T 130 -7.59 -11.18 -92.97
CA ASP T 130 -7.98 -11.07 -94.36
C ASP T 130 -8.81 -9.83 -94.60
N PRO T 131 -8.80 -9.26 -95.79
CA PRO T 131 -9.61 -8.10 -96.09
C PRO T 131 -11.00 -8.61 -96.32
N LYS T 132 -11.16 -9.85 -96.82
CA LYS T 132 -12.45 -10.46 -96.97
C LYS T 132 -13.11 -10.59 -95.65
N SER T 133 -12.37 -11.04 -94.61
CA SER T 133 -12.89 -11.08 -93.25
C SER T 133 -13.25 -9.70 -92.76
N PHE T 134 -12.37 -8.68 -92.97
CA PHE T 134 -12.65 -7.31 -92.58
C PHE T 134 -13.97 -6.85 -93.11
N LYS T 135 -14.19 -7.08 -94.43
CA LYS T 135 -15.37 -6.71 -95.14
C LYS T 135 -16.56 -7.44 -94.62
N ARG T 136 -16.45 -8.76 -94.36
CA ARG T 136 -17.56 -9.52 -93.84
C ARG T 136 -18.01 -9.04 -92.49
N ILE T 137 -17.06 -8.65 -91.62
CA ILE T 137 -17.38 -8.11 -90.33
C ILE T 137 -18.00 -6.75 -90.48
N GLU T 138 -17.46 -5.88 -91.36
CA GLU T 138 -18.02 -4.57 -91.60
C GLU T 138 -19.44 -4.61 -92.07
N LYS T 139 -19.72 -5.52 -93.03
CA LYS T 139 -21.03 -5.79 -93.53
C LYS T 139 -21.94 -6.23 -92.44
N ALA T 140 -21.50 -7.25 -91.66
CA ALA T 140 -22.26 -7.84 -90.60
C ALA T 140 -22.66 -6.84 -89.57
N LEU T 141 -21.70 -6.01 -89.12
CA LEU T 141 -21.94 -5.00 -88.13
C LEU T 141 -22.86 -3.92 -88.61
N SER T 142 -22.71 -3.53 -89.89
CA SER T 142 -23.55 -2.52 -90.48
C SER T 142 -24.94 -3.02 -90.63
N ALA T 143 -25.10 -4.29 -91.01
CA ALA T 143 -26.37 -4.96 -91.05
C ALA T 143 -26.99 -5.06 -89.69
N SER T 144 -26.19 -5.33 -88.64
CA SER T 144 -26.71 -5.53 -87.31
C SER T 144 -27.16 -4.22 -86.73
N LYS T 145 -28.06 -4.33 -85.72
CA LYS T 145 -28.68 -3.26 -85.00
C LYS T 145 -27.66 -2.43 -84.28
N LEU T 146 -26.45 -3.00 -84.03
CA LEU T 146 -25.33 -2.40 -83.35
C LEU T 146 -24.93 -1.14 -84.05
N VAL T 147 -24.89 -1.17 -85.40
CA VAL T 147 -24.70 0.03 -86.17
C VAL T 147 -26.06 0.62 -86.33
N GLY T 148 -26.21 1.83 -85.76
CA GLY T 148 -27.41 2.64 -85.79
C GLY T 148 -27.81 3.00 -87.17
N GLN T 149 -29.10 3.37 -87.32
CA GLN T 149 -29.69 3.67 -88.58
C GLN T 149 -29.31 5.06 -88.97
N GLY T 150 -28.60 5.18 -90.11
CA GLY T 150 -27.93 6.38 -90.53
C GLY T 150 -26.77 6.80 -89.67
N LYS T 151 -26.09 5.83 -89.01
CA LYS T 151 -24.96 6.14 -88.19
C LYS T 151 -23.92 5.24 -88.75
N SER T 152 -22.81 5.80 -89.28
CA SER T 152 -21.94 5.07 -90.17
C SER T 152 -20.65 4.73 -89.48
N LEU T 153 -20.53 3.42 -89.17
CA LEU T 153 -19.38 2.73 -88.67
C LEU T 153 -18.11 3.05 -89.42
N LYS T 154 -17.00 3.22 -88.68
CA LYS T 154 -15.68 3.33 -89.23
C LYS T 154 -15.01 2.34 -88.36
N LEU T 155 -14.90 1.12 -88.90
CA LEU T 155 -14.36 -0.03 -88.22
C LEU T 155 -12.92 -0.03 -88.47
N GLU T 156 -12.14 -0.26 -87.41
CA GLU T 156 -10.70 -0.17 -87.48
C GLU T 156 -10.28 -1.52 -87.04
N ASN T 157 -9.53 -2.26 -87.87
CA ASN T 157 -8.87 -3.45 -87.41
C ASN T 157 -7.63 -2.93 -86.78
N VAL T 158 -7.29 -3.43 -85.58
CA VAL T 158 -6.03 -3.05 -85.02
C VAL T 158 -5.34 -4.34 -84.73
N VAL T 159 -4.01 -4.23 -84.65
CA VAL T 159 -3.12 -5.34 -84.47
C VAL T 159 -2.67 -5.19 -83.05
N LYS T 160 -2.84 -6.26 -82.26
CA LYS T 160 -2.43 -6.23 -80.89
C LYS T 160 -1.96 -7.64 -80.72
N PRO T 161 -0.70 -7.94 -80.43
CA PRO T 161 -0.24 -9.31 -80.30
C PRO T 161 -0.76 -9.92 -79.03
N GLU T 162 -1.01 -9.09 -78.00
CA GLU T 162 -1.37 -9.48 -76.66
C GLU T 162 -2.62 -10.32 -76.61
N ILE T 163 -3.65 -9.95 -77.40
CA ILE T 163 -4.79 -10.78 -77.66
C ILE T 163 -4.31 -11.98 -78.43
N LYS T 164 -4.25 -13.15 -77.74
CA LYS T 164 -3.65 -14.32 -78.33
C LYS T 164 -4.77 -14.91 -79.08
N GLY T 165 -4.57 -15.02 -80.41
CA GLY T 165 -5.53 -15.46 -81.38
C GLY T 165 -6.83 -14.74 -81.33
N GLY T 166 -7.79 -15.24 -82.12
CA GLY T 166 -9.13 -14.76 -82.27
C GLY T 166 -9.27 -13.28 -82.48
N LEU T 167 -10.36 -12.72 -81.91
CA LEU T 167 -10.83 -11.40 -82.21
C LEU T 167 -11.58 -10.89 -81.02
N ILE T 168 -11.72 -9.55 -81.00
CA ILE T 168 -12.68 -8.92 -80.15
C ILE T 168 -13.22 -7.84 -81.02
N VAL T 169 -14.57 -7.79 -81.08
CA VAL T 169 -15.33 -6.84 -81.81
C VAL T 169 -15.76 -5.90 -80.75
N GLU T 170 -15.73 -4.60 -81.04
CA GLU T 170 -16.01 -3.59 -80.06
C GLU T 170 -16.73 -2.53 -80.82
N LEU T 171 -17.80 -1.98 -80.23
CA LEU T 171 -18.44 -0.79 -80.73
C LEU T 171 -19.64 -0.60 -79.87
N GLY T 172 -20.01 0.67 -79.64
CA GLY T 172 -21.16 1.09 -78.87
C GLY T 172 -21.15 0.54 -77.48
N ASP T 173 -19.93 0.41 -76.89
CA ASP T 173 -19.61 -0.13 -75.58
C ASP T 173 -20.18 -1.49 -75.36
N LYS T 174 -20.30 -2.26 -76.45
CA LYS T 174 -20.84 -3.58 -76.47
C LYS T 174 -19.80 -4.30 -77.23
N THR T 175 -19.35 -5.44 -76.68
CA THR T 175 -18.18 -6.06 -77.19
C THR T 175 -18.52 -7.50 -77.14
N VAL T 176 -17.82 -8.27 -77.99
CA VAL T 176 -17.80 -9.68 -77.92
C VAL T 176 -16.35 -9.88 -78.03
N ASP T 177 -15.79 -10.66 -77.10
CA ASP T 177 -14.40 -10.97 -77.08
C ASP T 177 -14.49 -12.45 -77.16
N LEU T 178 -14.23 -12.99 -78.36
CA LEU T 178 -14.16 -14.40 -78.55
C LEU T 178 -12.85 -14.51 -79.19
N SER T 179 -11.83 -14.55 -78.31
CA SER T 179 -10.45 -14.58 -78.69
C SER T 179 -10.07 -15.95 -78.27
N ILE T 180 -8.78 -16.30 -78.42
CA ILE T 180 -8.33 -17.62 -78.13
C ILE T 180 -7.90 -17.51 -76.70
N SER T 181 -7.20 -16.42 -76.35
CA SER T 181 -6.75 -16.17 -75.01
C SER T 181 -7.88 -16.23 -74.02
N THR T 182 -9.02 -15.51 -74.26
CA THR T 182 -10.14 -15.52 -73.35
C THR T 182 -10.77 -16.87 -73.21
N LYS T 183 -10.90 -17.62 -74.32
CA LYS T 183 -11.52 -18.92 -74.26
C LYS T 183 -10.68 -19.90 -73.51
N ILE T 184 -9.34 -19.87 -73.74
CA ILE T 184 -8.38 -20.62 -72.99
C ILE T 184 -8.43 -20.31 -71.54
N GLN T 185 -8.53 -19.01 -71.19
CA GLN T 185 -8.61 -18.55 -69.82
C GLN T 185 -9.77 -19.18 -69.12
N LYS T 186 -10.96 -19.13 -69.76
CA LYS T 186 -12.17 -19.65 -69.19
C LYS T 186 -12.09 -21.13 -69.04
N LEU T 187 -11.52 -21.81 -70.05
CA LEU T 187 -11.33 -23.24 -70.02
C LEU T 187 -10.45 -23.67 -68.89
N ASN T 188 -9.32 -22.96 -68.68
CA ASN T 188 -8.36 -23.27 -67.64
C ASN T 188 -9.02 -23.22 -66.30
N LYS T 189 -9.70 -22.10 -66.00
CA LYS T 189 -10.42 -21.90 -64.76
C LYS T 189 -11.42 -22.98 -64.46
N VAL T 190 -12.18 -23.39 -65.48
CA VAL T 190 -13.24 -24.35 -65.36
C VAL T 190 -12.69 -25.74 -65.17
N LEU T 191 -11.43 -25.99 -65.60
CA LEU T 191 -10.80 -27.29 -65.44
C LEU T 191 -9.81 -27.25 -64.32
N GLU T 192 -9.86 -26.19 -63.48
CA GLU T 192 -9.08 -26.14 -62.27
C GLU T 192 -10.03 -26.31 -61.14
N ASP T 193 -11.35 -26.23 -61.44
CA ASP T 193 -12.40 -26.44 -60.48
C ASP T 193 -12.71 -27.95 -60.51
N LEU U 26 -14.32 -56.01 97.70
CA LEU U 26 -14.03 -54.99 96.67
C LEU U 26 -13.49 -53.73 97.27
N THR U 27 -12.96 -52.87 96.39
CA THR U 27 -12.23 -51.69 96.76
C THR U 27 -12.89 -50.66 95.89
N THR U 28 -12.88 -49.39 96.33
CA THR U 28 -13.37 -48.24 95.60
C THR U 28 -12.71 -48.11 94.26
N PHE U 29 -11.37 -48.33 94.22
CA PHE U 29 -10.55 -48.32 93.03
C PHE U 29 -11.02 -49.37 92.05
N SER U 30 -11.37 -50.58 92.56
CA SER U 30 -11.77 -51.70 91.74
C SER U 30 -13.09 -51.36 91.09
N LEU U 31 -13.98 -50.70 91.87
CA LEU U 31 -15.28 -50.31 91.38
C LEU U 31 -15.18 -49.27 90.32
N TYR U 32 -14.24 -48.31 90.44
CA TYR U 32 -14.10 -47.30 89.42
C TYR U 32 -13.43 -47.78 88.18
N THR U 33 -12.59 -48.85 88.23
CA THR U 33 -12.07 -49.43 87.01
C THR U 33 -13.17 -50.08 86.23
N ILE U 34 -14.10 -50.76 86.95
CA ILE U 34 -15.30 -51.30 86.36
C ILE U 34 -16.18 -50.23 85.76
N ILE U 35 -16.34 -49.05 86.43
CA ILE U 35 -17.22 -48.00 85.98
C ILE U 35 -16.70 -47.41 84.70
N VAL U 36 -15.37 -47.24 84.58
CA VAL U 36 -14.73 -46.75 83.38
C VAL U 36 -14.97 -47.68 82.22
N LEU U 37 -14.87 -49.01 82.44
CA LEU U 37 -15.08 -49.96 81.38
C LEU U 37 -16.48 -49.90 80.84
N LEU U 38 -17.48 -49.73 81.73
CA LEU U 38 -18.87 -49.70 81.33
C LEU U 38 -19.24 -48.41 80.64
N VAL U 39 -18.57 -47.29 80.99
CA VAL U 39 -18.78 -46.02 80.34
C VAL U 39 -18.29 -46.08 78.91
N ILE U 40 -17.09 -46.64 78.71
CA ILE U 40 -16.46 -46.76 77.41
C ILE U 40 -17.27 -47.66 76.51
N THR U 41 -17.92 -48.71 77.07
CA THR U 41 -18.77 -49.60 76.29
C THR U 41 -19.97 -48.89 75.72
N SER U 42 -20.57 -47.94 76.49
CA SER U 42 -21.76 -47.24 76.06
C SER U 42 -21.46 -46.27 74.96
N LEU U 43 -20.19 -45.82 74.85
CA LEU U 43 -19.78 -44.90 73.82
C LEU U 43 -19.60 -45.56 72.49
N TYR U 44 -19.70 -46.91 72.40
CA TYR U 44 -19.51 -47.60 71.14
C TYR U 44 -20.60 -48.60 70.90
N THR U 45 -21.69 -48.57 71.69
CA THR U 45 -22.77 -49.50 71.52
C THR U 45 -23.99 -48.66 71.37
N LEU U 46 -24.19 -47.72 72.33
CA LEU U 46 -25.29 -46.79 72.31
C LEU U 46 -24.68 -45.51 71.81
N THR U 47 -24.22 -45.52 70.54
CA THR U 47 -23.69 -44.34 69.92
C THR U 47 -24.21 -44.26 68.51
N ASN U 48 -24.89 -45.33 68.02
CA ASN U 48 -25.39 -45.33 66.67
C ASN U 48 -26.61 -46.19 66.76
N ASN U 49 -27.66 -45.82 65.98
CA ASN U 49 -28.92 -46.52 65.87
C ASN U 49 -28.76 -47.76 65.02
N ASN U 50 -27.97 -48.74 65.52
CA ASN U 50 -27.80 -50.06 64.96
C ASN U 50 -27.00 -49.97 63.68
N ASN U 51 -26.35 -48.81 63.46
CA ASN U 51 -25.60 -48.47 62.29
C ASN U 51 -26.50 -48.26 61.11
N LYS U 52 -26.43 -47.06 60.54
CA LYS U 52 -27.13 -46.69 59.34
C LYS U 52 -26.06 -45.96 58.60
N ILE U 53 -26.27 -45.70 57.29
CA ILE U 53 -25.25 -45.07 56.45
C ILE U 53 -24.87 -43.72 57.00
N ILE U 54 -25.88 -42.92 57.41
CA ILE U 54 -25.68 -41.55 57.82
C ILE U 54 -25.21 -41.53 59.26
N GLY U 55 -25.46 -42.64 60.01
CA GLY U 55 -24.97 -42.84 61.35
C GLY U 55 -25.71 -41.96 62.33
N SER U 56 -25.08 -41.65 63.48
CA SER U 56 -25.70 -40.83 64.50
C SER U 56 -24.67 -39.88 65.02
N ARG U 57 -25.18 -38.78 65.64
CA ARG U 57 -24.48 -37.58 66.02
C ARG U 57 -23.36 -37.80 66.99
N TRP U 58 -23.55 -38.75 67.92
CA TRP U 58 -22.60 -39.08 68.94
C TRP U 58 -21.35 -39.73 68.42
N LEU U 59 -21.48 -40.54 67.35
CA LEU U 59 -20.36 -41.28 66.83
C LEU U 59 -19.50 -40.41 65.96
N ILE U 60 -20.00 -39.20 65.58
CA ILE U 60 -19.22 -38.22 64.85
C ILE U 60 -18.09 -37.70 65.69
N SER U 61 -18.29 -37.60 67.02
CA SER U 61 -17.27 -37.15 67.94
C SER U 61 -16.11 -38.11 67.96
N GLN U 62 -16.39 -39.41 68.14
CA GLN U 62 -15.36 -40.41 68.23
C GLN U 62 -14.83 -40.79 66.88
N GLU U 63 -15.43 -40.28 65.79
CA GLU U 63 -14.88 -40.37 64.47
C GLU U 63 -13.80 -39.35 64.29
N ALA U 64 -14.04 -38.12 64.77
CA ALA U 64 -13.10 -37.04 64.59
C ALA U 64 -11.87 -37.28 65.41
N ILE U 65 -12.06 -37.87 66.62
CA ILE U 65 -11.00 -38.24 67.51
C ILE U 65 -10.14 -39.31 66.88
N TYR U 66 -10.79 -40.30 66.23
CA TYR U 66 -10.13 -41.39 65.51
C TYR U 66 -9.25 -40.84 64.44
N ASP U 67 -9.75 -39.85 63.67
CA ASP U 67 -9.03 -39.28 62.55
C ASP U 67 -7.92 -38.38 62.98
N THR U 68 -8.08 -37.64 64.10
CA THR U 68 -7.08 -36.67 64.50
C THR U 68 -5.98 -37.36 65.25
N ILE U 69 -6.17 -38.63 65.65
CA ILE U 69 -5.11 -39.38 66.28
C ILE U 69 -4.53 -40.31 65.26
N MET U 70 -5.30 -40.67 64.21
CA MET U 70 -4.79 -41.40 63.08
C MET U 70 -3.78 -40.59 62.34
N ASN U 71 -4.15 -39.33 62.04
CA ASN U 71 -3.32 -38.41 61.31
C ASN U 71 -2.21 -37.87 62.18
N MET U 72 -2.24 -38.14 63.50
CA MET U 72 -1.18 -37.70 64.37
C MET U 72 -0.09 -38.71 64.45
N THR U 73 -0.43 -40.02 64.48
CA THR U 73 0.59 -41.03 64.58
C THR U 73 1.03 -41.45 63.21
N LYS U 74 0.31 -40.99 62.16
CA LYS U 74 0.77 -41.09 60.81
C LYS U 74 1.76 -39.97 60.62
N GLY U 75 1.56 -38.87 61.38
CA GLY U 75 2.48 -37.78 61.41
C GLY U 75 3.74 -38.09 62.16
N GLN U 76 3.65 -38.94 63.21
CA GLN U 76 4.81 -39.35 63.97
C GLN U 76 5.46 -40.56 63.37
N ILE U 77 5.05 -41.75 63.82
CA ILE U 77 5.67 -43.03 63.57
C ILE U 77 5.58 -43.36 62.09
N GLY U 78 6.73 -43.76 61.50
CA GLY U 78 6.87 -44.33 60.18
C GLY U 78 6.24 -45.67 59.99
N GLY U 79 6.49 -46.24 58.78
CA GLY U 79 5.93 -47.48 58.29
C GLY U 79 4.43 -47.53 58.42
N LYS U 80 3.90 -48.76 58.57
CA LYS U 80 2.51 -48.98 58.88
C LYS U 80 2.51 -49.44 60.31
N ASN U 81 3.67 -49.28 60.98
CA ASN U 81 3.94 -49.63 62.33
C ASN U 81 3.21 -48.68 63.23
N TRP U 82 2.90 -47.46 62.71
CA TRP U 82 2.04 -46.52 63.38
C TRP U 82 0.69 -47.13 63.59
N GLY U 83 0.15 -47.83 62.56
CA GLY U 83 -1.16 -48.39 62.64
C GLY U 83 -1.14 -49.64 63.45
N LEU U 84 0.06 -50.27 63.62
CA LEU U 84 0.21 -51.39 64.50
C LEU U 84 0.18 -50.96 65.94
N TYR U 85 0.49 -49.68 66.23
CA TYR U 85 0.47 -49.19 67.58
C TYR U 85 -0.64 -48.19 67.69
N PHE U 86 -1.58 -48.16 66.72
CA PHE U 86 -2.68 -47.23 66.74
C PHE U 86 -3.76 -47.67 67.71
N PRO U 87 -4.11 -48.93 67.94
CA PRO U 87 -5.04 -49.27 68.99
C PRO U 87 -4.54 -48.89 70.35
N MET U 88 -3.22 -49.00 70.58
CA MET U 88 -2.62 -48.70 71.86
C MET U 88 -2.66 -47.22 72.12
N ILE U 89 -2.42 -46.39 71.09
CA ILE U 89 -2.43 -44.96 71.22
C ILE U 89 -3.84 -44.44 71.33
N PHE U 90 -4.85 -45.25 70.92
CA PHE U 90 -6.23 -44.83 70.97
C PHE U 90 -6.81 -45.14 72.31
N THR U 91 -6.46 -46.30 72.93
CA THR U 91 -7.02 -46.63 74.23
C THR U 91 -6.25 -45.92 75.31
N LEU U 92 -5.07 -45.36 75.00
CA LEU U 92 -4.40 -44.45 75.90
C LEU U 92 -5.00 -43.10 75.82
N PHE U 93 -5.67 -42.74 74.71
CA PHE U 93 -6.39 -41.49 74.66
C PHE U 93 -7.61 -41.67 75.50
N MET U 94 -8.45 -42.68 75.14
CA MET U 94 -9.78 -42.79 75.67
C MET U 94 -9.82 -43.10 77.13
N PHE U 95 -8.84 -43.88 77.65
CA PHE U 95 -8.76 -44.14 79.07
C PHE U 95 -8.56 -42.87 79.85
N ILE U 96 -7.64 -42.01 79.38
CA ILE U 96 -7.24 -40.85 80.12
C ILE U 96 -8.30 -39.79 79.95
N PHE U 97 -9.04 -39.83 78.82
CA PHE U 97 -10.07 -38.88 78.51
C PHE U 97 -11.27 -39.09 79.40
N ILE U 98 -11.62 -40.35 79.69
CA ILE U 98 -12.71 -40.65 80.57
C ILE U 98 -12.30 -40.55 82.02
N ALA U 99 -11.05 -40.93 82.36
CA ALA U 99 -10.61 -40.96 83.75
C ALA U 99 -10.22 -39.60 84.24
N ASN U 100 -10.29 -38.60 83.34
CA ASN U 100 -10.16 -37.21 83.67
C ASN U 100 -11.44 -36.64 83.15
N LEU U 101 -12.55 -37.07 83.79
CA LEU U 101 -13.81 -36.46 83.55
C LEU U 101 -14.62 -37.00 84.69
N ILE U 102 -14.61 -38.35 84.84
CA ILE U 102 -15.23 -39.06 85.94
C ILE U 102 -14.61 -38.69 87.26
N SER U 103 -13.28 -38.48 87.30
CA SER U 103 -12.62 -38.19 88.55
C SER U 103 -12.87 -36.75 88.94
N MET U 104 -13.40 -35.92 88.00
CA MET U 104 -13.69 -34.53 88.23
C MET U 104 -15.11 -34.34 88.72
N ILE U 105 -15.93 -35.43 88.76
CA ILE U 105 -17.26 -35.41 89.34
C ILE U 105 -17.09 -35.20 90.83
N PRO U 106 -17.84 -34.33 91.52
CA PRO U 106 -17.46 -33.83 92.84
C PRO U 106 -17.65 -34.81 93.96
N TYR U 107 -18.03 -36.08 93.68
CA TYR U 107 -18.12 -37.09 94.69
C TYR U 107 -17.77 -38.32 93.93
N SER U 108 -16.47 -38.42 93.54
CA SER U 108 -15.98 -39.54 92.78
C SER U 108 -14.56 -39.73 93.20
N PHE U 109 -14.10 -41.01 93.14
CA PHE U 109 -12.93 -41.48 93.84
C PHE U 109 -12.01 -41.85 92.72
N ALA U 110 -10.82 -41.22 92.73
CA ALA U 110 -9.86 -41.24 91.68
C ALA U 110 -9.29 -42.58 91.37
N LEU U 111 -8.86 -42.75 90.10
CA LEU U 111 -8.05 -43.85 89.66
C LEU U 111 -6.72 -43.25 89.33
N SER U 112 -6.77 -42.04 88.70
CA SER U 112 -5.60 -41.39 88.17
C SER U 112 -4.79 -40.78 89.27
N ALA U 113 -5.43 -40.52 90.44
CA ALA U 113 -4.76 -39.92 91.57
C ALA U 113 -4.23 -41.02 92.46
N HIS U 114 -4.35 -42.28 91.99
CA HIS U 114 -3.50 -43.34 92.45
C HIS U 114 -2.49 -43.39 91.35
N LEU U 115 -1.34 -42.75 91.66
CA LEU U 115 -0.23 -42.41 90.81
C LEU U 115 0.48 -43.63 90.35
N VAL U 116 0.38 -44.72 91.13
CA VAL U 116 1.12 -45.93 90.98
C VAL U 116 0.69 -46.63 89.72
N PHE U 117 -0.57 -46.42 89.27
CA PHE U 117 -1.06 -47.03 88.07
C PHE U 117 -0.57 -46.22 86.89
N ILE U 118 -0.59 -44.88 86.98
CA ILE U 118 -0.20 -44.05 85.86
C ILE U 118 1.30 -44.10 85.62
N ILE U 119 2.12 -44.00 86.69
CA ILE U 119 3.57 -44.07 86.64
C ILE U 119 4.06 -45.41 86.20
N SER U 120 3.40 -46.51 86.65
CA SER U 120 3.75 -47.84 86.24
C SER U 120 3.49 -48.03 84.79
N LEU U 121 2.37 -47.48 84.28
CA LEU U 121 2.02 -47.61 82.90
C LEU U 121 3.05 -46.92 82.02
N SER U 122 3.58 -45.76 82.46
CA SER U 122 4.60 -45.07 81.72
C SER U 122 5.91 -45.82 81.68
N ILE U 123 6.32 -46.40 82.81
CA ILE U 123 7.56 -47.14 82.90
C ILE U 123 7.48 -48.41 82.10
N VAL U 124 6.30 -49.06 82.07
CA VAL U 124 6.06 -50.26 81.29
C VAL U 124 6.21 -49.97 79.83
N ILE U 125 5.65 -48.85 79.37
CA ILE U 125 5.73 -48.46 77.99
C ILE U 125 7.14 -48.07 77.65
N TRP U 126 7.88 -47.46 78.60
CA TRP U 126 9.23 -47.02 78.36
C TRP U 126 10.14 -48.20 78.19
N LEU U 127 9.98 -49.21 79.06
CA LEU U 127 10.70 -50.45 78.97
C LEU U 127 10.33 -51.22 77.74
N GLY U 128 9.05 -51.19 77.34
CA GLY U 128 8.59 -51.88 76.16
C GLY U 128 8.98 -51.20 74.89
N ASN U 129 9.41 -49.92 74.96
CA ASN U 129 10.01 -49.21 73.87
C ASN U 129 11.47 -49.54 73.77
N THR U 130 12.19 -49.62 74.91
CA THR U 130 13.61 -49.89 74.90
C THR U 130 13.88 -51.29 74.43
N ILE U 131 13.08 -52.27 74.90
CA ILE U 131 13.15 -53.68 74.53
C ILE U 131 12.79 -53.86 73.09
N LEU U 132 11.77 -53.12 72.59
CA LEU U 132 11.36 -53.16 71.21
C LEU U 132 12.46 -52.64 70.33
N GLY U 133 13.16 -51.58 70.77
CA GLY U 133 14.27 -50.96 70.09
C GLY U 133 15.47 -51.85 70.05
N LEU U 134 15.76 -52.54 71.18
CA LEU U 134 16.85 -53.48 71.31
C LEU U 134 16.63 -54.65 70.41
N TYR U 135 15.39 -55.18 70.34
CA TYR U 135 15.06 -56.29 69.49
C TYR U 135 15.18 -55.93 68.03
N LYS U 136 14.68 -54.71 67.68
CA LYS U 136 14.54 -54.27 66.31
C LYS U 136 15.81 -53.74 65.72
N HIS U 137 16.69 -53.18 66.56
CA HIS U 137 17.85 -52.47 66.10
C HIS U 137 19.01 -52.89 66.94
N GLY U 138 18.98 -54.13 67.47
CA GLY U 138 20.11 -54.80 68.06
C GLY U 138 20.76 -54.03 69.18
N TRP U 139 22.10 -54.17 69.29
CA TRP U 139 22.93 -53.49 70.25
C TRP U 139 23.45 -52.22 69.63
N VAL U 140 22.99 -51.93 68.40
CA VAL U 140 23.27 -50.72 67.66
C VAL U 140 22.10 -49.81 67.97
N PHE U 141 21.22 -50.24 68.91
CA PHE U 141 20.21 -49.45 69.57
C PHE U 141 20.90 -48.36 70.35
N PHE U 142 22.10 -48.65 70.90
CA PHE U 142 22.88 -47.66 71.63
C PHE U 142 23.55 -46.65 70.74
N SER U 143 23.52 -46.86 69.40
CA SER U 143 23.96 -45.87 68.41
C SER U 143 22.98 -44.74 68.32
N LEU U 144 21.74 -44.91 68.86
CA LEU U 144 20.73 -43.88 68.98
C LEU U 144 21.18 -42.79 69.91
N PHE U 145 22.13 -43.10 70.82
CA PHE U 145 22.53 -42.20 71.87
C PHE U 145 23.83 -41.56 71.50
N VAL U 146 24.32 -41.82 70.27
CA VAL U 146 25.31 -41.00 69.61
C VAL U 146 24.41 -40.35 68.59
N PRO U 147 23.96 -39.12 68.73
CA PRO U 147 22.94 -38.58 67.85
C PRO U 147 23.50 -38.24 66.51
N ALA U 148 24.69 -37.60 66.46
CA ALA U 148 25.23 -37.08 65.23
C ALA U 148 26.71 -36.96 65.41
N GLY U 149 27.42 -36.89 64.26
CA GLY U 149 28.82 -36.57 64.19
C GLY U 149 29.09 -35.20 64.72
N THR U 150 29.98 -35.15 65.74
CA THR U 150 30.36 -33.95 66.45
C THR U 150 31.83 -34.19 66.73
N PRO U 151 32.65 -33.19 67.08
CA PRO U 151 34.04 -33.35 67.52
C PRO U 151 34.26 -34.53 68.44
N LEU U 152 35.27 -35.36 68.12
CA LEU U 152 35.47 -36.65 68.74
C LEU U 152 35.67 -36.65 70.24
N PRO U 153 36.33 -35.71 70.94
CA PRO U 153 36.45 -35.80 72.40
C PRO U 153 35.16 -35.57 73.14
N LEU U 154 34.06 -35.15 72.45
CA LEU U 154 32.79 -34.91 73.10
C LEU U 154 31.70 -35.71 72.48
N VAL U 155 32.05 -36.72 71.64
CA VAL U 155 31.10 -37.71 71.19
C VAL U 155 30.64 -38.52 72.41
N PRO U 156 31.50 -39.00 73.34
CA PRO U 156 31.06 -39.69 74.54
C PRO U 156 30.33 -38.83 75.53
N LEU U 157 30.63 -37.51 75.62
CA LEU U 157 29.95 -36.59 76.51
C LEU U 157 28.51 -36.52 76.15
N LEU U 158 28.28 -36.44 74.82
CA LEU U 158 27.00 -36.35 74.18
C LEU U 158 26.27 -37.68 74.20
N VAL U 159 26.91 -38.76 74.70
CA VAL U 159 26.21 -39.99 74.99
C VAL U 159 25.81 -39.96 76.43
N ILE U 160 26.69 -39.52 77.36
CA ILE U 160 26.42 -39.58 78.78
C ILE U 160 25.26 -38.72 79.18
N ILE U 161 25.23 -37.45 78.70
CA ILE U 161 24.18 -36.56 79.13
C ILE U 161 23.07 -36.59 78.10
N GLU U 162 23.06 -37.61 77.23
CA GLU U 162 21.87 -37.95 76.49
C GLU U 162 21.17 -39.09 77.17
N THR U 163 21.93 -40.10 77.64
CA THR U 163 21.38 -41.28 78.26
C THR U 163 20.79 -40.99 79.62
N LEU U 164 21.38 -40.02 80.37
CA LEU U 164 20.87 -39.64 81.66
C LEU U 164 19.47 -39.10 81.55
N SER U 165 19.28 -38.24 80.51
CA SER U 165 18.01 -37.70 80.13
C SER U 165 17.14 -38.71 79.41
N TYR U 166 17.71 -39.84 78.92
CA TYR U 166 16.96 -40.81 78.16
C TYR U 166 16.12 -41.65 79.08
N PHE U 167 16.60 -41.91 80.31
CA PHE U 167 15.79 -42.60 81.29
C PHE U 167 15.23 -41.62 82.27
N ALA U 168 15.33 -40.30 81.96
CA ALA U 168 14.43 -39.34 82.53
C ALA U 168 13.13 -39.36 81.76
N ARG U 169 13.14 -39.91 80.51
CA ARG U 169 11.96 -40.01 79.68
C ARG U 169 10.99 -41.02 80.24
N ALA U 170 11.48 -41.95 81.09
CA ALA U 170 10.68 -42.99 81.68
C ALA U 170 9.64 -42.44 82.61
N ILE U 171 10.01 -41.43 83.44
CA ILE U 171 9.16 -40.94 84.49
C ILE U 171 8.51 -39.63 84.13
N SER U 172 9.03 -38.89 83.13
CA SER U 172 8.50 -37.59 82.77
C SER U 172 7.08 -37.68 82.24
N LEU U 173 6.82 -38.70 81.39
CA LEU U 173 5.56 -38.90 80.69
C LEU U 173 4.40 -39.11 81.61
N GLY U 174 4.65 -39.85 82.72
CA GLY U 174 3.63 -40.18 83.66
C GLY U 174 3.44 -39.06 84.61
N LEU U 175 4.55 -38.45 85.04
CA LEU U 175 4.54 -37.54 86.15
C LEU U 175 3.94 -36.24 85.76
N ARG U 176 3.98 -35.89 84.45
CA ARG U 176 3.24 -34.76 83.95
C ARG U 176 1.76 -34.87 84.15
N LEU U 177 1.17 -36.02 83.71
CA LEU U 177 -0.24 -36.24 83.77
C LEU U 177 -0.71 -36.33 85.19
N GLY U 178 0.06 -37.09 86.01
CA GLY U 178 -0.23 -37.33 87.39
C GLY U 178 -0.28 -36.08 88.21
N SER U 179 0.70 -35.17 87.99
CA SER U 179 0.78 -33.96 88.77
C SER U 179 -0.38 -33.05 88.45
N ASN U 180 -0.75 -32.96 87.16
CA ASN U 180 -1.81 -32.09 86.74
C ASN U 180 -3.15 -32.48 87.33
N ILE U 181 -3.52 -33.76 87.23
CA ILE U 181 -4.80 -34.25 87.65
C ILE U 181 -4.94 -34.20 89.14
N LEU U 182 -3.88 -34.59 89.87
CA LEU U 182 -3.87 -34.65 91.32
C LEU U 182 -4.01 -33.27 91.87
N ALA U 183 -3.28 -32.32 91.25
CA ALA U 183 -3.25 -30.95 91.68
C ALA U 183 -4.56 -30.30 91.40
N GLY U 184 -5.26 -30.70 90.32
CA GLY U 184 -6.54 -30.15 89.98
C GLY U 184 -7.57 -30.47 91.02
N HIS U 185 -7.63 -31.75 91.47
CA HIS U 185 -8.61 -32.16 92.45
C HIS U 185 -8.33 -31.56 93.80
N LEU U 186 -7.04 -31.50 94.20
CA LEU U 186 -6.67 -30.94 95.48
C LEU U 186 -6.91 -29.46 95.52
N LEU U 187 -6.68 -28.76 94.40
CA LEU U 187 -6.87 -27.33 94.28
C LEU U 187 -8.30 -26.94 94.49
N MET U 188 -9.23 -27.67 93.84
CA MET U 188 -10.63 -27.42 93.94
C MET U 188 -11.13 -27.63 95.34
N VAL U 189 -10.66 -28.71 96.00
CA VAL U 189 -11.10 -29.07 97.34
C VAL U 189 -10.60 -28.09 98.37
N ILE U 190 -9.35 -27.58 98.19
CA ILE U 190 -8.75 -26.67 99.13
C ILE U 190 -9.43 -25.34 99.05
N LEU U 191 -9.76 -24.88 97.83
CA LEU U 191 -10.44 -23.62 97.66
C LEU U 191 -11.86 -23.66 98.12
N ALA U 192 -12.54 -24.82 97.98
CA ALA U 192 -13.87 -25.03 98.50
C ALA U 192 -13.91 -24.93 100.00
N GLY U 193 -12.91 -25.54 100.68
CA GLY U 193 -12.77 -25.52 102.12
C GLY U 193 -12.47 -24.16 102.67
N LEU U 194 -11.76 -23.32 101.89
CA LEU U 194 -11.38 -22.00 102.30
C LEU U 194 -12.53 -21.06 102.15
N THR U 195 -13.32 -21.20 101.06
CA THR U 195 -14.46 -20.33 100.87
C THR U 195 -15.60 -20.72 101.77
N PHE U 196 -15.61 -21.97 102.29
CA PHE U 196 -16.60 -22.40 103.23
C PHE U 196 -16.43 -21.68 104.55
N ASN U 197 -15.19 -21.68 105.08
CA ASN U 197 -14.88 -20.96 106.29
C ASN U 197 -14.75 -19.47 106.09
N PHE U 198 -14.59 -18.99 104.84
CA PHE U 198 -14.60 -17.57 104.55
C PHE U 198 -15.99 -17.02 104.64
N MET U 199 -17.00 -17.84 104.24
CA MET U 199 -18.35 -17.37 104.15
C MET U 199 -19.12 -17.76 105.38
N LEU U 200 -18.42 -18.36 106.37
CA LEU U 200 -18.96 -18.74 107.65
C LEU U 200 -19.31 -17.55 108.51
N ILE U 201 -18.41 -16.53 108.57
CA ILE U 201 -18.58 -15.27 109.28
C ILE U 201 -19.83 -14.49 108.93
N ASN U 202 -20.02 -13.31 109.58
CA ASN U 202 -21.18 -12.43 109.54
C ASN U 202 -21.61 -12.12 108.15
N LEU U 203 -22.91 -11.78 108.00
CA LEU U 203 -23.70 -11.83 106.79
C LEU U 203 -23.16 -10.99 105.67
N PHE U 204 -22.26 -10.03 105.95
CA PHE U 204 -21.59 -9.23 104.96
C PHE U 204 -20.64 -10.04 104.11
N THR U 205 -20.28 -11.28 104.52
CA THR U 205 -19.45 -12.18 103.74
C THR U 205 -20.32 -13.07 102.89
N LEU U 206 -21.60 -13.28 103.29
CA LEU U 206 -22.57 -14.04 102.52
C LEU U 206 -22.94 -13.24 101.30
N VAL U 207 -23.18 -11.93 101.51
CA VAL U 207 -23.19 -10.90 100.50
C VAL U 207 -21.80 -10.80 99.91
N PHE U 208 -21.71 -10.64 98.57
CA PHE U 208 -20.52 -10.60 97.75
C PHE U 208 -19.56 -11.77 97.93
N GLY U 209 -20.11 -12.96 98.25
CA GLY U 209 -19.34 -14.18 98.23
C GLY U 209 -19.61 -14.87 96.93
N PHE U 210 -20.14 -14.14 95.91
CA PHE U 210 -20.32 -14.66 94.58
C PHE U 210 -19.08 -14.50 93.74
N VAL U 211 -18.25 -13.46 94.01
CA VAL U 211 -17.02 -13.26 93.26
C VAL U 211 -15.99 -14.34 93.51
N PRO U 212 -15.75 -14.87 94.73
CA PRO U 212 -14.84 -16.01 94.91
C PRO U 212 -15.42 -17.27 94.38
N LEU U 213 -16.77 -17.42 94.43
CA LEU U 213 -17.46 -18.56 93.89
C LEU U 213 -17.26 -18.67 92.40
N ALA U 214 -17.31 -17.51 91.71
CA ALA U 214 -17.11 -17.40 90.28
C ALA U 214 -15.69 -17.71 89.91
N MET U 215 -14.72 -17.35 90.78
CA MET U 215 -13.33 -17.71 90.58
C MET U 215 -13.10 -19.20 90.66
N ILE U 216 -13.77 -19.89 91.61
CA ILE U 216 -13.68 -21.33 91.77
C ILE U 216 -14.32 -22.04 90.61
N LEU U 217 -15.43 -21.48 90.07
CA LEU U 217 -16.11 -22.02 88.92
C LEU U 217 -15.22 -21.99 87.70
N ALA U 218 -14.44 -20.89 87.54
CA ALA U 218 -13.52 -20.73 86.43
C ALA U 218 -12.36 -21.68 86.53
N ILE U 219 -11.90 -21.93 87.76
CA ILE U 219 -10.83 -22.86 88.03
C ILE U 219 -11.30 -24.25 87.74
N MET U 220 -12.57 -24.57 88.07
CA MET U 220 -13.14 -25.86 87.79
C MET U 220 -13.30 -26.10 86.31
N MET U 221 -13.62 -25.05 85.53
CA MET U 221 -13.64 -25.12 84.08
C MET U 221 -12.28 -25.43 83.50
N LEU U 222 -11.23 -24.86 84.10
CA LEU U 222 -9.87 -25.07 83.66
C LEU U 222 -9.41 -26.48 83.90
N GLU U 223 -9.92 -27.18 84.93
CA GLU U 223 -9.36 -28.47 85.31
C GLU U 223 -9.83 -29.56 84.37
N PHE U 224 -11.04 -29.44 83.79
CA PHE U 224 -11.50 -30.36 82.77
C PHE U 224 -10.70 -30.24 81.51
N ALA U 225 -10.38 -28.99 81.11
CA ALA U 225 -9.67 -28.73 79.89
C ALA U 225 -8.28 -29.27 79.88
N ILE U 226 -7.53 -29.02 80.98
CA ILE U 226 -6.15 -29.41 81.10
C ILE U 226 -6.01 -30.89 81.31
N GLY U 227 -7.12 -31.59 81.61
CA GLY U 227 -7.10 -33.02 81.78
C GLY U 227 -7.28 -33.68 80.46
N ILE U 228 -8.00 -33.02 79.51
CA ILE U 228 -8.22 -33.56 78.19
C ILE U 228 -6.99 -33.28 77.39
N ILE U 229 -6.32 -32.14 77.68
CA ILE U 229 -5.05 -31.81 77.08
C ILE U 229 -3.99 -32.81 77.49
N GLN U 230 -4.00 -33.29 78.76
CA GLN U 230 -2.98 -34.20 79.23
C GLN U 230 -3.06 -35.57 78.63
N GLY U 231 -4.28 -36.07 78.34
CA GLY U 231 -4.46 -37.32 77.64
C GLY U 231 -3.95 -37.26 76.23
N TYR U 232 -4.00 -36.07 75.61
CA TYR U 232 -3.54 -35.86 74.27
C TYR U 232 -2.04 -35.75 74.29
N VAL U 233 -1.48 -35.15 75.37
CA VAL U 233 -0.07 -34.87 75.50
C VAL U 233 0.64 -36.15 75.74
N TRP U 234 -0.02 -37.09 76.47
CA TRP U 234 0.44 -38.44 76.63
C TRP U 234 0.62 -39.07 75.29
N ALA U 235 -0.42 -38.95 74.43
CA ALA U 235 -0.47 -39.66 73.20
C ALA U 235 0.40 -39.08 72.11
N ILE U 236 0.89 -37.83 72.25
CA ILE U 236 1.86 -37.35 71.29
C ILE U 236 3.24 -37.67 71.77
N LEU U 237 3.47 -37.64 73.10
CA LEU U 237 4.80 -37.81 73.62
C LEU U 237 5.26 -39.24 73.57
N THR U 238 4.32 -40.19 73.78
CA THR U 238 4.65 -41.59 73.69
C THR U 238 4.45 -42.04 72.26
N ALA U 239 4.24 -41.09 71.33
CA ALA U 239 4.42 -41.35 69.93
C ALA U 239 5.80 -40.93 69.60
N SER U 240 6.31 -39.84 70.21
CA SER U 240 7.65 -39.37 69.99
C SER U 240 8.69 -40.36 70.50
N TYR U 241 8.40 -41.06 71.62
CA TYR U 241 9.35 -42.00 72.15
C TYR U 241 9.42 -43.21 71.26
N LEU U 242 8.26 -43.60 70.68
CA LEU U 242 8.18 -44.67 69.74
C LEU U 242 8.72 -44.31 68.40
N LYS U 243 8.72 -43.01 68.02
CA LYS U 243 9.31 -42.57 66.78
C LYS U 243 10.79 -42.84 66.79
N ASP U 244 11.45 -42.54 67.93
CA ASP U 244 12.86 -42.80 68.13
C ASP U 244 13.15 -44.28 68.16
N ALA U 245 12.30 -45.07 68.84
CA ALA U 245 12.56 -46.47 69.09
C ALA U 245 12.35 -47.35 67.88
N VAL U 246 11.32 -47.03 67.06
CA VAL U 246 10.92 -47.83 65.92
C VAL U 246 11.85 -47.55 64.80
N TYR U 247 12.17 -46.26 64.57
CA TYR U 247 13.08 -45.87 63.51
C TYR U 247 14.13 -45.09 64.20
N LEU U 248 15.37 -45.62 64.22
CA LEU U 248 16.48 -44.97 64.87
C LEU U 248 16.80 -43.72 64.12
N HIS U 249 17.10 -42.64 64.87
CA HIS U 249 17.28 -41.31 64.36
C HIS U 249 16.05 -40.88 63.53
N ASN V 1 -21.79 -28.51 104.51
CA ASN V 1 -20.80 -29.42 103.87
C ASN V 1 -19.82 -28.61 103.09
N ASP V 2 -18.56 -29.09 103.04
CA ASP V 2 -17.45 -28.45 102.37
C ASP V 2 -17.69 -28.61 100.88
N GLU V 3 -17.87 -29.87 100.46
CA GLU V 3 -17.90 -30.30 99.09
C GLU V 3 -19.14 -29.88 98.36
N SER V 4 -20.17 -29.37 99.06
CA SER V 4 -21.37 -28.89 98.40
C SER V 4 -21.12 -27.63 97.61
N ILE V 5 -20.06 -26.84 97.95
CA ILE V 5 -19.65 -25.69 97.19
C ILE V 5 -19.14 -26.10 95.82
N LEU V 6 -18.42 -27.24 95.78
CA LEU V 6 -17.87 -27.80 94.57
C LEU V 6 -18.97 -28.29 93.66
N LEU V 7 -20.04 -28.86 94.26
CA LEU V 7 -21.18 -29.32 93.52
C LEU V 7 -21.97 -28.19 92.90
N LEU V 8 -21.98 -26.99 93.54
CA LEU V 8 -22.62 -25.83 92.95
C LEU V 8 -21.89 -25.33 91.74
N THR V 9 -20.53 -25.29 91.80
CA THR V 9 -19.71 -24.95 90.66
C THR V 9 -19.86 -25.93 89.51
N PHE V 10 -20.01 -27.24 89.81
CA PHE V 10 -20.20 -28.28 88.82
C PHE V 10 -21.52 -28.12 88.10
N LEU V 11 -22.57 -27.68 88.82
CA LEU V 11 -23.88 -27.40 88.26
C LEU V 11 -23.82 -26.22 87.33
N GLY V 12 -23.06 -25.17 87.71
CA GLY V 12 -22.82 -24.03 86.86
C GLY V 12 -22.08 -24.38 85.60
N PHE V 13 -21.11 -25.31 85.68
CA PHE V 13 -20.35 -25.79 84.56
C PHE V 13 -21.21 -26.53 83.56
N THR V 14 -22.10 -27.42 84.04
CA THR V 14 -22.98 -28.20 83.19
C THR V 14 -24.04 -27.34 82.55
N GLY V 15 -24.46 -26.26 83.24
CA GLY V 15 -25.33 -25.26 82.70
C GLY V 15 -24.72 -24.50 81.55
N LEU V 16 -23.42 -24.14 81.67
CA LEU V 16 -22.69 -23.42 80.64
C LEU V 16 -22.53 -24.29 79.42
N VAL V 17 -22.33 -25.60 79.63
CA VAL V 17 -22.20 -26.61 78.61
C VAL V 17 -23.51 -26.74 77.87
N ALA V 18 -24.64 -26.87 78.58
CA ALA V 18 -25.93 -26.98 77.94
C ALA V 18 -26.34 -25.72 77.21
N LYS V 19 -25.82 -24.55 77.66
CA LYS V 19 -26.09 -23.27 77.05
C LYS V 19 -25.38 -23.10 75.74
N TYR V 20 -24.12 -23.54 75.65
CA TYR V 20 -23.24 -23.03 74.64
C TYR V 20 -22.92 -24.18 73.74
N LEU V 21 -22.56 -25.33 74.36
CA LEU V 21 -21.94 -26.43 73.68
C LEU V 21 -22.98 -27.29 73.05
N ALA V 22 -24.08 -27.65 73.75
CA ALA V 22 -25.07 -28.52 73.18
C ALA V 22 -25.69 -27.97 71.90
N PRO V 23 -25.99 -26.69 71.70
CA PRO V 23 -26.36 -26.19 70.38
C PRO V 23 -25.23 -26.16 69.38
N ALA V 24 -23.98 -25.91 69.81
CA ALA V 24 -22.85 -25.83 68.91
C ALA V 24 -22.51 -27.18 68.33
N TYR V 25 -22.56 -28.21 69.19
CA TYR V 25 -22.29 -29.58 68.87
C TYR V 25 -23.39 -30.16 68.03
N LYS V 26 -24.65 -29.68 68.24
CA LYS V 26 -25.75 -29.99 67.36
C LYS V 26 -25.50 -29.50 65.97
N ASP V 27 -25.06 -28.23 65.83
CA ASP V 27 -24.75 -27.63 64.54
C ASP V 27 -23.61 -28.32 63.85
N PHE V 28 -22.58 -28.73 64.62
CA PHE V 28 -21.41 -29.40 64.10
C PHE V 28 -21.79 -30.73 63.52
N ALA V 29 -22.59 -31.49 64.29
CA ALA V 29 -23.05 -32.79 63.92
C ALA V 29 -23.93 -32.72 62.70
N ASP V 30 -24.83 -31.72 62.66
CA ASP V 30 -25.73 -31.46 61.56
C ASP V 30 -24.98 -31.27 60.26
N ALA V 31 -23.92 -30.43 60.29
CA ALA V 31 -23.13 -30.08 59.14
C ALA V 31 -22.56 -31.31 58.48
N ARG V 32 -22.00 -32.23 59.31
CA ARG V 32 -21.40 -33.45 58.85
C ARG V 32 -22.42 -34.41 58.28
N MET V 33 -23.59 -34.56 58.94
CA MET V 33 -24.64 -35.46 58.52
C MET V 33 -25.11 -35.12 57.13
N LYS V 34 -25.32 -33.81 56.88
CA LYS V 34 -25.67 -33.26 55.59
C LYS V 34 -24.67 -33.65 54.54
N LYS V 35 -23.36 -33.48 54.85
CA LYS V 35 -22.29 -33.78 53.93
C LYS V 35 -22.27 -35.22 53.50
N VAL V 36 -22.49 -36.17 54.45
CA VAL V 36 -22.54 -37.61 54.17
C VAL V 36 -23.67 -37.90 53.22
N SER V 37 -24.86 -37.34 53.51
CA SER V 37 -26.06 -37.53 52.73
C SER V 37 -25.89 -37.02 51.33
N ASP V 38 -25.21 -35.87 51.18
CA ASP V 38 -25.05 -35.19 49.91
C ASP V 38 -24.15 -35.99 49.01
N VAL V 39 -23.04 -36.56 49.56
CA VAL V 39 -22.16 -37.46 48.85
C VAL V 39 -22.92 -38.66 48.37
N LEU V 40 -23.76 -39.24 49.26
CA LEU V 40 -24.54 -40.41 48.97
C LEU V 40 -25.45 -40.17 47.81
N ASN V 41 -26.18 -39.03 47.81
CA ASN V 41 -27.16 -38.73 46.80
C ASN V 41 -26.49 -38.41 45.49
N ALA V 42 -25.27 -37.81 45.54
CA ALA V 42 -24.46 -37.55 44.38
C ALA V 42 -24.12 -38.80 43.63
N SER V 43 -23.70 -39.88 44.36
CA SER V 43 -23.39 -41.16 43.75
C SER V 43 -24.61 -41.77 43.12
N ARG V 44 -25.79 -41.59 43.76
CA ARG V 44 -27.04 -42.10 43.26
C ARG V 44 -27.38 -41.52 41.92
N ASN V 45 -27.26 -40.17 41.80
CA ASN V 45 -27.42 -39.44 40.56
C ASN V 45 -26.47 -39.95 39.51
N LYS V 46 -25.19 -40.14 39.88
CA LYS V 46 -24.11 -40.46 39.00
C LYS V 46 -24.35 -41.73 38.24
N HIS V 47 -24.80 -42.80 38.94
CA HIS V 47 -25.06 -44.06 38.30
C HIS V 47 -26.32 -44.03 37.47
N VAL V 48 -27.35 -43.23 37.86
CA VAL V 48 -28.55 -43.10 37.05
C VAL V 48 -28.25 -42.50 35.70
N GLU V 49 -27.31 -41.52 35.63
CA GLU V 49 -26.85 -40.95 34.38
C GLU V 49 -26.25 -41.97 33.46
N ALA V 50 -25.35 -42.83 34.00
CA ALA V 50 -24.60 -43.80 33.26
C ALA V 50 -25.46 -44.79 32.52
N VAL V 51 -26.56 -45.23 33.16
CA VAL V 51 -27.55 -46.10 32.57
C VAL V 51 -28.15 -45.51 31.32
N LYS V 52 -28.51 -44.21 31.38
CA LYS V 52 -29.16 -43.52 30.29
C LYS V 52 -28.21 -43.35 29.14
N ASP V 53 -26.94 -43.01 29.43
CA ASP V 53 -25.88 -42.89 28.45
C ASP V 53 -25.66 -44.18 27.70
N ARG V 54 -25.65 -45.31 28.43
CA ARG V 54 -25.45 -46.62 27.86
C ARG V 54 -26.59 -47.01 26.96
N ILE V 55 -27.84 -46.72 27.39
CA ILE V 55 -29.05 -46.95 26.62
C ILE V 55 -28.99 -46.26 25.29
N ASP V 56 -28.47 -45.01 25.24
CA ASP V 56 -28.35 -44.27 24.01
C ASP V 56 -27.53 -44.99 22.98
N SER V 57 -26.34 -45.52 23.38
CA SER V 57 -25.50 -46.29 22.49
C SER V 57 -26.22 -47.49 21.94
N VAL V 58 -26.89 -48.26 22.82
CA VAL V 58 -27.57 -49.50 22.51
C VAL V 58 -28.67 -49.34 21.48
N SER V 59 -29.47 -48.24 21.58
CA SER V 59 -30.60 -48.01 20.72
C SER V 59 -30.16 -47.84 19.29
N GLN V 60 -29.03 -47.12 19.08
CA GLN V 60 -28.43 -46.92 17.78
C GLN V 60 -28.09 -48.24 17.15
N LEU V 61 -27.47 -49.14 17.94
CA LEU V 61 -26.90 -50.37 17.46
C LEU V 61 -27.96 -51.33 16.99
N GLN V 62 -29.13 -51.34 17.65
CA GLN V 62 -30.24 -52.20 17.28
C GLN V 62 -30.67 -51.99 15.86
N ASN V 63 -30.88 -50.72 15.47
CA ASN V 63 -31.41 -50.38 14.18
C ASN V 63 -30.39 -50.65 13.11
N VAL V 64 -29.11 -50.39 13.45
CA VAL V 64 -27.96 -50.57 12.61
C VAL V 64 -27.84 -51.99 12.14
N ALA V 65 -28.00 -52.97 13.06
CA ALA V 65 -27.65 -54.34 12.84
C ALA V 65 -28.35 -54.95 11.66
N GLU V 66 -29.67 -54.68 11.50
CA GLU V 66 -30.41 -55.14 10.35
C GLU V 66 -30.04 -54.37 9.12
N THR V 67 -30.07 -53.02 9.19
CA THR V 67 -30.05 -52.19 8.00
C THR V 67 -28.73 -52.23 7.29
N THR V 68 -27.63 -52.39 8.05
CA THR V 68 -26.29 -52.50 7.54
C THR V 68 -26.12 -53.73 6.68
N LYS V 69 -26.81 -54.84 7.04
CA LYS V 69 -26.78 -56.07 6.29
C LYS V 69 -27.35 -55.86 4.92
N VAL V 70 -28.37 -54.97 4.78
CA VAL V 70 -28.95 -54.60 3.52
C VAL V 70 -27.88 -54.00 2.62
N LEU V 71 -27.08 -53.06 3.16
CA LEU V 71 -26.07 -52.38 2.37
C LEU V 71 -25.00 -53.34 1.93
N PHE V 72 -24.67 -54.30 2.80
CA PHE V 72 -23.64 -55.29 2.55
C PHE V 72 -23.92 -56.03 1.28
N ASP V 73 -25.17 -56.50 1.13
CA ASP V 73 -25.63 -57.22 -0.02
C ASP V 73 -25.62 -56.33 -1.23
N VAL V 74 -26.20 -55.13 -1.07
CA VAL V 74 -26.46 -54.17 -2.12
C VAL V 74 -25.20 -53.79 -2.85
N SER V 75 -24.11 -53.53 -2.09
CA SER V 75 -22.86 -53.07 -2.65
C SER V 75 -22.24 -54.08 -3.56
N LYS V 76 -22.12 -55.35 -3.13
CA LYS V 76 -21.55 -56.39 -3.94
C LYS V 76 -22.41 -56.73 -5.13
N GLU V 77 -23.76 -56.63 -4.97
CA GLU V 77 -24.69 -56.89 -6.05
C GLU V 77 -24.53 -55.92 -7.19
N THR V 78 -24.40 -54.61 -6.90
CA THR V 78 -24.17 -53.60 -7.90
C THR V 78 -22.89 -53.87 -8.67
N VAL V 79 -21.80 -54.23 -7.96
CA VAL V 79 -20.51 -54.52 -8.53
C VAL V 79 -20.58 -55.65 -9.53
N GLU V 80 -21.40 -56.70 -9.27
CA GLU V 80 -21.61 -57.78 -10.20
C GLU V 80 -22.19 -57.34 -11.52
N LEU V 81 -23.22 -56.46 -11.47
CA LEU V 81 -23.86 -55.92 -12.65
C LEU V 81 -22.89 -55.14 -13.49
N GLU V 82 -21.99 -54.40 -12.80
CA GLU V 82 -21.01 -53.55 -13.41
C GLU V 82 -19.94 -54.35 -14.11
N SER V 83 -19.64 -55.56 -13.62
CA SER V 83 -18.76 -56.49 -14.30
C SER V 83 -19.27 -56.82 -15.68
N GLU V 84 -20.59 -57.07 -15.80
CA GLU V 84 -21.23 -57.49 -17.03
C GLU V 84 -21.20 -56.39 -18.06
N ALA V 85 -21.26 -55.13 -17.57
CA ALA V 85 -21.12 -53.93 -18.35
C ALA V 85 -19.83 -53.82 -19.13
N PHE V 86 -18.72 -54.43 -18.65
CA PHE V 86 -17.46 -54.43 -19.36
C PHE V 86 -17.59 -55.04 -20.74
N GLU V 87 -18.42 -56.10 -20.87
CA GLU V 87 -18.62 -56.75 -22.15
C GLU V 87 -19.28 -55.81 -23.13
N LEU V 88 -20.23 -54.95 -22.64
CA LEU V 88 -20.79 -53.84 -23.38
C LEU V 88 -19.73 -52.91 -23.89
N LYS V 89 -18.77 -52.51 -23.02
CA LYS V 89 -17.70 -51.59 -23.35
C LYS V 89 -16.91 -52.07 -24.54
N GLN V 90 -16.67 -53.39 -24.62
CA GLN V 90 -15.93 -53.98 -25.72
C GLN V 90 -16.68 -53.89 -27.03
N LYS V 91 -18.03 -53.99 -27.00
CA LYS V 91 -18.84 -53.77 -28.18
C LYS V 91 -18.68 -52.36 -28.70
N VAL V 92 -18.75 -51.36 -27.80
CA VAL V 92 -18.58 -49.95 -28.10
C VAL V 92 -17.24 -49.70 -28.77
N GLU V 93 -16.18 -50.28 -28.18
CA GLU V 93 -14.81 -50.04 -28.56
C GLU V 93 -14.49 -50.45 -29.96
N LEU V 94 -14.86 -51.69 -30.35
CA LEU V 94 -14.43 -52.27 -31.61
C LEU V 94 -15.05 -51.52 -32.75
N ALA V 95 -16.34 -51.13 -32.57
CA ALA V 95 -17.08 -50.36 -33.54
C ALA V 95 -16.51 -49.01 -33.79
N HIS V 96 -16.13 -48.30 -32.69
CA HIS V 96 -15.50 -47.01 -32.80
C HIS V 96 -14.22 -47.08 -33.61
N GLU V 97 -13.38 -48.12 -33.37
CA GLU V 97 -12.13 -48.30 -34.09
C GLU V 97 -12.35 -48.52 -35.56
N ALA V 98 -13.35 -49.38 -35.89
CA ALA V 98 -13.72 -49.75 -37.25
C ALA V 98 -14.14 -48.57 -38.08
N LYS V 99 -14.94 -47.65 -37.51
CA LYS V 99 -15.35 -46.45 -38.20
C LYS V 99 -14.18 -45.57 -38.53
N ALA V 100 -13.19 -45.52 -37.62
CA ALA V 100 -12.05 -44.64 -37.74
C ALA V 100 -11.13 -45.07 -38.83
N VAL V 101 -10.79 -46.38 -38.90
CA VAL V 101 -9.95 -46.90 -39.94
C VAL V 101 -10.59 -46.66 -41.29
N LEU V 102 -11.91 -46.87 -41.38
CA LEU V 102 -12.69 -46.72 -42.58
C LEU V 102 -12.73 -45.29 -43.05
N ASP V 103 -12.72 -44.34 -42.10
CA ASP V 103 -12.72 -42.93 -42.39
C ASP V 103 -11.42 -42.57 -43.03
N SER V 104 -10.30 -43.15 -42.54
CA SER V 104 -8.99 -42.92 -43.07
C SER V 104 -8.90 -43.41 -44.50
N TRP V 105 -9.57 -44.55 -44.83
CA TRP V 105 -9.64 -45.07 -46.17
C TRP V 105 -10.38 -44.13 -47.10
N VAL V 106 -11.50 -43.53 -46.63
CA VAL V 106 -12.26 -42.57 -47.39
C VAL V 106 -11.44 -41.33 -47.63
N ARG V 107 -10.69 -40.87 -46.61
CA ARG V 107 -9.88 -39.68 -46.70
C ARG V 107 -8.80 -39.76 -47.75
N TYR V 108 -8.08 -40.90 -47.83
CA TYR V 108 -7.02 -41.05 -48.79
C TYR V 108 -7.60 -41.22 -50.17
N GLU V 109 -8.81 -41.81 -50.26
CA GLU V 109 -9.50 -41.98 -51.51
C GLU V 109 -9.80 -40.64 -52.14
N ALA V 110 -10.27 -39.67 -51.32
CA ALA V 110 -10.49 -38.33 -51.78
C ALA V 110 -9.21 -37.65 -52.17
N SER V 111 -8.11 -37.94 -51.44
CA SER V 111 -6.80 -37.42 -51.73
C SER V 111 -6.29 -37.88 -53.05
N LEU V 112 -6.53 -39.17 -53.40
CA LEU V 112 -6.10 -39.72 -54.66
C LEU V 112 -6.84 -39.09 -55.81
N ARG V 113 -8.14 -38.76 -55.64
CA ARG V 113 -8.89 -38.07 -56.66
C ARG V 113 -8.38 -36.69 -56.92
N GLN V 114 -7.97 -35.96 -55.85
CA GLN V 114 -7.38 -34.65 -55.95
C GLN V 114 -6.04 -34.69 -56.64
N LEU V 115 -5.23 -35.74 -56.35
CA LEU V 115 -3.93 -35.92 -56.94
C LEU V 115 -4.04 -36.21 -58.41
N GLU V 116 -5.06 -37.02 -58.80
CA GLU V 116 -5.38 -37.32 -60.17
C GLU V 116 -5.79 -36.09 -60.91
N GLN V 117 -6.56 -35.21 -60.24
CA GLN V 117 -7.04 -34.01 -60.86
C GLN V 117 -5.93 -33.03 -61.11
N ARG V 118 -4.93 -32.91 -60.20
CA ARG V 118 -3.83 -32.00 -60.43
C ARG V 118 -2.87 -32.55 -61.45
N GLN V 119 -2.75 -33.89 -61.55
CA GLN V 119 -1.99 -34.52 -62.61
C GLN V 119 -2.59 -34.25 -63.97
N LEU V 120 -3.93 -34.32 -64.06
CA LEU V 120 -4.63 -34.05 -65.29
C LEU V 120 -4.65 -32.58 -65.55
N ALA V 121 -4.42 -31.73 -64.51
CA ALA V 121 -4.31 -30.31 -64.66
C ALA V 121 -3.06 -29.95 -65.40
N LYS V 122 -1.89 -30.54 -65.04
CA LYS V 122 -0.67 -30.25 -65.75
C LYS V 122 -0.68 -30.83 -67.13
N SER V 123 -1.47 -31.90 -67.36
CA SER V 123 -1.70 -32.40 -68.69
C SER V 123 -2.52 -31.48 -69.54
N VAL V 124 -3.48 -30.72 -68.96
CA VAL V 124 -4.23 -29.69 -69.67
C VAL V 124 -3.32 -28.60 -70.14
N ILE V 125 -2.35 -28.17 -69.29
CA ILE V 125 -1.37 -27.16 -69.65
C ILE V 125 -0.53 -27.62 -70.81
N SER V 126 -0.12 -28.91 -70.79
CA SER V 126 0.65 -29.47 -71.87
C SER V 126 -0.12 -29.48 -73.17
N ARG V 127 -1.45 -29.76 -73.10
CA ARG V 127 -2.28 -29.75 -74.27
C ARG V 127 -2.50 -28.38 -74.83
N VAL V 128 -2.57 -27.34 -73.97
CA VAL V 128 -2.68 -25.94 -74.37
C VAL V 128 -1.48 -25.47 -75.14
N GLN V 129 -0.26 -25.81 -74.68
CA GLN V 129 0.96 -25.44 -75.36
C GLN V 129 1.03 -26.06 -76.74
N SER V 130 0.47 -27.27 -76.88
CA SER V 130 0.41 -27.97 -78.13
C SER V 130 -0.56 -27.32 -79.07
N GLU V 131 -1.70 -26.81 -78.55
CA GLU V 131 -2.76 -26.26 -79.37
C GLU V 131 -2.28 -24.99 -80.01
N LEU V 132 -1.53 -24.18 -79.23
CA LEU V 132 -1.10 -22.88 -79.64
C LEU V 132 0.07 -22.96 -80.59
N GLY V 133 0.64 -24.17 -80.79
CA GLY V 133 1.68 -24.38 -81.76
C GLY V 133 1.09 -24.51 -83.13
N ASN V 134 -0.06 -25.24 -83.22
CA ASN V 134 -0.66 -25.67 -84.45
C ASN V 134 -1.09 -24.48 -85.26
N PRO V 135 -1.14 -24.51 -86.59
CA PRO V 135 -1.83 -23.50 -87.37
C PRO V 135 -3.31 -23.77 -87.38
N LYS V 136 -3.81 -24.63 -86.46
CA LYS V 136 -5.16 -24.58 -85.94
C LYS V 136 -5.38 -23.29 -85.21
N PHE V 137 -4.31 -22.73 -84.61
CA PHE V 137 -4.23 -21.41 -84.06
C PHE V 137 -4.59 -20.36 -85.08
N GLN V 138 -4.26 -20.61 -86.36
CA GLN V 138 -4.62 -19.74 -87.45
C GLN V 138 -5.98 -20.11 -87.97
N GLU V 139 -6.23 -21.42 -88.17
CA GLU V 139 -7.40 -21.90 -88.88
C GLU V 139 -8.64 -21.71 -88.06
N LYS V 140 -8.51 -21.66 -86.72
CA LYS V 140 -9.64 -21.59 -85.83
C LYS V 140 -10.06 -20.17 -85.68
N VAL V 141 -9.20 -19.19 -86.08
CA VAL V 141 -9.59 -17.81 -86.11
C VAL V 141 -10.67 -17.65 -87.15
N LEU V 142 -10.61 -18.40 -88.26
CA LEU V 142 -11.67 -18.43 -89.25
C LEU V 142 -12.94 -18.99 -88.66
N GLN V 143 -12.84 -20.03 -87.81
CA GLN V 143 -13.99 -20.60 -87.15
C GLN V 143 -14.65 -19.62 -86.22
N GLN V 144 -13.85 -18.88 -85.44
CA GLN V 144 -14.34 -17.83 -84.57
C GLN V 144 -14.96 -16.73 -85.36
N SER V 145 -14.40 -16.42 -86.55
CA SER V 145 -14.86 -15.35 -87.39
C SER V 145 -16.25 -15.65 -87.87
N ILE V 146 -16.48 -16.86 -88.43
CA ILE V 146 -17.77 -17.21 -88.93
C ILE V 146 -18.75 -17.38 -87.82
N SER V 147 -18.29 -17.78 -86.61
CA SER V 147 -19.16 -17.95 -85.48
C SER V 147 -19.64 -16.64 -85.00
N GLU V 148 -18.76 -15.63 -85.01
CA GLU V 148 -19.11 -14.28 -84.67
C GLU V 148 -20.01 -13.68 -85.68
N ILE V 149 -19.83 -14.00 -86.97
CA ILE V 149 -20.73 -13.58 -88.01
C ILE V 149 -22.11 -14.09 -87.74
N GLU V 150 -22.24 -15.38 -87.34
CA GLU V 150 -23.54 -15.93 -87.04
C GLU V 150 -24.12 -15.33 -85.81
N GLN V 151 -23.25 -15.08 -84.80
CA GLN V 151 -23.65 -14.66 -83.49
C GLN V 151 -24.16 -13.27 -83.53
N LEU V 152 -23.40 -12.37 -84.16
CA LEU V 152 -23.69 -10.97 -84.14
C LEU V 152 -24.83 -10.70 -85.07
N LEU V 153 -25.06 -11.56 -86.08
CA LEU V 153 -26.26 -11.42 -86.88
C LEU V 153 -27.45 -11.89 -86.10
N SER V 154 -27.24 -12.81 -85.12
CA SER V 154 -28.32 -13.25 -84.26
C SER V 154 -28.61 -12.20 -83.23
N LYS V 155 -27.78 -11.14 -83.14
CA LYS V 155 -28.07 -10.00 -82.31
C LYS V 155 -28.81 -9.04 -83.24
N ALA W 3 -33.42 -48.36 -9.50
CA ALA W 3 -32.59 -49.58 -9.62
C ALA W 3 -31.31 -49.35 -8.88
N LYS W 4 -30.36 -48.62 -9.52
CA LYS W 4 -29.11 -48.23 -8.90
C LYS W 4 -29.37 -47.15 -7.88
N SER W 5 -30.45 -46.35 -8.08
CA SER W 5 -30.84 -45.28 -7.19
C SER W 5 -31.31 -45.79 -5.84
N ALA W 6 -31.88 -47.02 -5.78
CA ALA W 6 -32.26 -47.71 -4.57
C ALA W 6 -31.07 -48.02 -3.73
N ALA W 7 -30.04 -48.57 -4.39
CA ALA W 7 -28.77 -48.93 -3.83
C ALA W 7 -28.12 -47.75 -3.20
N ASN W 8 -28.18 -46.58 -3.89
CA ASN W 8 -27.53 -45.38 -3.43
C ASN W 8 -28.32 -44.71 -2.34
N LYS W 9 -29.67 -44.83 -2.35
CA LYS W 9 -30.47 -44.22 -1.30
C LYS W 9 -30.22 -44.87 0.02
N LEU W 10 -30.11 -46.21 0.00
CA LEU W 10 -29.80 -46.96 1.19
C LEU W 10 -28.38 -46.73 1.61
N ASP W 11 -27.43 -46.61 0.64
CA ASP W 11 -26.04 -46.32 0.91
C ASP W 11 -25.81 -45.03 1.65
N TRP W 12 -26.38 -43.91 1.16
CA TRP W 12 -26.09 -42.61 1.72
C TRP W 12 -26.80 -42.41 3.03
N ALA W 13 -27.97 -43.08 3.19
CA ALA W 13 -28.68 -43.16 4.44
C ALA W 13 -27.83 -43.85 5.46
N LYS W 14 -27.17 -44.95 5.03
CA LYS W 14 -26.21 -45.66 5.82
C LYS W 14 -24.92 -44.91 6.08
N VAL W 15 -24.49 -43.97 5.22
CA VAL W 15 -23.27 -43.21 5.47
C VAL W 15 -23.48 -42.31 6.64
N ILE W 16 -24.61 -41.58 6.65
CA ILE W 16 -24.95 -40.70 7.75
C ILE W 16 -25.44 -41.45 8.97
N SER W 17 -25.85 -42.74 8.85
CA SER W 17 -26.06 -43.59 9.99
C SER W 17 -24.77 -44.09 10.57
N SER W 18 -23.79 -44.44 9.71
CA SER W 18 -22.51 -44.97 10.13
C SER W 18 -21.70 -43.93 10.84
N LEU W 19 -21.93 -42.65 10.51
CA LEU W 19 -21.55 -41.51 11.31
C LEU W 19 -21.89 -41.65 12.78
N ARG W 20 -23.06 -42.26 13.09
CA ARG W 20 -23.60 -42.31 14.43
C ARG W 20 -23.20 -43.55 15.17
N ILE W 21 -22.36 -44.43 14.58
CA ILE W 21 -21.92 -45.62 15.25
C ILE W 21 -20.46 -45.71 14.96
N THR W 22 -19.74 -46.55 15.72
CA THR W 22 -18.32 -46.76 15.59
C THR W 22 -18.05 -47.56 14.33
N GLY W 23 -16.85 -47.38 13.72
CA GLY W 23 -16.47 -48.06 12.50
C GLY W 23 -16.60 -47.11 11.34
N SER W 24 -15.63 -47.22 10.41
CA SER W 24 -15.56 -46.45 9.18
C SER W 24 -14.24 -46.74 8.50
N THR W 25 -13.42 -47.66 9.06
CA THR W 25 -12.07 -47.92 8.63
C THR W 25 -11.96 -48.43 7.22
N ALA W 26 -12.95 -49.23 6.77
CA ALA W 26 -12.89 -49.89 5.48
C ALA W 26 -14.24 -49.75 4.84
N THR W 27 -15.17 -49.01 5.50
CA THR W 27 -16.50 -48.76 5.02
C THR W 27 -16.42 -47.84 3.83
N GLN W 28 -15.64 -46.76 3.98
CA GLN W 28 -15.46 -45.75 2.96
C GLN W 28 -14.79 -46.26 1.73
N LEU W 29 -13.90 -47.28 1.88
CA LEU W 29 -13.26 -47.90 0.76
C LEU W 29 -14.22 -48.76 -0.01
N SER W 30 -15.18 -49.42 0.69
CA SER W 30 -16.21 -50.21 0.05
C SER W 30 -17.17 -49.34 -0.70
N SER W 31 -17.57 -48.20 -0.09
CA SER W 31 -18.47 -47.23 -0.66
C SER W 31 -17.86 -46.60 -1.88
N PHE W 32 -16.54 -46.29 -1.78
CA PHE W 32 -15.79 -45.75 -2.87
C PHE W 32 -15.74 -46.70 -4.03
N LYS W 33 -15.55 -48.01 -3.78
CA LYS W 33 -15.50 -49.00 -4.82
C LYS W 33 -16.79 -49.21 -5.56
N LYS W 34 -17.93 -49.34 -4.84
CA LYS W 34 -19.19 -49.56 -5.51
C LYS W 34 -19.63 -48.34 -6.26
N ARG W 35 -19.38 -47.14 -5.70
CA ARG W 35 -19.61 -45.90 -6.39
C ARG W 35 -18.75 -45.75 -7.61
N ASN W 36 -17.47 -46.15 -7.53
CA ASN W 36 -16.50 -45.99 -8.57
C ASN W 36 -16.95 -46.69 -9.82
N ASP W 37 -17.19 -48.01 -9.72
CA ASP W 37 -17.55 -48.81 -10.86
C ASP W 37 -18.94 -48.47 -11.32
N GLU W 38 -19.85 -48.05 -10.41
CA GLU W 38 -21.19 -47.70 -10.80
C GLU W 38 -21.17 -46.45 -11.65
N ALA W 39 -20.37 -45.45 -11.23
CA ALA W 39 -20.11 -44.24 -11.96
C ALA W 39 -19.32 -44.45 -13.22
N ARG W 40 -18.51 -45.54 -13.30
CA ARG W 40 -17.74 -45.86 -14.48
C ARG W 40 -18.72 -46.38 -15.48
N ARG W 41 -19.72 -47.16 -15.01
CA ARG W 41 -20.70 -47.78 -15.83
C ARG W 41 -21.68 -46.78 -16.34
N GLN W 42 -21.89 -45.67 -15.60
CA GLN W 42 -22.77 -44.63 -16.02
C GLN W 42 -22.15 -43.88 -17.15
N LEU W 43 -20.82 -43.64 -17.05
CA LEU W 43 -20.09 -42.96 -18.08
C LEU W 43 -19.94 -43.83 -19.28
N LEU W 44 -19.92 -45.17 -19.08
CA LEU W 44 -19.98 -46.15 -20.13
C LEU W 44 -21.27 -46.07 -20.85
N GLU W 45 -22.38 -45.99 -20.10
CA GLU W 45 -23.70 -46.13 -20.65
C GLU W 45 -24.03 -44.91 -21.45
N LEU W 46 -23.46 -43.75 -21.07
CA LEU W 46 -23.55 -42.54 -21.87
C LEU W 46 -22.53 -42.54 -22.98
N GLN W 47 -21.42 -43.32 -22.86
CA GLN W 47 -20.35 -43.32 -23.84
C GLN W 47 -20.75 -44.09 -25.05
N SER W 48 -21.59 -45.12 -24.84
CA SER W 48 -21.96 -46.11 -25.82
C SER W 48 -22.55 -45.46 -27.03
N GLN W 49 -21.96 -45.76 -28.20
CA GLN W 49 -22.53 -45.42 -29.47
C GLN W 49 -22.85 -46.78 -30.02
N PRO W 50 -23.84 -46.91 -30.89
CA PRO W 50 -24.10 -48.09 -31.71
C PRO W 50 -22.93 -48.86 -32.22
N THR W 51 -23.05 -50.20 -32.11
CA THR W 51 -21.99 -51.10 -32.41
C THR W 51 -22.41 -51.59 -33.76
N GLU W 52 -21.69 -51.11 -34.80
CA GLU W 52 -21.99 -51.34 -36.18
C GLU W 52 -21.32 -50.24 -36.91
N VAL W 53 -20.85 -50.59 -38.13
CA VAL W 53 -20.28 -49.70 -39.09
C VAL W 53 -21.45 -49.32 -39.95
N ASP W 54 -21.67 -48.01 -40.18
CA ASP W 54 -22.77 -47.54 -40.97
C ASP W 54 -22.29 -47.57 -42.39
N PHE W 55 -22.45 -48.73 -43.06
CA PHE W 55 -21.90 -48.97 -44.37
C PHE W 55 -22.97 -48.59 -45.36
N SER W 56 -24.10 -48.05 -44.88
CA SER W 56 -25.15 -47.53 -45.69
C SER W 56 -24.65 -46.38 -46.51
N HIS W 57 -23.86 -45.47 -45.89
CA HIS W 57 -23.31 -44.34 -46.58
C HIS W 57 -21.85 -44.57 -46.79
N TYR W 58 -21.20 -45.45 -45.99
CA TYR W 58 -19.76 -45.46 -45.94
C TYR W 58 -19.25 -46.58 -46.80
N ARG W 59 -20.16 -47.50 -47.21
CA ARG W 59 -19.94 -48.37 -48.33
C ARG W 59 -21.00 -47.89 -49.26
N SER W 60 -20.76 -46.65 -49.73
CA SER W 60 -21.55 -45.93 -50.68
C SER W 60 -20.82 -44.62 -50.73
N VAL W 61 -19.49 -44.64 -50.49
CA VAL W 61 -18.65 -43.48 -50.70
C VAL W 61 -17.22 -43.95 -50.77
N LEU W 62 -16.90 -45.20 -50.35
CA LEU W 62 -15.53 -45.64 -50.35
C LEU W 62 -15.24 -46.30 -51.67
N LYS W 63 -14.06 -45.98 -52.26
CA LYS W 63 -13.65 -46.49 -53.56
C LYS W 63 -12.43 -47.33 -53.34
N ASN W 64 -11.85 -47.31 -52.12
CA ASN W 64 -10.65 -48.05 -51.77
C ASN W 64 -11.18 -49.18 -50.94
N THR W 65 -11.96 -50.05 -51.62
CA THR W 65 -12.94 -50.92 -51.06
C THR W 65 -12.25 -52.15 -50.56
N SER W 66 -13.05 -53.07 -50.00
CA SER W 66 -12.67 -54.42 -49.67
C SER W 66 -12.07 -54.35 -48.31
N VAL W 67 -12.58 -53.39 -47.50
CA VAL W 67 -12.16 -53.21 -46.15
C VAL W 67 -13.43 -52.98 -45.41
N ILE W 68 -14.53 -52.56 -46.13
CA ILE W 68 -15.81 -52.31 -45.50
C ILE W 68 -16.49 -53.61 -45.25
N ASP W 69 -16.27 -54.58 -46.17
CA ASP W 69 -16.76 -55.92 -45.99
C ASP W 69 -15.94 -56.60 -44.93
N LYS W 70 -14.64 -56.24 -44.82
CA LYS W 70 -13.75 -56.83 -43.85
C LYS W 70 -14.16 -56.47 -42.46
N ILE W 71 -14.33 -55.17 -42.16
CA ILE W 71 -14.71 -54.73 -40.85
C ILE W 71 -16.17 -54.99 -40.57
N GLU W 72 -17.02 -55.12 -41.62
CA GLU W 72 -18.39 -55.54 -41.45
C GLU W 72 -18.43 -56.92 -40.90
N SER W 73 -17.63 -57.81 -41.50
CA SER W 73 -17.50 -59.16 -41.05
C SER W 73 -16.77 -59.25 -39.73
N TYR W 74 -15.85 -58.31 -39.39
CA TYR W 74 -15.14 -58.38 -38.12
C TYR W 74 -16.02 -57.99 -36.98
N VAL W 75 -16.90 -56.98 -37.19
CA VAL W 75 -17.86 -56.57 -36.21
C VAL W 75 -18.94 -57.57 -36.03
N LYS W 76 -19.51 -58.11 -37.15
CA LYS W 76 -20.59 -59.05 -37.05
C LYS W 76 -20.13 -60.40 -36.60
N GLN W 77 -18.84 -60.74 -36.80
CA GLN W 77 -18.23 -61.92 -36.22
C GLN W 77 -18.12 -61.88 -34.73
N TYR W 78 -17.55 -60.77 -34.17
CA TYR W 78 -17.32 -60.67 -32.74
C TYR W 78 -18.48 -59.95 -32.13
N LYS W 79 -19.65 -59.97 -32.82
CA LYS W 79 -20.91 -59.50 -32.31
C LYS W 79 -21.31 -60.28 -31.08
N PRO W 80 -21.22 -61.61 -31.01
CA PRO W 80 -21.02 -62.30 -29.76
C PRO W 80 -19.69 -61.90 -29.15
N VAL W 81 -19.76 -61.07 -28.09
CA VAL W 81 -18.61 -60.58 -27.37
C VAL W 81 -18.51 -61.56 -26.23
N LYS W 82 -17.36 -61.56 -25.53
CA LYS W 82 -17.12 -62.49 -24.45
C LYS W 82 -18.12 -62.40 -23.34
N ILE W 83 -18.43 -63.60 -22.79
CA ILE W 83 -19.49 -63.96 -21.89
C ILE W 83 -19.73 -63.03 -20.72
N ASP W 84 -20.97 -63.10 -20.18
CA ASP W 84 -21.44 -62.38 -19.01
C ASP W 84 -20.61 -62.73 -17.80
N ALA W 85 -20.48 -61.74 -16.90
CA ALA W 85 -19.73 -61.82 -15.68
C ALA W 85 -20.64 -61.89 -14.48
N SER W 86 -21.83 -62.50 -14.61
CA SER W 86 -22.54 -63.01 -13.46
C SER W 86 -21.99 -64.38 -13.17
N LYS W 87 -21.32 -64.55 -12.01
CA LYS W 87 -20.71 -65.82 -11.68
C LYS W 87 -20.28 -65.77 -10.24
N GLN W 88 -20.35 -64.57 -9.61
CA GLN W 88 -20.03 -64.42 -8.21
C GLN W 88 -21.37 -64.32 -7.59
N LEU W 89 -21.78 -65.42 -6.94
CA LEU W 89 -23.03 -65.45 -6.26
C LEU W 89 -22.98 -66.66 -5.38
N GLN W 90 -21.84 -67.37 -5.39
CA GLN W 90 -21.58 -68.48 -4.52
C GLN W 90 -20.58 -67.99 -3.53
N VAL W 91 -19.65 -67.14 -4.02
CA VAL W 91 -18.56 -66.64 -3.24
C VAL W 91 -19.07 -65.37 -2.63
N ILE W 92 -19.92 -64.64 -3.38
CA ILE W 92 -20.61 -63.46 -2.91
C ILE W 92 -21.63 -63.84 -1.86
N GLU W 93 -22.27 -65.03 -2.02
CA GLU W 93 -23.21 -65.51 -1.05
C GLU W 93 -22.55 -65.90 0.24
N SER W 94 -21.29 -66.38 0.16
CA SER W 94 -20.52 -66.82 1.29
C SER W 94 -20.18 -65.65 2.19
N PHE W 95 -19.85 -64.49 1.58
CA PHE W 95 -19.54 -63.28 2.32
C PHE W 95 -20.75 -62.84 3.07
N GLU W 96 -21.93 -62.99 2.43
CA GLU W 96 -23.19 -62.68 3.04
C GLU W 96 -23.49 -63.59 4.21
N LYS W 97 -23.09 -64.89 4.16
CA LYS W 97 -23.25 -65.79 5.28
C LYS W 97 -22.46 -65.35 6.50
N HIS W 98 -21.18 -64.97 6.28
CA HIS W 98 -20.27 -64.52 7.31
C HIS W 98 -20.79 -63.28 7.97
N ALA W 99 -21.28 -62.36 7.11
CA ALA W 99 -21.90 -61.11 7.44
C ALA W 99 -23.12 -61.34 8.28
N MET W 100 -23.95 -62.33 7.89
CA MET W 100 -25.19 -62.66 8.56
C MET W 100 -24.91 -63.13 9.95
N THR W 101 -23.87 -63.98 10.14
CA THR W 101 -23.46 -64.47 11.44
C THR W 101 -23.19 -63.31 12.37
N ASN W 102 -22.36 -62.36 11.91
CA ASN W 102 -22.03 -61.15 12.64
C ASN W 102 -23.24 -60.27 12.91
N ALA W 103 -24.18 -60.15 11.94
CA ALA W 103 -25.35 -59.31 12.01
C ALA W 103 -26.27 -59.75 13.12
N LYS W 104 -26.53 -61.07 13.17
CA LYS W 104 -27.38 -61.69 14.14
C LYS W 104 -26.81 -61.57 15.52
N GLU W 105 -25.46 -61.75 15.65
CA GLU W 105 -24.76 -61.56 16.90
C GLU W 105 -24.95 -60.18 17.48
N THR W 106 -24.76 -59.12 16.65
CA THR W 106 -24.95 -57.76 17.09
C THR W 106 -26.38 -57.53 17.51
N GLU W 107 -27.35 -57.99 16.68
CA GLU W 107 -28.76 -57.73 16.86
C GLU W 107 -29.31 -58.30 18.13
N SER W 108 -29.04 -59.60 18.38
CA SER W 108 -29.52 -60.30 19.55
C SER W 108 -28.90 -59.75 20.80
N LEU W 109 -27.60 -59.35 20.73
CA LEU W 109 -26.87 -58.85 21.86
C LEU W 109 -27.44 -57.55 22.34
N VAL W 110 -27.62 -56.59 21.41
CA VAL W 110 -28.10 -55.29 21.74
C VAL W 110 -29.54 -55.29 22.14
N SER W 111 -30.38 -56.19 21.57
CA SER W 111 -31.77 -56.32 21.98
C SER W 111 -31.85 -56.75 23.43
N LYS W 112 -31.04 -57.77 23.81
CA LYS W 112 -30.94 -58.25 25.16
C LYS W 112 -30.51 -57.16 26.11
N GLU W 113 -29.44 -56.42 25.73
CA GLU W 113 -28.85 -55.37 26.53
C GLU W 113 -29.79 -54.23 26.74
N LEU W 114 -30.62 -53.89 25.73
CA LEU W 114 -31.54 -52.77 25.81
C LEU W 114 -32.53 -52.97 26.91
N LYS W 115 -33.16 -54.16 26.94
CA LYS W 115 -34.15 -54.51 27.93
C LYS W 115 -33.54 -54.71 29.28
N ASP W 116 -32.26 -55.13 29.32
CA ASP W 116 -31.50 -55.29 30.53
C ASP W 116 -31.30 -53.94 31.16
N LEU W 117 -30.97 -52.91 30.35
CA LEU W 117 -30.77 -51.56 30.80
C LEU W 117 -32.05 -50.88 31.23
N GLN W 118 -33.19 -51.19 30.58
CA GLN W 118 -34.49 -50.69 31.01
C GLN W 118 -34.77 -51.19 32.40
N SER W 119 -34.56 -52.51 32.59
CA SER W 119 -34.65 -53.16 33.87
C SER W 119 -33.70 -52.58 34.88
N THR W 120 -32.47 -52.21 34.47
CA THR W 120 -31.47 -51.65 35.35
C THR W 120 -31.88 -50.31 35.86
N LEU W 121 -32.50 -49.46 35.00
CA LEU W 121 -32.95 -48.16 35.41
C LEU W 121 -34.05 -48.27 36.42
N ASP W 122 -34.99 -49.22 36.18
CA ASP W 122 -36.11 -49.47 37.06
C ASP W 122 -35.65 -50.02 38.40
N ASN W 123 -34.62 -50.89 38.37
CA ASN W 123 -34.04 -51.53 39.51
C ASN W 123 -33.38 -50.54 40.42
N ILE W 124 -32.75 -49.48 39.85
CA ILE W 124 -32.08 -48.45 40.62
C ILE W 124 -33.09 -47.59 41.33
N GLN W 125 -34.30 -47.40 40.76
CA GLN W 125 -35.25 -46.50 41.36
C GLN W 125 -35.95 -47.13 42.54
N SER W 126 -36.25 -48.45 42.47
CA SER W 126 -37.09 -49.09 43.46
C SER W 126 -36.30 -49.87 44.46
N ALA W 127 -34.97 -49.93 44.27
CA ALA W 127 -34.11 -50.61 45.19
C ALA W 127 -32.89 -49.76 45.10
N ARG W 128 -32.46 -49.21 46.26
CA ARG W 128 -31.36 -48.31 46.38
C ARG W 128 -31.57 -47.69 47.73
N PRO W 129 -30.62 -47.65 48.65
CA PRO W 129 -30.84 -47.09 49.96
C PRO W 129 -30.52 -45.62 49.91
N PHE W 130 -31.44 -44.81 49.31
CA PHE W 130 -31.12 -43.47 48.87
C PHE W 130 -31.34 -42.53 50.00
N ASP W 131 -31.89 -43.05 51.13
CA ASP W 131 -32.00 -42.36 52.39
C ASP W 131 -30.92 -43.00 53.20
N GLU W 132 -31.18 -44.19 53.76
CA GLU W 132 -30.22 -44.87 54.58
C GLU W 132 -30.69 -46.29 54.63
N LEU W 133 -29.80 -47.16 55.13
CA LEU W 133 -30.07 -48.56 55.30
C LEU W 133 -28.99 -48.97 56.24
N THR W 134 -29.08 -50.19 56.82
CA THR W 134 -28.07 -50.72 57.71
C THR W 134 -26.83 -50.94 56.89
N VAL W 135 -25.64 -50.58 57.41
CA VAL W 135 -24.40 -50.80 56.71
C VAL W 135 -24.06 -52.26 56.68
N ASP W 136 -24.67 -53.04 57.60
CA ASP W 136 -24.63 -54.48 57.65
C ASP W 136 -25.33 -55.05 56.46
N ASP W 137 -26.43 -54.39 56.02
CA ASP W 137 -27.14 -54.77 54.82
C ASP W 137 -26.31 -54.51 53.60
N LEU W 138 -25.40 -53.51 53.64
CA LEU W 138 -24.51 -53.25 52.53
C LEU W 138 -23.45 -54.31 52.46
N THR W 139 -23.03 -54.85 53.63
CA THR W 139 -22.14 -56.00 53.73
C THR W 139 -22.83 -57.23 53.20
N LYS W 140 -24.16 -57.34 53.40
CA LYS W 140 -24.96 -58.46 52.97
C LYS W 140 -25.13 -58.44 51.47
N ILE W 141 -25.15 -57.24 50.85
CA ILE W 141 -25.36 -57.11 49.44
C ILE W 141 -24.05 -57.19 48.71
N LYS W 142 -22.90 -56.93 49.38
CA LYS W 142 -21.59 -57.03 48.77
C LYS W 142 -20.63 -57.51 49.84
N PRO W 143 -19.97 -58.66 49.70
CA PRO W 143 -18.92 -59.10 50.60
C PRO W 143 -17.64 -58.34 50.37
N GLU W 144 -17.59 -57.45 49.34
CA GLU W 144 -16.50 -56.55 49.07
C GLU W 144 -16.20 -55.67 50.26
N ILE W 145 -17.25 -55.27 51.02
CA ILE W 145 -17.15 -54.49 52.24
C ILE W 145 -16.25 -55.21 53.22
N ASP W 146 -16.61 -56.46 53.56
CA ASP W 146 -15.89 -57.26 54.50
C ASP W 146 -14.50 -57.59 53.99
N ALA W 147 -14.33 -57.76 52.66
CA ALA W 147 -13.05 -58.08 52.07
C ALA W 147 -12.04 -56.98 52.25
N LYS W 148 -12.44 -55.72 51.96
CA LYS W 148 -11.55 -54.59 52.10
C LYS W 148 -11.22 -54.33 53.54
N VAL W 149 -12.24 -54.47 54.43
CA VAL W 149 -12.06 -54.28 55.85
C VAL W 149 -11.12 -55.29 56.43
N GLU W 150 -11.25 -56.57 56.02
CA GLU W 150 -10.46 -57.65 56.54
C GLU W 150 -9.04 -57.50 56.13
N GLU W 151 -8.77 -57.09 54.86
CA GLU W 151 -7.42 -56.88 54.42
C GLU W 151 -6.74 -55.74 55.13
N MET W 152 -7.49 -54.67 55.48
CA MET W 152 -6.97 -53.56 56.21
C MET W 152 -6.70 -53.87 57.65
N VAL W 153 -7.53 -54.74 58.27
CA VAL W 153 -7.37 -55.14 59.65
C VAL W 153 -6.19 -56.07 59.75
N LYS W 154 -6.03 -56.95 58.76
CA LYS W 154 -4.90 -57.85 58.64
C LYS W 154 -3.62 -57.12 58.38
N LYS W 155 -3.67 -56.04 57.56
CA LYS W 155 -2.53 -55.21 57.25
C LYS W 155 -2.16 -54.31 58.39
N GLY W 156 -3.17 -53.85 59.15
CA GLY W 156 -2.98 -53.01 60.31
C GLY W 156 -3.04 -51.57 59.93
N LYS W 157 -3.38 -51.28 58.66
CA LYS W 157 -3.58 -49.94 58.21
C LYS W 157 -4.94 -49.57 58.68
N TRP W 158 -5.09 -48.34 59.17
CA TRP W 158 -6.37 -47.85 59.61
C TRP W 158 -6.63 -46.66 58.77
N ASP W 159 -5.60 -46.18 58.02
CA ASP W 159 -5.75 -45.26 56.91
C ASP W 159 -6.48 -45.98 55.83
N VAL W 160 -7.58 -45.37 55.34
CA VAL W 160 -8.32 -45.86 54.22
C VAL W 160 -7.91 -44.93 53.11
N PRO W 161 -7.21 -45.36 52.06
CA PRO W 161 -6.74 -44.50 51.01
C PRO W 161 -7.85 -43.77 50.32
N GLY W 162 -7.80 -42.41 50.31
CA GLY W 162 -8.74 -41.57 49.62
C GLY W 162 -10.07 -41.44 50.30
N TYR W 163 -10.18 -41.81 51.59
CA TYR W 163 -11.44 -41.69 52.30
C TYR W 163 -11.62 -40.24 52.66
N LYS W 164 -10.50 -39.52 52.74
CA LYS W 164 -10.43 -38.19 53.26
C LYS W 164 -10.50 -37.23 52.12
N ASP W 165 -10.63 -37.74 50.87
CA ASP W 165 -10.66 -36.92 49.68
C ASP W 165 -12.00 -37.08 49.03
N ARG W 166 -12.99 -37.64 49.76
CA ARG W 166 -14.33 -37.79 49.23
C ARG W 166 -15.26 -37.97 50.38
N PHE W 167 -14.71 -37.84 51.60
CA PHE W 167 -15.42 -37.66 52.84
C PHE W 167 -14.44 -36.87 53.64
N GLY W 168 -14.91 -36.30 54.77
CA GLY W 168 -14.12 -35.50 55.66
C GLY W 168 -13.10 -36.32 56.41
N ASN W 169 -12.53 -35.69 57.46
CA ASN W 169 -11.59 -36.34 58.34
C ASN W 169 -11.57 -35.51 59.59
N LEU W 170 -12.21 -34.32 59.58
CA LEU W 170 -12.62 -33.57 60.75
C LEU W 170 -11.47 -33.32 61.69
N ASN W 171 -10.27 -33.00 61.13
CA ASN W 171 -9.05 -32.86 61.88
C ASN W 171 -9.17 -31.71 62.83
N VAL W 172 -8.65 -31.87 64.06
CA VAL W 172 -8.73 -30.86 65.08
C VAL W 172 -7.33 -30.33 65.28
N MET W 173 -6.33 -30.98 64.63
CA MET W 173 -4.95 -30.54 64.67
C MET W 173 -4.69 -29.44 63.62
N VAL X 1 -14.62 -57.00 -5.28
CA VAL X 1 -13.64 -56.20 -4.50
C VAL X 1 -14.19 -55.90 -3.14
N SER X 2 -13.26 -55.72 -2.17
CA SER X 2 -13.52 -55.94 -0.76
C SER X 2 -14.61 -55.08 -0.21
N THR X 3 -15.79 -55.73 0.01
CA THR X 3 -16.92 -55.17 0.70
C THR X 3 -16.80 -55.73 2.10
N LEU X 4 -16.15 -54.95 2.99
CA LEU X 4 -15.94 -55.30 4.37
C LEU X 4 -16.72 -54.32 5.15
N ILE X 5 -17.28 -54.79 6.29
CA ILE X 5 -18.22 -54.03 7.05
C ILE X 5 -17.75 -54.03 8.50
N PRO X 6 -17.25 -52.92 9.01
CA PRO X 6 -16.97 -52.75 10.43
C PRO X 6 -18.16 -52.70 11.38
N PRO X 7 -19.39 -52.22 11.14
CA PRO X 7 -20.31 -51.96 12.24
C PRO X 7 -20.88 -53.19 12.89
N LYS X 8 -21.22 -54.25 12.13
CA LYS X 8 -21.88 -55.39 12.72
C LYS X 8 -20.86 -56.44 13.07
N VAL X 9 -19.57 -56.11 12.86
CA VAL X 9 -18.46 -56.97 13.20
C VAL X 9 -17.87 -56.34 14.45
N VAL X 10 -18.49 -55.22 14.88
CA VAL X 10 -18.32 -54.65 16.18
C VAL X 10 -19.52 -55.18 16.90
N SER X 11 -19.25 -56.02 17.91
CA SER X 11 -20.23 -56.80 18.62
C SER X 11 -19.51 -57.44 19.75
N SER X 12 -18.16 -57.32 19.75
CA SER X 12 -17.32 -57.77 20.82
C SER X 12 -16.76 -56.54 21.49
N LYS X 13 -17.01 -55.35 20.92
CA LYS X 13 -16.66 -54.11 21.57
C LYS X 13 -17.91 -53.53 22.14
N ASN X 14 -19.07 -54.20 21.95
CA ASN X 14 -20.35 -53.70 22.42
C ASN X 14 -20.63 -54.33 23.75
N ILE X 15 -19.69 -55.17 24.25
CA ILE X 15 -19.68 -55.60 25.63
C ILE X 15 -18.57 -54.87 26.32
N GLY X 16 -17.76 -54.09 25.57
CA GLY X 16 -16.47 -53.65 26.03
C GLY X 16 -16.55 -52.35 26.78
N SER X 17 -17.69 -51.63 26.65
CA SER X 17 -17.87 -50.34 27.26
C SER X 17 -17.73 -50.35 28.76
N ALA X 18 -17.10 -49.27 29.28
CA ALA X 18 -16.72 -49.12 30.66
C ALA X 18 -17.91 -49.05 31.60
N PRO X 19 -19.07 -48.42 31.29
CA PRO X 19 -20.18 -48.35 32.24
C PRO X 19 -20.86 -49.69 32.40
N ASN X 20 -20.55 -50.70 31.56
CA ASN X 20 -21.00 -52.07 31.74
C ASN X 20 -20.53 -52.58 33.07
N ALA X 21 -19.27 -52.25 33.45
CA ALA X 21 -18.69 -52.63 34.72
C ALA X 21 -19.49 -52.06 35.87
N LYS X 22 -19.93 -50.79 35.77
CA LYS X 22 -20.80 -50.18 36.74
C LYS X 22 -22.18 -50.77 36.76
N ARG X 23 -22.73 -51.12 35.57
CA ARG X 23 -24.07 -51.65 35.39
C ARG X 23 -24.25 -52.95 36.12
N ILE X 24 -23.35 -53.93 35.89
CA ILE X 24 -23.47 -55.25 36.46
C ILE X 24 -23.18 -55.21 37.93
N ALA X 25 -22.49 -54.13 38.38
CA ALA X 25 -22.29 -53.86 39.77
C ALA X 25 -23.58 -53.42 40.40
N ASN X 26 -24.28 -52.44 39.79
CA ASN X 26 -25.39 -51.80 40.44
C ASN X 26 -26.71 -52.47 40.19
N VAL X 27 -26.82 -53.48 39.31
CA VAL X 27 -27.99 -54.33 39.33
C VAL X 27 -27.90 -55.29 40.47
N VAL X 28 -26.66 -55.64 40.90
CA VAL X 28 -26.41 -56.46 42.04
C VAL X 28 -26.47 -55.62 43.28
N HIS X 29 -26.12 -54.31 43.20
CA HIS X 29 -26.13 -53.46 44.37
C HIS X 29 -27.56 -53.13 44.71
N PHE X 30 -28.44 -53.24 43.70
CA PHE X 30 -29.81 -52.83 43.82
C PHE X 30 -30.65 -54.03 43.59
N TYR X 31 -30.15 -55.24 43.95
CA TYR X 31 -30.91 -56.45 43.74
C TYR X 31 -31.71 -56.75 44.98
N LYS X 32 -31.52 -56.01 46.11
CA LYS X 32 -32.12 -56.37 47.38
C LYS X 32 -32.21 -55.20 48.31
N SER X 33 -31.49 -54.07 48.06
CA SER X 33 -31.57 -52.93 48.93
C SER X 33 -32.96 -52.37 48.99
N LEU X 34 -33.43 -52.11 50.23
CA LEU X 34 -34.71 -51.49 50.48
C LEU X 34 -34.63 -50.06 50.01
N PRO X 35 -35.71 -49.41 49.59
CA PRO X 35 -35.65 -48.09 48.97
C PRO X 35 -35.27 -47.10 50.04
N GLN X 36 -35.61 -47.44 51.29
CA GLN X 36 -35.48 -46.60 52.45
C GLN X 36 -36.07 -47.40 53.58
N GLY X 37 -36.52 -48.65 53.29
CA GLY X 37 -37.19 -49.52 54.21
C GLY X 37 -38.53 -48.97 54.64
N PRO X 38 -39.15 -49.57 55.65
CA PRO X 38 -40.45 -49.11 56.12
C PRO X 38 -40.26 -48.38 57.42
N ALA X 39 -39.37 -48.86 58.31
CA ALA X 39 -39.18 -48.44 59.68
C ALA X 39 -38.37 -49.54 60.31
N PRO X 40 -37.05 -49.60 60.08
CA PRO X 40 -36.28 -50.79 60.36
C PRO X 40 -35.96 -51.07 61.82
N ALA X 41 -35.18 -50.19 62.49
CA ALA X 41 -34.56 -50.56 63.76
C ALA X 41 -34.11 -49.34 64.52
N ILE X 42 -34.65 -48.15 64.14
CA ILE X 42 -34.33 -46.84 64.69
C ILE X 42 -34.70 -46.84 66.17
N LYS X 43 -35.86 -47.48 66.47
CA LYS X 43 -36.41 -47.71 67.77
C LYS X 43 -36.40 -49.20 67.93
N ALA X 44 -36.08 -49.68 69.14
CA ALA X 44 -36.14 -51.08 69.44
C ALA X 44 -36.36 -51.18 70.90
N ASN X 45 -36.65 -52.41 71.37
CA ASN X 45 -36.96 -52.65 72.74
C ASN X 45 -35.93 -53.65 73.20
N THR X 46 -34.97 -53.14 74.00
CA THR X 46 -34.01 -53.89 74.74
C THR X 46 -34.19 -53.35 76.14
N ARG X 47 -35.07 -52.32 76.27
CA ARG X 47 -35.47 -51.61 77.47
C ARG X 47 -34.42 -50.61 77.84
N LEU X 48 -33.35 -50.53 76.99
CA LEU X 48 -32.34 -49.55 77.06
C LEU X 48 -32.07 -49.17 75.64
N ALA X 49 -32.70 -49.87 74.66
CA ALA X 49 -32.75 -49.43 73.29
C ALA X 49 -33.73 -48.29 73.21
N ARG X 50 -34.72 -48.27 74.12
CA ARG X 50 -35.63 -47.17 74.26
C ARG X 50 -34.94 -45.94 74.79
N TYR X 51 -33.96 -46.12 75.70
CA TYR X 51 -33.09 -45.11 76.28
C TYR X 51 -32.23 -44.48 75.21
N LYS X 52 -31.71 -45.34 74.31
CA LYS X 52 -30.86 -45.01 73.20
C LYS X 52 -31.67 -44.22 72.20
N ALA X 53 -32.95 -44.59 72.02
CA ALA X 53 -33.77 -43.97 71.02
C ALA X 53 -34.07 -42.54 71.35
N LYS X 54 -34.22 -42.21 72.65
CA LYS X 54 -34.50 -40.87 73.06
C LYS X 54 -33.26 -40.03 73.18
N TYR X 55 -32.07 -40.62 73.46
CA TYR X 55 -30.91 -39.81 73.80
C TYR X 55 -29.76 -40.01 72.87
N PHE X 56 -29.54 -41.23 72.37
CA PHE X 56 -28.30 -41.62 71.73
C PHE X 56 -28.58 -42.02 70.32
N ASP X 57 -29.65 -41.47 69.72
CA ASP X 57 -29.91 -41.58 68.31
C ASP X 57 -29.29 -40.37 67.68
N GLY X 58 -29.50 -40.23 66.36
CA GLY X 58 -29.15 -39.08 65.58
C GLY X 58 -30.30 -38.12 65.69
N ASP X 59 -31.42 -38.57 66.30
CA ASP X 59 -32.63 -37.82 66.47
C ASP X 59 -32.42 -36.85 67.61
N ASN X 60 -31.51 -37.19 68.56
CA ASN X 60 -31.26 -36.39 69.73
C ASN X 60 -29.80 -36.48 70.05
N ALA X 61 -29.15 -35.32 70.25
CA ALA X 61 -27.84 -35.20 70.84
C ALA X 61 -27.99 -34.56 72.19
N SER X 62 -29.20 -34.66 72.80
CA SER X 62 -29.53 -34.06 74.08
C SER X 62 -28.63 -34.56 75.18
N GLY X 63 -28.17 -33.63 76.05
CA GLY X 63 -27.15 -33.83 77.05
C GLY X 63 -27.63 -34.57 78.25
N LYS X 64 -28.94 -34.89 78.29
CA LYS X 64 -29.62 -35.58 79.35
C LYS X 64 -29.04 -36.89 79.87
N PRO X 65 -28.57 -37.91 79.13
CA PRO X 65 -27.99 -39.09 79.74
C PRO X 65 -26.71 -38.78 80.47
N LEU X 66 -25.88 -37.87 79.94
CA LEU X 66 -24.69 -37.37 80.59
C LEU X 66 -24.99 -36.82 81.95
N TRP X 67 -26.01 -35.92 82.01
CA TRP X 67 -26.55 -35.38 83.23
C TRP X 67 -26.99 -36.48 84.17
N HIS X 68 -27.76 -37.46 83.65
CA HIS X 68 -28.20 -38.59 84.43
C HIS X 68 -27.06 -39.38 85.00
N PHE X 69 -26.02 -39.69 84.18
CA PHE X 69 -24.89 -40.48 84.62
C PHE X 69 -24.07 -39.73 85.63
N ALA X 70 -23.93 -38.39 85.47
CA ALA X 70 -23.23 -37.53 86.38
C ALA X 70 -23.84 -37.51 87.74
N LEU X 71 -25.19 -37.38 87.77
CA LEU X 71 -25.96 -37.29 88.99
C LEU X 71 -25.91 -38.59 89.75
N GLY X 72 -25.76 -39.71 89.02
CA GLY X 72 -25.63 -41.04 89.57
C GLY X 72 -24.39 -41.19 90.39
N ILE X 73 -23.26 -40.65 89.89
CA ILE X 73 -21.96 -40.75 90.51
C ILE X 73 -21.89 -39.87 91.73
N ILE X 74 -22.60 -38.72 91.69
CA ILE X 74 -22.72 -37.82 92.83
C ILE X 74 -23.44 -38.49 93.97
N ALA X 75 -24.46 -39.33 93.64
CA ALA X 75 -25.23 -40.09 94.59
C ALA X 75 -24.47 -41.28 95.11
N PHE X 76 -23.45 -41.74 94.35
CA PHE X 76 -22.84 -43.03 94.55
C PHE X 76 -21.81 -42.92 95.62
N GLY X 77 -20.76 -42.10 95.37
CA GLY X 77 -19.57 -42.15 96.15
C GLY X 77 -19.72 -41.63 97.55
N TYR X 78 -20.67 -40.69 97.81
CA TYR X 78 -20.79 -40.14 99.14
C TYR X 78 -21.25 -41.17 100.18
N SER X 79 -22.26 -41.99 99.85
CA SER X 79 -22.67 -43.12 100.65
C SER X 79 -21.65 -44.23 100.77
N MET X 80 -20.97 -44.52 99.64
CA MET X 80 -20.01 -45.59 99.48
C MET X 80 -18.69 -45.47 100.18
N GLU X 81 -18.22 -44.24 100.45
CA GLU X 81 -17.01 -44.00 101.20
C GLU X 81 -17.02 -44.69 102.54
N TYR X 82 -18.13 -44.53 103.27
CA TYR X 82 -18.36 -45.12 104.56
C TYR X 82 -18.66 -46.61 104.49
N TYR X 83 -18.98 -47.17 103.31
CA TYR X 83 -19.25 -48.58 103.18
C TYR X 83 -18.04 -49.42 102.79
N PHE X 84 -17.02 -48.83 102.10
CA PHE X 84 -15.93 -49.62 101.55
C PHE X 84 -14.63 -49.31 102.21
N HIS X 85 -14.15 -48.06 102.08
CA HIS X 85 -12.78 -47.72 102.33
C HIS X 85 -12.44 -47.93 103.82
N ASN Y 1 -15.20 -25.17 -79.98
CA ASN Y 1 -14.14 -24.56 -80.84
C ASN Y 1 -12.82 -24.86 -80.19
N VAL Y 2 -12.37 -23.94 -79.31
CA VAL Y 2 -11.19 -24.08 -78.49
C VAL Y 2 -11.51 -25.16 -77.48
N ILE Y 3 -12.83 -25.25 -77.15
CA ILE Y 3 -13.44 -26.19 -76.25
C ILE Y 3 -13.19 -27.55 -76.80
N GLN Y 4 -13.47 -27.73 -78.11
CA GLN Y 4 -13.34 -29.00 -78.77
C GLN Y 4 -11.90 -29.47 -78.83
N ASP Y 5 -10.95 -28.58 -79.20
CA ASP Y 5 -9.56 -28.94 -79.34
C ASP Y 5 -9.00 -29.39 -78.04
N LEU Y 6 -9.27 -28.59 -76.99
CA LEU Y 6 -8.76 -28.82 -75.67
C LEU Y 6 -9.33 -30.09 -75.15
N TYR Y 7 -10.66 -30.29 -75.37
CA TYR Y 7 -11.45 -31.39 -74.85
C TYR Y 7 -10.85 -32.64 -75.37
N LEU Y 8 -10.61 -32.66 -76.70
CA LEU Y 8 -10.23 -33.84 -77.43
C LEU Y 8 -8.89 -34.26 -76.91
N ARG Y 9 -7.95 -33.28 -76.91
CA ARG Y 9 -6.55 -33.52 -76.69
C ARG Y 9 -6.40 -34.00 -75.28
N GLU Y 10 -7.04 -33.27 -74.33
CA GLU Y 10 -6.85 -33.48 -72.92
C GLU Y 10 -7.40 -34.82 -72.56
N LEU Y 11 -8.67 -35.10 -72.95
CA LEU Y 11 -9.40 -36.25 -72.47
C LEU Y 11 -8.74 -37.49 -72.97
N LYS Y 12 -8.47 -37.48 -74.29
CA LYS Y 12 -8.00 -38.63 -75.02
C LYS Y 12 -6.66 -39.05 -74.53
N ASP Y 13 -5.77 -38.07 -74.30
CA ASP Y 13 -4.38 -38.36 -74.10
C ASP Y 13 -4.13 -38.59 -72.64
N THR Y 14 -5.10 -38.26 -71.75
CA THR Y 14 -4.90 -38.46 -70.33
C THR Y 14 -5.42 -39.81 -70.02
N LYS Y 15 -4.59 -40.59 -69.29
CA LYS Y 15 -4.84 -41.96 -68.94
C LYS Y 15 -4.63 -41.94 -67.47
N LEU Y 16 -5.68 -42.29 -66.70
CA LEU Y 16 -5.57 -42.55 -65.29
C LEU Y 16 -4.77 -43.81 -65.06
N ALA Y 17 -4.00 -43.86 -63.95
CA ALA Y 17 -3.30 -45.04 -63.51
C ALA Y 17 -2.79 -44.70 -62.13
N PRO Y 18 -3.61 -44.81 -61.08
CA PRO Y 18 -3.23 -44.41 -59.74
C PRO Y 18 -2.60 -45.57 -58.98
N SER Y 19 -2.24 -45.29 -57.71
CA SER Y 19 -1.58 -46.14 -56.75
C SER Y 19 -2.43 -47.34 -56.43
N THR Y 20 -1.79 -48.49 -56.14
CA THR Y 20 -2.48 -49.72 -55.78
C THR Y 20 -3.00 -49.60 -54.38
N LEU Y 21 -3.88 -50.55 -53.98
CA LEU Y 21 -4.47 -50.62 -52.66
C LEU Y 21 -3.40 -50.85 -51.64
N GLN Y 22 -2.36 -51.64 -52.01
CA GLN Y 22 -1.22 -51.89 -51.18
C GLN Y 22 -0.47 -50.61 -50.90
N ASP Y 23 -0.27 -49.77 -51.95
CA ASP Y 23 0.38 -48.48 -51.81
C ASP Y 23 -0.43 -47.50 -51.00
N ALA Y 24 -1.78 -47.59 -51.14
CA ALA Y 24 -2.77 -46.79 -50.47
C ALA Y 24 -2.74 -46.97 -48.98
N GLU Y 25 -2.47 -48.23 -48.54
CA GLU Y 25 -2.56 -48.72 -47.19
C GLU Y 25 -1.66 -47.93 -46.26
N GLY Y 26 -0.45 -47.57 -46.76
CA GLY Y 26 0.55 -46.81 -46.04
C GLY Y 26 0.02 -45.48 -45.64
N ASN Y 27 -0.81 -44.89 -46.52
CA ASN Y 27 -1.31 -43.56 -46.41
C ASN Y 27 -2.64 -43.55 -45.71
N VAL Y 28 -3.00 -44.65 -45.00
CA VAL Y 28 -4.24 -44.75 -44.27
C VAL Y 28 -3.94 -45.59 -43.06
N LYS Y 29 -4.93 -45.70 -42.14
CA LYS Y 29 -4.83 -46.55 -40.99
C LYS Y 29 -5.38 -47.88 -41.47
N PRO Y 30 -4.77 -49.02 -41.18
CA PRO Y 30 -5.16 -50.28 -41.78
C PRO Y 30 -6.27 -50.87 -40.96
N TRP Y 31 -7.00 -51.85 -41.52
CA TRP Y 31 -8.09 -52.56 -40.88
C TRP Y 31 -7.65 -53.20 -39.59
N ASN Y 32 -8.56 -53.18 -38.59
CA ASN Y 32 -8.31 -53.73 -37.30
C ASN Y 32 -9.27 -54.87 -37.12
N PRO Y 33 -8.85 -56.02 -36.57
CA PRO Y 33 -9.66 -57.22 -36.57
C PRO Y 33 -10.35 -57.14 -35.22
N PRO Y 34 -11.09 -58.11 -34.69
CA PRO Y 34 -11.56 -58.09 -33.30
C PRO Y 34 -10.44 -57.91 -32.29
N GLN Y 35 -10.73 -57.41 -31.06
CA GLN Y 35 -9.71 -57.11 -30.08
C GLN Y 35 -9.49 -58.30 -29.18
N LYS Y 36 -10.60 -58.90 -28.68
CA LYS Y 36 -10.63 -60.10 -27.86
C LYS Y 36 -9.81 -59.97 -26.59
N PRO Y 37 -10.16 -59.07 -25.66
CA PRO Y 37 -9.46 -58.86 -24.40
C PRO Y 37 -9.73 -59.92 -23.35
N ASN Y 38 -10.26 -61.12 -23.71
CA ASN Y 38 -10.58 -62.19 -22.78
C ASN Y 38 -11.65 -61.79 -21.80
N LEU Y 39 -11.81 -62.59 -20.71
CA LEU Y 39 -12.66 -62.27 -19.59
C LEU Y 39 -11.73 -62.22 -18.40
N PRO Y 40 -11.46 -61.07 -17.79
CA PRO Y 40 -10.74 -60.96 -16.53
C PRO Y 40 -11.41 -61.72 -15.43
N GLU Y 41 -10.63 -62.26 -14.47
CA GLU Y 41 -11.19 -63.01 -13.37
C GLU Y 41 -10.80 -62.22 -12.15
N LEU Y 42 -11.82 -61.88 -11.34
CA LEU Y 42 -11.72 -60.91 -10.28
C LEU Y 42 -11.40 -61.58 -8.97
N GLU Y 43 -11.14 -60.72 -7.97
CA GLU Y 43 -10.89 -61.02 -6.58
C GLU Y 43 -12.24 -61.27 -5.97
N LEU Y 44 -12.26 -61.72 -4.68
CA LEU Y 44 -13.49 -62.05 -3.97
C LEU Y 44 -14.06 -63.27 -4.64
N GLN Y 45 -13.13 -64.16 -4.99
CA GLN Y 45 -13.32 -65.36 -5.72
C GLN Y 45 -12.26 -66.18 -5.07
N GLY Y 46 -12.48 -67.51 -5.05
CA GLY Y 46 -11.61 -68.47 -4.42
C GLY Y 46 -11.81 -68.51 -2.93
N PRO Y 47 -11.36 -69.59 -2.27
CA PRO Y 47 -11.41 -69.70 -0.82
C PRO Y 47 -10.34 -68.90 -0.14
N GLU Y 48 -9.55 -68.07 -0.88
CA GLU Y 48 -8.66 -67.10 -0.28
C GLU Y 48 -9.49 -66.07 0.44
N ALA Y 49 -10.60 -65.67 -0.24
CA ALA Y 49 -11.58 -64.73 0.23
C ALA Y 49 -12.33 -65.23 1.44
N LEU Y 50 -12.78 -66.52 1.41
CA LEU Y 50 -13.63 -67.07 2.44
C LEU Y 50 -12.99 -67.14 3.80
N LYS Y 51 -11.73 -67.64 3.87
CA LYS Y 51 -10.97 -67.77 5.09
C LYS Y 51 -10.65 -66.40 5.61
N ALA Y 52 -10.32 -65.49 4.66
CA ALA Y 52 -10.01 -64.12 4.95
C ALA Y 52 -11.20 -63.46 5.59
N TYR Y 53 -12.42 -63.66 5.04
CA TYR Y 53 -13.63 -63.03 5.50
C TYR Y 53 -14.04 -63.54 6.85
N THR Y 54 -13.90 -64.85 7.14
CA THR Y 54 -14.26 -65.37 8.46
C THR Y 54 -13.38 -64.73 9.52
N GLU Y 55 -12.06 -64.72 9.26
CA GLU Y 55 -11.07 -64.23 10.19
C GLU Y 55 -11.11 -62.73 10.33
N GLN Y 56 -11.15 -62.01 9.19
CA GLN Y 56 -11.13 -60.57 9.10
C GLN Y 56 -12.38 -60.06 9.72
N ASN Y 57 -13.53 -60.68 9.36
CA ASN Y 57 -14.79 -60.34 9.94
C ASN Y 57 -14.95 -61.20 11.16
N VAL Y 58 -14.02 -61.01 12.12
CA VAL Y 58 -14.12 -61.49 13.47
C VAL Y 58 -13.78 -60.26 14.29
N GLU Y 59 -12.96 -59.32 13.74
CA GLU Y 59 -12.58 -58.10 14.43
C GLU Y 59 -12.37 -57.04 13.40
N THR Y 60 -12.94 -55.84 13.63
CA THR Y 60 -12.74 -54.69 12.81
C THR Y 60 -12.49 -53.51 13.72
N ALA Y 61 -11.90 -52.45 13.15
CA ALA Y 61 -11.46 -51.28 13.89
C ALA Y 61 -12.47 -50.19 13.69
N HIS Y 62 -12.49 -49.24 14.64
CA HIS Y 62 -13.41 -48.12 14.67
C HIS Y 62 -12.89 -47.00 13.76
N MET Z 1 -23.81 -54.21 65.08
CA MET Z 1 -23.23 -53.04 65.80
C MET Z 1 -21.74 -53.19 65.98
N LEU Z 2 -21.29 -54.35 66.53
CA LEU Z 2 -19.91 -54.62 66.83
C LEU Z 2 -19.47 -55.75 65.94
N LYS Z 3 -18.32 -55.56 65.23
CA LYS Z 3 -17.77 -56.55 64.35
C LYS Z 3 -16.46 -56.89 65.00
N ARG Z 4 -16.35 -58.13 65.50
CA ARG Z 4 -15.15 -58.61 66.13
C ARG Z 4 -14.37 -59.20 65.00
N PHE Z 5 -13.11 -58.76 64.84
CA PHE Z 5 -12.23 -59.30 63.84
C PHE Z 5 -10.94 -59.55 64.57
N PRO Z 6 -10.11 -60.46 64.09
CA PRO Z 6 -8.85 -60.74 64.72
C PRO Z 6 -7.86 -59.74 64.21
N THR Z 7 -7.17 -59.06 65.14
CA THR Z 7 -6.15 -58.10 64.86
C THR Z 7 -4.91 -58.80 65.36
N PRO Z 8 -3.78 -58.82 64.67
CA PRO Z 8 -2.55 -59.37 65.21
C PRO Z 8 -2.10 -58.44 66.32
N ILE Z 9 -2.06 -58.89 67.59
CA ILE Z 9 -1.77 -57.98 68.67
C ILE Z 9 -0.83 -58.67 69.58
N LEU Z 10 -0.86 -60.02 69.63
CA LEU Z 10 0.09 -60.78 70.40
C LEU Z 10 1.44 -60.69 69.78
N LYS Z 11 1.46 -60.77 68.43
CA LYS Z 11 2.67 -60.67 67.65
C LYS Z 11 2.92 -59.25 67.27
N VAL Z 12 2.37 -58.28 68.03
CA VAL Z 12 2.72 -56.89 67.83
C VAL Z 12 3.22 -56.39 69.15
N TYR Z 13 2.53 -56.73 70.25
CA TYR Z 13 2.71 -56.06 71.52
C TYR Z 13 3.42 -56.94 72.50
N TRP Z 14 4.20 -57.95 72.03
CA TRP Z 14 4.90 -58.83 72.94
C TRP Z 14 5.91 -58.15 73.84
N PRO Z 15 6.74 -57.13 73.53
CA PRO Z 15 7.70 -56.61 74.50
C PRO Z 15 7.00 -55.84 75.57
N PHE Z 16 5.82 -55.24 75.24
CA PHE Z 16 4.97 -54.55 76.17
C PHE Z 16 4.42 -55.45 77.23
N PHE Z 17 4.01 -56.68 76.85
CA PHE Z 17 3.39 -57.61 77.77
C PHE Z 17 4.43 -58.18 78.68
N VAL Z 18 5.65 -58.45 78.15
CA VAL Z 18 6.77 -58.92 78.93
C VAL Z 18 7.20 -57.91 79.97
N ALA Z 19 7.23 -56.62 79.57
CA ALA Z 19 7.57 -55.52 80.46
C ALA Z 19 6.55 -55.40 81.57
N GLY Z 20 5.27 -55.68 81.23
CA GLY Z 20 4.18 -55.64 82.16
C GLY Z 20 4.31 -56.66 83.24
N ALA Z 21 4.76 -57.89 82.89
CA ALA Z 21 4.96 -58.95 83.87
C ALA Z 21 6.07 -58.63 84.86
N ALA Z 22 7.17 -58.01 84.39
CA ALA Z 22 8.28 -57.69 85.26
C ALA Z 22 7.94 -56.64 86.28
N VAL Z 23 7.20 -55.59 85.85
CA VAL Z 23 6.77 -54.50 86.70
C VAL Z 23 5.71 -54.96 87.67
N TYR Z 24 4.85 -55.90 87.26
CA TYR Z 24 3.80 -56.50 88.05
C TYR Z 24 4.39 -57.19 89.26
N TYR Z 25 5.48 -57.98 89.01
CA TYR Z 25 6.22 -58.70 90.02
C TYR Z 25 6.89 -57.72 90.95
N GLY Z 26 7.46 -56.64 90.36
CA GLY Z 26 8.16 -55.61 91.10
C GLY Z 26 7.23 -54.83 91.99
N MET Z 27 5.94 -54.69 91.62
CA MET Z 27 4.96 -53.98 92.39
C MET Z 27 4.44 -54.81 93.52
N SER Z 28 4.46 -56.16 93.40
CA SER Z 28 4.11 -57.05 94.49
C SER Z 28 5.08 -56.84 95.64
N LYS Z 29 6.38 -56.81 95.31
CA LYS Z 29 7.44 -56.58 96.26
C LYS Z 29 7.43 -55.17 96.79
N ALA Z 30 7.04 -54.18 95.95
CA ALA Z 30 6.98 -52.79 96.33
C ALA Z 30 5.86 -52.52 97.29
N ALA Z 31 4.71 -53.21 97.11
CA ALA Z 31 3.55 -53.10 97.95
C ALA Z 31 3.83 -53.66 99.30
N ASP Z 32 4.59 -54.79 99.34
CA ASP Z 32 5.02 -55.42 100.56
C ASP Z 32 6.03 -54.58 101.31
N LEU Z 33 6.91 -53.85 100.58
CA LEU Z 33 7.92 -53.02 101.18
C LEU Z 33 7.33 -51.74 101.73
N SER Z 34 6.23 -51.23 101.12
CA SER Z 34 5.62 -49.99 101.51
C SER Z 34 4.69 -50.20 102.67
N SER Z 35 4.24 -51.46 102.88
CA SER Z 35 3.36 -51.80 103.98
C SER Z 35 4.18 -52.05 105.23
N ASN Z 36 5.53 -51.96 105.14
CA ASN Z 36 6.43 -52.17 106.24
C ASN Z 36 6.87 -50.83 106.77
N THR Z 37 6.20 -49.73 106.35
CA THR Z 37 6.51 -48.40 106.81
C THR Z 37 5.81 -48.16 108.17
N MET AA 1 -8.82 -35.27 97.21
CA MET AA 1 -9.07 -36.74 97.24
C MET AA 1 -8.61 -37.31 98.56
N PRO AA 2 -9.34 -38.23 99.20
CA PRO AA 2 -9.07 -38.59 100.57
C PRO AA 2 -7.85 -39.48 100.67
N GLN AA 3 -7.88 -40.68 100.05
CA GLN AA 3 -6.86 -41.68 100.27
C GLN AA 3 -5.93 -41.55 99.10
N LEU AA 4 -4.65 -41.25 99.40
CA LEU AA 4 -3.66 -41.00 98.40
C LEU AA 4 -2.61 -42.05 98.53
N VAL AA 5 -2.23 -42.43 99.78
CA VAL AA 5 -1.32 -43.52 100.01
C VAL AA 5 -2.08 -44.60 100.74
N PRO AA 6 -2.51 -45.67 100.08
CA PRO AA 6 -2.85 -46.92 100.72
C PRO AA 6 -1.60 -47.77 100.74
N PHE AA 7 -1.70 -49.03 101.22
CA PHE AA 7 -0.66 -50.02 101.03
C PHE AA 7 -1.27 -51.13 100.22
N TYR AA 8 -2.47 -50.88 99.66
CA TYR AA 8 -3.30 -51.78 98.90
C TYR AA 8 -2.87 -51.71 97.44
N PHE AA 9 -1.61 -51.30 97.18
CA PHE AA 9 -1.09 -50.98 95.88
C PHE AA 9 -1.13 -52.11 94.91
N MET AA 10 -0.72 -53.34 95.31
CA MET AA 10 -0.67 -54.43 94.35
C MET AA 10 -2.05 -54.89 94.00
N ASN AA 11 -3.01 -54.78 94.95
CA ASN AA 11 -4.42 -55.04 94.74
C ASN AA 11 -4.99 -54.10 93.70
N GLN AA 12 -4.81 -52.77 93.91
CA GLN AA 12 -5.14 -51.71 92.98
C GLN AA 12 -4.57 -51.94 91.61
N LEU AA 13 -3.25 -52.20 91.54
CA LEU AA 13 -2.48 -52.27 90.32
C LEU AA 13 -2.88 -53.48 89.53
N THR AA 14 -3.36 -54.54 90.21
CA THR AA 14 -3.84 -55.73 89.56
C THR AA 14 -5.08 -55.38 88.78
N TYR AA 15 -6.06 -54.68 89.41
CA TYR AA 15 -7.26 -54.27 88.71
C TYR AA 15 -6.98 -53.26 87.63
N GLY AA 16 -5.93 -52.44 87.80
CA GLY AA 16 -5.52 -51.46 86.84
C GLY AA 16 -5.00 -52.08 85.58
N PHE AA 17 -4.11 -53.08 85.69
CA PHE AA 17 -3.48 -53.71 84.55
C PHE AA 17 -4.46 -54.62 83.87
N LEU AA 18 -5.42 -55.18 84.63
CA LEU AA 18 -6.52 -55.92 84.08
C LEU AA 18 -7.36 -55.05 83.21
N LEU AA 19 -7.61 -53.79 83.63
CA LEU AA 19 -8.40 -52.86 82.85
C LEU AA 19 -7.69 -52.51 81.58
N MET AA 20 -6.34 -52.44 81.60
CA MET AA 20 -5.55 -52.12 80.42
C MET AA 20 -5.64 -53.19 79.39
N ILE AA 21 -5.50 -54.48 79.77
CA ILE AA 21 -5.60 -55.56 78.84
C ILE AA 21 -7.01 -55.66 78.28
N THR AA 22 -8.04 -55.42 79.13
CA THR AA 22 -9.42 -55.49 78.71
C THR AA 22 -9.73 -54.46 77.66
N LEU AA 23 -9.40 -53.17 77.93
CA LEU AA 23 -9.65 -52.11 76.99
C LEU AA 23 -8.86 -52.25 75.73
N LEU AA 24 -7.61 -52.80 75.79
CA LEU AA 24 -6.77 -52.91 74.63
C LEU AA 24 -7.38 -53.86 73.62
N ILE AA 25 -7.78 -55.06 74.09
CA ILE AA 25 -8.42 -56.08 73.28
C ILE AA 25 -9.73 -55.56 72.75
N LEU AA 26 -10.50 -54.86 73.61
CA LEU AA 26 -11.84 -54.42 73.31
C LEU AA 26 -11.83 -53.43 72.20
N PHE AA 27 -11.00 -52.37 72.31
CA PHE AA 27 -10.77 -51.43 71.25
C PHE AA 27 -10.30 -52.10 69.99
N SER AA 28 -9.20 -52.88 70.06
CA SER AA 28 -8.51 -53.35 68.90
C SER AA 28 -9.35 -54.29 68.05
N GLN AA 29 -10.05 -55.25 68.68
CA GLN AA 29 -10.77 -56.24 67.95
C GLN AA 29 -12.18 -55.81 67.63
N PHE AA 30 -12.81 -54.97 68.50
CA PHE AA 30 -14.20 -54.63 68.34
C PHE AA 30 -14.36 -53.24 67.78
N PHE AA 31 -13.83 -52.20 68.47
CA PHE AA 31 -14.40 -50.87 68.36
C PHE AA 31 -13.71 -50.05 67.31
N LEU AA 32 -12.41 -50.26 67.08
CA LEU AA 32 -11.72 -49.70 65.94
C LEU AA 32 -12.26 -50.18 64.61
N PRO AA 33 -12.57 -51.46 64.37
CA PRO AA 33 -13.07 -51.85 63.06
C PRO AA 33 -14.48 -51.42 62.74
N MET AA 34 -15.34 -51.04 63.72
CA MET AA 34 -16.67 -50.57 63.38
C MET AA 34 -16.64 -49.16 62.86
N ILE AA 35 -15.57 -48.40 63.19
CA ILE AA 35 -15.33 -47.08 62.67
C ILE AA 35 -14.74 -47.22 61.30
N LEU AA 36 -13.92 -48.28 61.09
CA LEU AA 36 -13.29 -48.52 59.82
C LEU AA 36 -14.34 -49.02 58.86
N ARG AA 37 -15.41 -49.67 59.38
CA ARG AA 37 -16.58 -50.05 58.62
C ARG AA 37 -17.35 -48.89 58.09
N LEU AA 38 -17.54 -47.82 58.87
CA LEU AA 38 -18.18 -46.62 58.38
C LEU AA 38 -17.42 -46.01 57.26
N TYR AA 39 -16.09 -45.97 57.39
CA TYR AA 39 -15.22 -45.38 56.40
C TYR AA 39 -15.32 -46.09 55.10
N VAL AA 40 -15.21 -47.44 55.13
CA VAL AA 40 -15.23 -48.26 53.95
C VAL AA 40 -16.59 -48.29 53.31
N SER AA 41 -17.68 -48.23 54.11
CA SER AA 41 -19.02 -48.29 53.57
C SER AA 41 -19.32 -47.04 52.81
N ARG AA 42 -18.94 -45.89 53.41
CA ARG AA 42 -19.06 -44.61 52.80
C ARG AA 42 -18.28 -44.51 51.53
N LEU AA 43 -17.04 -45.07 51.51
CA LEU AA 43 -16.19 -45.05 50.36
C LEU AA 43 -16.69 -45.96 49.28
N PHE AA 44 -17.39 -47.06 49.65
CA PHE AA 44 -17.89 -48.00 48.71
C PHE AA 44 -19.09 -47.40 48.04
N ILE AA 45 -19.90 -46.61 48.79
CA ILE AA 45 -21.02 -45.88 48.25
C ILE AA 45 -20.55 -44.79 47.34
N SER AA 46 -19.42 -44.13 47.69
CA SER AA 46 -18.86 -43.08 46.89
C SER AA 46 -18.41 -43.65 45.57
N LYS AA 47 -17.82 -44.86 45.61
CA LYS AA 47 -17.38 -45.57 44.44
C LYS AA 47 -18.53 -46.06 43.61
N LEU AA 48 -19.60 -46.57 44.24
CA LEU AA 48 -20.72 -47.14 43.53
C LEU AA 48 -21.99 -46.48 44.09
#